data_9G3X
#
_entry.id   9G3X
#
_cell.length_a   1.00
_cell.length_b   1.00
_cell.length_c   1.00
_cell.angle_alpha   90.00
_cell.angle_beta   90.00
_cell.angle_gamma   90.00
#
_symmetry.space_group_name_H-M   'P 1'
#
loop_
_entity.id
_entity.type
_entity.pdbx_description
1 polymer 'Mitotic spindle organizing protein 1'
2 polymer 'Gamma-tubulin complex component'
3 polymer 'Gamma-tubulin complex component 3'
4 polymer 'Gamma-tubulin complex component'
5 polymer 'Gamma-tubulin complex component'
6 polymer 'Tubulin gamma chain'
#
loop_
_entity_poly.entity_id
_entity_poly.type
_entity_poly.pdbx_seq_one_letter_code
_entity_poly.pdbx_strand_id
1 'polypeptide(L)' MAGNSGSGAAAAANLNAVRETMDVLLEISRILNTGLDMETLSICVRLCEQGINPEALSSVIKELRKATEALKAAENMTS R,P
2 'polypeptide(L)'
;MSEFRIHHDVNELLSLLRVHGGDGAEVYIDLLQKNRTPYVTTTVSAHSAKVKIAEFSRTPEDFLKKYDELKSKNTRNLDP
LVYLLSKLMEDRETLQYLQQNAKERAELAASAAASSTASFGASATASKISMQELEELRKQLGSVATGPTWQQSLELTRKM
LRDKQSKKNSGQRLPVLPAWVYERPALLGDFLPGTGGSADTAVPIGSLPLASQEAAVVEDLLYVLVGVDGRYISAQPLTG
RQGRTFLVDPNLDLSIRELVSRILPVAASYSTVTRFIEEKSSFEYGQVNHALAAAMRTLVKEYLVLVTQLEQLQRQGLLS
LQKLWFYIQPAMRSLDILASLATSVDKGECIGGATLSLLHDRSFSYTGDSQAQELCLHLTKAASTPYFEILEKWIYRGII
DDPYSEFMVEEHELRKEKIQEDYNDKYWDQRYTVVQRQIPSFLQKMAGKVLSTGKYLNVVRECGHDVTCPVAKEVVYTLK
ERAYVEQIEKAFSYASKVLLDFLMGEKELLAHLRSIKRYFLMDQGDFFVHFMDLTEEELKKPVDDITPTRLEALLELALR
MSTANTDPFKDDLKIDLMPHDLITQLLRVLAIETQQEKAMVHADPTELTLSGLEAFSFDYVVTWPLSLIINRKALTRYQM
LFRHMFYCKHVERQLCSVWISNKAAKRFSLHSAKWFAGAFTLRQRMLNFVQNIQSYMMFEVMEPTWHVLEQNLRSASNID
DVLGHHASFLDNCLKDCMLTNPELLRVFSKLMSVCVMFTNCLQRFTQSMKLDSELGHPALEPGAMLGPPTEAERAEERAR
KELARKCLAEHVDAPQLASSFEATITKFDKNFSAHLLDLLARLSIYSTSDCEHGMASVISRLDFNGFYTERLERLSAERS
QKAAPPVPGPRGPPALVPRVAVTAQ
;
G
3 'polypeptide(L)'
;MATPDQKSPNVLLQNLCCRILGKSEADVAQQFQYAVRVIGSNFAPTVERDEFLVAEKIKKELTRQRREADAALFSELHRK
LHSQGVLKNKWSILYLLLSLSEDPRKQPSKVSGYAALFAQALPRDAHSTPYYYARPQSLPLNYQERGAPSAQSAGSAGSS
GVSSLGTYALNGPTPPPPPPALLPGQPLPAPGVGDGLRQQLGSRLAWTLTASQPSLPSTTSKAVPSSGSRGAARPRREGD
AAAGAVEVTEAALVRDILYVFQGIDGKHVKMSNADNCYTVEGKANLSKSLRDTAVRLAELGWLHNKIRKYTDQRSLDRSF
GLVGQSFCAALHQELREYYRLLSVLHSQLQLEDDQGVNLGLESSLTLRRLLVWTYDPKMRLKTLAALVDHCQGRKGGELA
SAVHAYTKTGDPYARSLVQHILSLVSHPVLSFLYRWIYDGELEDTYHEFFVASDPAVKADRLWHDKYALRKPMIPSFMTM
DQCRKVLLIGKSINFLHQVCHDQTPTTKMIAVTKSAESPQDAADLFTDLENAFQGKIDAAYFETSKYLLDVLNKKYSLLD
HMQAMRRYLLLGQGDFIRHLMDLLKPELVRPATTLYQHNLTGILETAVRATNAQFDSPEILKRLDVRLLEVSPGDTGWDV
FSLDYHVDGPIATVFTRECMSHYLRAFNFLWRAKRVEYILTDIRKGHMCNARLLRSMPEFSGVLHHCHILASEMVHFIHQ
MQYYVTFEVLECSWDELWNRVQRAQDLDHIIAAHEAFLGTVISRCLLDSDSRALLNQLRAVFDQIIELQNTQDAIYRAAL
EELQRRLQFEEKKKQREAEGQWGVSAAEEEQEKRRVQEFQESIPKMCSQLRILTHFYQGVVQQFLVSLTTSSDESLRFLS
FRLDFNEHYRAREPRLRVSLGTRGRRSSHT
;
H
4 'polypeptide(L)'
;MIHELLLALSGYPGSIFTWNKRGGLQVSQDFPFLHPSETSVLNRLCRLGTDYIRFTEFIEQYTGHVQQQDHHPSQQGQGG
LHGIYLRAFCTGLDSVLQPYRQALLDLEQEFLADPHLSISHINYSLDQFQLLFPSVMVVVEQIKSQKIHGCQILETVYKH
SCGGLPPVRSALEKILAVCHGVMYKQLSAWMLHGLLLDQHEEFFIKQGPSSGNVSAQPEEDEEDLGIGGLTGKQLRELQD
LRLIEEENMLAPSLKQFSLRVEILPSYIPVRVAEKILFVGESVQMFENQNVNLTRKGSILKDQEDTFAAELHRLKQQPLF
SLVDFEQVVDRIRSTVAEHLWKLMVEESDLLGQLKIIKDFYLLGRGELFQAFIDTAQHMLKTPPTAVTEHDVNVAFQQSA
HKVLLDDDNLLPLLHLTIEYHGKEHKADATQAREGPSRETSPREAPASGWAALGLSYKVQWPLHILFTPAVLEKYNVVFK
YLLSVRRVQAELQHCWALQMQRKHLKSNQTDAVKWRLRNHMAFLVDNLQYYLQVDVLESQFSQLLHQINSTRDFESIRLA
HDHFLSNLLAQSFILLKPVFHCLNEILDLCHSFCSLVSQNLGPLDERGAAQLSILVKGFSRQSSLLFKILSSVRNHQINS
DLAQLLLRLDYNKYYTQAGGTLGSFGM
;
I
5 'polypeptide(L)'
;MASPAPSWTRLDPQQERDVRELIRLVSGVQDEADPNFQLALHFAWSNFRFHRFLDVNSHKVEKTIEGIYEKFIIHSDLSK
AASWKRLTDEFLNASLPSIKEIKTDAHYSILSLLLCLSDSPSNSNYVETPRNKEVEKKDDFDWGKYLMEGEEIDLGPNVD
TPNWSEESEDEDDPQPLSREDSGIQVDRTPLEEQDQSRKPASRVSWKVDEPDARSWLEQHVVRQYWTTRSSKFPHSLHLH
SNLAAVWDQHLYSSDPLYVPDDRVSVTETQVIRETLWLLSGVKKLFIFQLIDGKVAVRNNIMVTHLTHSCLRSVLEQIAA
YGQVVFRLQEFIDEVMGHSSESTLPGNGSVPKKSTDAPFRTYQAFMWALYKYFISFKEELSEIEKCIINNDTTVTLAIVV
DKLSPRLAQLKVLHKVFSTGVAEVPPDTRNVVRASHLLNTLYKAILEYDNVGEASEQTVSLLFSLWVETVRPYLQIVDEW
IVHGHLCDGAREFIIQRNKNVPVNHRDFWYATYTLYSVSEKTENEEKMSDNASASSGSDQGPSSRQHTMVSFLKPVLKQI
IMAGKSMQLLKNLQCAESTTCQAMARDAERKSLYTLFLESVQSRLRHGEDATAQALTEQQATRETLIKMQSIAERHLELD
DVHDPLLAINFARLYLEQSDFHEKFAGGDICVDRSSESVTCQTFELTLRSCLYPHIDKQYLDCCGNLMRTLKKDYRLVEY
LQAMRNFFLMEGGDTMYDFYTSIFDKIREKETWQNVSFLNVQLQEAVGQRYPEDSSRLSISFENTDTAKKKLPVHTLDGL
TLSYKVPWPVDIVISLECQKIYNQVFLLLLQIKWAKYSLDVLLFGELASSAEKPQSKEGLLSGQDTAAQFGPQKEPVRQQ
IHRMFLLRVKLMHFVNSLHNYIMTRILHSTGLEFQHQVEEAKDLDQLIKIHYRYLSTIHDRCLLREKVSFVKEAIMKVLN
LALMFADGWQAGLGAWQMESIEKMESDFKNCHMFLVTILNKAVCRGSFPHLESLALSLMAGMEQKREDDLFNHTWGQGDL
PNYTCAVRLLGVRKGGGTRPK
;
J
6 'polypeptide(L)'
;MPREIITLQLGQCGNQIGFEFWKQLCAEHGISPEGIVEEFATEGTDRKDVFFYQADDEHYIPRAVLLDLEPRVIHSILNS
PYAKLYNPENIYLSEHGGGAGNNWASGFSQGEKIHEDIFDIIDREADGSDSLEGFVLCHSIAGGTGSGLGSYLLERLNDR
YPKKLVQTYSVFPNQDEMSDVVVQPYNSLLTLKRLTQNADCVVVLDNTALNRIATDRLHIQNPSFSQINQLVSTIMSAST
TTLRYPGYMNNDLIGLIASLIPTPRLHFLMTGYTPLTTDQSVASVRKTTVLDVMRRLLQPKNVMVSTGRDRQTNHCYIAI
LNIIQGEVDPTQVHKSLQRIRERKLANFIPWGPASIQVALSRKSPYLPSAHRVSGLMMANHTSISSLFESSCQQYDKLRK
REAFLEQFRKEDIFKENFDELDRSREVVQELIDEYHAATRPDYISWGTQEQ
;
g,h,i,j
#
# COMPACT_ATOMS: atom_id res chain seq x y z
N ALA A 12 -57.96 -16.67 -5.39
CA ALA A 12 -58.40 -16.73 -4.00
C ALA A 12 -57.20 -16.78 -3.06
N ALA A 13 -56.43 -17.86 -3.15
CA ALA A 13 -55.24 -17.98 -2.31
C ALA A 13 -54.24 -16.88 -2.63
N ASN A 14 -54.03 -16.60 -3.92
CA ASN A 14 -53.20 -15.46 -4.30
C ASN A 14 -53.82 -14.15 -3.82
N LEU A 15 -55.15 -14.03 -3.92
CA LEU A 15 -55.81 -12.84 -3.40
C LEU A 15 -55.58 -12.68 -1.90
N ASN A 16 -55.69 -13.78 -1.15
CA ASN A 16 -55.46 -13.72 0.29
C ASN A 16 -54.02 -13.34 0.60
N ALA A 17 -53.08 -13.92 -0.15
CA ALA A 17 -51.66 -13.59 0.06
C ALA A 17 -51.40 -12.11 -0.22
N VAL A 18 -51.95 -11.59 -1.32
CA VAL A 18 -51.76 -10.18 -1.64
C VAL A 18 -52.39 -9.30 -0.57
N ARG A 19 -53.56 -9.68 -0.08
CA ARG A 19 -54.21 -8.89 0.97
C ARG A 19 -53.36 -8.88 2.23
N GLU A 20 -52.81 -10.03 2.61
CA GLU A 20 -51.94 -10.09 3.78
C GLU A 20 -50.70 -9.24 3.59
N THR A 21 -50.10 -9.30 2.40
CA THR A 21 -48.89 -8.53 2.13
C THR A 21 -49.18 -7.03 2.24
N MET A 22 -50.27 -6.57 1.64
CA MET A 22 -50.56 -5.14 1.68
C MET A 22 -51.00 -4.71 3.09
N ASP A 23 -51.62 -5.61 3.85
CA ASP A 23 -51.92 -5.31 5.24
C ASP A 23 -50.64 -5.11 6.05
N VAL A 24 -49.65 -5.97 5.84
CA VAL A 24 -48.38 -5.84 6.55
C VAL A 24 -47.68 -4.56 6.13
N LEU A 25 -47.69 -4.26 4.82
CA LEU A 25 -47.07 -3.02 4.34
C LEU A 25 -47.74 -1.81 4.98
N LEU A 26 -49.07 -1.79 5.04
CA LEU A 26 -49.77 -0.66 5.63
C LEU A 26 -49.48 -0.56 7.13
N GLU A 27 -49.40 -1.70 7.81
CA GLU A 27 -49.06 -1.70 9.23
C GLU A 27 -47.69 -1.10 9.45
N ILE A 28 -46.71 -1.50 8.64
CA ILE A 28 -45.36 -0.99 8.80
C ILE A 28 -45.29 0.50 8.44
N SER A 29 -46.05 0.93 7.44
CA SER A 29 -46.10 2.34 7.11
C SER A 29 -46.71 3.15 8.25
N ARG A 30 -47.74 2.62 8.90
CA ARG A 30 -48.28 3.26 10.09
C ARG A 30 -47.22 3.33 11.19
N ILE A 31 -46.48 2.25 11.37
CA ILE A 31 -45.44 2.23 12.40
C ILE A 31 -44.40 3.31 12.12
N LEU A 32 -44.05 3.49 10.84
CA LEU A 32 -42.92 4.35 10.51
C LEU A 32 -43.30 5.82 10.58
N ASN A 33 -44.15 6.28 9.64
CA ASN A 33 -44.59 7.67 9.65
C ASN A 33 -46.10 7.84 9.75
N THR A 34 -46.86 7.38 8.74
CA THR A 34 -48.30 7.62 8.70
C THR A 34 -49.13 6.34 8.60
N GLY A 35 -48.88 5.50 7.59
CA GLY A 35 -49.72 4.36 7.31
C GLY A 35 -51.03 4.80 6.67
N LEU A 36 -51.96 3.85 6.57
CA LEU A 36 -53.26 4.11 5.95
C LEU A 36 -54.27 3.10 6.47
N ASP A 37 -55.50 3.21 5.98
CA ASP A 37 -56.56 2.26 6.28
C ASP A 37 -56.92 1.45 5.04
N MET A 38 -57.80 0.46 5.23
CA MET A 38 -58.10 -0.48 4.16
C MET A 38 -58.74 0.23 2.98
N GLU A 39 -59.76 1.04 3.24
CA GLU A 39 -60.48 1.71 2.16
C GLU A 39 -59.57 2.68 1.42
N THR A 40 -58.84 3.50 2.17
CA THR A 40 -57.94 4.46 1.55
C THR A 40 -56.82 3.76 0.80
N LEU A 41 -56.31 2.65 1.35
CA LEU A 41 -55.25 1.92 0.67
C LEU A 41 -55.76 1.30 -0.63
N SER A 42 -56.99 0.78 -0.61
CA SER A 42 -57.58 0.23 -1.84
C SER A 42 -57.79 1.33 -2.87
N ILE A 43 -58.27 2.50 -2.43
CA ILE A 43 -58.43 3.62 -3.36
C ILE A 43 -57.09 4.02 -3.96
N CYS A 44 -56.04 4.06 -3.13
CA CYS A 44 -54.72 4.39 -3.63
C CYS A 44 -54.22 3.35 -4.62
N VAL A 45 -54.46 2.07 -4.33
CA VAL A 45 -54.05 1.01 -5.25
C VAL A 45 -54.77 1.15 -6.58
N ARG A 46 -56.07 1.40 -6.55
CA ARG A 46 -56.82 1.58 -7.80
C ARG A 46 -56.32 2.78 -8.58
N LEU A 47 -56.04 3.89 -7.89
CA LEU A 47 -55.54 5.08 -8.58
C LEU A 47 -54.17 4.82 -9.19
N CYS A 48 -53.28 4.15 -8.46
CA CYS A 48 -51.98 3.81 -9.02
C CYS A 48 -52.11 2.88 -10.22
N GLU A 49 -53.06 1.94 -10.16
CA GLU A 49 -53.35 1.12 -11.31
C GLU A 49 -53.91 1.93 -12.47
N GLN A 50 -54.49 3.10 -12.17
CA GLN A 50 -55.06 3.96 -13.20
C GLN A 50 -54.11 5.03 -13.71
N GLY A 51 -52.87 5.08 -13.20
CA GLY A 51 -51.87 5.98 -13.72
C GLY A 51 -51.67 7.26 -12.94
N ILE A 52 -52.30 7.39 -11.78
CA ILE A 52 -52.12 8.56 -10.95
C ILE A 52 -50.75 8.51 -10.27
N ASN A 53 -50.07 9.65 -10.26
CA ASN A 53 -48.73 9.70 -9.69
C ASN A 53 -48.80 9.40 -8.19
N PRO A 54 -48.06 8.42 -7.70
CA PRO A 54 -48.12 8.11 -6.26
C PRO A 54 -47.71 9.27 -5.38
N GLU A 55 -46.80 10.14 -5.86
CA GLU A 55 -46.33 11.25 -5.03
C GLU A 55 -47.47 12.21 -4.73
N ALA A 56 -48.22 12.59 -5.77
CA ALA A 56 -49.35 13.51 -5.56
C ALA A 56 -50.40 12.89 -4.65
N LEU A 57 -50.69 11.60 -4.85
CA LEU A 57 -51.67 10.93 -4.00
C LEU A 57 -51.21 10.90 -2.54
N SER A 58 -49.92 10.62 -2.32
CA SER A 58 -49.40 10.63 -0.96
C SER A 58 -49.48 12.01 -0.33
N SER A 59 -49.15 13.05 -1.11
CA SER A 59 -49.26 14.41 -0.60
C SER A 59 -50.69 14.76 -0.25
N VAL A 60 -51.64 14.35 -1.09
CA VAL A 60 -53.04 14.61 -0.82
C VAL A 60 -53.49 13.89 0.44
N ILE A 61 -53.05 12.65 0.62
CA ILE A 61 -53.40 11.89 1.82
C ILE A 61 -52.84 12.57 3.06
N LYS A 62 -51.58 13.02 2.99
CA LYS A 62 -50.98 13.73 4.12
C LYS A 62 -51.75 15.00 4.44
N GLU A 63 -52.12 15.76 3.41
CA GLU A 63 -52.89 16.99 3.64
C GLU A 63 -54.25 16.68 4.26
N LEU A 64 -54.92 15.64 3.78
CA LEU A 64 -56.22 15.28 4.34
C LEU A 64 -56.09 14.85 5.80
N ARG A 65 -55.08 14.06 6.13
CA ARG A 65 -54.88 13.65 7.51
C ARG A 65 -54.56 14.85 8.40
N LYS A 66 -53.75 15.78 7.90
CA LYS A 66 -53.43 16.99 8.66
C LYS A 66 -54.69 17.82 8.91
N ALA A 67 -55.53 17.98 7.89
CA ALA A 67 -56.76 18.75 8.05
C ALA A 67 -57.70 18.07 9.03
N THR A 68 -57.79 16.74 8.96
CA THR A 68 -58.66 16.01 9.88
C THR A 68 -58.16 16.15 11.31
N GLU A 69 -56.84 16.10 11.50
CA GLU A 69 -56.29 16.21 12.85
C GLU A 69 -56.62 17.55 13.49
N ALA A 70 -56.53 18.63 12.71
CA ALA A 70 -56.83 19.96 13.24
C ALA A 70 -57.36 20.87 12.13
N GLN B 151 -19.48 -74.74 -1.41
CA GLN B 151 -20.69 -74.65 -0.61
C GLN B 151 -20.38 -74.08 0.77
N GLN B 152 -19.74 -74.90 1.61
CA GLN B 152 -19.34 -74.43 2.93
C GLN B 152 -18.34 -73.30 2.85
N SER B 153 -17.36 -73.42 1.95
CA SER B 153 -16.31 -72.40 1.85
C SER B 153 -16.89 -71.06 1.43
N LEU B 154 -17.80 -71.07 0.46
CA LEU B 154 -18.40 -69.82 -0.01
C LEU B 154 -19.19 -69.15 1.11
N GLU B 155 -19.98 -69.93 1.85
CA GLU B 155 -20.76 -69.38 2.96
C GLU B 155 -19.82 -68.79 4.01
N LEU B 156 -18.77 -69.52 4.36
CA LEU B 156 -17.83 -69.04 5.37
C LEU B 156 -17.19 -67.72 4.94
N THR B 157 -16.68 -67.68 3.71
CA THR B 157 -16.01 -66.47 3.24
C THR B 157 -16.98 -65.30 3.15
N ARG B 158 -18.23 -65.56 2.72
CA ARG B 158 -19.23 -64.51 2.68
C ARG B 158 -19.52 -63.98 4.08
N LYS B 159 -19.67 -64.89 5.04
CA LYS B 159 -19.94 -64.48 6.41
C LYS B 159 -18.80 -63.62 6.95
N MET B 160 -17.56 -64.02 6.69
CA MET B 160 -16.45 -63.31 7.31
C MET B 160 -16.13 -62.01 6.55
N LEU B 161 -16.45 -61.96 5.26
CA LEU B 161 -16.43 -60.68 4.56
C LEU B 161 -17.47 -59.73 5.12
N ARG B 162 -18.68 -60.23 5.39
CA ARG B 162 -19.70 -59.38 6.00
C ARG B 162 -19.27 -58.92 7.38
N ASP B 163 -18.64 -59.80 8.15
CA ASP B 163 -18.13 -59.42 9.47
C ASP B 163 -17.07 -58.32 9.35
N LYS B 164 -16.15 -58.46 8.39
CA LYS B 164 -15.14 -57.42 8.19
C LYS B 164 -15.79 -56.12 7.78
N GLN B 165 -16.80 -56.17 6.91
CA GLN B 165 -17.49 -54.96 6.49
C GLN B 165 -18.19 -54.29 7.67
N SER B 166 -18.81 -55.10 8.53
CA SER B 166 -19.51 -54.56 9.69
C SER B 166 -18.52 -53.92 10.66
N LYS B 167 -17.36 -54.53 10.86
CA LYS B 167 -16.42 -54.06 11.87
C LYS B 167 -15.59 -52.89 11.35
N LYS B 168 -14.82 -53.11 10.30
CA LYS B 168 -13.87 -52.13 9.80
C LYS B 168 -14.50 -51.16 8.80
N ASN B 169 -15.81 -51.25 8.58
CA ASN B 169 -16.56 -50.31 7.74
C ASN B 169 -15.93 -50.15 6.35
N SER B 170 -15.05 -51.07 5.95
CA SER B 170 -14.44 -51.01 4.63
C SER B 170 -13.88 -52.38 4.30
N GLY B 171 -13.57 -52.59 3.03
CA GLY B 171 -12.99 -53.84 2.57
C GLY B 171 -14.02 -54.91 2.29
N VAL B 203 -8.50 -102.86 -23.53
CA VAL B 203 -8.39 -104.20 -22.96
C VAL B 203 -8.47 -104.10 -21.44
N PRO B 204 -8.95 -105.17 -20.79
CA PRO B 204 -8.97 -105.17 -19.33
C PRO B 204 -7.56 -105.02 -18.78
N ILE B 205 -7.45 -104.24 -17.70
CA ILE B 205 -6.16 -104.08 -17.04
C ILE B 205 -5.72 -105.40 -16.41
N GLY B 206 -6.66 -106.17 -15.85
CA GLY B 206 -6.33 -107.49 -15.36
C GLY B 206 -5.81 -108.42 -16.42
N SER B 207 -6.26 -108.26 -17.67
CA SER B 207 -5.70 -109.07 -18.73
C SER B 207 -4.27 -108.69 -19.01
N LEU B 208 -3.88 -107.46 -18.67
CA LEU B 208 -2.55 -106.96 -18.95
C LEU B 208 -1.52 -107.66 -18.06
N PRO B 209 -0.28 -107.76 -18.52
CA PRO B 209 0.76 -108.32 -17.65
C PRO B 209 0.95 -107.41 -16.45
N LEU B 210 1.54 -107.96 -15.39
CA LEU B 210 1.61 -107.22 -14.14
C LEU B 210 2.44 -105.96 -14.33
N ALA B 211 3.50 -106.03 -15.12
CA ALA B 211 4.35 -104.86 -15.34
C ALA B 211 3.57 -103.77 -16.07
N SER B 212 2.84 -104.14 -17.11
CA SER B 212 2.03 -103.16 -17.82
C SER B 212 0.96 -102.56 -16.91
N GLN B 213 0.33 -103.39 -16.09
CA GLN B 213 -0.67 -102.86 -15.18
C GLN B 213 -0.05 -101.87 -14.20
N GLU B 214 1.13 -102.21 -13.68
CA GLU B 214 1.81 -101.31 -12.77
C GLU B 214 2.16 -100.00 -13.44
N ALA B 215 2.65 -100.06 -14.69
CA ALA B 215 2.99 -98.83 -15.40
C ALA B 215 1.75 -97.98 -15.62
N ALA B 216 0.64 -98.60 -16.01
CA ALA B 216 -0.58 -97.85 -16.22
C ALA B 216 -1.02 -97.17 -14.94
N VAL B 217 -1.00 -97.90 -13.84
CA VAL B 217 -1.43 -97.33 -12.58
C VAL B 217 -0.47 -96.26 -12.11
N VAL B 218 0.82 -96.41 -12.43
CA VAL B 218 1.80 -95.40 -12.09
C VAL B 218 1.47 -94.10 -12.80
N GLU B 219 1.18 -94.19 -14.11
CA GLU B 219 0.82 -92.99 -14.86
C GLU B 219 -0.47 -92.40 -14.31
N ASP B 220 -1.43 -93.25 -13.96
CA ASP B 220 -2.69 -92.76 -13.42
C ASP B 220 -2.47 -92.02 -12.12
N LEU B 221 -1.64 -92.56 -11.23
CA LEU B 221 -1.38 -91.90 -9.97
C LEU B 221 -0.57 -90.63 -10.17
N LEU B 222 0.31 -90.62 -11.16
CA LEU B 222 1.00 -89.38 -11.51
C LEU B 222 -0.01 -88.31 -11.89
N TYR B 223 -1.00 -88.69 -12.70
CA TYR B 223 -2.09 -87.76 -12.99
C TYR B 223 -2.80 -87.33 -11.71
N VAL B 224 -3.11 -88.31 -10.85
CA VAL B 224 -3.88 -88.02 -9.64
C VAL B 224 -3.13 -87.06 -8.74
N LEU B 225 -1.80 -87.10 -8.75
CA LEU B 225 -1.03 -86.24 -7.87
C LEU B 225 -1.40 -84.79 -8.09
N VAL B 226 -1.71 -84.42 -9.34
CA VAL B 226 -2.11 -83.07 -9.68
C VAL B 226 -3.62 -82.92 -9.65
N GLY B 227 -4.35 -83.96 -9.26
CA GLY B 227 -5.79 -83.88 -9.17
C GLY B 227 -6.50 -84.20 -10.45
N VAL B 228 -5.79 -84.65 -11.47
CA VAL B 228 -6.40 -85.08 -12.71
C VAL B 228 -6.54 -86.60 -12.67
N ASP B 229 -7.55 -87.11 -13.36
CA ASP B 229 -7.90 -88.52 -13.24
C ASP B 229 -6.85 -89.40 -13.92
N GLY B 230 -6.67 -90.60 -13.37
CA GLY B 230 -5.93 -91.62 -14.09
C GLY B 230 -6.83 -92.43 -15.00
N ARG B 231 -6.21 -93.06 -16.01
CA ARG B 231 -6.98 -93.74 -17.04
C ARG B 231 -7.81 -94.89 -16.49
N TYR B 232 -7.47 -95.42 -15.31
CA TYR B 232 -8.23 -96.51 -14.71
C TYR B 232 -8.74 -96.18 -13.31
N ILE B 233 -8.79 -94.91 -12.95
CA ILE B 233 -9.32 -94.48 -11.67
C ILE B 233 -10.24 -93.29 -11.90
N SER B 234 -11.41 -93.32 -11.27
CA SER B 234 -12.37 -92.22 -11.35
C SER B 234 -12.43 -91.51 -10.01
N ALA B 235 -12.16 -90.22 -10.01
CA ALA B 235 -12.30 -89.43 -8.80
C ALA B 235 -13.75 -89.43 -8.33
N GLN B 236 -13.96 -89.73 -7.07
CA GLN B 236 -15.30 -89.72 -6.49
C GLN B 236 -15.71 -88.26 -6.29
N PRO B 237 -16.78 -87.80 -6.92
CA PRO B 237 -17.09 -86.36 -6.88
C PRO B 237 -17.63 -85.91 -5.53
N LEU B 238 -16.90 -86.21 -4.45
CA LEU B 238 -17.27 -85.81 -3.11
C LEU B 238 -16.51 -84.55 -2.72
N THR B 239 -17.18 -83.40 -2.83
CA THR B 239 -16.61 -82.11 -2.50
C THR B 239 -17.58 -81.35 -1.60
N GLY B 240 -17.03 -80.45 -0.78
CA GLY B 240 -17.85 -79.76 0.20
C GLY B 240 -18.10 -80.52 1.48
N ARG B 241 -17.58 -81.72 1.61
CA ARG B 241 -17.60 -82.48 2.87
C ARG B 241 -16.23 -82.92 3.33
N GLN B 242 -15.36 -83.35 2.40
CA GLN B 242 -13.99 -83.67 2.72
C GLN B 242 -13.19 -83.57 1.42
N GLY B 243 -11.90 -83.91 1.50
CA GLY B 243 -11.07 -83.88 0.32
C GLY B 243 -11.48 -84.90 -0.71
N ARG B 244 -10.94 -84.73 -1.92
CA ARG B 244 -11.30 -85.60 -3.02
C ARG B 244 -10.78 -87.02 -2.77
N THR B 245 -11.69 -87.98 -2.84
CA THR B 245 -11.36 -89.39 -2.82
C THR B 245 -11.45 -89.97 -4.22
N PHE B 246 -11.02 -91.21 -4.37
CA PHE B 246 -10.93 -91.84 -5.67
C PHE B 246 -11.48 -93.26 -5.59
N LEU B 247 -11.92 -93.77 -6.73
CA LEU B 247 -12.36 -95.15 -6.87
C LEU B 247 -11.62 -95.77 -8.03
N VAL B 248 -10.96 -96.89 -7.80
CA VAL B 248 -10.24 -97.57 -8.88
C VAL B 248 -11.21 -98.46 -9.65
N ASP B 249 -10.79 -98.84 -10.85
CA ASP B 249 -11.57 -99.76 -11.65
C ASP B 249 -11.63 -101.11 -10.96
N PRO B 250 -12.73 -101.85 -11.11
CA PRO B 250 -12.81 -103.16 -10.44
C PRO B 250 -11.86 -104.19 -11.02
N ASN B 251 -11.32 -103.95 -12.22
CA ASN B 251 -10.36 -104.87 -12.81
C ASN B 251 -8.98 -104.40 -12.40
N LEU B 252 -8.49 -104.94 -11.29
CA LEU B 252 -7.20 -104.51 -10.75
C LEU B 252 -6.69 -105.62 -9.84
N ASP B 253 -5.38 -105.81 -9.85
CA ASP B 253 -4.78 -106.83 -8.98
C ASP B 253 -5.02 -106.48 -7.52
N LEU B 254 -5.18 -107.54 -6.71
CA LEU B 254 -5.49 -107.33 -5.31
C LEU B 254 -4.37 -106.57 -4.63
N SER B 255 -3.13 -107.01 -4.85
CA SER B 255 -2.00 -106.36 -4.21
C SER B 255 -1.84 -104.94 -4.71
N ILE B 256 -1.97 -104.75 -6.02
CA ILE B 256 -1.85 -103.41 -6.58
C ILE B 256 -3.00 -102.53 -6.13
N ARG B 257 -4.21 -103.10 -6.03
CA ARG B 257 -5.33 -102.33 -5.53
C ARG B 257 -5.11 -101.92 -4.07
N GLU B 258 -4.58 -102.83 -3.25
CA GLU B 258 -4.23 -102.49 -1.88
C GLU B 258 -3.18 -101.39 -1.85
N LEU B 259 -2.15 -101.50 -2.69
CA LEU B 259 -1.08 -100.52 -2.67
C LEU B 259 -1.62 -99.16 -3.06
N VAL B 260 -2.47 -99.11 -4.09
CA VAL B 260 -3.06 -97.86 -4.52
C VAL B 260 -3.98 -97.32 -3.44
N SER B 261 -4.66 -98.20 -2.71
CA SER B 261 -5.50 -97.75 -1.60
C SER B 261 -4.66 -97.07 -0.54
N ARG B 262 -3.55 -97.71 -0.16
CA ARG B 262 -2.68 -97.13 0.85
C ARG B 262 -2.08 -95.82 0.37
N ILE B 263 -1.78 -95.71 -0.93
CA ILE B 263 -1.12 -94.53 -1.45
C ILE B 263 -2.09 -93.43 -1.82
N LEU B 264 -3.38 -93.73 -1.89
CA LEU B 264 -4.36 -92.72 -2.26
C LEU B 264 -4.31 -91.48 -1.40
N PRO B 265 -4.17 -91.55 -0.08
CA PRO B 265 -4.33 -90.35 0.73
C PRO B 265 -3.52 -89.17 0.24
N VAL B 266 -2.57 -89.40 -0.66
CA VAL B 266 -1.85 -88.29 -1.27
C VAL B 266 -2.85 -87.42 -2.01
N ALA B 267 -3.76 -88.06 -2.73
CA ALA B 267 -4.69 -87.34 -3.60
C ALA B 267 -5.60 -86.49 -2.76
N ALA B 268 -6.24 -87.10 -1.76
CA ALA B 268 -7.16 -86.38 -0.90
C ALA B 268 -6.45 -85.25 -0.15
N SER B 269 -5.24 -85.50 0.36
CA SER B 269 -4.49 -84.44 1.01
C SER B 269 -4.18 -83.29 0.05
N TYR B 270 -3.91 -83.60 -1.21
CA TYR B 270 -3.70 -82.53 -2.17
C TYR B 270 -4.98 -81.79 -2.49
N SER B 271 -6.10 -82.50 -2.61
CA SER B 271 -7.37 -81.82 -2.81
C SER B 271 -7.68 -80.92 -1.64
N THR B 272 -7.40 -81.40 -0.43
CA THR B 272 -7.63 -80.60 0.77
C THR B 272 -6.80 -79.34 0.74
N VAL B 273 -5.52 -79.46 0.38
CA VAL B 273 -4.67 -78.27 0.40
C VAL B 273 -5.08 -77.31 -0.72
N THR B 274 -5.50 -77.85 -1.86
CA THR B 274 -6.02 -77.00 -2.93
C THR B 274 -7.24 -76.23 -2.47
N ARG B 275 -8.18 -76.91 -1.82
CA ARG B 275 -9.37 -76.23 -1.33
C ARG B 275 -9.01 -75.20 -0.28
N PHE B 276 -8.05 -75.53 0.59
CA PHE B 276 -7.63 -74.59 1.62
C PHE B 276 -7.05 -73.32 1.00
N ILE B 277 -6.15 -73.49 0.02
CA ILE B 277 -5.52 -72.32 -0.58
C ILE B 277 -6.54 -71.52 -1.37
N GLU B 278 -7.50 -72.19 -2.00
CA GLU B 278 -8.57 -71.47 -2.68
C GLU B 278 -9.40 -70.66 -1.70
N GLU B 279 -9.71 -71.25 -0.53
CA GLU B 279 -10.59 -70.58 0.41
C GLU B 279 -9.90 -69.40 1.07
N LYS B 280 -8.61 -69.54 1.38
CA LYS B 280 -7.97 -68.39 1.98
C LYS B 280 -7.78 -67.25 1.00
N SER B 281 -8.31 -67.37 -0.21
CA SER B 281 -8.13 -66.31 -1.20
C SER B 281 -8.77 -65.00 -0.72
N SER B 282 -9.99 -65.10 -0.21
CA SER B 282 -10.72 -63.90 0.20
C SER B 282 -9.98 -63.21 1.34
N PHE B 283 -9.97 -61.88 1.29
CA PHE B 283 -9.25 -61.13 2.30
C PHE B 283 -9.96 -61.23 3.64
N GLU B 284 -11.20 -61.71 3.66
CA GLU B 284 -11.97 -61.74 4.89
C GLU B 284 -11.35 -62.64 5.94
N TYR B 285 -10.53 -63.61 5.52
CA TYR B 285 -9.80 -64.45 6.47
C TYR B 285 -8.67 -63.70 7.17
N GLY B 286 -8.52 -62.41 6.90
CA GLY B 286 -7.42 -61.63 7.42
C GLY B 286 -6.12 -61.98 6.72
N GLN B 287 -5.12 -61.11 6.85
CA GLN B 287 -3.84 -61.39 6.23
C GLN B 287 -3.20 -62.63 6.85
N VAL B 288 -3.33 -62.76 8.16
CA VAL B 288 -2.64 -63.83 8.88
C VAL B 288 -3.04 -65.18 8.31
N ASN B 289 -4.35 -65.42 8.21
CA ASN B 289 -4.80 -66.65 7.55
C ASN B 289 -4.37 -66.66 6.09
N HIS B 290 -4.52 -65.53 5.40
CA HIS B 290 -4.08 -65.45 4.01
C HIS B 290 -2.63 -65.86 3.87
N ALA B 291 -1.73 -65.13 4.55
CA ALA B 291 -0.32 -65.48 4.47
C ALA B 291 -0.07 -66.92 4.89
N LEU B 292 -0.96 -67.49 5.70
CA LEU B 292 -0.87 -68.90 6.01
C LEU B 292 -0.88 -69.74 4.74
N ALA B 293 -1.98 -69.68 3.99
CA ALA B 293 -2.15 -70.59 2.86
C ALA B 293 -1.05 -70.40 1.81
N ALA B 294 -0.70 -69.16 1.51
CA ALA B 294 0.37 -68.93 0.53
C ALA B 294 1.63 -69.69 0.92
N ALA B 295 1.95 -69.70 2.22
CA ALA B 295 3.10 -70.47 2.66
C ALA B 295 2.98 -71.92 2.23
N MET B 296 1.85 -72.56 2.55
CA MET B 296 1.61 -73.91 2.09
C MET B 296 1.61 -73.98 0.57
N ARG B 297 1.11 -72.93 -0.08
CA ARG B 297 1.21 -72.87 -1.53
C ARG B 297 2.64 -73.06 -1.99
N THR B 298 3.57 -72.34 -1.36
CA THR B 298 4.98 -72.55 -1.68
C THR B 298 5.38 -74.00 -1.47
N LEU B 299 4.97 -74.59 -0.34
CA LEU B 299 5.24 -76.00 -0.14
C LEU B 299 4.61 -76.83 -1.26
N VAL B 300 3.37 -76.52 -1.63
CA VAL B 300 2.75 -77.19 -2.77
C VAL B 300 3.71 -77.21 -3.95
N LYS B 301 4.32 -76.06 -4.24
CA LYS B 301 5.31 -75.99 -5.31
C LYS B 301 6.28 -77.15 -5.23
N GLU B 302 7.00 -77.25 -4.12
CA GLU B 302 8.01 -78.29 -4.02
C GLU B 302 7.39 -79.67 -4.10
N TYR B 303 6.19 -79.83 -3.55
CA TYR B 303 5.49 -81.10 -3.73
C TYR B 303 5.41 -81.47 -5.21
N LEU B 304 4.90 -80.54 -6.02
CA LEU B 304 4.81 -80.83 -7.45
C LEU B 304 6.18 -81.12 -8.02
N VAL B 305 7.21 -80.45 -7.51
CA VAL B 305 8.56 -80.71 -7.97
C VAL B 305 8.90 -82.18 -7.82
N LEU B 306 8.64 -82.73 -6.63
CA LEU B 306 8.85 -84.17 -6.43
C LEU B 306 8.12 -84.96 -7.49
N VAL B 307 6.85 -84.61 -7.72
CA VAL B 307 6.07 -85.30 -8.74
C VAL B 307 6.79 -85.24 -10.07
N THR B 308 7.30 -84.06 -10.43
CA THR B 308 8.06 -83.96 -11.67
C THR B 308 9.22 -84.93 -11.65
N GLN B 309 10.00 -84.93 -10.56
CA GLN B 309 11.05 -85.92 -10.41
C GLN B 309 10.52 -87.31 -10.74
N LEU B 310 9.41 -87.68 -10.11
CA LEU B 310 8.84 -88.99 -10.36
C LEU B 310 8.60 -89.19 -11.84
N GLU B 311 7.93 -88.22 -12.47
CA GLU B 311 7.60 -88.38 -13.88
C GLU B 311 8.86 -88.43 -14.72
N GLN B 312 9.92 -87.74 -14.28
CA GLN B 312 11.18 -87.89 -14.97
C GLN B 312 11.63 -89.33 -14.90
N LEU B 313 11.58 -89.90 -13.69
CA LEU B 313 11.97 -91.29 -13.55
C LEU B 313 11.04 -92.14 -14.40
N GLN B 314 9.75 -91.77 -14.41
CA GLN B 314 8.80 -92.44 -15.29
C GLN B 314 9.17 -92.21 -16.75
N ARG B 315 9.59 -90.99 -17.09
CA ARG B 315 10.15 -90.78 -18.43
C ARG B 315 11.31 -91.71 -18.70
N GLN B 316 12.10 -92.02 -17.68
CA GLN B 316 13.18 -92.99 -17.81
C GLN B 316 12.67 -94.42 -17.77
N GLY B 317 11.41 -94.64 -17.44
CA GLY B 317 10.88 -95.98 -17.31
C GLY B 317 11.54 -96.73 -16.18
N LEU B 318 12.15 -96.02 -15.25
CA LEU B 318 12.93 -96.60 -14.16
C LEU B 318 12.16 -96.65 -12.84
N LEU B 319 10.85 -96.41 -12.87
CA LEU B 319 10.05 -96.29 -11.65
C LEU B 319 9.35 -97.60 -11.34
N SER B 320 9.48 -98.06 -10.10
CA SER B 320 8.73 -99.20 -9.58
C SER B 320 7.87 -98.76 -8.40
N LEU B 321 6.76 -99.48 -8.22
CA LEU B 321 5.79 -99.08 -7.20
C LEU B 321 6.43 -99.11 -5.82
N GLN B 322 7.34 -100.05 -5.59
CA GLN B 322 8.09 -100.08 -4.36
C GLN B 322 8.80 -98.76 -4.14
N LYS B 323 9.57 -98.32 -5.13
CA LYS B 323 10.34 -97.09 -4.97
C LYS B 323 9.43 -95.88 -4.96
N LEU B 324 8.33 -95.91 -5.71
CA LEU B 324 7.38 -94.83 -5.62
C LEU B 324 6.88 -94.65 -4.20
N TRP B 325 6.49 -95.76 -3.56
CA TRP B 325 6.04 -95.70 -2.19
C TRP B 325 7.16 -95.24 -1.26
N PHE B 326 8.37 -95.76 -1.46
CA PHE B 326 9.51 -95.33 -0.66
C PHE B 326 9.67 -93.81 -0.72
N TYR B 327 9.58 -93.24 -1.92
CA TYR B 327 9.75 -91.81 -2.07
C TYR B 327 8.60 -91.06 -1.41
N ILE B 328 7.37 -91.55 -1.61
CA ILE B 328 6.22 -90.79 -1.17
C ILE B 328 6.03 -90.86 0.33
N GLN B 329 6.53 -91.89 0.99
CA GLN B 329 6.28 -92.07 2.42
C GLN B 329 6.57 -90.80 3.20
N PRO B 330 7.69 -90.13 3.00
CA PRO B 330 7.92 -88.86 3.69
C PRO B 330 6.91 -87.82 3.24
N ALA B 331 6.71 -87.75 1.92
CA ALA B 331 5.70 -86.85 1.38
C ALA B 331 4.32 -87.21 1.89
N MET B 332 4.02 -88.51 1.99
CA MET B 332 2.75 -88.93 2.58
C MET B 332 2.59 -88.32 3.97
N ARG B 333 3.61 -88.49 4.82
CA ARG B 333 3.50 -88.00 6.19
C ARG B 333 3.34 -86.48 6.23
N SER B 334 4.12 -85.77 5.42
CA SER B 334 4.05 -84.32 5.41
C SER B 334 2.68 -83.84 4.95
N LEU B 335 2.16 -84.44 3.89
CA LEU B 335 0.84 -84.05 3.40
C LEU B 335 -0.23 -84.36 4.44
N ASP B 336 -0.08 -85.47 5.15
CA ASP B 336 -1.03 -85.78 6.22
C ASP B 336 -0.99 -84.71 7.31
N ILE B 337 0.21 -84.30 7.71
CA ILE B 337 0.36 -83.26 8.72
C ILE B 337 -0.33 -81.98 8.27
N LEU B 338 -0.05 -81.57 7.03
CA LEU B 338 -0.59 -80.29 6.57
C LEU B 338 -2.11 -80.37 6.39
N ALA B 339 -2.60 -81.52 5.95
CA ALA B 339 -4.05 -81.70 5.83
C ALA B 339 -4.72 -81.65 7.18
N SER B 340 -4.11 -82.26 8.19
CA SER B 340 -4.67 -82.17 9.54
C SER B 340 -4.70 -80.73 10.02
N LEU B 341 -3.63 -79.98 9.77
CA LEU B 341 -3.62 -78.57 10.18
C LEU B 341 -4.74 -77.81 9.48
N ALA B 342 -4.87 -78.01 8.17
CA ALA B 342 -5.91 -77.30 7.43
C ALA B 342 -7.30 -77.68 7.92
N THR B 343 -7.53 -78.97 8.16
CA THR B 343 -8.83 -79.41 8.63
C THR B 343 -9.14 -78.84 9.99
N SER B 344 -8.14 -78.79 10.87
CA SER B 344 -8.35 -78.19 12.18
C SER B 344 -8.71 -76.71 12.06
N VAL B 345 -7.98 -75.97 11.23
CA VAL B 345 -8.28 -74.55 11.07
C VAL B 345 -9.69 -74.38 10.51
N ASP B 346 -10.07 -75.21 9.55
CA ASP B 346 -11.39 -75.10 8.93
C ASP B 346 -12.50 -75.42 9.94
N LYS B 347 -12.38 -76.55 10.64
CA LYS B 347 -13.42 -76.95 11.57
C LYS B 347 -13.55 -75.96 12.71
N GLY B 348 -12.43 -75.47 13.23
CA GLY B 348 -12.49 -74.45 14.25
C GLY B 348 -12.82 -73.07 13.74
N GLU B 349 -12.84 -72.90 12.41
CA GLU B 349 -13.06 -71.59 11.82
C GLU B 349 -12.04 -70.60 12.38
N CYS B 350 -10.85 -71.10 12.68
CA CYS B 350 -9.88 -70.29 13.42
C CYS B 350 -9.45 -69.10 12.57
N ILE B 351 -9.39 -67.93 13.21
CA ILE B 351 -8.89 -66.72 12.58
C ILE B 351 -7.98 -66.01 13.56
N GLY B 352 -6.83 -65.56 13.07
CA GLY B 352 -5.93 -64.81 13.92
C GLY B 352 -5.22 -65.70 14.91
N GLY B 353 -5.14 -65.23 16.15
CA GLY B 353 -4.39 -65.96 17.17
C GLY B 353 -4.92 -67.34 17.42
N ALA B 354 -6.22 -67.56 17.20
CA ALA B 354 -6.76 -68.92 17.29
C ALA B 354 -6.04 -69.85 16.33
N THR B 355 -5.84 -69.41 15.09
CA THR B 355 -4.95 -70.14 14.19
C THR B 355 -3.57 -70.23 14.81
N LEU B 356 -3.07 -69.12 15.32
CA LEU B 356 -1.76 -69.15 15.95
C LEU B 356 -1.79 -70.07 17.16
N SER B 357 -2.89 -70.05 17.92
CA SER B 357 -3.03 -71.02 19.00
C SER B 357 -2.87 -72.43 18.47
N LEU B 358 -3.57 -72.75 17.38
CA LEU B 358 -3.34 -74.04 16.74
C LEU B 358 -1.86 -74.23 16.44
N LEU B 359 -1.24 -73.21 15.85
CA LEU B 359 0.20 -73.27 15.62
C LEU B 359 0.96 -73.45 16.92
N HIS B 360 0.56 -72.73 17.97
CA HIS B 360 1.18 -72.94 19.27
C HIS B 360 0.95 -74.37 19.73
N ASP B 361 -0.25 -74.91 19.49
CA ASP B 361 -0.57 -76.23 19.99
C ASP B 361 0.06 -77.30 19.12
N ARG B 362 -0.12 -77.20 17.81
CA ARG B 362 0.42 -78.23 16.93
C ARG B 362 1.94 -78.29 17.02
N SER B 363 2.57 -77.16 17.33
CA SER B 363 4.02 -77.17 17.56
C SER B 363 4.36 -78.16 18.66
N PHE B 364 3.60 -78.13 19.74
CA PHE B 364 3.81 -79.09 20.81
C PHE B 364 3.12 -80.40 20.50
N SER B 365 2.09 -80.38 19.63
CA SER B 365 1.37 -81.60 19.33
C SER B 365 2.25 -82.63 18.63
N TYR B 366 3.30 -82.19 17.96
CA TYR B 366 4.14 -83.10 17.20
C TYR B 366 5.59 -83.00 17.67
N THR B 367 5.79 -82.95 18.97
CA THR B 367 7.13 -83.02 19.54
C THR B 367 7.70 -84.42 19.34
N GLY B 368 8.99 -84.50 19.05
CA GLY B 368 9.67 -85.77 18.82
C GLY B 368 9.94 -86.12 17.37
N ASP B 369 9.66 -85.23 16.43
CA ASP B 369 9.97 -85.48 15.03
C ASP B 369 10.29 -84.16 14.35
N SER B 370 11.40 -84.12 13.62
CA SER B 370 11.69 -82.93 12.84
C SER B 370 10.70 -82.79 11.69
N GLN B 371 10.09 -83.90 11.26
CA GLN B 371 9.24 -83.86 10.09
C GLN B 371 8.16 -82.80 10.26
N ALA B 372 7.45 -82.85 11.38
CA ALA B 372 6.41 -81.89 11.68
C ALA B 372 6.92 -80.63 12.33
N GLN B 373 7.99 -80.71 13.13
CA GLN B 373 8.50 -79.52 13.80
C GLN B 373 9.03 -78.48 12.82
N GLU B 374 9.71 -78.93 11.76
CA GLU B 374 10.18 -77.99 10.74
C GLU B 374 9.02 -77.17 10.19
N LEU B 375 7.98 -77.86 9.74
CA LEU B 375 6.82 -77.16 9.17
C LEU B 375 6.14 -76.30 10.21
N CYS B 376 6.05 -76.79 11.45
CA CYS B 376 5.40 -75.99 12.49
C CYS B 376 6.15 -74.70 12.71
N LEU B 377 7.48 -74.76 12.76
CA LEU B 377 8.26 -73.55 12.94
C LEU B 377 8.07 -72.61 11.76
N HIS B 378 8.11 -73.15 10.54
CA HIS B 378 7.89 -72.33 9.36
C HIS B 378 6.56 -71.61 9.43
N LEU B 379 5.50 -72.35 9.75
CA LEU B 379 4.17 -71.77 9.74
C LEU B 379 4.00 -70.77 10.89
N THR B 380 4.56 -71.08 12.04
CA THR B 380 4.51 -70.12 13.15
C THR B 380 5.16 -68.82 12.75
N LYS B 381 6.36 -68.88 12.19
CA LYS B 381 7.04 -67.66 11.76
C LYS B 381 6.19 -66.89 10.77
N ALA B 382 5.71 -67.59 9.73
CA ALA B 382 4.98 -66.91 8.67
C ALA B 382 3.71 -66.24 9.19
N ALA B 383 2.96 -66.94 10.03
CA ALA B 383 1.71 -66.38 10.52
C ALA B 383 1.96 -65.27 11.51
N SER B 384 3.00 -65.40 12.33
CA SER B 384 3.25 -64.41 13.36
C SER B 384 3.80 -63.13 12.76
N THR B 385 4.48 -63.22 11.61
CA THR B 385 5.07 -62.01 11.04
C THR B 385 4.04 -60.90 10.87
N PRO B 386 2.89 -61.12 10.23
CA PRO B 386 1.90 -60.03 10.19
C PRO B 386 1.38 -59.66 11.57
N TYR B 387 1.16 -60.65 12.43
CA TYR B 387 0.65 -60.35 13.76
C TYR B 387 1.72 -59.74 14.64
N PHE B 388 2.97 -60.16 14.47
CA PHE B 388 4.07 -59.46 15.11
C PHE B 388 4.07 -58.00 14.69
N GLU B 389 3.89 -57.73 13.40
CA GLU B 389 3.89 -56.36 12.93
C GLU B 389 2.70 -55.59 13.50
N ILE B 390 1.54 -56.24 13.59
CA ILE B 390 0.38 -55.61 14.19
C ILE B 390 0.68 -55.21 15.63
N LEU B 391 1.24 -56.14 16.40
CA LEU B 391 1.55 -55.84 17.79
C LEU B 391 2.60 -54.76 17.90
N GLU B 392 3.58 -54.78 17.00
CA GLU B 392 4.64 -53.77 17.04
C GLU B 392 4.10 -52.39 16.71
N LYS B 393 3.17 -52.30 15.76
CA LYS B 393 2.52 -51.02 15.51
C LYS B 393 1.67 -50.59 16.71
N TRP B 394 0.98 -51.55 17.33
CA TRP B 394 0.16 -51.21 18.49
C TRP B 394 1.00 -50.70 19.65
N ILE B 395 2.21 -51.25 19.83
CA ILE B 395 2.99 -50.92 21.02
C ILE B 395 3.98 -49.81 20.71
N TYR B 396 4.91 -50.07 19.78
CA TYR B 396 5.93 -49.09 19.47
C TYR B 396 5.30 -47.78 19.01
N ARG B 397 4.35 -47.86 18.07
CA ARG B 397 3.66 -46.66 17.63
C ARG B 397 2.52 -46.29 18.56
N GLY B 398 2.13 -47.18 19.47
CA GLY B 398 1.04 -46.89 20.36
C GLY B 398 -0.32 -46.80 19.71
N ILE B 399 -0.49 -47.39 18.52
CA ILE B 399 -1.74 -47.22 17.81
C ILE B 399 -2.03 -48.47 17.01
N ILE B 400 -3.29 -48.90 17.06
CA ILE B 400 -3.78 -50.00 16.22
C ILE B 400 -3.92 -49.53 14.78
N ASP B 401 -3.60 -50.41 13.84
CA ASP B 401 -3.74 -50.12 12.42
C ASP B 401 -4.39 -51.30 11.70
N ASP B 402 -5.43 -51.86 12.31
CA ASP B 402 -6.03 -53.08 11.79
C ASP B 402 -6.82 -52.85 10.51
N PRO B 403 -6.46 -53.49 9.40
CA PRO B 403 -7.38 -53.48 8.25
C PRO B 403 -8.58 -54.37 8.49
N TYR B 404 -8.33 -55.53 9.08
CA TYR B 404 -9.35 -56.44 9.56
C TYR B 404 -9.08 -56.66 11.04
N SER B 405 -10.14 -56.70 11.83
CA SER B 405 -10.06 -56.91 13.27
C SER B 405 -10.60 -58.30 13.56
N GLU B 406 -9.70 -59.29 13.50
CA GLU B 406 -10.04 -60.66 13.77
C GLU B 406 -9.03 -61.35 14.68
N PHE B 407 -7.99 -60.64 15.12
CA PHE B 407 -6.96 -61.20 15.95
C PHE B 407 -7.30 -60.87 17.41
N MET B 408 -6.36 -61.10 18.32
CA MET B 408 -6.61 -60.69 19.70
C MET B 408 -6.95 -59.21 19.73
N VAL B 409 -6.09 -58.38 19.12
CA VAL B 409 -6.36 -56.97 18.86
C VAL B 409 -6.86 -56.22 20.08
N GLU B 410 -6.93 -54.90 19.95
CA GLU B 410 -7.47 -54.00 20.97
C GLU B 410 -8.37 -53.01 20.24
N GLU B 411 -9.66 -53.31 20.14
CA GLU B 411 -10.53 -52.57 19.22
C GLU B 411 -11.86 -52.31 19.93
N HIS B 412 -12.03 -51.06 20.35
CA HIS B 412 -13.31 -50.54 20.85
C HIS B 412 -13.27 -49.04 20.67
N GLU B 413 -14.30 -48.47 20.05
CA GLU B 413 -14.29 -47.04 19.72
C GLU B 413 -15.68 -46.49 19.97
N LEU B 414 -15.88 -45.97 21.17
CA LEU B 414 -17.06 -45.16 21.49
C LEU B 414 -16.64 -43.78 21.99
N ARG B 415 -15.76 -43.72 22.99
CA ARG B 415 -15.16 -42.46 23.43
C ARG B 415 -16.21 -41.44 23.83
N LYS B 416 -17.35 -41.91 24.36
CA LYS B 416 -18.45 -41.09 24.84
C LYS B 416 -18.20 -39.60 24.64
N GLU B 417 -17.92 -38.88 25.72
CA GLU B 417 -17.72 -37.43 25.66
C GLU B 417 -16.43 -37.09 26.41
N LYS B 418 -15.82 -35.98 26.03
CA LYS B 418 -14.56 -35.56 26.63
C LYS B 418 -13.50 -36.66 26.53
N ILE B 419 -13.34 -37.20 25.32
CA ILE B 419 -12.49 -38.36 25.10
C ILE B 419 -12.65 -39.30 26.29
N GLN B 420 -13.89 -39.71 26.52
CA GLN B 420 -14.22 -40.70 27.55
C GLN B 420 -13.97 -40.12 28.94
N GLU B 421 -14.42 -38.89 29.13
CA GLU B 421 -14.34 -38.21 30.41
C GLU B 421 -15.71 -37.86 30.97
N ASP B 422 -16.53 -37.16 30.20
CA ASP B 422 -17.88 -36.79 30.70
C ASP B 422 -17.65 -36.00 31.99
N TYR B 423 -18.43 -36.27 33.03
CA TYR B 423 -18.24 -35.65 34.35
C TYR B 423 -17.75 -36.70 35.33
N ASN B 424 -18.49 -37.79 35.51
CA ASN B 424 -17.99 -38.94 36.23
C ASN B 424 -17.33 -39.82 35.19
N ASP B 425 -16.18 -40.40 35.54
CA ASP B 425 -15.34 -41.03 34.53
C ASP B 425 -14.77 -42.34 35.05
N LYS B 426 -14.87 -43.38 34.21
CA LYS B 426 -14.21 -44.64 34.46
C LYS B 426 -13.59 -45.18 33.18
N TYR B 427 -13.22 -44.30 32.24
CA TYR B 427 -13.05 -44.74 30.86
C TYR B 427 -11.61 -45.18 30.63
N TRP B 428 -11.29 -46.30 31.29
CA TRP B 428 -10.14 -47.13 30.97
C TRP B 428 -10.59 -48.57 30.79
N ASP B 429 -11.88 -48.84 30.95
CA ASP B 429 -12.46 -50.18 30.86
C ASP B 429 -12.51 -50.58 29.39
N GLN B 430 -11.37 -50.99 28.87
CA GLN B 430 -11.22 -51.33 27.47
C GLN B 430 -11.80 -50.21 26.61
N ARG B 431 -11.13 -49.05 26.70
CA ARG B 431 -11.41 -48.00 25.74
C ARG B 431 -11.17 -48.54 24.34
N TYR B 432 -10.32 -49.55 24.23
CA TYR B 432 -10.21 -50.37 23.05
C TYR B 432 -10.28 -51.83 23.50
N THR B 433 -11.18 -52.58 22.88
CA THR B 433 -11.59 -53.87 23.38
C THR B 433 -10.56 -54.94 23.01
N VAL B 434 -10.13 -55.71 23.99
CA VAL B 434 -9.24 -56.83 23.78
C VAL B 434 -10.08 -58.10 23.84
N VAL B 435 -9.95 -58.95 22.83
CA VAL B 435 -10.72 -60.18 22.71
C VAL B 435 -9.79 -61.35 23.02
N GLN B 436 -10.22 -62.20 23.95
CA GLN B 436 -9.41 -63.33 24.38
C GLN B 436 -9.72 -64.59 23.59
N ARG B 437 -10.73 -64.56 22.73
CA ARG B 437 -11.05 -65.72 21.91
C ARG B 437 -10.02 -65.88 20.80
N GLN B 438 -9.64 -64.78 20.17
CA GLN B 438 -8.68 -64.78 19.06
C GLN B 438 -7.28 -64.39 19.50
N ILE B 439 -6.86 -64.81 20.69
CA ILE B 439 -5.50 -64.53 21.16
C ILE B 439 -4.62 -65.70 20.75
N PRO B 440 -3.36 -65.45 20.36
CA PRO B 440 -2.47 -66.58 20.04
C PRO B 440 -2.15 -67.47 21.23
N SER B 441 -2.37 -67.02 22.45
CA SER B 441 -2.27 -67.87 23.63
C SER B 441 -0.83 -68.31 23.87
N PHE B 442 0.11 -67.46 23.50
CA PHE B 442 1.50 -67.58 23.94
C PHE B 442 2.04 -66.24 24.42
N LEU B 443 1.19 -65.21 24.47
CA LEU B 443 1.53 -63.90 25.00
C LEU B 443 0.60 -63.48 26.13
N GLN B 444 -0.30 -64.36 26.56
CA GLN B 444 -1.31 -63.97 27.54
C GLN B 444 -0.66 -63.48 28.83
N LYS B 445 0.40 -64.16 29.28
CA LYS B 445 1.06 -63.68 30.49
C LYS B 445 1.53 -62.24 30.32
N MET B 446 1.93 -61.86 29.10
CA MET B 446 2.40 -60.52 28.83
C MET B 446 1.26 -59.58 28.47
N ALA B 447 0.09 -60.13 28.14
CA ALA B 447 -0.96 -59.32 27.55
C ALA B 447 -1.41 -58.21 28.48
N GLY B 448 -1.60 -58.52 29.77
CA GLY B 448 -1.99 -57.48 30.69
C GLY B 448 -1.00 -56.32 30.72
N LYS B 449 0.28 -56.62 30.50
CA LYS B 449 1.27 -55.54 30.42
C LYS B 449 1.11 -54.78 29.11
N VAL B 450 0.86 -55.52 28.04
CA VAL B 450 0.88 -54.95 26.70
C VAL B 450 -0.30 -54.01 26.50
N LEU B 451 -1.46 -54.39 27.02
CA LEU B 451 -2.63 -53.54 26.86
C LEU B 451 -2.35 -52.15 27.40
N SER B 452 -2.04 -52.07 28.69
CA SER B 452 -1.61 -50.81 29.29
C SER B 452 -0.48 -50.16 28.50
N THR B 453 0.48 -50.97 28.04
CA THR B 453 1.59 -50.46 27.25
C THR B 453 1.13 -49.62 26.07
N GLY B 454 0.19 -50.15 25.29
CA GLY B 454 -0.35 -49.35 24.19
C GLY B 454 -1.36 -48.30 24.60
N LYS B 455 -2.06 -48.53 25.70
CA LYS B 455 -3.00 -47.53 26.19
C LYS B 455 -2.27 -46.24 26.58
N TYR B 456 -1.14 -46.39 27.25
CA TYR B 456 -0.36 -45.23 27.68
C TYR B 456 -0.03 -44.32 26.50
N LEU B 457 0.58 -44.89 25.47
CA LEU B 457 0.87 -44.11 24.26
C LEU B 457 -0.40 -43.55 23.63
N ASN B 458 -1.46 -44.36 23.55
CA ASN B 458 -2.75 -43.85 23.12
C ASN B 458 -3.08 -42.52 23.80
N VAL B 459 -3.04 -42.53 25.13
CA VAL B 459 -3.48 -41.36 25.89
C VAL B 459 -2.46 -40.23 25.93
N VAL B 460 -1.18 -40.51 25.69
CA VAL B 460 -0.24 -39.40 25.56
C VAL B 460 -0.26 -38.79 24.17
N ARG B 461 -0.76 -39.53 23.18
CA ARG B 461 -1.17 -38.92 21.91
C ARG B 461 -2.43 -38.09 22.07
N GLU B 462 -3.40 -38.61 22.84
CA GLU B 462 -4.67 -37.92 23.03
C GLU B 462 -4.50 -36.63 23.83
N CYS B 463 -3.75 -36.68 24.92
CA CYS B 463 -3.40 -35.44 25.61
C CYS B 463 -2.59 -34.51 24.74
N GLY B 464 -1.91 -35.04 23.73
CA GLY B 464 -1.20 -34.22 22.77
C GLY B 464 0.28 -34.20 23.08
N HIS B 465 1.00 -35.07 22.39
CA HIS B 465 2.44 -35.16 22.52
C HIS B 465 2.92 -36.15 21.47
N ASP B 466 4.03 -35.84 20.81
CA ASP B 466 4.51 -36.73 19.78
C ASP B 466 4.90 -38.05 20.43
N VAL B 467 4.63 -39.14 19.74
CA VAL B 467 4.96 -40.47 20.23
C VAL B 467 6.06 -41.05 19.36
N THR B 468 7.11 -41.54 20.01
CA THR B 468 8.25 -42.15 19.35
C THR B 468 8.45 -43.56 19.89
N CYS B 469 9.18 -44.35 19.13
CA CYS B 469 9.49 -45.69 19.57
C CYS B 469 10.55 -45.63 20.66
N PRO B 470 10.30 -46.25 21.82
CA PRO B 470 11.39 -46.32 22.81
C PRO B 470 12.61 -46.99 22.23
N VAL B 471 12.40 -48.01 21.39
CA VAL B 471 13.45 -48.63 20.61
C VAL B 471 12.77 -49.34 19.46
N ALA B 472 13.29 -49.17 18.25
CA ALA B 472 12.71 -49.77 17.06
C ALA B 472 13.40 -51.08 16.73
N LYS B 473 12.64 -52.18 16.77
CA LYS B 473 13.17 -53.48 16.45
C LYS B 473 12.04 -54.37 15.96
N GLU B 474 12.38 -55.34 15.13
CA GLU B 474 11.42 -56.32 14.66
C GLU B 474 11.42 -57.50 15.62
N VAL B 475 10.24 -58.03 15.90
CA VAL B 475 10.10 -59.12 16.87
C VAL B 475 9.63 -60.35 16.13
N VAL B 476 10.22 -61.49 16.47
CA VAL B 476 9.92 -62.75 15.81
C VAL B 476 9.48 -63.76 16.86
N TYR B 477 8.83 -64.80 16.41
CA TYR B 477 8.48 -65.89 17.30
C TYR B 477 9.75 -66.59 17.74
N THR B 478 9.84 -66.89 19.03
CA THR B 478 10.97 -67.64 19.57
C THR B 478 10.43 -68.97 20.08
N LEU B 479 10.79 -70.04 19.36
CA LEU B 479 10.27 -71.36 19.68
C LEU B 479 10.92 -71.95 20.91
N LYS B 480 11.97 -71.32 21.43
CA LYS B 480 12.72 -71.85 22.56
C LYS B 480 12.98 -70.79 23.62
N GLU B 481 12.60 -69.54 23.38
CA GLU B 481 12.87 -68.45 24.29
C GLU B 481 11.69 -67.50 24.24
N ARG B 482 11.80 -66.38 24.96
CA ARG B 482 10.81 -65.32 24.85
C ARG B 482 11.58 -64.01 24.77
N ALA B 483 11.97 -63.63 23.56
CA ALA B 483 12.55 -62.32 23.34
C ALA B 483 11.48 -61.27 23.14
N TYR B 484 10.26 -61.71 22.82
CA TYR B 484 9.17 -60.75 22.70
C TYR B 484 8.70 -60.35 24.08
N VAL B 485 8.76 -61.26 25.04
CA VAL B 485 8.32 -60.90 26.39
C VAL B 485 9.23 -59.82 26.94
N GLU B 486 10.54 -60.02 26.79
CA GLU B 486 11.50 -59.02 27.25
C GLU B 486 11.37 -57.73 26.45
N GLN B 487 11.15 -57.82 25.15
CA GLN B 487 10.96 -56.62 24.35
C GLN B 487 9.75 -55.83 24.84
N ILE B 488 8.64 -56.52 25.09
CA ILE B 488 7.44 -55.86 25.57
C ILE B 488 7.68 -55.28 26.95
N GLU B 489 8.44 -55.98 27.78
CA GLU B 489 8.74 -55.44 29.11
C GLU B 489 9.53 -54.15 29.00
N LYS B 490 10.53 -54.11 28.13
CA LYS B 490 11.30 -52.89 27.95
C LYS B 490 10.44 -51.76 27.41
N ALA B 491 9.61 -52.06 26.42
CA ALA B 491 8.73 -51.05 25.86
C ALA B 491 7.74 -50.54 26.90
N PHE B 492 7.21 -51.45 27.72
CA PHE B 492 6.29 -51.05 28.78
C PHE B 492 6.98 -50.14 29.77
N SER B 493 8.20 -50.48 30.17
CA SER B 493 8.93 -49.61 31.09
C SER B 493 9.16 -48.24 30.47
N TYR B 494 9.56 -48.20 29.20
CA TYR B 494 9.70 -46.92 28.51
C TYR B 494 8.41 -46.12 28.56
N ALA B 495 7.31 -46.75 28.16
CA ALA B 495 6.03 -46.05 28.10
C ALA B 495 5.61 -45.57 29.49
N SER B 496 5.78 -46.42 30.49
CA SER B 496 5.36 -46.07 31.84
C SER B 496 6.18 -44.88 32.34
N LYS B 497 7.48 -44.89 32.11
CA LYS B 497 8.30 -43.79 32.56
C LYS B 497 7.93 -42.51 31.82
N VAL B 498 7.65 -42.60 30.52
CA VAL B 498 7.27 -41.42 29.77
C VAL B 498 5.95 -40.86 30.29
N LEU B 499 4.98 -41.74 30.55
CA LEU B 499 3.69 -41.29 31.06
C LEU B 499 3.83 -40.69 32.46
N LEU B 500 4.66 -41.29 33.30
CA LEU B 500 4.90 -40.74 34.63
C LEU B 500 5.51 -39.35 34.52
N ASP B 501 6.50 -39.18 33.64
CA ASP B 501 7.08 -37.86 33.44
C ASP B 501 6.03 -36.86 32.97
N PHE B 502 5.19 -37.28 32.04
CA PHE B 502 4.13 -36.41 31.53
C PHE B 502 3.19 -35.98 32.64
N LEU B 503 2.73 -36.92 33.46
CA LEU B 503 1.86 -36.57 34.56
C LEU B 503 2.57 -35.70 35.59
N MET B 504 3.81 -36.05 35.95
CA MET B 504 4.58 -35.17 36.82
C MET B 504 5.08 -33.94 36.08
N GLY B 505 4.85 -33.88 34.77
CA GLY B 505 5.07 -32.68 33.99
C GLY B 505 3.78 -31.90 34.02
N GLU B 506 3.11 -31.82 32.89
CA GLU B 506 1.80 -31.19 32.85
C GLU B 506 0.85 -31.95 33.76
N LYS B 507 0.01 -31.20 34.46
CA LYS B 507 -1.01 -31.76 35.36
C LYS B 507 -0.36 -32.67 36.41
N GLU B 508 0.51 -32.06 37.22
CA GLU B 508 1.23 -32.83 38.22
C GLU B 508 0.27 -33.29 39.30
N LEU B 509 0.36 -34.56 39.68
CA LEU B 509 -0.48 -35.05 40.75
C LEU B 509 -0.08 -34.47 42.10
N LEU B 510 1.18 -34.09 42.26
CA LEU B 510 1.59 -33.43 43.48
C LEU B 510 0.92 -32.07 43.64
N ALA B 511 0.76 -31.34 42.54
CA ALA B 511 0.01 -30.09 42.58
C ALA B 511 -1.44 -30.34 42.98
N HIS B 512 -2.03 -31.41 42.45
CA HIS B 512 -3.39 -31.77 42.83
C HIS B 512 -3.48 -32.09 44.32
N LEU B 513 -2.50 -32.83 44.84
CA LEU B 513 -2.51 -33.15 46.26
C LEU B 513 -2.35 -31.89 47.11
N ARG B 514 -1.47 -30.98 46.70
CA ARG B 514 -1.31 -29.73 47.44
C ARG B 514 -2.61 -28.93 47.43
N SER B 515 -3.27 -28.84 46.28
CA SER B 515 -4.53 -28.12 46.20
C SER B 515 -5.59 -28.75 47.09
N ILE B 516 -5.70 -30.08 47.06
CA ILE B 516 -6.67 -30.76 47.89
C ILE B 516 -6.37 -30.53 49.37
N LYS B 517 -5.09 -30.57 49.75
CA LYS B 517 -4.73 -30.32 51.14
C LYS B 517 -5.06 -28.90 51.56
N ARG B 518 -4.91 -27.94 50.66
CA ARG B 518 -5.17 -26.56 51.04
C ARG B 518 -6.59 -26.41 51.55
N TYR B 519 -7.56 -26.87 50.77
CA TYR B 519 -8.97 -26.66 51.06
C TYR B 519 -9.76 -27.95 51.26
N PHE B 520 -9.68 -28.90 50.32
CA PHE B 520 -10.39 -30.16 50.46
C PHE B 520 -9.95 -30.94 51.69
N LEU B 521 -8.65 -30.95 51.98
CA LEU B 521 -8.14 -31.53 53.23
C LEU B 521 -7.79 -30.45 54.24
N MET B 522 -8.27 -29.22 54.04
CA MET B 522 -8.37 -28.23 55.11
C MET B 522 -6.97 -27.93 55.67
N ASP B 523 -6.21 -27.24 54.83
CA ASP B 523 -4.94 -26.64 55.22
C ASP B 523 -5.03 -25.13 55.28
N GLN B 524 -6.25 -24.58 55.27
CA GLN B 524 -6.45 -23.13 55.28
C GLN B 524 -7.78 -22.86 55.96
N GLY B 525 -7.72 -22.51 57.24
CA GLY B 525 -8.91 -22.22 58.02
C GLY B 525 -9.21 -20.74 58.07
N ASP B 526 -8.23 -19.92 57.69
CA ASP B 526 -8.45 -18.48 57.65
C ASP B 526 -9.55 -18.15 56.65
N PHE B 527 -9.52 -18.82 55.50
CA PHE B 527 -10.70 -18.80 54.63
C PHE B 527 -11.89 -19.34 55.39
N PHE B 528 -11.70 -20.47 56.07
CA PHE B 528 -12.82 -21.18 56.67
C PHE B 528 -13.56 -20.26 57.63
N VAL B 529 -12.84 -19.37 58.31
CA VAL B 529 -13.47 -18.54 59.34
C VAL B 529 -14.54 -17.64 58.73
N HIS B 530 -14.21 -16.99 57.62
CA HIS B 530 -15.19 -16.09 57.02
C HIS B 530 -16.17 -16.83 56.13
N PHE B 531 -15.73 -17.91 55.48
CA PHE B 531 -16.67 -18.87 54.92
C PHE B 531 -17.76 -19.18 55.92
N MET B 532 -17.39 -19.43 57.18
CA MET B 532 -18.35 -19.81 58.20
C MET B 532 -19.18 -18.62 58.64
N ASP B 533 -18.53 -17.45 58.77
CA ASP B 533 -19.26 -16.23 59.08
C ASP B 533 -20.36 -15.98 58.06
N LEU B 534 -20.14 -16.35 56.81
CA LEU B 534 -21.06 -15.99 55.73
C LEU B 534 -22.07 -17.08 55.37
N THR B 535 -21.68 -18.35 55.47
CA THR B 535 -22.48 -19.43 54.88
C THR B 535 -23.78 -19.69 55.63
N GLU B 536 -23.75 -19.65 56.96
CA GLU B 536 -24.99 -19.96 57.68
C GLU B 536 -26.04 -18.88 57.52
N GLU B 537 -25.72 -17.74 56.91
CA GLU B 537 -26.77 -16.81 56.53
C GLU B 537 -27.71 -17.42 55.49
N GLU B 538 -27.29 -18.49 54.82
CA GLU B 538 -28.11 -19.15 53.81
C GLU B 538 -28.30 -20.65 54.03
N LEU B 539 -27.33 -21.33 54.64
CA LEU B 539 -27.49 -22.77 54.87
C LEU B 539 -28.72 -23.08 55.70
N LYS B 540 -29.20 -22.13 56.48
CA LYS B 540 -30.47 -22.29 57.17
C LYS B 540 -31.65 -22.29 56.21
N LYS B 541 -31.45 -21.92 54.95
CA LYS B 541 -32.54 -21.76 54.01
C LYS B 541 -32.49 -22.85 52.94
N PRO B 542 -33.63 -23.17 52.34
CA PRO B 542 -33.65 -24.12 51.23
C PRO B 542 -32.85 -23.65 50.02
N VAL B 543 -32.31 -24.62 49.28
CA VAL B 543 -31.55 -24.29 48.10
C VAL B 543 -32.48 -23.74 47.04
N ASP B 544 -31.90 -23.11 46.02
CA ASP B 544 -32.63 -22.43 44.96
C ASP B 544 -33.42 -21.25 45.50
N ASP B 545 -33.33 -20.99 46.80
CA ASP B 545 -33.87 -19.80 47.46
C ASP B 545 -32.77 -18.90 47.96
N ILE B 546 -31.57 -19.04 47.40
CA ILE B 546 -30.37 -18.39 47.90
C ILE B 546 -29.63 -17.76 46.72
N THR B 547 -28.46 -17.23 47.01
CA THR B 547 -27.58 -16.64 46.00
C THR B 547 -26.32 -17.48 45.85
N PRO B 548 -26.24 -18.35 44.86
CA PRO B 548 -25.00 -19.12 44.69
C PRO B 548 -23.81 -18.22 44.45
N THR B 549 -24.03 -17.08 43.79
CA THR B 549 -22.93 -16.21 43.41
C THR B 549 -22.07 -15.89 44.63
N ARG B 550 -22.72 -15.55 45.74
CA ARG B 550 -21.99 -15.16 46.95
C ARG B 550 -20.96 -16.21 47.31
N LEU B 551 -21.30 -17.48 47.13
CA LEU B 551 -20.34 -18.55 47.35
C LEU B 551 -19.00 -18.22 46.70
N GLU B 552 -18.98 -18.08 45.38
CA GLU B 552 -17.73 -17.78 44.70
C GLU B 552 -17.20 -16.39 45.06
N ALA B 553 -18.09 -15.45 45.36
CA ALA B 553 -17.63 -14.14 45.80
C ALA B 553 -16.78 -14.25 47.06
N LEU B 554 -17.08 -15.22 47.91
CA LEU B 554 -16.26 -15.49 49.08
C LEU B 554 -15.06 -16.36 48.72
N LEU B 555 -15.24 -17.27 47.76
CA LEU B 555 -14.15 -18.16 47.38
C LEU B 555 -12.97 -17.34 46.86
N GLU B 556 -13.24 -16.43 45.92
CA GLU B 556 -12.19 -15.52 45.46
C GLU B 556 -11.66 -14.67 46.60
N LEU B 557 -12.47 -14.43 47.63
CA LEU B 557 -11.97 -13.74 48.80
C LEU B 557 -10.93 -14.59 49.51
N ALA B 558 -11.15 -15.90 49.53
CA ALA B 558 -10.35 -16.76 50.39
C ALA B 558 -8.88 -16.68 50.00
N LEU B 559 -8.60 -16.74 48.70
CA LEU B 559 -7.22 -16.70 48.25
C LEU B 559 -6.56 -15.36 48.55
N ARG B 560 -7.34 -14.34 48.90
CA ARG B 560 -6.74 -13.08 49.34
C ARG B 560 -5.88 -13.29 50.58
N MET B 561 -6.38 -14.08 51.53
CA MET B 561 -5.57 -14.48 52.68
C MET B 561 -4.87 -15.80 52.41
N PRO B 605 -25.57 -49.13 47.80
CA PRO B 605 -25.27 -47.97 46.96
C PRO B 605 -25.75 -46.66 47.58
N THR B 606 -27.04 -46.59 47.89
CA THR B 606 -27.56 -45.40 48.58
C THR B 606 -27.09 -45.35 50.02
N GLU B 607 -26.81 -46.51 50.63
CA GLU B 607 -26.11 -46.51 51.90
C GLU B 607 -24.63 -46.22 51.74
N LEU B 608 -24.11 -46.41 50.52
CA LEU B 608 -22.75 -46.03 50.18
C LEU B 608 -22.65 -44.55 49.86
N THR B 609 -23.77 -43.83 49.80
CA THR B 609 -23.77 -42.39 49.64
C THR B 609 -24.52 -41.66 50.74
N LEU B 610 -25.13 -42.36 51.68
CA LEU B 610 -25.86 -41.70 52.75
C LEU B 610 -27.05 -40.94 52.18
N SER B 611 -28.01 -40.61 53.04
CA SER B 611 -29.09 -39.69 52.70
C SER B 611 -28.89 -38.29 53.24
N GLY B 612 -27.90 -38.08 54.11
CA GLY B 612 -27.66 -36.75 54.63
C GLY B 612 -26.79 -35.87 53.76
N LEU B 613 -26.50 -36.30 52.53
CA LEU B 613 -25.71 -35.47 51.63
C LEU B 613 -26.51 -34.22 51.26
N GLU B 614 -25.82 -33.08 51.20
CA GLU B 614 -26.39 -31.86 50.68
C GLU B 614 -26.37 -31.84 49.16
N ALA B 615 -27.24 -31.03 48.58
CA ALA B 615 -27.28 -30.91 47.12
C ALA B 615 -25.92 -30.45 46.61
N PHE B 616 -25.35 -29.42 47.23
CA PHE B 616 -23.98 -29.03 46.93
C PHE B 616 -23.53 -28.00 47.95
N SER B 617 -22.25 -28.10 48.36
CA SER B 617 -21.65 -27.09 49.23
C SER B 617 -20.21 -26.78 48.84
N PHE B 618 -19.71 -27.30 47.71
CA PHE B 618 -18.33 -27.07 47.30
C PHE B 618 -18.26 -27.10 45.78
N ASP B 619 -17.13 -26.64 45.25
CA ASP B 619 -16.93 -26.58 43.80
C ASP B 619 -15.44 -26.61 43.50
N TYR B 620 -15.03 -27.55 42.64
CA TYR B 620 -13.70 -27.55 42.08
C TYR B 620 -13.71 -28.39 40.81
N VAL B 621 -12.84 -28.03 39.87
CA VAL B 621 -12.82 -28.66 38.56
C VAL B 621 -11.42 -29.17 38.26
N VAL B 622 -11.37 -30.20 37.43
CA VAL B 622 -10.11 -30.81 37.01
C VAL B 622 -9.97 -30.60 35.51
N THR B 623 -8.83 -31.01 34.95
CA THR B 623 -8.53 -30.85 33.54
C THR B 623 -8.41 -32.22 32.91
N TRP B 624 -8.26 -32.24 31.58
CA TRP B 624 -8.25 -33.52 30.88
C TRP B 624 -7.13 -34.42 31.39
N PRO B 625 -5.88 -33.96 31.48
CA PRO B 625 -4.85 -34.84 32.04
C PRO B 625 -5.10 -35.18 33.51
N LEU B 626 -5.53 -34.19 34.30
CA LEU B 626 -5.82 -34.43 35.70
C LEU B 626 -7.02 -35.36 35.87
N SER B 627 -8.03 -35.23 35.01
CA SER B 627 -9.16 -36.13 35.05
C SER B 627 -8.74 -37.56 34.79
N LEU B 628 -7.67 -37.75 34.03
CA LEU B 628 -7.18 -39.09 33.74
C LEU B 628 -6.86 -39.85 35.01
N ILE B 629 -6.52 -39.12 36.09
CA ILE B 629 -6.11 -39.73 37.34
C ILE B 629 -7.23 -39.72 38.37
N ILE B 630 -7.74 -38.54 38.73
CA ILE B 630 -8.73 -38.46 39.80
C ILE B 630 -10.13 -38.51 39.19
N ASN B 631 -10.92 -39.48 39.65
CA ASN B 631 -12.29 -39.67 39.19
C ASN B 631 -13.24 -38.76 39.95
N ARG B 632 -14.49 -38.75 39.49
CA ARG B 632 -15.54 -38.02 40.21
C ARG B 632 -15.82 -38.63 41.58
N LYS B 633 -15.71 -39.95 41.69
CA LYS B 633 -16.04 -40.60 42.96
C LYS B 633 -15.10 -40.13 44.08
N ALA B 634 -13.82 -40.01 43.77
CA ALA B 634 -12.87 -39.50 44.75
C ALA B 634 -13.24 -38.08 45.16
N LEU B 635 -13.64 -37.25 44.20
CA LEU B 635 -14.06 -35.90 44.52
C LEU B 635 -15.28 -35.91 45.43
N THR B 636 -16.24 -36.79 45.16
CA THR B 636 -17.40 -36.91 46.02
C THR B 636 -17.01 -37.33 47.43
N ARG B 637 -16.07 -38.26 47.55
CA ARG B 637 -15.63 -38.68 48.88
C ARG B 637 -14.94 -37.54 49.61
N TYR B 638 -14.12 -36.77 48.89
CA TYR B 638 -13.49 -35.59 49.50
C TYR B 638 -14.55 -34.61 49.95
N GLN B 639 -15.58 -34.40 49.13
CA GLN B 639 -16.64 -33.48 49.48
C GLN B 639 -17.39 -33.95 50.70
N MET B 640 -17.65 -35.26 50.80
CA MET B 640 -18.35 -35.79 51.98
C MET B 640 -17.52 -35.59 53.24
N LEU B 641 -16.23 -35.90 53.18
CA LEU B 641 -15.40 -35.69 54.36
C LEU B 641 -15.33 -34.22 54.72
N PHE B 642 -15.25 -33.35 53.72
CA PHE B 642 -15.26 -31.92 53.97
C PHE B 642 -16.57 -31.46 54.60
N ARG B 643 -17.69 -32.06 54.18
CA ARG B 643 -18.96 -31.73 54.83
C ARG B 643 -18.98 -32.18 56.28
N HIS B 644 -18.42 -33.35 56.55
CA HIS B 644 -18.33 -33.81 57.94
C HIS B 644 -17.51 -32.82 58.77
N MET B 645 -16.35 -32.44 58.27
CA MET B 645 -15.54 -31.46 58.97
C MET B 645 -16.26 -30.13 59.13
N PHE B 646 -16.94 -29.67 58.09
CA PHE B 646 -17.73 -28.45 58.18
C PHE B 646 -18.72 -28.53 59.34
N TYR B 647 -19.43 -29.64 59.44
CA TYR B 647 -20.36 -29.83 60.54
C TYR B 647 -19.65 -29.71 61.87
N CYS B 648 -18.58 -30.48 62.03
CA CYS B 648 -17.85 -30.48 63.30
C CYS B 648 -17.40 -29.07 63.65
N LYS B 649 -16.85 -28.37 62.67
CA LYS B 649 -16.21 -27.09 62.93
C LYS B 649 -17.26 -26.05 63.27
N HIS B 650 -18.39 -26.06 62.55
CA HIS B 650 -19.39 -25.05 62.82
C HIS B 650 -20.01 -25.29 64.19
N VAL B 651 -20.21 -26.55 64.57
CA VAL B 651 -20.65 -26.82 65.93
C VAL B 651 -19.62 -26.28 66.93
N GLU B 652 -18.35 -26.51 66.62
CA GLU B 652 -17.27 -26.11 67.52
C GLU B 652 -17.30 -24.62 67.77
N ARG B 653 -17.32 -23.83 66.70
CA ARG B 653 -17.26 -22.40 66.92
C ARG B 653 -18.59 -21.79 67.27
N GLN B 654 -19.71 -22.48 67.08
CA GLN B 654 -20.94 -22.09 67.75
C GLN B 654 -20.73 -22.12 69.26
N LEU B 655 -20.20 -23.24 69.75
CA LEU B 655 -19.92 -23.36 71.17
C LEU B 655 -18.92 -22.30 71.62
N CYS B 656 -17.89 -22.07 70.81
CA CYS B 656 -16.88 -21.08 71.13
C CYS B 656 -17.50 -19.69 71.26
N SER B 657 -18.39 -19.33 70.33
CA SER B 657 -19.00 -18.01 70.35
C SER B 657 -19.91 -17.86 71.57
N VAL B 658 -20.76 -18.85 71.82
CA VAL B 658 -21.66 -18.73 72.96
C VAL B 658 -20.89 -18.76 74.27
N TRP B 659 -19.64 -19.23 74.24
CA TRP B 659 -18.90 -19.40 75.48
C TRP B 659 -18.69 -18.06 76.17
N ILE B 660 -18.45 -17.01 75.39
CA ILE B 660 -17.99 -15.76 75.96
C ILE B 660 -19.00 -15.27 76.98
N SER B 661 -18.51 -14.98 78.18
CA SER B 661 -19.33 -14.44 79.26
C SER B 661 -18.38 -13.92 80.32
N ASN B 662 -18.91 -13.12 81.25
CA ASN B 662 -18.12 -12.58 82.36
C ASN B 662 -18.81 -12.89 83.67
N LYS B 663 -18.01 -12.88 84.74
CA LYS B 663 -18.51 -13.13 86.09
C LYS B 663 -19.09 -14.54 86.20
N TRP B 675 -24.32 -16.95 87.95
CA TRP B 675 -23.87 -17.92 88.94
C TRP B 675 -24.79 -19.12 88.97
N PHE B 676 -26.07 -18.88 89.27
CA PHE B 676 -27.06 -19.94 89.30
C PHE B 676 -27.44 -20.45 87.92
N ALA B 677 -27.01 -19.80 86.84
CA ALA B 677 -27.22 -20.38 85.52
C ALA B 677 -26.51 -21.72 85.39
N GLY B 678 -25.27 -21.81 85.86
CA GLY B 678 -24.58 -23.08 85.84
C GLY B 678 -24.28 -23.56 84.44
N ALA B 679 -24.23 -24.89 84.30
CA ALA B 679 -24.05 -25.60 83.04
C ALA B 679 -22.70 -25.33 82.39
N PHE B 680 -21.79 -24.68 83.09
CA PHE B 680 -20.48 -24.44 82.52
C PHE B 680 -19.75 -25.76 82.26
N THR B 681 -19.88 -26.70 83.19
CA THR B 681 -19.27 -28.01 83.03
C THR B 681 -19.83 -28.75 81.82
N LEU B 682 -21.14 -28.66 81.60
CA LEU B 682 -21.72 -29.35 80.46
C LEU B 682 -21.12 -28.85 79.16
N ARG B 683 -21.09 -27.53 78.98
CA ARG B 683 -20.54 -26.97 77.75
C ARG B 683 -19.05 -27.28 77.63
N GLN B 684 -18.30 -27.21 78.73
CA GLN B 684 -16.87 -27.52 78.65
C GLN B 684 -16.66 -28.98 78.27
N ARG B 685 -17.46 -29.87 78.83
CA ARG B 685 -17.36 -31.29 78.50
C ARG B 685 -17.64 -31.52 77.03
N MET B 686 -18.75 -30.97 76.52
CA MET B 686 -19.09 -31.20 75.13
C MET B 686 -18.04 -30.60 74.20
N LEU B 687 -17.50 -29.43 74.58
CA LEU B 687 -16.47 -28.80 73.77
C LEU B 687 -15.23 -29.67 73.72
N ASN B 688 -14.78 -30.16 74.87
CA ASN B 688 -13.60 -31.01 74.89
C ASN B 688 -13.83 -32.28 74.09
N PHE B 689 -15.01 -32.88 74.22
CA PHE B 689 -15.31 -34.09 73.47
C PHE B 689 -15.21 -33.83 71.97
N VAL B 690 -15.87 -32.79 71.48
CA VAL B 690 -15.87 -32.56 70.04
C VAL B 690 -14.48 -32.15 69.56
N GLN B 691 -13.74 -31.38 70.37
CA GLN B 691 -12.38 -31.02 69.99
C GLN B 691 -11.51 -32.27 69.85
N ASN B 692 -11.59 -33.16 70.83
CA ASN B 692 -10.80 -34.38 70.77
C ASN B 692 -11.20 -35.21 69.56
N ILE B 693 -12.50 -35.34 69.29
CA ILE B 693 -12.93 -36.12 68.14
C ILE B 693 -12.33 -35.54 66.87
N GLN B 694 -12.48 -34.23 66.68
CA GLN B 694 -11.96 -33.59 65.48
C GLN B 694 -10.47 -33.86 65.33
N SER B 695 -9.70 -33.56 66.39
CA SER B 695 -8.25 -33.65 66.28
C SER B 695 -7.82 -35.09 66.02
N TYR B 696 -8.27 -36.02 66.85
CA TYR B 696 -7.84 -37.41 66.69
C TYR B 696 -8.22 -37.93 65.32
N MET B 697 -9.47 -37.74 64.91
CA MET B 697 -9.89 -38.26 63.62
C MET B 697 -9.02 -37.70 62.51
N MET B 698 -8.90 -36.36 62.46
CA MET B 698 -8.19 -35.74 61.35
C MET B 698 -6.73 -36.17 61.33
N PHE B 699 -6.03 -36.03 62.45
CA PHE B 699 -4.64 -36.48 62.50
C PHE B 699 -4.54 -37.93 62.04
N GLU B 700 -5.15 -38.83 62.81
CA GLU B 700 -4.99 -40.26 62.61
C GLU B 700 -5.26 -40.64 61.16
N VAL B 701 -6.32 -40.10 60.57
CA VAL B 701 -6.70 -40.51 59.24
C VAL B 701 -5.84 -39.82 58.20
N MET B 702 -5.88 -38.49 58.13
CA MET B 702 -5.29 -37.84 56.98
C MET B 702 -3.77 -37.83 57.05
N GLU B 703 -3.17 -37.55 58.22
CA GLU B 703 -1.73 -37.33 58.23
C GLU B 703 -1.01 -38.56 57.70
N PRO B 704 -1.09 -39.71 58.37
CA PRO B 704 -0.30 -40.86 57.91
C PRO B 704 -0.79 -41.41 56.60
N THR B 705 -2.11 -41.46 56.39
CA THR B 705 -2.64 -41.98 55.14
C THR B 705 -2.15 -41.14 53.96
N TRP B 706 -2.24 -39.81 54.09
CA TRP B 706 -1.77 -38.94 53.02
C TRP B 706 -0.27 -39.09 52.80
N HIS B 707 0.51 -39.13 53.89
CA HIS B 707 1.96 -39.23 53.73
C HIS B 707 2.34 -40.56 53.08
N VAL B 708 1.71 -41.65 53.50
CA VAL B 708 2.00 -42.95 52.90
C VAL B 708 1.57 -42.99 51.45
N LEU B 709 0.45 -42.36 51.11
CA LEU B 709 0.07 -42.27 49.71
C LEU B 709 1.13 -41.52 48.91
N GLU B 710 1.63 -40.42 49.48
CA GLU B 710 2.71 -39.67 48.83
C GLU B 710 3.91 -40.56 48.58
N GLN B 711 4.32 -41.31 49.61
CA GLN B 711 5.49 -42.16 49.47
C GLN B 711 5.26 -43.25 48.44
N ASN B 712 4.07 -43.87 48.46
CA ASN B 712 3.77 -44.91 47.48
C ASN B 712 3.83 -44.36 46.06
N LEU B 713 3.25 -43.19 45.84
CA LEU B 713 3.28 -42.60 44.51
C LEU B 713 4.71 -42.24 44.09
N ARG B 714 5.48 -41.68 45.01
CA ARG B 714 6.86 -41.33 44.69
C ARG B 714 7.71 -42.56 44.41
N SER B 715 7.40 -43.68 45.05
CA SER B 715 8.10 -44.93 44.80
C SER B 715 7.59 -45.68 43.58
N ALA B 716 6.42 -45.33 43.05
CA ALA B 716 5.83 -46.08 41.96
C ALA B 716 5.98 -45.33 40.64
N SER B 717 5.95 -46.10 39.55
CA SER B 717 5.95 -45.55 38.20
C SER B 717 4.86 -46.14 37.32
N ASN B 718 4.21 -47.22 37.73
CA ASN B 718 3.13 -47.80 36.96
C ASN B 718 1.89 -46.93 37.15
N ILE B 719 1.39 -46.34 36.06
CA ILE B 719 0.24 -45.45 36.19
C ILE B 719 -0.96 -46.22 36.74
N ASP B 720 -1.12 -47.47 36.32
CA ASP B 720 -2.17 -48.29 36.90
C ASP B 720 -1.90 -48.55 38.37
N ASP B 721 -0.64 -48.78 38.72
CA ASP B 721 -0.27 -48.92 40.12
C ASP B 721 -0.47 -47.61 40.88
N VAL B 722 -0.19 -46.48 40.23
CA VAL B 722 -0.50 -45.19 40.84
C VAL B 722 -1.98 -45.09 41.17
N LEU B 723 -2.83 -45.46 40.21
CA LEU B 723 -4.27 -45.40 40.45
C LEU B 723 -4.67 -46.36 41.57
N GLY B 724 -4.03 -47.53 41.63
CA GLY B 724 -4.28 -48.43 42.73
C GLY B 724 -3.90 -47.83 44.07
N HIS B 725 -2.74 -47.17 44.12
CA HIS B 725 -2.33 -46.49 45.35
C HIS B 725 -3.36 -45.46 45.78
N HIS B 726 -3.80 -44.61 44.85
CA HIS B 726 -4.76 -43.58 45.19
C HIS B 726 -6.07 -44.19 45.65
N ALA B 727 -6.53 -45.24 44.95
CA ALA B 727 -7.78 -45.90 45.32
C ALA B 727 -7.68 -46.51 46.70
N SER B 728 -6.55 -47.15 47.00
CA SER B 728 -6.35 -47.72 48.32
C SER B 728 -6.37 -46.64 49.40
N PHE B 729 -5.68 -45.54 49.16
CA PHE B 729 -5.67 -44.47 50.15
C PHE B 729 -7.08 -43.94 50.38
N LEU B 730 -7.82 -43.72 49.30
CA LEU B 730 -9.17 -43.20 49.43
C LEU B 730 -10.08 -44.18 50.15
N ASP B 731 -9.98 -45.47 49.80
CA ASP B 731 -10.80 -46.48 50.45
C ASP B 731 -10.46 -46.61 51.93
N ASN B 732 -9.18 -46.50 52.27
CA ASN B 732 -8.78 -46.58 53.67
C ASN B 732 -9.34 -45.39 54.45
N CYS B 733 -9.22 -44.19 53.90
CA CYS B 733 -9.80 -43.03 54.57
C CYS B 733 -11.31 -43.20 54.68
N LEU B 734 -11.91 -43.80 53.66
CA LEU B 734 -13.33 -44.13 53.71
C LEU B 734 -13.64 -45.09 54.86
N LYS B 735 -12.81 -46.12 55.03
CA LYS B 735 -13.04 -47.04 56.12
C LYS B 735 -12.76 -46.39 57.47
N ASP B 736 -12.30 -45.14 57.47
CA ASP B 736 -11.95 -44.40 58.66
C ASP B 736 -12.84 -43.16 58.72
N CYS B 737 -12.50 -42.25 59.61
CA CYS B 737 -13.21 -40.97 59.71
C CYS B 737 -14.61 -41.16 60.26
N MET B 738 -15.56 -40.34 59.81
CA MET B 738 -16.93 -40.47 60.28
C MET B 738 -17.50 -41.85 59.94
N LEU B 739 -17.18 -42.35 58.76
CA LEU B 739 -17.59 -43.71 58.39
C LEU B 739 -16.49 -44.69 58.73
N THR B 740 -15.96 -44.59 59.96
CA THR B 740 -15.27 -45.74 60.53
C THR B 740 -16.25 -46.83 60.93
N ASN B 741 -17.49 -46.47 61.23
CA ASN B 741 -18.59 -47.43 61.33
C ASN B 741 -19.74 -47.03 60.42
N PRO B 742 -19.90 -47.66 59.25
CA PRO B 742 -20.98 -47.24 58.35
C PRO B 742 -22.38 -47.54 58.89
N GLU B 743 -22.47 -48.13 60.08
CA GLU B 743 -23.72 -48.45 60.75
C GLU B 743 -23.70 -47.94 62.18
N LEU B 744 -23.13 -46.75 62.37
CA LEU B 744 -23.02 -46.18 63.71
C LEU B 744 -24.40 -46.05 64.36
N LEU B 745 -25.35 -45.42 63.70
CA LEU B 745 -25.26 -44.76 62.39
C LEU B 745 -25.51 -43.28 62.56
N ARG B 746 -24.43 -42.52 62.46
CA ARG B 746 -24.47 -41.08 62.67
C ARG B 746 -25.12 -40.76 64.02
N VAL B 747 -24.77 -41.56 65.03
CA VAL B 747 -25.20 -41.24 66.38
C VAL B 747 -24.50 -39.97 66.85
N PHE B 748 -23.24 -39.80 66.46
CA PHE B 748 -22.56 -38.54 66.75
C PHE B 748 -23.27 -37.38 66.07
N SER B 749 -23.95 -37.66 64.96
CA SER B 749 -24.78 -36.64 64.34
C SER B 749 -25.92 -36.22 65.27
N LYS B 750 -26.55 -37.19 65.93
CA LYS B 750 -27.57 -36.86 66.91
C LYS B 750 -26.97 -36.09 68.07
N LEU B 751 -25.76 -36.47 68.49
CA LEU B 751 -25.09 -35.73 69.56
C LEU B 751 -24.89 -34.28 69.17
N MET B 752 -24.36 -34.03 67.98
CA MET B 752 -24.13 -32.66 67.56
C MET B 752 -25.44 -31.92 67.32
N SER B 753 -26.48 -32.61 66.89
CA SER B 753 -27.78 -31.96 66.71
C SER B 753 -28.32 -31.46 68.05
N VAL B 754 -28.27 -32.32 69.06
CA VAL B 754 -28.75 -31.89 70.38
C VAL B 754 -27.83 -30.82 70.94
N CYS B 755 -26.54 -30.89 70.62
CA CYS B 755 -25.61 -29.87 71.07
C CYS B 755 -25.98 -28.51 70.47
N VAL B 756 -26.29 -28.48 69.18
CA VAL B 756 -26.61 -27.22 68.55
C VAL B 756 -27.96 -26.71 69.03
N MET B 757 -28.89 -27.62 69.32
CA MET B 757 -30.14 -27.19 69.93
C MET B 757 -29.90 -26.56 71.29
N PHE B 758 -29.01 -27.15 72.09
CA PHE B 758 -28.65 -26.54 73.37
C PHE B 758 -28.03 -25.17 73.19
N THR B 759 -27.11 -25.03 72.24
CA THR B 759 -26.49 -23.74 72.01
C THR B 759 -27.51 -22.70 71.58
N ASN B 760 -28.42 -23.07 70.69
CA ASN B 760 -29.44 -22.14 70.23
C ASN B 760 -30.36 -21.72 71.38
N CYS B 761 -30.80 -22.68 72.20
CA CYS B 761 -31.66 -22.33 73.32
C CYS B 761 -30.93 -21.45 74.32
N LEU B 762 -29.65 -21.74 74.56
CA LEU B 762 -28.86 -20.89 75.45
C LEU B 762 -28.79 -19.47 74.92
N GLN B 763 -28.56 -19.30 73.62
CA GLN B 763 -28.51 -17.96 73.06
C GLN B 763 -29.88 -17.29 73.15
N ARG B 764 -30.94 -18.04 72.90
CA ARG B 764 -32.29 -17.53 73.09
C ARG B 764 -32.46 -16.97 74.49
N PHE B 765 -32.10 -17.76 75.51
CA PHE B 765 -32.34 -17.37 76.88
C PHE B 765 -31.44 -16.20 77.28
N THR B 766 -30.20 -16.21 76.82
CA THR B 766 -29.30 -15.10 77.12
C THR B 766 -29.82 -13.80 76.50
N GLN B 767 -30.22 -13.85 75.23
CA GLN B 767 -30.78 -12.67 74.58
C GLN B 767 -32.04 -12.21 75.28
N SER B 768 -32.86 -13.16 75.74
CA SER B 768 -34.07 -12.79 76.49
C SER B 768 -33.71 -12.08 77.78
N MET B 769 -32.79 -12.65 78.54
CA MET B 769 -32.45 -12.12 79.86
C MET B 769 -31.55 -10.89 79.78
N LYS B 770 -30.88 -10.67 78.65
CA LYS B 770 -30.10 -9.46 78.46
C LYS B 770 -30.98 -8.36 77.87
N LEU B 817 -38.51 -19.20 82.63
CA LEU B 817 -37.72 -18.62 83.72
C LEU B 817 -36.38 -19.31 83.84
N ALA B 818 -35.53 -18.80 84.75
CA ALA B 818 -34.24 -19.44 84.97
C ALA B 818 -34.41 -20.84 85.55
N SER B 819 -35.53 -21.08 86.23
CA SER B 819 -35.83 -22.43 86.68
C SER B 819 -36.03 -23.35 85.48
N SER B 820 -36.82 -22.89 84.50
CA SER B 820 -36.95 -23.62 83.25
C SER B 820 -35.63 -23.70 82.52
N PHE B 821 -34.79 -22.67 82.62
CA PHE B 821 -33.48 -22.74 82.00
C PHE B 821 -32.65 -23.87 82.59
N GLU B 822 -32.65 -24.00 83.92
CA GLU B 822 -31.90 -25.08 84.55
C GLU B 822 -32.53 -26.44 84.27
N ALA B 823 -33.85 -26.51 84.19
CA ALA B 823 -34.50 -27.76 83.83
C ALA B 823 -34.13 -28.20 82.42
N THR B 824 -34.11 -27.27 81.47
CA THR B 824 -33.66 -27.58 80.13
C THR B 824 -32.20 -27.99 80.13
N ILE B 825 -31.38 -27.31 80.93
CA ILE B 825 -29.97 -27.70 81.06
C ILE B 825 -29.87 -29.15 81.51
N THR B 826 -30.65 -29.53 82.52
CA THR B 826 -30.62 -30.90 83.00
C THR B 826 -31.08 -31.88 81.93
N LYS B 827 -32.13 -31.53 81.20
CA LYS B 827 -32.62 -32.39 80.14
C LYS B 827 -31.55 -32.58 79.06
N PHE B 828 -30.91 -31.48 78.66
CA PHE B 828 -29.89 -31.56 77.62
C PHE B 828 -28.67 -32.34 78.11
N ASP B 829 -28.32 -32.19 79.38
CA ASP B 829 -27.24 -33.00 79.93
C ASP B 829 -27.59 -34.47 79.88
N LYS B 830 -28.84 -34.82 80.20
CA LYS B 830 -29.26 -36.20 80.13
C LYS B 830 -29.18 -36.75 78.71
N ASN B 831 -29.65 -35.97 77.74
CA ASN B 831 -29.58 -36.41 76.35
C ASN B 831 -28.14 -36.58 75.91
N PHE B 832 -27.28 -35.61 76.26
CA PHE B 832 -25.87 -35.70 75.89
C PHE B 832 -25.22 -36.93 76.50
N SER B 833 -25.49 -37.19 77.78
CA SER B 833 -24.92 -38.35 78.43
C SER B 833 -25.40 -39.65 77.76
N ALA B 834 -26.67 -39.70 77.41
CA ALA B 834 -27.19 -40.90 76.75
C ALA B 834 -26.49 -41.13 75.42
N HIS B 835 -26.42 -40.10 74.59
CA HIS B 835 -25.76 -40.24 73.31
C HIS B 835 -24.28 -40.59 73.49
N LEU B 836 -23.62 -39.95 74.45
CA LEU B 836 -22.21 -40.25 74.71
C LEU B 836 -22.02 -41.69 75.11
N LEU B 837 -22.89 -42.21 75.98
CA LEU B 837 -22.77 -43.60 76.40
C LEU B 837 -22.98 -44.53 75.22
N ASP B 838 -23.96 -44.23 74.38
CA ASP B 838 -24.20 -45.07 73.21
C ASP B 838 -22.98 -45.08 72.29
N LEU B 839 -22.40 -43.91 72.04
CA LEU B 839 -21.25 -43.83 71.15
C LEU B 839 -20.03 -44.51 71.76
N LEU B 840 -19.84 -44.37 73.07
CA LEU B 840 -18.75 -45.06 73.73
C LEU B 840 -18.92 -46.57 73.62
N ALA B 841 -20.16 -47.04 73.79
CA ALA B 841 -20.42 -48.47 73.64
C ALA B 841 -20.12 -48.93 72.22
N ARG B 842 -20.53 -48.16 71.22
CA ARG B 842 -20.26 -48.55 69.84
C ARG B 842 -18.76 -48.60 69.58
N LEU B 843 -18.01 -47.63 70.08
CA LEU B 843 -16.56 -47.65 69.92
C LEU B 843 -15.94 -48.85 70.61
N SER B 844 -16.39 -49.12 71.84
CA SER B 844 -15.81 -50.19 72.64
C SER B 844 -16.09 -51.56 72.04
N ILE B 845 -17.27 -51.72 71.42
CA ILE B 845 -17.64 -52.98 70.79
C ILE B 845 -16.70 -53.24 69.62
N TYR B 846 -16.77 -52.41 68.59
CA TYR B 846 -15.73 -52.48 67.57
C TYR B 846 -15.91 -51.34 66.58
N SER B 847 -14.78 -50.83 66.09
CA SER B 847 -14.78 -49.81 65.05
C SER B 847 -14.05 -50.33 63.82
N MET B 855 -12.36 -49.57 67.54
CA MET B 855 -11.21 -48.75 67.85
C MET B 855 -11.51 -47.80 69.01
N ALA B 856 -10.79 -48.00 70.10
CA ALA B 856 -10.95 -47.19 71.30
C ALA B 856 -9.79 -46.24 71.49
N SER B 857 -8.95 -46.08 70.47
CA SER B 857 -7.87 -45.11 70.58
C SER B 857 -8.43 -43.73 70.85
N VAL B 858 -9.55 -43.40 70.21
CA VAL B 858 -10.23 -42.18 70.59
C VAL B 858 -10.74 -42.32 72.02
N ILE B 859 -11.28 -43.49 72.35
CA ILE B 859 -11.72 -43.71 73.73
C ILE B 859 -10.53 -43.67 74.65
N SER B 860 -9.35 -44.07 74.14
CA SER B 860 -8.11 -43.94 74.90
C SER B 860 -7.83 -42.49 75.22
N ARG B 861 -8.06 -41.60 74.25
CA ARG B 861 -7.92 -40.17 74.53
C ARG B 861 -9.00 -39.72 75.52
N LEU B 862 -10.20 -40.28 75.40
CA LEU B 862 -11.33 -39.81 76.18
C LEU B 862 -11.08 -39.99 77.68
N ASP B 863 -10.53 -41.13 78.07
CA ASP B 863 -10.29 -41.40 79.48
C ASP B 863 -8.94 -40.83 79.90
N GLU B 870 -16.39 -34.60 81.48
CA GLU B 870 -17.36 -35.67 81.72
C GLU B 870 -16.85 -36.64 82.78
N ARG B 871 -16.20 -37.72 82.32
CA ARG B 871 -15.60 -38.69 83.22
C ARG B 871 -14.30 -39.18 82.59
N LEU B 872 -13.26 -39.29 83.41
CA LEU B 872 -12.08 -40.04 83.01
C LEU B 872 -12.35 -41.54 82.92
N GLU B 873 -13.41 -42.02 83.57
CA GLU B 873 -13.64 -43.44 83.77
C GLU B 873 -14.88 -43.87 83.00
N ARG B 874 -15.21 -45.15 83.12
CA ARG B 874 -16.36 -45.72 82.46
C ARG B 874 -17.58 -45.64 83.37
N LEU B 875 -18.64 -46.35 83.01
CA LEU B 875 -19.86 -46.39 83.81
C LEU B 875 -19.54 -46.75 85.26
N LYS C 7 44.74 -90.12 -16.05
CA LYS C 7 45.15 -88.76 -16.37
C LYS C 7 44.40 -87.75 -15.51
N SER C 8 43.17 -88.09 -15.16
CA SER C 8 42.27 -87.17 -14.50
C SER C 8 42.89 -86.65 -13.20
N PRO C 9 43.06 -87.52 -12.20
CA PRO C 9 43.40 -87.01 -10.86
C PRO C 9 44.68 -86.19 -10.82
N ASN C 10 45.69 -86.56 -11.59
CA ASN C 10 46.93 -85.79 -11.59
C ASN C 10 46.70 -84.37 -12.06
N VAL C 11 46.02 -84.22 -13.19
CA VAL C 11 45.79 -82.89 -13.74
C VAL C 11 44.85 -82.10 -12.85
N LEU C 12 43.85 -82.78 -12.27
CA LEU C 12 42.98 -82.16 -11.29
C LEU C 12 43.79 -81.56 -10.15
N LEU C 13 44.64 -82.37 -9.51
CA LEU C 13 45.40 -81.89 -8.37
C LEU C 13 46.34 -80.76 -8.78
N GLN C 14 47.01 -80.91 -9.93
CA GLN C 14 47.94 -79.88 -10.37
C GLN C 14 47.22 -78.55 -10.56
N ASN C 15 46.08 -78.58 -11.26
CA ASN C 15 45.33 -77.35 -11.50
C ASN C 15 44.85 -76.77 -10.18
N LEU C 16 44.20 -77.58 -9.35
CA LEU C 16 43.59 -77.07 -8.13
C LEU C 16 44.63 -76.55 -7.16
N CYS C 17 45.87 -77.01 -7.25
CA CYS C 17 46.92 -76.49 -6.38
C CYS C 17 47.52 -75.22 -6.99
N CYS C 18 48.01 -75.31 -8.23
CA CYS C 18 48.70 -74.17 -8.81
C CYS C 18 47.76 -73.01 -9.09
N ARG C 19 46.46 -73.28 -9.21
CA ARG C 19 45.49 -72.26 -9.61
C ARG C 19 44.73 -71.70 -8.41
N ILE C 20 44.10 -72.57 -7.63
CA ILE C 20 43.30 -72.11 -6.51
C ILE C 20 44.19 -71.42 -5.48
N LEU C 21 45.33 -72.02 -5.17
CA LEU C 21 46.30 -71.45 -4.26
C LEU C 21 47.48 -70.87 -5.05
N GLY C 22 48.13 -69.89 -4.47
CA GLY C 22 49.33 -69.34 -5.08
C GLY C 22 50.55 -70.20 -4.91
N LYS C 23 50.43 -71.27 -4.11
CA LYS C 23 51.49 -72.23 -3.90
C LYS C 23 51.25 -73.41 -4.83
N SER C 24 52.30 -73.88 -5.50
CA SER C 24 52.18 -75.01 -6.39
C SER C 24 52.07 -76.31 -5.60
N GLU C 25 51.67 -77.38 -6.31
CA GLU C 25 51.59 -78.70 -5.69
C GLU C 25 52.97 -79.27 -5.36
N ALA C 26 54.04 -78.67 -5.89
CA ALA C 26 55.40 -79.04 -5.53
C ALA C 26 55.91 -78.23 -4.35
N ASP C 27 55.13 -77.27 -3.86
CA ASP C 27 55.45 -76.49 -2.67
C ASP C 27 54.67 -76.89 -1.43
N VAL C 28 53.36 -77.11 -1.55
CA VAL C 28 52.53 -77.61 -0.45
C VAL C 28 52.03 -79.00 -0.82
N ALA C 29 52.29 -79.97 0.05
CA ALA C 29 52.07 -81.38 -0.25
C ALA C 29 50.82 -81.96 0.41
N GLN C 30 50.61 -81.71 1.70
CA GLN C 30 49.47 -82.31 2.38
C GLN C 30 48.13 -81.76 1.90
N GLN C 31 48.11 -80.59 1.27
CA GLN C 31 46.82 -79.99 0.91
C GLN C 31 46.14 -80.85 -0.15
N PHE C 32 46.87 -81.18 -1.21
CA PHE C 32 46.31 -82.01 -2.26
C PHE C 32 46.05 -83.42 -1.74
N GLN C 33 46.84 -83.87 -0.76
CA GLN C 33 46.59 -85.16 -0.15
C GLN C 33 45.23 -85.19 0.53
N TYR C 34 44.95 -84.18 1.36
CA TYR C 34 43.63 -84.10 1.98
C TYR C 34 42.54 -83.99 0.93
N ALA C 35 42.79 -83.21 -0.12
CA ALA C 35 41.77 -83.03 -1.16
C ALA C 35 41.45 -84.36 -1.83
N VAL C 36 42.48 -85.11 -2.22
CA VAL C 36 42.26 -86.37 -2.93
C VAL C 36 41.66 -87.43 -2.02
N ARG C 37 42.00 -87.39 -0.73
CA ARG C 37 41.42 -88.38 0.18
C ARG C 37 39.96 -88.09 0.46
N VAL C 38 39.59 -86.81 0.50
CA VAL C 38 38.18 -86.44 0.58
C VAL C 38 37.46 -86.88 -0.70
N ILE C 39 38.08 -86.66 -1.85
CA ILE C 39 37.48 -87.07 -3.12
C ILE C 39 37.42 -88.60 -3.21
N GLY C 40 38.48 -89.27 -2.76
CA GLY C 40 38.57 -90.70 -2.95
C GLY C 40 37.41 -91.47 -2.33
N SER C 41 37.06 -92.57 -2.97
CA SER C 41 36.01 -93.49 -2.53
C SER C 41 34.61 -92.89 -2.62
N ASN C 42 34.41 -91.92 -3.52
CA ASN C 42 33.08 -91.37 -3.80
C ASN C 42 32.90 -91.31 -5.31
N PHE C 43 31.75 -91.81 -5.79
CA PHE C 43 31.49 -91.87 -7.22
C PHE C 43 30.33 -90.97 -7.64
N ALA C 44 29.12 -91.22 -7.12
CA ALA C 44 27.95 -90.48 -7.58
C ALA C 44 26.73 -90.86 -6.75
N PRO C 45 25.77 -89.95 -6.59
CA PRO C 45 24.52 -90.35 -5.92
C PRO C 45 23.75 -91.35 -6.76
N THR C 46 23.05 -92.26 -6.08
CA THR C 46 22.22 -93.24 -6.76
C THR C 46 20.83 -92.72 -7.06
N VAL C 47 20.46 -91.56 -6.51
CA VAL C 47 19.17 -90.93 -6.80
C VAL C 47 19.17 -90.31 -8.18
N GLU C 48 17.98 -89.90 -8.63
CA GLU C 48 17.81 -89.31 -9.96
C GLU C 48 18.70 -88.07 -10.10
N ARG C 49 19.38 -87.97 -11.23
CA ARG C 49 20.31 -86.87 -11.52
C ARG C 49 19.81 -86.00 -12.67
N ASP C 50 18.51 -85.74 -12.71
CA ASP C 50 17.95 -84.85 -13.73
C ASP C 50 18.25 -83.39 -13.40
N GLU C 51 18.73 -82.66 -14.41
CA GLU C 51 19.06 -81.24 -14.29
C GLU C 51 17.83 -80.35 -14.06
N PHE C 52 16.62 -80.84 -14.33
CA PHE C 52 15.43 -80.05 -14.03
C PHE C 52 15.32 -79.72 -12.55
N LEU C 53 15.59 -80.70 -11.69
CA LEU C 53 15.47 -80.46 -10.26
C LEU C 53 16.43 -79.36 -9.82
N VAL C 54 17.69 -79.44 -10.23
CA VAL C 54 18.65 -78.41 -9.84
C VAL C 54 18.32 -77.10 -10.53
N ALA C 55 17.73 -77.15 -11.72
CA ALA C 55 17.31 -75.93 -12.40
C ALA C 55 16.28 -75.16 -11.59
N GLU C 56 15.26 -75.86 -11.11
CA GLU C 56 14.28 -75.17 -10.27
C GLU C 56 14.82 -74.91 -8.86
N LYS C 57 15.86 -75.62 -8.44
CA LYS C 57 16.56 -75.23 -7.23
C LYS C 57 17.20 -73.86 -7.40
N ILE C 58 17.87 -73.67 -8.53
CA ILE C 58 18.45 -72.36 -8.86
C ILE C 58 17.35 -71.31 -8.95
N LYS C 59 16.22 -71.66 -9.55
CA LYS C 59 15.12 -70.70 -9.63
C LYS C 59 14.66 -70.28 -8.23
N LYS C 60 14.51 -71.24 -7.33
CA LYS C 60 14.10 -70.93 -5.97
C LYS C 60 15.13 -70.06 -5.27
N GLU C 61 16.42 -70.39 -5.44
CA GLU C 61 17.48 -69.60 -4.83
C GLU C 61 17.46 -68.16 -5.35
N LEU C 62 17.30 -68.00 -6.67
CA LEU C 62 17.28 -66.67 -7.25
C LEU C 62 16.08 -65.88 -6.76
N THR C 63 14.94 -66.52 -6.61
CA THR C 63 13.78 -65.85 -6.03
C THR C 63 14.09 -65.44 -4.60
N ARG C 64 14.75 -66.32 -3.84
CA ARG C 64 15.24 -65.94 -2.52
C ARG C 64 16.20 -64.76 -2.60
N GLN C 65 16.89 -64.61 -3.72
CA GLN C 65 17.74 -63.45 -3.96
C GLN C 65 17.01 -62.34 -4.70
N ARG C 66 15.72 -62.51 -5.00
CA ARG C 66 14.90 -61.50 -5.66
C ARG C 66 15.55 -61.06 -6.97
N ARG C 67 15.96 -62.04 -7.76
CA ARG C 67 16.58 -61.82 -9.06
C ARG C 67 15.85 -62.62 -10.13
N GLU C 68 14.52 -62.49 -10.19
CA GLU C 68 13.77 -63.29 -11.14
C GLU C 68 14.19 -62.98 -12.57
N ALA C 69 14.62 -61.75 -12.82
CA ALA C 69 15.20 -61.43 -14.12
C ALA C 69 16.45 -62.26 -14.33
N ASP C 70 17.28 -62.36 -13.29
CA ASP C 70 18.44 -63.24 -13.33
C ASP C 70 18.02 -64.69 -13.49
N ALA C 71 16.90 -65.08 -12.88
CA ALA C 71 16.42 -66.45 -13.07
C ALA C 71 16.09 -66.70 -14.54
N ALA C 72 15.41 -65.76 -15.18
CA ALA C 72 15.13 -65.91 -16.60
C ALA C 72 16.41 -65.95 -17.42
N LEU C 73 17.37 -65.09 -17.08
CA LEU C 73 18.64 -65.08 -17.79
C LEU C 73 19.36 -66.41 -17.64
N PHE C 74 19.39 -66.96 -16.42
CA PHE C 74 19.99 -68.27 -16.22
C PHE C 74 19.25 -69.34 -17.00
N SER C 75 17.93 -69.23 -17.09
CA SER C 75 17.16 -70.19 -17.87
C SER C 75 17.56 -70.13 -19.33
N GLU C 76 17.68 -68.93 -19.87
CA GLU C 76 18.10 -68.79 -21.26
C GLU C 76 19.52 -69.32 -21.45
N LEU C 77 20.41 -69.04 -20.51
CA LEU C 77 21.76 -69.58 -20.67
C LEU C 77 21.72 -71.09 -20.63
N HIS C 78 20.82 -71.65 -19.82
CA HIS C 78 20.68 -73.10 -19.81
C HIS C 78 20.22 -73.57 -21.17
N ARG C 79 19.45 -72.73 -21.86
CA ARG C 79 18.99 -73.10 -23.19
C ARG C 79 20.18 -73.30 -24.10
N LYS C 80 21.11 -72.34 -24.10
CA LYS C 80 22.26 -72.43 -24.99
C LYS C 80 23.14 -73.60 -24.57
N LEU C 81 23.26 -73.80 -23.26
CA LEU C 81 24.06 -74.89 -22.73
C LEU C 81 23.57 -76.23 -23.25
N HIS C 82 22.25 -76.43 -23.27
CA HIS C 82 21.71 -77.63 -23.87
C HIS C 82 21.82 -77.60 -25.39
N SER C 83 21.81 -76.41 -25.98
CA SER C 83 21.92 -76.30 -27.43
C SER C 83 23.27 -76.82 -27.91
N GLN C 84 24.34 -76.53 -27.18
CA GLN C 84 25.68 -76.87 -27.65
C GLN C 84 25.86 -78.37 -27.76
N GLY C 85 25.36 -79.14 -26.79
CA GLY C 85 25.61 -80.57 -26.80
C GLY C 85 27.02 -80.98 -26.42
N VAL C 86 27.80 -80.08 -25.82
CA VAL C 86 29.18 -80.37 -25.45
C VAL C 86 29.33 -80.81 -24.00
N LEU C 87 28.23 -80.98 -23.27
CA LEU C 87 28.30 -81.32 -21.85
C LEU C 87 27.43 -82.54 -21.57
N LYS C 88 27.99 -83.50 -20.83
CA LYS C 88 27.30 -84.73 -20.46
C LYS C 88 27.01 -84.84 -18.98
N ASN C 89 27.59 -83.98 -18.15
CA ASN C 89 27.47 -84.00 -16.69
C ASN C 89 27.14 -82.61 -16.18
N LYS C 90 26.14 -81.99 -16.79
CA LYS C 90 25.67 -80.68 -16.34
C LYS C 90 25.19 -80.70 -14.89
N TRP C 91 24.68 -81.83 -14.40
CA TRP C 91 24.18 -81.87 -13.04
C TRP C 91 25.27 -81.50 -12.03
N SER C 92 26.45 -82.12 -12.17
CA SER C 92 27.53 -81.86 -11.22
C SER C 92 28.01 -80.42 -11.30
N ILE C 93 28.16 -79.91 -12.52
CA ILE C 93 28.68 -78.56 -12.68
C ILE C 93 27.66 -77.55 -12.17
N LEU C 94 26.38 -77.83 -12.38
CA LEU C 94 25.33 -76.97 -11.86
C LEU C 94 25.33 -76.97 -10.34
N TYR C 95 25.53 -78.14 -9.71
CA TYR C 95 25.60 -78.16 -8.26
C TYR C 95 26.80 -77.38 -7.75
N LEU C 96 27.95 -77.51 -8.43
CA LEU C 96 29.11 -76.74 -8.02
C LEU C 96 28.88 -75.25 -8.17
N LEU C 97 28.24 -74.85 -9.27
CA LEU C 97 27.89 -73.46 -9.46
C LEU C 97 26.91 -72.97 -8.41
N LEU C 98 25.96 -73.82 -8.02
CA LEU C 98 25.06 -73.48 -6.92
C LEU C 98 25.84 -73.20 -5.65
N SER C 99 26.77 -74.08 -5.31
CA SER C 99 27.57 -73.89 -4.10
C SER C 99 28.37 -72.59 -4.18
N LEU C 100 28.98 -72.33 -5.33
CA LEU C 100 29.76 -71.10 -5.48
C LEU C 100 28.89 -69.85 -5.39
N SER C 101 27.75 -69.86 -6.07
CA SER C 101 26.84 -68.72 -6.10
C SER C 101 26.14 -68.49 -4.76
N GLU C 102 26.05 -69.51 -3.91
CA GLU C 102 25.49 -69.27 -2.59
C GLU C 102 26.35 -68.28 -1.81
N ASP C 103 27.64 -68.25 -2.08
CA ASP C 103 28.55 -67.43 -1.28
C ASP C 103 28.22 -65.95 -1.41
N PRO C 104 28.14 -65.38 -2.61
CA PRO C 104 27.99 -63.92 -2.74
C PRO C 104 26.59 -63.39 -2.48
N ARG C 105 25.60 -64.27 -2.26
CA ARG C 105 24.23 -63.83 -2.05
C ARG C 105 23.82 -64.00 -0.59
N VAL C 248 -3.13 -86.68 -30.57
CA VAL C 248 -1.91 -86.24 -31.25
C VAL C 248 -0.75 -86.19 -30.26
N THR C 249 0.44 -85.92 -30.78
CA THR C 249 1.63 -85.97 -29.94
C THR C 249 1.60 -84.86 -28.90
N GLU C 250 2.25 -85.13 -27.75
CA GLU C 250 2.34 -84.11 -26.72
C GLU C 250 3.13 -82.89 -27.18
N ALA C 251 4.00 -83.04 -28.18
CA ALA C 251 4.69 -81.87 -28.71
C ALA C 251 3.70 -80.90 -29.33
N ALA C 252 2.79 -81.41 -30.15
CA ALA C 252 1.73 -80.57 -30.70
C ALA C 252 0.88 -79.99 -29.58
N LEU C 253 0.59 -80.80 -28.57
CA LEU C 253 -0.24 -80.33 -27.47
C LEU C 253 0.42 -79.16 -26.77
N VAL C 254 1.71 -79.27 -26.50
CA VAL C 254 2.41 -78.21 -25.78
C VAL C 254 2.58 -76.99 -26.67
N ARG C 255 2.79 -77.19 -27.97
CA ARG C 255 2.84 -76.03 -28.87
C ARG C 255 1.51 -75.29 -28.87
N ASP C 256 0.41 -76.04 -28.91
CA ASP C 256 -0.89 -75.40 -28.92
C ASP C 256 -1.18 -74.73 -27.58
N ILE C 257 -0.73 -75.33 -26.48
CA ILE C 257 -0.97 -74.72 -25.18
C ILE C 257 -0.13 -73.46 -25.02
N LEU C 258 1.09 -73.45 -25.56
CA LEU C 258 1.85 -72.22 -25.64
C LEU C 258 1.07 -71.16 -26.42
N TYR C 259 0.59 -71.54 -27.61
CA TYR C 259 -0.17 -70.62 -28.43
C TYR C 259 -1.33 -70.02 -27.64
N VAL C 260 -2.06 -70.88 -26.94
CA VAL C 260 -3.16 -70.42 -26.10
C VAL C 260 -2.64 -69.43 -25.06
N PHE C 261 -1.52 -69.77 -24.42
CA PHE C 261 -1.00 -68.91 -23.37
C PHE C 261 -0.60 -67.56 -23.92
N GLN C 262 -0.27 -67.47 -25.20
CA GLN C 262 -0.06 -66.17 -25.83
C GLN C 262 -1.37 -65.46 -26.11
N GLY C 263 -2.50 -66.00 -25.64
CA GLY C 263 -3.77 -65.34 -25.80
C GLY C 263 -4.56 -65.72 -27.04
N ILE C 264 -4.11 -66.69 -27.81
CA ILE C 264 -4.76 -67.04 -29.06
C ILE C 264 -4.94 -68.54 -29.19
N ASP C 265 -6.13 -68.94 -29.64
CA ASP C 265 -6.52 -70.35 -29.73
C ASP C 265 -5.46 -71.18 -30.43
N GLY C 266 -5.26 -72.39 -29.93
CA GLY C 266 -4.33 -73.35 -30.51
C GLY C 266 -4.99 -74.25 -31.54
N LYS C 267 -4.54 -75.50 -31.59
CA LYS C 267 -5.10 -76.49 -32.50
C LYS C 267 -5.70 -77.63 -31.69
N HIS C 268 -6.92 -78.02 -32.04
CA HIS C 268 -7.66 -79.01 -31.26
C HIS C 268 -7.98 -78.50 -29.86
N VAL C 269 -7.57 -77.27 -29.55
CA VAL C 269 -7.91 -76.60 -28.30
C VAL C 269 -8.14 -75.14 -28.62
N LYS C 270 -9.31 -74.61 -28.25
CA LYS C 270 -9.74 -73.32 -28.74
C LYS C 270 -10.70 -72.70 -27.74
N MET C 271 -10.90 -71.39 -27.87
CA MET C 271 -11.86 -70.67 -27.04
C MET C 271 -13.27 -71.15 -27.36
N SER C 272 -13.85 -71.92 -26.45
CA SER C 272 -15.29 -72.21 -26.48
C SER C 272 -16.00 -71.09 -25.72
N ASN C 273 -16.55 -70.13 -26.48
CA ASN C 273 -17.34 -69.06 -25.89
C ASN C 273 -18.68 -69.57 -25.38
N ALA C 274 -19.16 -70.69 -25.91
CA ALA C 274 -20.29 -71.37 -25.30
C ALA C 274 -19.95 -71.77 -23.87
N ASP C 275 -18.70 -72.17 -23.63
CA ASP C 275 -18.19 -72.37 -22.29
C ASP C 275 -17.47 -71.14 -21.74
N ASN C 276 -17.24 -70.12 -22.57
CA ASN C 276 -16.55 -68.90 -22.15
C ASN C 276 -15.22 -69.23 -21.50
N CYS C 277 -14.53 -70.20 -22.09
CA CYS C 277 -13.25 -70.69 -21.57
C CYS C 277 -12.52 -71.33 -22.75
N TYR C 278 -11.50 -72.12 -22.44
CA TYR C 278 -10.77 -72.87 -23.47
C TYR C 278 -11.17 -74.33 -23.36
N THR C 279 -11.53 -74.93 -24.49
CA THR C 279 -11.99 -76.30 -24.55
C THR C 279 -11.21 -77.07 -25.60
N VAL C 280 -10.99 -78.34 -25.32
CA VAL C 280 -10.28 -79.23 -26.25
C VAL C 280 -11.24 -79.69 -27.33
N GLU C 281 -10.93 -79.35 -28.58
CA GLU C 281 -11.72 -79.76 -29.72
C GLU C 281 -11.11 -81.02 -30.32
N GLY C 282 -11.97 -81.99 -30.63
CA GLY C 282 -11.50 -83.28 -31.11
C GLY C 282 -10.73 -84.03 -30.04
N LYS C 283 -11.23 -83.99 -28.80
CA LYS C 283 -10.57 -84.65 -27.67
C LYS C 283 -10.48 -86.16 -27.83
N ALA C 284 -11.27 -86.76 -28.72
CA ALA C 284 -11.11 -88.19 -28.98
C ALA C 284 -9.73 -88.51 -29.54
N ASN C 285 -9.04 -87.53 -30.13
CA ASN C 285 -7.66 -87.76 -30.54
C ASN C 285 -6.76 -88.01 -29.34
N LEU C 286 -7.07 -87.41 -28.19
CA LEU C 286 -6.27 -87.51 -26.98
C LEU C 286 -7.02 -88.32 -25.93
N SER C 287 -6.39 -88.46 -24.77
CA SER C 287 -7.02 -89.06 -23.61
C SER C 287 -7.63 -88.01 -22.70
N LYS C 288 -8.42 -88.48 -21.74
CA LYS C 288 -9.03 -87.57 -20.78
C LYS C 288 -7.99 -86.83 -19.95
N SER C 289 -6.90 -87.51 -19.59
CA SER C 289 -5.85 -86.88 -18.82
C SER C 289 -5.24 -85.72 -19.58
N LEU C 290 -5.00 -85.90 -20.87
CA LEU C 290 -4.40 -84.83 -21.66
C LEU C 290 -5.30 -83.62 -21.68
N ARG C 291 -6.59 -83.82 -21.93
CA ARG C 291 -7.50 -82.68 -21.98
C ARG C 291 -7.68 -82.04 -20.61
N ASP C 292 -7.66 -82.83 -19.55
CA ASP C 292 -7.76 -82.25 -18.21
C ASP C 292 -6.56 -81.36 -17.91
N THR C 293 -5.36 -81.85 -18.22
CA THR C 293 -4.17 -81.04 -18.02
C THR C 293 -4.21 -79.79 -18.89
N ALA C 294 -4.69 -79.94 -20.12
CA ALA C 294 -4.80 -78.80 -21.01
C ALA C 294 -5.73 -77.76 -20.44
N VAL C 295 -6.86 -78.18 -19.89
CA VAL C 295 -7.80 -77.20 -19.33
C VAL C 295 -7.21 -76.53 -18.10
N ARG C 296 -6.54 -77.30 -17.25
CA ARG C 296 -5.90 -76.70 -16.09
C ARG C 296 -4.89 -75.64 -16.51
N LEU C 297 -4.12 -75.93 -17.57
CA LEU C 297 -3.17 -74.95 -18.07
C LEU C 297 -3.87 -73.73 -18.66
N ALA C 298 -4.83 -73.97 -19.55
CA ALA C 298 -5.50 -72.93 -20.33
C ALA C 298 -6.39 -72.03 -19.48
N GLU C 299 -6.67 -72.39 -18.24
CA GLU C 299 -7.22 -71.39 -17.32
C GLU C 299 -6.35 -70.14 -17.30
N LEU C 300 -5.03 -70.32 -17.26
CA LEU C 300 -4.12 -69.18 -17.30
C LEU C 300 -4.26 -68.42 -18.62
N GLY C 301 -4.41 -69.14 -19.73
CA GLY C 301 -4.58 -68.46 -21.00
C GLY C 301 -5.86 -67.64 -21.07
N TRP C 302 -6.95 -68.16 -20.50
CA TRP C 302 -8.19 -67.40 -20.47
C TRP C 302 -8.02 -66.15 -19.63
N LEU C 303 -7.37 -66.27 -18.48
CA LEU C 303 -7.09 -65.07 -17.68
C LEU C 303 -6.20 -64.10 -18.44
N HIS C 304 -5.21 -64.60 -19.16
CA HIS C 304 -4.37 -63.74 -19.98
C HIS C 304 -5.17 -63.01 -21.04
N ASN C 305 -6.09 -63.72 -21.70
CA ASN C 305 -6.92 -63.08 -22.71
C ASN C 305 -7.77 -61.98 -22.08
N LYS C 306 -8.37 -62.29 -20.93
CA LYS C 306 -9.17 -61.29 -20.23
C LYS C 306 -8.34 -60.05 -19.95
N ILE C 307 -7.14 -60.24 -19.39
CA ILE C 307 -6.34 -59.09 -18.99
C ILE C 307 -5.85 -58.34 -20.21
N ARG C 308 -5.55 -59.04 -21.30
CA ARG C 308 -5.12 -58.37 -22.51
C ARG C 308 -6.23 -57.50 -23.07
N LYS C 309 -7.46 -58.02 -23.10
CA LYS C 309 -8.57 -57.21 -23.60
C LYS C 309 -8.80 -56.01 -22.69
N TYR C 310 -8.71 -56.20 -21.38
CA TYR C 310 -8.93 -55.09 -20.47
C TYR C 310 -7.87 -54.01 -20.67
N THR C 311 -6.61 -54.43 -20.81
CA THR C 311 -5.53 -53.47 -20.99
C THR C 311 -5.61 -52.79 -22.34
N ASP C 312 -6.07 -53.49 -23.37
CA ASP C 312 -6.29 -52.82 -24.65
C ASP C 312 -7.37 -51.76 -24.55
N GLN C 313 -8.48 -52.08 -23.88
CA GLN C 313 -9.53 -51.09 -23.68
C GLN C 313 -8.99 -49.86 -22.94
N ARG C 314 -8.26 -50.09 -21.86
CA ARG C 314 -7.79 -48.98 -21.04
C ARG C 314 -6.68 -48.19 -21.73
N SER C 315 -5.89 -48.85 -22.57
CA SER C 315 -4.95 -48.17 -23.44
C SER C 315 -5.64 -47.39 -24.55
N LEU C 316 -6.87 -47.76 -24.90
CA LEU C 316 -7.55 -47.05 -25.98
C LEU C 316 -8.09 -45.71 -25.53
N ASP C 317 -8.92 -45.70 -24.49
CA ASP C 317 -9.59 -44.47 -24.09
C ASP C 317 -8.64 -43.51 -23.38
N ARG C 318 -8.86 -42.21 -23.60
CA ARG C 318 -8.07 -41.16 -22.96
C ARG C 318 -8.83 -40.42 -21.89
N SER C 319 -10.16 -40.44 -21.92
CA SER C 319 -10.97 -39.89 -20.84
C SER C 319 -10.87 -40.72 -19.57
N PHE C 320 -10.15 -41.84 -19.60
CA PHE C 320 -9.93 -42.68 -18.43
C PHE C 320 -8.93 -42.08 -17.45
N GLY C 321 -8.39 -40.91 -17.75
CA GLY C 321 -7.57 -40.19 -16.80
C GLY C 321 -6.12 -40.62 -16.86
N LEU C 322 -5.27 -39.73 -16.36
CA LEU C 322 -3.84 -40.02 -16.26
C LEU C 322 -3.57 -41.19 -15.32
N VAL C 323 -4.24 -41.23 -14.18
CA VAL C 323 -4.04 -42.34 -13.25
C VAL C 323 -4.45 -43.66 -13.89
N GLY C 324 -5.56 -43.68 -14.64
CA GLY C 324 -5.94 -44.91 -15.29
C GLY C 324 -4.95 -45.36 -16.35
N GLN C 325 -4.41 -44.41 -17.11
CA GLN C 325 -3.39 -44.77 -18.09
C GLN C 325 -2.11 -45.27 -17.41
N SER C 326 -1.73 -44.66 -16.31
CA SER C 326 -0.59 -45.16 -15.54
C SER C 326 -0.84 -46.57 -15.04
N PHE C 327 -2.05 -46.83 -14.54
CA PHE C 327 -2.39 -48.18 -14.12
C PHE C 327 -2.26 -49.16 -15.28
N CYS C 328 -2.80 -48.81 -16.44
CA CYS C 328 -2.69 -49.71 -17.59
C CYS C 328 -1.25 -49.95 -17.99
N ALA C 329 -0.45 -48.89 -18.03
CA ALA C 329 0.95 -49.07 -18.40
C ALA C 329 1.67 -49.96 -17.40
N ALA C 330 1.45 -49.74 -16.10
CA ALA C 330 2.07 -50.63 -15.14
C ALA C 330 1.58 -52.05 -15.34
N LEU C 331 0.30 -52.21 -15.69
CA LEU C 331 -0.21 -53.54 -15.95
C LEU C 331 0.58 -54.20 -17.06
N HIS C 332 1.10 -53.39 -17.98
CA HIS C 332 1.83 -53.98 -19.09
C HIS C 332 3.21 -54.45 -18.65
N GLN C 333 3.70 -53.94 -17.53
CA GLN C 333 5.00 -54.39 -17.03
C GLN C 333 4.97 -55.89 -16.77
N GLU C 334 3.93 -56.35 -16.07
CA GLU C 334 3.80 -57.78 -15.78
C GLU C 334 3.54 -58.58 -17.05
N LEU C 335 2.77 -58.00 -17.98
CA LEU C 335 2.62 -58.66 -19.27
C LEU C 335 3.96 -58.90 -19.93
N ARG C 336 4.93 -58.00 -19.70
CA ARG C 336 6.24 -58.18 -20.27
C ARG C 336 6.90 -59.45 -19.76
N GLU C 337 6.87 -59.67 -18.45
CA GLU C 337 7.42 -60.90 -17.90
C GLU C 337 6.66 -62.11 -18.40
N TYR C 338 5.34 -62.03 -18.44
CA TYR C 338 4.53 -63.09 -19.03
C TYR C 338 5.09 -63.46 -20.40
N TYR C 339 5.30 -62.44 -21.23
CA TYR C 339 5.65 -62.67 -22.62
C TYR C 339 7.02 -63.28 -22.74
N ARG C 340 8.00 -62.77 -21.99
CA ARG C 340 9.34 -63.30 -22.16
C ARG C 340 9.51 -64.65 -21.51
N LEU C 341 8.73 -64.98 -20.48
CA LEU C 341 8.70 -66.35 -20.02
C LEU C 341 8.15 -67.25 -21.12
N LEU C 342 7.10 -66.79 -21.79
CA LEU C 342 6.55 -67.55 -22.89
C LEU C 342 7.59 -67.74 -23.99
N SER C 343 8.36 -66.70 -24.27
CA SER C 343 9.39 -66.81 -25.29
C SER C 343 10.45 -67.83 -24.90
N VAL C 344 10.87 -67.81 -23.63
CA VAL C 344 11.83 -68.79 -23.16
C VAL C 344 11.29 -70.19 -23.39
N LEU C 345 10.03 -70.40 -23.04
CA LEU C 345 9.44 -71.73 -23.19
C LEU C 345 9.36 -72.14 -24.65
N HIS C 346 8.99 -71.20 -25.52
CA HIS C 346 8.91 -71.54 -26.94
C HIS C 346 10.28 -71.88 -27.49
N SER C 347 11.30 -71.14 -27.08
CA SER C 347 12.66 -71.41 -27.53
C SER C 347 13.09 -72.80 -27.08
N GLN C 348 12.82 -73.14 -25.82
CA GLN C 348 13.20 -74.46 -25.35
C GLN C 348 12.30 -75.54 -25.90
N LEU C 349 11.19 -75.16 -26.54
CA LEU C 349 10.22 -76.15 -26.98
C LEU C 349 10.89 -77.21 -27.86
N GLN C 350 11.72 -76.76 -28.81
CA GLN C 350 12.41 -77.69 -29.69
C GLN C 350 13.86 -77.31 -29.91
N LEU C 351 14.33 -76.21 -29.31
CA LEU C 351 15.58 -75.62 -29.73
C LEU C 351 15.45 -75.23 -31.21
N GLU C 352 16.17 -75.94 -32.08
CA GLU C 352 15.95 -75.87 -33.52
C GLU C 352 15.91 -77.25 -34.18
N ASP C 353 16.42 -78.28 -33.53
CA ASP C 353 16.44 -79.63 -34.08
C ASP C 353 16.60 -80.59 -32.91
N ASP C 354 16.32 -81.86 -33.15
CA ASP C 354 16.58 -82.86 -32.11
C ASP C 354 18.08 -83.12 -32.06
N GLN C 355 18.77 -82.29 -31.27
CA GLN C 355 20.20 -82.40 -31.08
C GLN C 355 20.55 -83.35 -29.95
N GLY C 356 19.76 -83.35 -28.88
CA GLY C 356 19.97 -84.27 -27.77
C GLY C 356 19.03 -85.45 -27.77
N VAL C 357 18.31 -85.63 -26.65
CA VAL C 357 17.31 -86.68 -26.57
C VAL C 357 15.99 -86.26 -27.20
N ASN C 358 15.56 -85.03 -26.95
CA ASN C 358 14.24 -84.61 -27.40
C ASN C 358 14.10 -83.10 -27.37
N LEU C 359 13.56 -82.52 -28.44
CA LEU C 359 13.40 -81.08 -28.55
C LEU C 359 14.74 -80.35 -28.58
N GLY C 360 15.79 -80.98 -29.06
CA GLY C 360 17.12 -80.41 -28.84
C GLY C 360 17.62 -80.48 -27.42
N LEU C 361 17.08 -81.38 -26.61
CA LEU C 361 17.39 -81.46 -25.18
C LEU C 361 17.57 -82.92 -24.80
N GLU C 362 17.99 -83.13 -23.55
CA GLU C 362 18.12 -84.47 -22.99
C GLU C 362 16.85 -84.95 -22.30
N SER C 363 15.88 -84.08 -22.11
CA SER C 363 14.64 -84.42 -21.41
C SER C 363 13.46 -83.83 -22.17
N SER C 364 12.42 -84.62 -22.32
CA SER C 364 11.23 -84.20 -23.06
C SER C 364 10.33 -83.34 -22.18
N LEU C 365 9.85 -82.24 -22.75
CA LEU C 365 8.88 -81.41 -22.06
C LEU C 365 7.57 -82.18 -21.91
N THR C 366 6.91 -82.00 -20.79
CA THR C 366 5.63 -82.65 -20.54
C THR C 366 4.67 -81.65 -19.91
N LEU C 367 3.39 -82.03 -19.89
CA LEU C 367 2.39 -81.19 -19.26
C LEU C 367 2.75 -80.88 -17.82
N ARG C 368 3.30 -81.86 -17.09
CA ARG C 368 3.71 -81.61 -15.72
C ARG C 368 4.79 -80.55 -15.66
N ARG C 369 5.74 -80.60 -16.58
CA ARG C 369 6.74 -79.55 -16.65
C ARG C 369 6.09 -78.19 -16.85
N LEU C 370 5.17 -78.10 -17.81
CA LEU C 370 4.49 -76.82 -18.01
C LEU C 370 3.73 -76.42 -16.75
N LEU C 371 3.23 -77.40 -16.01
CA LEU C 371 2.49 -77.11 -14.79
C LEU C 371 3.36 -76.39 -13.78
N VAL C 372 4.53 -76.96 -13.51
CA VAL C 372 5.43 -76.30 -12.57
C VAL C 372 5.93 -75.00 -13.16
N TRP C 373 6.05 -74.92 -14.49
CA TRP C 373 6.47 -73.67 -15.10
C TRP C 373 5.46 -72.57 -14.83
N THR C 374 4.18 -72.88 -14.92
CA THR C 374 3.11 -71.90 -14.82
C THR C 374 2.59 -71.71 -13.40
N TYR C 375 3.01 -72.53 -12.44
CA TYR C 375 2.53 -72.38 -11.08
C TYR C 375 2.56 -70.92 -10.64
N ASP C 376 3.74 -70.32 -10.59
CA ASP C 376 3.84 -68.91 -10.22
C ASP C 376 3.13 -68.01 -11.21
N PRO C 377 3.28 -68.18 -12.53
CA PRO C 377 2.52 -67.34 -13.46
C PRO C 377 1.03 -67.43 -13.25
N LYS C 378 0.53 -68.61 -12.88
CA LYS C 378 -0.91 -68.76 -12.71
C LYS C 378 -1.41 -67.89 -11.57
N MET C 379 -0.72 -67.93 -10.43
CA MET C 379 -1.12 -67.08 -9.32
C MET C 379 -0.91 -65.61 -9.64
N ARG C 380 0.12 -65.28 -10.43
CA ARG C 380 0.31 -63.90 -10.81
C ARG C 380 -0.88 -63.38 -11.61
N LEU C 381 -1.30 -64.16 -12.61
CA LEU C 381 -2.45 -63.74 -13.40
C LEU C 381 -3.74 -63.76 -12.59
N LYS C 382 -3.88 -64.68 -11.64
CA LYS C 382 -5.06 -64.66 -10.79
C LYS C 382 -5.11 -63.36 -9.98
N THR C 383 -3.99 -62.96 -9.40
CA THR C 383 -3.95 -61.71 -8.66
C THR C 383 -4.28 -60.53 -9.57
N LEU C 384 -3.72 -60.51 -10.77
CA LEU C 384 -3.97 -59.39 -11.67
C LEU C 384 -5.43 -59.32 -12.10
N ALA C 385 -6.05 -60.47 -12.40
CA ALA C 385 -7.47 -60.50 -12.75
C ALA C 385 -8.34 -60.04 -11.60
N ALA C 386 -7.99 -60.44 -10.37
CA ALA C 386 -8.71 -59.91 -9.21
C ALA C 386 -8.58 -58.40 -9.14
N LEU C 387 -7.37 -57.89 -9.36
CA LEU C 387 -7.16 -56.46 -9.26
C LEU C 387 -8.01 -55.72 -10.30
N VAL C 388 -8.00 -56.22 -11.54
CA VAL C 388 -8.72 -55.54 -12.61
C VAL C 388 -10.22 -55.59 -12.37
N ASP C 389 -10.73 -56.71 -11.88
CA ASP C 389 -12.15 -56.73 -11.52
C ASP C 389 -12.45 -55.77 -10.37
N HIS C 390 -11.51 -55.62 -9.43
CA HIS C 390 -11.72 -54.70 -8.31
C HIS C 390 -11.89 -53.26 -8.76
N CYS C 391 -11.01 -52.80 -9.65
CA CYS C 391 -11.07 -51.43 -10.16
C CYS C 391 -11.97 -51.30 -11.38
N GLN C 392 -13.21 -51.75 -11.26
CA GLN C 392 -14.10 -51.74 -12.42
C GLN C 392 -14.49 -50.32 -12.81
N GLY C 393 -14.87 -49.50 -11.83
CA GLY C 393 -15.21 -48.12 -12.12
C GLY C 393 -14.48 -47.08 -11.29
N ARG C 394 -13.34 -47.45 -10.73
CA ARG C 394 -12.62 -46.56 -9.83
C ARG C 394 -11.75 -45.62 -10.64
N LYS C 395 -11.91 -44.32 -10.42
CA LYS C 395 -11.17 -43.31 -11.16
C LYS C 395 -10.49 -42.37 -10.19
N GLY C 396 -9.23 -42.06 -10.48
CA GLY C 396 -8.49 -41.14 -9.63
C GLY C 396 -8.42 -41.65 -8.21
N GLY C 397 -8.82 -40.78 -7.28
CA GLY C 397 -8.76 -41.16 -5.87
C GLY C 397 -9.53 -42.42 -5.59
N GLU C 398 -10.67 -42.59 -6.25
CA GLU C 398 -11.40 -43.85 -6.21
C GLU C 398 -10.47 -45.05 -6.42
N LEU C 399 -9.77 -45.07 -7.56
CA LEU C 399 -8.82 -46.15 -7.82
C LEU C 399 -7.68 -46.17 -6.81
N ALA C 400 -7.19 -45.00 -6.39
CA ALA C 400 -6.09 -44.99 -5.44
C ALA C 400 -6.48 -45.66 -4.12
N SER C 401 -7.69 -45.39 -3.64
CA SER C 401 -8.21 -46.13 -2.51
C SER C 401 -8.43 -47.60 -2.84
N ALA C 402 -8.93 -47.90 -4.03
CA ALA C 402 -9.26 -49.30 -4.33
C ALA C 402 -8.00 -50.15 -4.27
N VAL C 403 -6.94 -49.66 -4.91
CA VAL C 403 -5.67 -50.39 -4.89
C VAL C 403 -5.10 -50.42 -3.47
N HIS C 404 -5.16 -49.31 -2.73
CA HIS C 404 -4.65 -49.39 -1.37
C HIS C 404 -5.45 -50.37 -0.53
N ALA C 405 -6.73 -50.56 -0.88
CA ALA C 405 -7.56 -51.59 -0.25
C ALA C 405 -7.09 -52.99 -0.59
N TYR C 406 -6.62 -53.19 -1.81
CA TYR C 406 -6.15 -54.52 -2.15
C TYR C 406 -4.68 -54.71 -1.82
N THR C 407 -4.03 -53.66 -1.34
CA THR C 407 -2.69 -53.74 -0.78
C THR C 407 -2.62 -54.52 0.53
N LYS C 408 -3.75 -54.84 1.15
CA LYS C 408 -3.78 -55.46 2.47
C LYS C 408 -3.97 -56.97 2.41
N THR C 409 -3.53 -57.62 1.33
CA THR C 409 -3.79 -59.06 1.18
C THR C 409 -3.01 -59.88 2.19
N GLY C 410 -1.70 -59.64 2.31
CA GLY C 410 -0.86 -60.44 3.18
C GLY C 410 -0.05 -61.52 2.51
N ASP C 411 -0.13 -61.66 1.19
CA ASP C 411 0.76 -62.56 0.45
C ASP C 411 1.99 -61.79 0.01
N PRO C 412 3.13 -61.96 0.68
CA PRO C 412 4.28 -61.09 0.40
C PRO C 412 4.67 -61.02 -1.08
N TYR C 413 4.59 -62.13 -1.81
CA TYR C 413 4.72 -62.04 -3.26
C TYR C 413 3.69 -61.08 -3.83
N ALA C 414 2.42 -61.44 -3.69
CA ALA C 414 1.35 -60.61 -4.23
C ALA C 414 1.33 -59.24 -3.55
N ARG C 415 1.59 -59.20 -2.25
CA ARG C 415 1.57 -57.94 -1.54
C ARG C 415 2.63 -56.98 -2.07
N SER C 416 3.84 -57.48 -2.31
CA SER C 416 4.89 -56.63 -2.86
C SER C 416 4.56 -56.21 -4.28
N LEU C 417 3.97 -57.11 -5.07
CA LEU C 417 3.57 -56.74 -6.42
C LEU C 417 2.54 -55.61 -6.38
N VAL C 418 1.56 -55.72 -5.48
CA VAL C 418 0.55 -54.69 -5.34
C VAL C 418 1.17 -53.39 -4.86
N GLN C 419 2.15 -53.49 -3.98
CA GLN C 419 2.83 -52.27 -3.51
C GLN C 419 3.56 -51.59 -4.66
N HIS C 420 4.23 -52.36 -5.50
CA HIS C 420 4.85 -51.77 -6.68
C HIS C 420 3.82 -51.09 -7.57
N ILE C 421 2.70 -51.76 -7.81
CA ILE C 421 1.66 -51.16 -8.65
C ILE C 421 1.14 -49.88 -8.02
N LEU C 422 0.90 -49.90 -6.71
CA LEU C 422 0.38 -48.73 -6.03
C LEU C 422 1.37 -47.57 -6.07
N SER C 423 2.66 -47.86 -5.88
CA SER C 423 3.66 -46.81 -5.99
C SER C 423 3.64 -46.20 -7.38
N LEU C 424 3.59 -47.04 -8.41
CA LEU C 424 3.54 -46.52 -9.77
C LEU C 424 2.32 -45.65 -9.99
N VAL C 425 1.16 -46.09 -9.48
CA VAL C 425 -0.07 -45.33 -9.69
C VAL C 425 -0.03 -44.02 -8.92
N SER C 426 0.54 -44.03 -7.73
CA SER C 426 0.57 -42.82 -6.91
C SER C 426 1.61 -41.84 -7.41
N HIS C 427 2.60 -42.30 -8.16
CA HIS C 427 3.60 -41.36 -8.69
C HIS C 427 2.95 -40.24 -9.46
N PRO C 428 2.04 -40.49 -10.40
CA PRO C 428 1.30 -39.35 -10.98
C PRO C 428 0.50 -38.58 -9.95
N VAL C 429 -0.09 -39.28 -8.98
CA VAL C 429 -0.83 -38.59 -7.92
C VAL C 429 0.10 -37.74 -7.08
N LEU C 430 1.28 -38.28 -6.77
CA LEU C 430 2.27 -37.51 -6.03
C LEU C 430 2.70 -36.27 -6.79
N SER C 431 2.92 -36.41 -8.10
CA SER C 431 3.27 -35.24 -8.89
C SER C 431 2.14 -34.22 -8.90
N PHE C 432 0.90 -34.70 -8.97
CA PHE C 432 -0.23 -33.78 -8.89
C PHE C 432 -0.19 -33.01 -7.58
N LEU C 433 0.02 -33.73 -6.47
CA LEU C 433 0.07 -33.07 -5.17
C LEU C 433 1.23 -32.07 -5.10
N TYR C 434 2.39 -32.45 -5.61
CA TYR C 434 3.54 -31.56 -5.55
C TYR C 434 3.29 -30.30 -6.36
N ARG C 435 2.69 -30.45 -7.54
CA ARG C 435 2.35 -29.29 -8.34
C ARG C 435 1.32 -28.41 -7.63
N TRP C 436 0.29 -29.03 -7.05
CA TRP C 436 -0.73 -28.25 -6.34
C TRP C 436 -0.13 -27.50 -5.16
N ILE C 437 0.87 -28.08 -4.50
CA ILE C 437 1.49 -27.41 -3.37
C ILE C 437 2.42 -26.31 -3.84
N TYR C 438 3.44 -26.68 -4.61
CA TYR C 438 4.48 -25.72 -4.98
C TYR C 438 3.94 -24.66 -5.93
N ASP C 439 3.01 -25.04 -6.81
CA ASP C 439 2.44 -24.12 -7.78
C ASP C 439 1.07 -23.61 -7.36
N GLY C 440 0.50 -24.13 -6.29
CA GLY C 440 -0.84 -23.74 -5.91
C GLY C 440 -1.90 -24.04 -6.94
N GLU C 441 -1.66 -24.99 -7.83
CA GLU C 441 -2.60 -25.23 -8.91
C GLU C 441 -2.24 -26.52 -9.62
N LEU C 442 -3.26 -27.26 -10.03
CA LEU C 442 -3.12 -28.37 -10.97
C LEU C 442 -4.31 -28.36 -11.90
N GLU C 443 -4.05 -28.50 -13.19
CA GLU C 443 -5.09 -28.43 -14.20
C GLU C 443 -5.43 -29.85 -14.67
N ASP C 444 -6.72 -30.14 -14.79
CA ASP C 444 -7.15 -31.46 -15.21
C ASP C 444 -8.40 -31.33 -16.06
N THR C 445 -8.64 -32.34 -16.90
CA THR C 445 -9.90 -32.49 -17.62
C THR C 445 -10.74 -33.63 -17.07
N TYR C 446 -10.15 -34.80 -16.86
CA TYR C 446 -10.81 -35.90 -16.16
C TYR C 446 -10.49 -35.73 -14.68
N HIS C 447 -11.42 -35.16 -13.94
CA HIS C 447 -11.15 -34.73 -12.57
C HIS C 447 -10.88 -35.96 -11.72
N GLU C 448 -9.59 -36.23 -11.48
CA GLU C 448 -9.17 -37.33 -10.63
C GLU C 448 -8.51 -36.86 -9.34
N PHE C 449 -8.38 -35.56 -9.14
CA PHE C 449 -7.82 -35.01 -7.92
C PHE C 449 -8.90 -34.79 -6.88
N PHE C 450 -8.49 -34.68 -5.62
CA PHE C 450 -9.40 -34.46 -4.51
C PHE C 450 -9.67 -32.99 -4.23
N VAL C 451 -9.16 -32.08 -5.04
CA VAL C 451 -9.46 -30.65 -4.94
C VAL C 451 -10.27 -30.28 -6.18
N ALA C 452 -11.45 -29.71 -5.97
CA ALA C 452 -12.28 -29.22 -7.06
C ALA C 452 -12.12 -27.72 -7.18
N SER C 453 -11.74 -27.26 -8.37
CA SER C 453 -11.60 -25.84 -8.67
C SER C 453 -12.80 -25.36 -9.46
N ASP C 454 -13.32 -24.20 -9.10
CA ASP C 454 -14.51 -23.69 -9.75
C ASP C 454 -14.14 -22.69 -10.83
N PRO C 455 -14.83 -22.71 -11.96
CA PRO C 455 -14.60 -21.65 -12.97
C PRO C 455 -14.90 -20.26 -12.46
N ALA C 456 -15.87 -20.12 -11.56
CA ALA C 456 -16.12 -18.83 -10.92
C ALA C 456 -14.92 -18.38 -10.10
N VAL C 457 -14.51 -17.14 -10.30
CA VAL C 457 -13.33 -16.58 -9.65
C VAL C 457 -13.73 -15.27 -9.01
N LYS C 458 -13.16 -15.00 -7.83
CA LYS C 458 -13.43 -13.76 -7.12
C LYS C 458 -12.20 -13.37 -6.32
N ALA C 459 -12.16 -12.10 -5.93
CA ALA C 459 -11.04 -11.57 -5.15
C ALA C 459 -11.42 -11.28 -3.71
N ASP C 460 -12.72 -11.28 -3.39
CA ASP C 460 -13.23 -11.03 -2.05
C ASP C 460 -13.43 -12.36 -1.30
N ARG C 461 -14.21 -13.25 -1.90
CA ARG C 461 -14.66 -14.49 -1.28
C ARG C 461 -13.69 -15.64 -1.50
N LEU C 462 -12.51 -15.36 -2.07
CA LEU C 462 -11.57 -16.42 -2.38
C LEU C 462 -10.92 -16.93 -1.10
N TRP C 463 -11.76 -17.50 -0.24
CA TRP C 463 -11.35 -18.34 0.87
C TRP C 463 -12.12 -19.64 0.83
N HIS C 464 -13.17 -19.68 0.00
CA HIS C 464 -13.92 -20.87 -0.34
C HIS C 464 -14.16 -20.90 -1.84
N ASP C 465 -13.94 -19.78 -2.52
CA ASP C 465 -14.21 -19.62 -3.94
C ASP C 465 -13.17 -20.35 -4.78
N LYS C 466 -13.65 -21.01 -5.84
CA LYS C 466 -12.80 -21.70 -6.81
C LYS C 466 -11.79 -22.64 -6.18
N TYR C 467 -12.04 -23.08 -4.95
CA TYR C 467 -11.19 -24.08 -4.30
C TYR C 467 -12.10 -24.87 -3.38
N ALA C 468 -12.63 -25.98 -3.89
CA ALA C 468 -13.50 -26.88 -3.18
C ALA C 468 -12.85 -28.24 -2.96
N LEU C 469 -13.22 -28.87 -1.85
CA LEU C 469 -12.64 -30.15 -1.46
C LEU C 469 -13.54 -31.26 -1.98
N ARG C 470 -12.99 -32.15 -2.79
CA ARG C 470 -13.75 -33.22 -3.41
C ARG C 470 -13.64 -34.45 -2.52
N LYS C 471 -14.79 -34.94 -2.05
CA LYS C 471 -14.81 -35.99 -1.04
C LYS C 471 -14.44 -37.31 -1.70
N PRO C 472 -15.04 -37.66 -2.83
CA PRO C 472 -14.84 -38.99 -3.40
C PRO C 472 -13.56 -39.15 -4.19
N MET C 473 -12.64 -38.18 -4.10
CA MET C 473 -11.43 -38.17 -4.91
C MET C 473 -10.17 -38.20 -4.04
N ILE C 474 -10.25 -38.83 -2.88
CA ILE C 474 -9.17 -38.85 -1.90
C ILE C 474 -8.58 -40.25 -1.88
N PRO C 475 -7.27 -40.40 -2.06
CA PRO C 475 -6.65 -41.73 -1.95
C PRO C 475 -6.78 -42.32 -0.57
N SER C 476 -6.69 -43.65 -0.51
CA SER C 476 -6.73 -44.36 0.77
C SER C 476 -5.58 -43.94 1.65
N PHE C 477 -4.47 -43.51 1.07
CA PHE C 477 -3.34 -43.03 1.84
C PHE C 477 -3.43 -41.54 2.14
N MET C 478 -4.53 -40.90 1.77
CA MET C 478 -4.73 -39.47 1.99
C MET C 478 -5.79 -39.28 3.06
N THR C 479 -5.46 -38.45 4.06
CA THR C 479 -6.29 -38.30 5.25
C THR C 479 -6.91 -36.91 5.30
N MET C 480 -7.94 -36.77 6.12
CA MET C 480 -8.74 -35.56 6.13
C MET C 480 -7.92 -34.35 6.56
N ASP C 481 -7.16 -34.49 7.64
CA ASP C 481 -6.35 -33.37 8.12
C ASP C 481 -5.28 -33.00 7.10
N GLN C 482 -4.68 -34.00 6.47
CA GLN C 482 -3.72 -33.73 5.41
C GLN C 482 -4.38 -32.97 4.28
N CYS C 483 -5.59 -33.38 3.90
CA CYS C 483 -6.31 -32.66 2.86
C CYS C 483 -6.55 -31.22 3.25
N ARG C 484 -6.96 -30.98 4.49
CA ARG C 484 -7.20 -29.63 4.94
C ARG C 484 -5.92 -28.80 4.89
N LYS C 485 -4.82 -29.37 5.35
CA LYS C 485 -3.56 -28.63 5.35
C LYS C 485 -3.13 -28.30 3.94
N VAL C 486 -3.22 -29.26 3.03
CA VAL C 486 -2.77 -29.02 1.66
C VAL C 486 -3.69 -28.03 0.96
N LEU C 487 -4.99 -28.11 1.23
CA LEU C 487 -5.91 -27.12 0.68
C LEU C 487 -5.57 -25.73 1.17
N LEU C 488 -5.28 -25.58 2.46
CA LEU C 488 -4.92 -24.27 2.98
C LEU C 488 -3.64 -23.76 2.34
N ILE C 489 -2.65 -24.65 2.19
CA ILE C 489 -1.37 -24.23 1.61
C ILE C 489 -1.57 -23.77 0.17
N GLY C 490 -2.30 -24.56 -0.61
CA GLY C 490 -2.56 -24.20 -1.98
C GLY C 490 -3.35 -22.92 -2.11
N LYS C 491 -4.35 -22.75 -1.25
CA LYS C 491 -5.14 -21.52 -1.30
C LYS C 491 -4.28 -20.32 -0.93
N SER C 492 -3.37 -20.49 0.02
CA SER C 492 -2.47 -19.39 0.36
C SER C 492 -1.57 -19.04 -0.81
N ILE C 493 -1.03 -20.05 -1.49
CA ILE C 493 -0.18 -19.78 -2.65
C ILE C 493 -0.98 -19.07 -3.73
N ASN C 494 -2.19 -19.55 -4.00
CA ASN C 494 -3.03 -18.92 -5.02
C ASN C 494 -3.35 -17.48 -4.67
N PHE C 495 -3.70 -17.22 -3.42
CA PHE C 495 -3.99 -15.85 -3.02
C PHE C 495 -2.77 -14.96 -3.16
N LEU C 496 -1.61 -15.45 -2.73
CA LEU C 496 -0.40 -14.65 -2.83
C LEU C 496 -0.08 -14.33 -4.29
N HIS C 497 -0.20 -15.32 -5.17
CA HIS C 497 0.17 -15.07 -6.56
C HIS C 497 -0.88 -14.29 -7.31
N GLN C 498 -2.14 -14.35 -6.89
CA GLN C 498 -3.25 -13.72 -7.60
C GLN C 498 -3.78 -12.48 -6.90
N VAL C 499 -4.14 -12.60 -5.63
CA VAL C 499 -4.73 -11.47 -4.91
C VAL C 499 -3.68 -10.61 -4.23
N CYS C 500 -2.58 -11.20 -3.78
CA CYS C 500 -1.46 -10.43 -3.27
C CYS C 500 -0.46 -10.06 -4.34
N HIS C 501 -0.53 -10.70 -5.51
CA HIS C 501 0.32 -10.31 -6.63
C HIS C 501 1.79 -10.37 -6.24
N ASP C 502 2.15 -11.38 -5.44
CA ASP C 502 3.51 -11.60 -5.00
C ASP C 502 3.98 -12.96 -5.47
N GLN C 503 5.17 -13.02 -6.05
CA GLN C 503 5.74 -14.23 -6.60
C GLN C 503 6.92 -14.64 -5.73
N THR C 504 6.73 -15.68 -4.92
CA THR C 504 7.75 -16.18 -4.03
C THR C 504 7.98 -17.66 -4.31
N PRO C 505 9.22 -18.09 -4.54
CA PRO C 505 9.43 -19.50 -4.87
C PRO C 505 9.08 -20.39 -3.68
N THR C 506 8.58 -21.58 -4.01
CA THR C 506 8.22 -22.60 -3.03
C THR C 506 9.00 -23.85 -3.39
N THR C 507 10.19 -23.99 -2.80
CA THR C 507 11.05 -25.13 -3.08
C THR C 507 10.44 -26.42 -2.53
N LEU C 525 10.04 -44.35 5.59
CA LEU C 525 9.11 -45.39 5.19
C LEU C 525 9.00 -45.46 3.68
N PHE C 526 9.34 -46.61 3.10
CA PHE C 526 9.25 -46.77 1.65
C PHE C 526 7.80 -46.99 1.22
N THR C 527 7.23 -48.14 1.61
CA THR C 527 5.81 -48.43 1.45
C THR C 527 5.23 -47.71 0.23
N ASP C 528 4.07 -47.10 0.39
CA ASP C 528 3.61 -46.09 -0.57
C ASP C 528 2.95 -44.93 0.17
N LEU C 529 3.15 -44.85 1.48
CA LEU C 529 2.62 -43.80 2.35
C LEU C 529 3.72 -42.92 2.91
N GLU C 530 4.85 -43.52 3.25
CA GLU C 530 6.03 -42.84 3.78
C GLU C 530 5.71 -42.13 5.10
N ASN C 531 6.74 -41.63 5.75
CA ASN C 531 6.62 -40.62 6.80
C ASN C 531 7.16 -39.26 6.39
N ALA C 532 8.15 -39.22 5.51
CA ALA C 532 8.61 -37.96 4.96
C ALA C 532 7.57 -37.24 4.13
N PHE C 533 6.56 -37.94 3.62
CA PHE C 533 5.47 -37.23 2.96
C PHE C 533 4.81 -36.24 3.90
N GLN C 534 4.40 -36.71 5.08
CA GLN C 534 3.77 -35.83 6.04
C GLN C 534 4.74 -34.78 6.59
N GLY C 535 6.01 -35.14 6.75
CA GLY C 535 6.98 -34.15 7.20
C GLY C 535 7.14 -33.03 6.20
N LYS C 536 7.24 -33.37 4.91
CA LYS C 536 7.30 -32.35 3.88
C LYS C 536 6.03 -31.51 3.89
N ILE C 537 4.88 -32.15 4.03
CA ILE C 537 3.62 -31.42 4.06
C ILE C 537 3.63 -30.39 5.18
N ASP C 538 4.00 -30.83 6.39
CA ASP C 538 3.97 -29.92 7.53
C ASP C 538 4.98 -28.80 7.37
N ALA C 539 6.19 -29.12 6.92
CA ALA C 539 7.21 -28.09 6.76
C ALA C 539 6.79 -27.05 5.74
N ALA C 540 6.31 -27.52 4.58
CA ALA C 540 5.84 -26.60 3.55
C ALA C 540 4.65 -25.78 4.03
N TYR C 541 3.75 -26.41 4.80
CA TYR C 541 2.62 -25.66 5.34
C TYR C 541 3.11 -24.53 6.23
N PHE C 542 4.02 -24.84 7.15
CA PHE C 542 4.47 -23.82 8.08
C PHE C 542 5.27 -22.74 7.38
N GLU C 543 6.00 -23.13 6.32
CA GLU C 543 6.70 -22.13 5.51
C GLU C 543 5.71 -21.23 4.81
N THR C 544 4.75 -21.81 4.09
CA THR C 544 3.85 -21.03 3.27
C THR C 544 3.04 -20.11 4.16
N SER C 545 2.45 -20.67 5.21
CA SER C 545 1.61 -19.90 6.10
C SER C 545 2.39 -18.76 6.74
N LYS C 546 3.61 -19.03 7.22
CA LYS C 546 4.37 -17.98 7.87
C LYS C 546 4.72 -16.88 6.87
N TYR C 547 5.16 -17.26 5.67
CA TYR C 547 5.53 -16.25 4.68
C TYR C 547 4.34 -15.40 4.29
N LEU C 548 3.20 -16.03 4.02
CA LEU C 548 2.00 -15.26 3.67
C LEU C 548 1.55 -14.38 4.82
N LEU C 549 1.65 -14.86 6.05
CA LEU C 549 1.28 -14.04 7.19
C LEU C 549 2.15 -12.81 7.27
N ASP C 550 3.46 -12.98 7.09
CA ASP C 550 4.37 -11.83 7.09
C ASP C 550 4.02 -10.87 5.96
N VAL C 551 3.74 -11.40 4.78
CA VAL C 551 3.41 -10.55 3.64
C VAL C 551 2.17 -9.73 3.93
N LEU C 552 1.14 -10.37 4.47
CA LEU C 552 -0.14 -9.71 4.65
C LEU C 552 -0.13 -8.74 5.83
N ASN C 553 0.61 -9.07 6.89
CA ASN C 553 0.71 -8.17 8.03
C ASN C 553 1.75 -7.08 7.85
N LYS C 554 2.61 -7.19 6.84
CA LYS C 554 3.59 -6.13 6.58
C LYS C 554 3.18 -5.20 5.46
N LYS C 555 2.74 -5.75 4.33
CA LYS C 555 2.28 -4.94 3.22
C LYS C 555 0.77 -5.05 3.10
N TYR C 556 0.20 -4.11 2.33
CA TYR C 556 -1.23 -4.12 2.10
C TYR C 556 -1.98 -3.96 3.41
N SER C 557 -2.49 -5.06 3.94
CA SER C 557 -3.17 -5.05 5.22
C SER C 557 -2.18 -4.96 6.37
N LEU C 558 -2.72 -4.59 7.53
CA LEU C 558 -1.94 -4.50 8.75
C LEU C 558 -2.87 -4.84 9.91
N LEU C 559 -2.28 -5.32 11.01
CA LEU C 559 -3.05 -5.49 12.24
C LEU C 559 -3.59 -4.15 12.72
N ASP C 560 -2.94 -3.05 12.34
CA ASP C 560 -3.35 -1.76 12.85
C ASP C 560 -4.72 -1.38 12.35
N HIS C 561 -5.19 -2.04 11.29
CA HIS C 561 -6.53 -1.72 10.82
C HIS C 561 -7.56 -2.18 11.85
N MET C 562 -7.35 -3.34 12.46
CA MET C 562 -8.31 -3.76 13.46
C MET C 562 -8.22 -2.86 14.68
N GLN C 563 -6.99 -2.58 15.12
CA GLN C 563 -6.79 -1.57 16.16
C GLN C 563 -7.46 -0.28 15.74
N ALA C 564 -7.42 0.02 14.44
CA ALA C 564 -7.95 1.28 13.98
C ALA C 564 -9.44 1.28 14.17
N MET C 565 -10.11 0.22 13.73
CA MET C 565 -11.55 0.21 13.90
C MET C 565 -11.88 0.00 15.37
N ARG C 566 -10.95 -0.56 16.14
CA ARG C 566 -11.13 -0.57 17.58
C ARG C 566 -11.12 0.86 18.10
N ARG C 567 -10.12 1.65 17.70
CA ARG C 567 -10.04 3.02 18.19
C ARG C 567 -11.22 3.84 17.70
N TYR C 568 -11.51 3.75 16.41
CA TYR C 568 -12.54 4.60 15.80
C TYR C 568 -13.89 3.91 15.83
N LEU C 569 -14.01 2.75 15.18
CA LEU C 569 -15.31 2.11 15.04
C LEU C 569 -15.80 1.51 16.34
N LEU C 570 -14.97 1.44 17.37
CA LEU C 570 -15.39 1.04 18.70
C LEU C 570 -15.40 2.20 19.68
N LEU C 571 -15.40 3.44 19.19
CA LEU C 571 -15.63 4.60 20.04
C LEU C 571 -14.60 4.67 21.16
N GLY C 572 -13.40 4.14 20.90
CA GLY C 572 -12.29 4.33 21.81
C GLY C 572 -11.80 5.76 21.87
N GLN C 573 -11.97 6.52 20.79
CA GLN C 573 -11.42 7.86 20.75
C GLN C 573 -12.07 8.74 21.81
N GLY C 574 -13.40 8.78 21.84
CA GLY C 574 -14.08 9.64 22.79
C GLY C 574 -14.17 11.06 22.29
N ASP C 575 -13.06 11.79 22.37
CA ASP C 575 -13.07 13.18 21.95
C ASP C 575 -13.42 13.28 20.48
N PHE C 576 -12.89 12.35 19.67
CA PHE C 576 -13.33 12.27 18.28
C PHE C 576 -14.84 12.13 18.22
N ILE C 577 -15.38 11.14 18.93
CA ILE C 577 -16.82 10.90 18.90
C ILE C 577 -17.56 12.04 19.59
N ARG C 578 -17.00 12.57 20.68
CA ARG C 578 -17.66 13.65 21.39
C ARG C 578 -17.87 14.85 20.47
N HIS C 579 -16.80 15.30 19.82
CA HIS C 579 -16.93 16.45 18.92
C HIS C 579 -17.74 16.09 17.70
N LEU C 580 -17.66 14.85 17.24
CA LEU C 580 -18.50 14.40 16.13
C LEU C 580 -19.97 14.63 16.44
N MET C 581 -20.43 14.13 17.58
CA MET C 581 -21.83 14.35 17.93
C MET C 581 -22.11 15.79 18.31
N ASP C 582 -21.10 16.52 18.79
CA ASP C 582 -21.25 17.95 19.02
C ASP C 582 -21.62 18.67 17.73
N LEU C 583 -20.91 18.36 16.65
CA LEU C 583 -21.22 18.98 15.37
C LEU C 583 -22.47 18.40 14.73
N LEU C 584 -22.79 17.14 15.01
CA LEU C 584 -23.98 16.54 14.43
C LEU C 584 -25.26 17.04 15.09
N LYS C 585 -25.18 17.51 16.33
CA LYS C 585 -26.38 17.99 17.00
C LYS C 585 -27.07 19.06 16.17
N PRO C 586 -26.37 20.08 15.67
CA PRO C 586 -27.06 21.10 14.85
C PRO C 586 -27.65 20.53 13.58
N GLU C 587 -27.17 19.38 13.11
CA GLU C 587 -27.61 18.82 11.85
C GLU C 587 -28.65 17.71 12.03
N LEU C 588 -28.35 16.71 12.84
CA LEU C 588 -29.25 15.56 12.94
C LEU C 588 -30.59 15.94 13.53
N VAL C 589 -30.69 17.11 14.16
CA VAL C 589 -31.98 17.63 14.57
C VAL C 589 -32.86 17.92 13.35
N ARG C 590 -32.26 18.32 12.24
CA ARG C 590 -33.05 18.58 11.05
C ARG C 590 -33.65 17.28 10.54
N PRO C 591 -34.74 17.36 9.77
CA PRO C 591 -35.36 16.13 9.26
C PRO C 591 -34.37 15.38 8.38
N ALA C 592 -34.51 14.05 8.37
CA ALA C 592 -33.59 13.24 7.57
C ALA C 592 -33.62 13.65 6.11
N THR C 593 -34.77 14.12 5.62
CA THR C 593 -34.88 14.51 4.22
C THR C 593 -34.02 15.73 3.93
N THR C 594 -33.95 16.66 4.88
CA THR C 594 -33.28 17.94 4.69
C THR C 594 -31.76 17.85 4.76
N LEU C 595 -31.18 16.66 4.75
CA LEU C 595 -29.76 16.52 5.02
C LEU C 595 -28.97 16.39 3.72
N TYR C 596 -27.66 16.56 3.85
CA TYR C 596 -26.76 16.55 2.70
C TYR C 596 -25.45 15.91 3.14
N GLN C 597 -25.14 14.72 2.61
CA GLN C 597 -23.87 14.10 2.92
C GLN C 597 -22.69 14.91 2.42
N HIS C 598 -22.91 15.78 1.42
CA HIS C 598 -21.86 16.66 0.97
C HIS C 598 -21.24 17.44 2.13
N ASN C 599 -22.09 18.07 2.96
CA ASN C 599 -21.55 18.79 4.10
C ASN C 599 -21.12 17.84 5.20
N LEU C 600 -21.73 16.65 5.27
CA LEU C 600 -21.38 15.71 6.32
C LEU C 600 -19.96 15.21 6.18
N THR C 601 -19.52 14.95 4.95
CA THR C 601 -18.14 14.51 4.74
C THR C 601 -17.14 15.57 5.16
N GLY C 602 -17.44 16.84 4.86
CA GLY C 602 -16.59 17.91 5.34
C GLY C 602 -16.56 18.02 6.84
N ILE C 603 -17.71 17.85 7.48
CA ILE C 603 -17.75 17.81 8.94
C ILE C 603 -16.83 16.71 9.45
N LEU C 604 -16.94 15.51 8.88
CA LEU C 604 -16.10 14.39 9.28
C LEU C 604 -14.63 14.73 9.16
N GLU C 605 -14.22 15.21 7.98
CA GLU C 605 -12.81 15.43 7.72
C GLU C 605 -12.26 16.54 8.60
N THR C 606 -13.04 17.61 8.81
CA THR C 606 -12.57 18.70 9.64
C THR C 606 -12.48 18.27 11.10
N ALA C 607 -13.38 17.41 11.54
CA ALA C 607 -13.27 16.89 12.90
C ALA C 607 -12.04 16.01 13.05
N VAL C 608 -11.77 15.17 12.06
CA VAL C 608 -10.58 14.32 12.11
C VAL C 608 -9.32 15.17 12.15
N ARG C 609 -9.26 16.20 11.31
CA ARG C 609 -8.14 17.13 11.38
C ARG C 609 -8.07 17.83 12.72
N ALA C 610 -9.22 18.04 13.36
CA ALA C 610 -9.23 18.65 14.69
C ALA C 610 -8.73 17.70 15.76
N THR C 611 -9.04 16.42 15.66
CA THR C 611 -8.78 15.50 16.76
C THR C 611 -7.43 14.80 16.59
N ASN C 612 -7.14 13.90 17.53
CA ASN C 612 -5.88 13.16 17.53
C ASN C 612 -5.79 12.14 16.40
N ALA C 613 -6.91 11.78 15.77
CA ALA C 613 -6.85 10.82 14.67
C ALA C 613 -5.95 11.32 13.55
N GLN C 614 -5.76 12.64 13.44
CA GLN C 614 -4.83 13.22 12.48
C GLN C 614 -3.40 12.78 12.72
N PHE C 615 -3.07 12.36 13.94
CA PHE C 615 -1.74 11.89 14.28
C PHE C 615 -1.56 10.40 13.99
N ASP C 616 -2.56 9.75 13.40
CA ASP C 616 -2.51 8.33 13.12
C ASP C 616 -2.19 8.10 11.65
N SER C 617 -2.06 6.83 11.27
CA SER C 617 -1.64 6.50 9.92
C SER C 617 -2.64 7.03 8.90
N PRO C 618 -2.17 7.63 7.81
CA PRO C 618 -3.12 8.12 6.80
C PRO C 618 -3.83 7.00 6.05
N GLU C 619 -3.32 5.78 6.09
CA GLU C 619 -3.99 4.68 5.39
C GLU C 619 -5.30 4.36 6.06
N ILE C 620 -5.28 4.18 7.38
CA ILE C 620 -6.52 3.95 8.12
C ILE C 620 -7.42 5.16 8.02
N LEU C 621 -6.84 6.36 7.99
CA LEU C 621 -7.65 7.56 7.84
C LEU C 621 -8.43 7.53 6.53
N LYS C 622 -7.75 7.18 5.44
CA LYS C 622 -8.45 7.04 4.16
C LYS C 622 -9.40 5.86 4.16
N ARG C 623 -9.20 4.89 5.05
CA ARG C 623 -10.14 3.77 5.12
C ARG C 623 -11.48 4.18 5.71
N LEU C 624 -11.52 5.26 6.48
CA LEU C 624 -12.77 5.75 7.04
C LEU C 624 -13.62 6.40 5.97
N ASP C 625 -14.93 6.47 6.24
CA ASP C 625 -15.85 7.18 5.36
C ASP C 625 -17.20 7.31 6.05
N VAL C 626 -17.78 8.50 5.98
CA VAL C 626 -19.12 8.76 6.51
C VAL C 626 -20.14 8.44 5.44
N ARG C 627 -21.27 7.87 5.85
CA ARG C 627 -22.38 7.56 4.97
C ARG C 627 -23.68 8.05 5.59
N LEU C 628 -24.67 8.25 4.74
CA LEU C 628 -26.03 8.55 5.18
C LEU C 628 -26.85 7.29 5.02
N LEU C 629 -27.07 6.59 6.12
CA LEU C 629 -27.64 5.26 6.13
C LEU C 629 -29.12 5.42 6.46
N GLU C 630 -29.97 5.13 5.48
CA GLU C 630 -31.40 5.36 5.65
C GLU C 630 -31.91 4.55 6.82
N VAL C 631 -32.41 5.25 7.83
CA VAL C 631 -33.02 4.63 9.00
C VAL C 631 -34.46 5.08 9.19
N SER C 632 -34.73 6.38 9.05
CA SER C 632 -36.07 6.91 9.21
C SER C 632 -36.55 7.49 7.89
N PRO C 633 -37.87 7.50 7.64
CA PRO C 633 -38.35 8.03 6.36
C PRO C 633 -38.11 9.52 6.31
N GLY C 634 -38.60 10.24 7.32
CA GLY C 634 -38.46 11.67 7.37
C GLY C 634 -38.16 12.17 8.77
N ASP C 635 -37.55 11.32 9.60
CA ASP C 635 -37.31 11.65 11.00
C ASP C 635 -36.02 12.47 11.13
N THR C 636 -35.54 12.64 12.35
CA THR C 636 -34.33 13.41 12.59
C THR C 636 -33.14 12.71 11.95
N GLY C 637 -32.12 13.50 11.61
CA GLY C 637 -30.94 12.92 11.00
C GLY C 637 -30.07 12.13 11.95
N TRP C 638 -30.34 12.20 13.25
CA TRP C 638 -29.62 11.36 14.20
C TRP C 638 -29.74 9.88 13.83
N ASP C 639 -30.90 9.47 13.30
CA ASP C 639 -31.11 8.07 12.95
C ASP C 639 -30.35 7.66 11.70
N VAL C 640 -30.38 8.47 10.64
CA VAL C 640 -29.84 8.01 9.36
C VAL C 640 -28.33 8.19 9.22
N PHE C 641 -27.70 8.98 10.09
CA PHE C 641 -26.24 9.11 10.05
C PHE C 641 -25.56 7.77 10.31
N SER C 642 -24.44 7.54 9.62
CA SER C 642 -23.69 6.31 9.81
C SER C 642 -22.28 6.52 9.28
N LEU C 643 -21.38 5.63 9.68
CA LEU C 643 -20.06 5.53 9.07
C LEU C 643 -19.92 4.19 8.36
N ASP C 644 -19.15 4.16 7.28
CA ASP C 644 -18.98 2.95 6.49
C ASP C 644 -17.60 2.32 6.63
N TYR C 645 -16.54 3.11 6.66
CA TYR C 645 -15.17 2.58 6.73
C TYR C 645 -14.96 1.51 5.67
N HIS C 646 -15.07 1.92 4.40
CA HIS C 646 -14.93 0.95 3.33
C HIS C 646 -13.51 0.40 3.30
N VAL C 647 -13.41 -0.92 3.19
CA VAL C 647 -12.15 -1.63 3.00
C VAL C 647 -12.41 -2.75 2.00
N ASP C 648 -11.55 -2.86 0.98
CA ASP C 648 -11.85 -3.73 -0.14
C ASP C 648 -10.57 -4.34 -0.69
N GLY C 649 -10.74 -5.39 -1.47
CA GLY C 649 -9.64 -6.06 -2.14
C GLY C 649 -8.82 -6.95 -1.23
N PRO C 650 -7.55 -7.17 -1.60
CA PRO C 650 -6.65 -7.92 -0.71
C PRO C 650 -6.48 -7.26 0.65
N ILE C 651 -6.68 -5.95 0.74
CA ILE C 651 -6.72 -5.28 2.03
C ILE C 651 -8.04 -5.65 2.71
N ALA C 652 -7.94 -6.37 3.82
CA ALA C 652 -9.11 -6.83 4.57
C ALA C 652 -10.07 -7.59 3.65
N THR C 653 -9.53 -8.61 2.99
CA THR C 653 -10.36 -9.55 2.24
C THR C 653 -11.41 -10.16 3.15
N VAL C 654 -11.12 -10.24 4.44
CA VAL C 654 -12.02 -10.81 5.44
C VAL C 654 -13.23 -9.90 5.64
N PHE C 655 -14.18 -10.36 6.45
CA PHE C 655 -15.44 -9.74 6.82
C PHE C 655 -16.52 -9.92 5.74
N THR C 656 -16.18 -10.33 4.52
CA THR C 656 -17.15 -10.85 3.55
C THR C 656 -18.37 -9.95 3.40
N ARG C 657 -18.29 -8.69 3.84
CA ARG C 657 -19.44 -7.79 3.85
C ARG C 657 -20.64 -8.44 4.55
N GLU C 658 -20.36 -9.24 5.57
CA GLU C 658 -21.39 -9.74 6.48
C GLU C 658 -21.10 -9.42 7.93
N CYS C 659 -19.83 -9.46 8.33
CA CYS C 659 -19.42 -9.02 9.65
C CYS C 659 -19.46 -7.50 9.78
N MET C 660 -19.14 -6.79 8.71
CA MET C 660 -19.26 -5.33 8.74
C MET C 660 -20.70 -4.89 8.94
N SER C 661 -21.68 -5.69 8.51
CA SER C 661 -23.06 -5.36 8.82
C SER C 661 -23.31 -5.38 10.32
N HIS C 662 -22.80 -6.41 11.00
CA HIS C 662 -22.92 -6.46 12.45
C HIS C 662 -22.17 -5.31 13.10
N TYR C 663 -21.00 -4.99 12.57
CA TYR C 663 -20.25 -3.86 13.10
C TYR C 663 -21.04 -2.58 12.97
N LEU C 664 -21.71 -2.39 11.83
CA LEU C 664 -22.54 -1.19 11.65
C LEU C 664 -23.71 -1.17 12.61
N ARG C 665 -24.34 -2.33 12.84
CA ARG C 665 -25.45 -2.38 13.79
C ARG C 665 -24.98 -2.01 15.19
N ALA C 666 -23.86 -2.59 15.61
CA ALA C 666 -23.30 -2.23 16.91
C ALA C 666 -22.91 -0.76 16.96
N PHE C 667 -22.43 -0.22 15.85
CA PHE C 667 -22.11 1.20 15.81
C PHE C 667 -23.36 2.04 16.06
N ASN C 668 -24.46 1.67 15.43
CA ASN C 668 -25.72 2.38 15.68
C ASN C 668 -26.13 2.27 17.14
N PHE C 669 -26.04 1.07 17.70
CA PHE C 669 -26.40 0.87 19.10
C PHE C 669 -25.59 1.78 20.01
N LEU C 670 -24.27 1.74 19.87
CA LEU C 670 -23.43 2.56 20.72
C LEU C 670 -23.61 4.03 20.42
N TRP C 671 -23.96 4.38 19.19
CA TRP C 671 -24.19 5.78 18.86
C TRP C 671 -25.41 6.30 19.60
N ARG C 672 -26.50 5.55 19.59
CA ARG C 672 -27.67 5.95 20.36
C ARG C 672 -27.32 6.05 21.84
N ALA C 673 -26.58 5.07 22.35
CA ALA C 673 -26.23 5.08 23.77
C ALA C 673 -25.43 6.33 24.12
N LYS C 674 -24.43 6.66 23.29
CA LYS C 674 -23.57 7.80 23.59
C LYS C 674 -24.35 9.10 23.45
N ARG C 675 -25.25 9.16 22.46
CA ARG C 675 -26.07 10.36 22.31
C ARG C 675 -26.89 10.59 23.56
N VAL C 676 -27.56 9.56 24.06
CA VAL C 676 -28.38 9.76 25.24
C VAL C 676 -27.52 10.06 26.46
N GLU C 677 -26.31 9.52 26.50
CA GLU C 677 -25.39 9.91 27.57
C GLU C 677 -25.10 11.40 27.50
N TYR C 678 -24.76 11.89 26.32
CA TYR C 678 -24.43 13.30 26.21
C TYR C 678 -25.65 14.15 26.52
N ILE C 679 -26.83 13.65 26.18
CA ILE C 679 -28.07 14.34 26.54
C ILE C 679 -28.13 14.52 28.05
N LEU C 680 -27.86 13.43 28.78
CA LEU C 680 -27.93 13.49 30.23
C LEU C 680 -26.91 14.48 30.77
N THR C 681 -25.71 14.45 30.21
CA THR C 681 -24.66 15.35 30.66
C THR C 681 -25.05 16.81 30.42
N ASP C 682 -25.59 17.09 29.24
CA ASP C 682 -26.05 18.44 28.94
C ASP C 682 -27.15 18.88 29.89
N ILE C 683 -28.07 17.97 30.21
CA ILE C 683 -29.15 18.34 31.12
C ILE C 683 -28.61 18.67 32.49
N ARG C 684 -27.67 17.87 32.99
CA ARG C 684 -27.09 18.19 34.30
C ARG C 684 -26.29 19.48 34.27
N LYS C 685 -25.59 19.75 33.16
CA LYS C 685 -24.93 21.04 33.01
C LYS C 685 -25.94 22.17 33.06
N GLY C 686 -27.07 22.00 32.39
CA GLY C 686 -28.12 23.01 32.44
C GLY C 686 -28.65 23.20 33.85
N HIS C 687 -28.81 22.11 34.58
CA HIS C 687 -29.27 22.20 35.95
C HIS C 687 -28.30 23.02 36.78
N MET C 688 -27.01 22.72 36.66
CA MET C 688 -26.02 23.43 37.45
C MET C 688 -25.94 24.90 37.06
N CYS C 689 -26.13 25.20 35.77
CA CYS C 689 -26.16 26.60 35.33
C CYS C 689 -27.37 27.32 35.91
N ASN C 690 -28.53 26.68 35.89
CA ASN C 690 -29.76 27.34 36.30
C ASN C 690 -29.82 27.51 37.80
N ALA C 691 -29.20 26.59 38.55
CA ALA C 691 -29.34 26.60 40.00
C ALA C 691 -28.80 27.90 40.59
N ARG C 692 -27.73 28.44 40.03
CA ARG C 692 -27.26 29.71 40.55
C ARG C 692 -28.14 30.87 40.15
N LEU C 693 -29.25 30.61 39.44
CA LEU C 693 -30.20 31.65 39.05
C LEU C 693 -31.55 31.52 39.74
N LEU C 694 -31.84 30.36 40.33
CA LEU C 694 -33.09 30.11 41.04
C LEU C 694 -32.92 30.17 42.55
N ARG C 695 -31.74 30.54 43.02
CA ARG C 695 -31.49 30.71 44.45
C ARG C 695 -32.19 31.90 45.07
N SER C 696 -32.77 32.80 44.26
CA SER C 696 -33.66 33.82 44.81
C SER C 696 -35.13 33.45 44.78
N MET C 697 -35.51 32.32 44.18
CA MET C 697 -36.90 31.88 44.13
C MET C 697 -37.00 30.46 44.64
N PRO C 698 -36.99 30.27 45.97
CA PRO C 698 -36.97 28.90 46.51
C PRO C 698 -38.22 28.09 46.18
N GLU C 699 -39.33 28.74 45.82
CA GLU C 699 -40.52 27.98 45.48
C GLU C 699 -40.27 27.13 44.25
N PHE C 700 -39.54 27.66 43.27
CA PHE C 700 -39.17 26.83 42.14
C PHE C 700 -38.02 25.91 42.53
N SER C 701 -37.32 26.26 43.62
CA SER C 701 -36.22 25.44 44.10
C SER C 701 -36.71 24.07 44.55
N GLY C 702 -37.88 24.01 45.18
CA GLY C 702 -38.38 22.73 45.63
C GLY C 702 -38.64 21.76 44.48
N VAL C 703 -39.32 22.25 43.44
CA VAL C 703 -39.56 21.38 42.31
C VAL C 703 -38.26 21.10 41.58
N LEU C 704 -37.33 22.05 41.56
CA LEU C 704 -36.04 21.76 40.95
C LEU C 704 -35.29 20.71 41.74
N HIS C 705 -35.49 20.68 43.06
CA HIS C 705 -34.94 19.61 43.88
C HIS C 705 -35.46 18.26 43.43
N HIS C 706 -36.78 18.13 43.29
CA HIS C 706 -37.32 16.84 42.88
C HIS C 706 -36.87 16.50 41.46
N CYS C 707 -36.84 17.49 40.58
CA CYS C 707 -36.38 17.30 39.21
C CYS C 707 -34.96 16.78 39.20
N HIS C 708 -34.07 17.45 39.94
CA HIS C 708 -32.67 17.06 39.98
C HIS C 708 -32.52 15.68 40.59
N ILE C 709 -33.30 15.36 41.62
CA ILE C 709 -33.13 14.07 42.27
C ILE C 709 -33.49 12.95 41.30
N LEU C 710 -34.61 13.10 40.59
CA LEU C 710 -34.97 12.07 39.63
C LEU C 710 -33.99 12.02 38.46
N ALA C 711 -33.54 13.19 38.01
CA ALA C 711 -32.58 13.26 36.93
C ALA C 711 -31.29 12.54 37.30
N SER C 712 -30.73 12.86 38.46
CA SER C 712 -29.54 12.18 38.94
C SER C 712 -29.79 10.68 39.04
N GLU C 713 -30.93 10.28 39.58
CA GLU C 713 -31.25 8.86 39.63
C GLU C 713 -31.02 8.23 38.27
N MET C 714 -31.76 8.72 37.27
CA MET C 714 -31.71 8.08 35.96
C MET C 714 -30.33 8.24 35.33
N VAL C 715 -29.67 9.37 35.56
CA VAL C 715 -28.40 9.63 34.91
C VAL C 715 -27.34 8.70 35.44
N HIS C 716 -27.33 8.51 36.77
CA HIS C 716 -26.41 7.53 37.35
C HIS C 716 -26.72 6.14 36.83
N PHE C 717 -28.00 5.79 36.70
CA PHE C 717 -28.33 4.45 36.26
C PHE C 717 -27.82 4.21 34.84
N ILE C 718 -28.08 5.16 33.94
CA ILE C 718 -27.62 5.03 32.57
C ILE C 718 -26.10 5.00 32.50
N HIS C 719 -25.46 5.93 33.21
CA HIS C 719 -24.00 5.96 33.24
C HIS C 719 -23.44 4.61 33.67
N GLN C 720 -23.96 4.06 34.76
CA GLN C 720 -23.45 2.80 35.29
C GLN C 720 -23.64 1.69 34.27
N MET C 721 -24.85 1.53 33.75
CA MET C 721 -25.11 0.43 32.85
C MET C 721 -24.26 0.54 31.58
N GLN C 722 -24.16 1.75 31.03
CA GLN C 722 -23.40 1.92 29.81
C GLN C 722 -21.91 1.68 30.05
N TYR C 723 -21.37 2.17 31.16
CA TYR C 723 -19.96 1.90 31.45
C TYR C 723 -19.73 0.41 31.65
N TYR C 724 -20.65 -0.27 32.32
CA TYR C 724 -20.50 -1.70 32.53
C TYR C 724 -20.47 -2.45 31.21
N VAL C 725 -21.44 -2.19 30.35
CA VAL C 725 -21.47 -2.88 29.07
C VAL C 725 -20.25 -2.52 28.23
N THR C 726 -19.82 -1.25 28.30
CA THR C 726 -18.60 -0.86 27.59
C THR C 726 -17.41 -1.69 28.04
N PHE C 727 -17.18 -1.74 29.36
CA PHE C 727 -16.04 -2.50 29.86
C PHE C 727 -16.14 -3.96 29.44
N GLU C 728 -17.31 -4.57 29.67
CA GLU C 728 -17.49 -5.97 29.33
C GLU C 728 -17.17 -6.23 27.86
N VAL C 729 -17.92 -5.60 26.96
CA VAL C 729 -17.80 -5.91 25.55
C VAL C 729 -16.40 -5.58 25.06
N LEU C 730 -15.93 -4.36 25.32
CA LEU C 730 -14.64 -3.95 24.79
C LEU C 730 -13.53 -4.85 25.30
N GLU C 731 -13.45 -5.04 26.61
CA GLU C 731 -12.36 -5.84 27.17
C GLU C 731 -12.40 -7.25 26.61
N CYS C 732 -13.55 -7.93 26.72
CA CYS C 732 -13.62 -9.31 26.24
C CYS C 732 -13.21 -9.37 24.78
N SER C 733 -13.85 -8.57 23.94
CA SER C 733 -13.62 -8.64 22.50
C SER C 733 -12.15 -8.39 22.17
N TRP C 734 -11.64 -7.20 22.51
CA TRP C 734 -10.30 -6.84 22.10
C TRP C 734 -9.27 -7.78 22.70
N ASP C 735 -9.38 -8.06 24.00
CA ASP C 735 -8.40 -8.93 24.64
C ASP C 735 -8.35 -10.29 23.97
N GLU C 736 -9.52 -10.91 23.76
CA GLU C 736 -9.52 -12.25 23.20
C GLU C 736 -9.02 -12.23 21.76
N LEU C 737 -9.49 -11.27 20.95
CA LEU C 737 -9.02 -11.18 19.58
C LEU C 737 -7.52 -11.02 19.53
N TRP C 738 -6.99 -10.04 20.25
CA TRP C 738 -5.55 -9.79 20.24
C TRP C 738 -4.79 -11.03 20.64
N ASN C 739 -5.13 -11.63 21.78
CA ASN C 739 -4.36 -12.77 22.26
C ASN C 739 -4.45 -13.93 21.28
N ARG C 740 -5.64 -14.18 20.73
CA ARG C 740 -5.82 -15.34 19.88
C ARG C 740 -5.07 -15.17 18.56
N VAL C 741 -5.16 -13.99 17.97
CA VAL C 741 -4.45 -13.73 16.72
C VAL C 741 -2.94 -13.74 16.96
N GLN C 742 -2.51 -13.26 18.13
CA GLN C 742 -1.08 -13.22 18.42
C GLN C 742 -0.56 -14.63 18.60
N ARG C 743 -1.36 -15.50 19.21
CA ARG C 743 -0.95 -16.86 19.49
C ARG C 743 -1.18 -17.79 18.30
N ALA C 744 -2.13 -17.44 17.42
CA ALA C 744 -2.37 -18.25 16.24
C ALA C 744 -1.16 -18.23 15.31
N GLN C 745 -0.71 -19.41 14.91
CA GLN C 745 0.53 -19.53 14.14
C GLN C 745 0.35 -19.17 12.68
N ASP C 746 -0.83 -19.39 12.10
CA ASP C 746 -0.98 -19.29 10.66
C ASP C 746 -2.33 -18.67 10.32
N LEU C 747 -2.48 -18.31 9.05
CA LEU C 747 -3.57 -17.41 8.66
C LEU C 747 -4.92 -18.07 8.82
N ASP C 748 -5.01 -19.38 8.56
CA ASP C 748 -6.31 -20.03 8.63
C ASP C 748 -6.92 -19.84 10.01
N HIS C 749 -6.10 -20.03 11.05
CA HIS C 749 -6.59 -19.80 12.40
C HIS C 749 -6.79 -18.31 12.66
N ILE C 750 -5.89 -17.46 12.15
CA ILE C 750 -6.04 -16.03 12.38
C ILE C 750 -7.44 -15.63 11.96
N ILE C 751 -7.72 -15.79 10.66
CA ILE C 751 -8.97 -15.34 10.09
C ILE C 751 -10.14 -16.00 10.81
N ALA C 752 -10.10 -17.34 10.95
CA ALA C 752 -11.24 -18.03 11.48
C ALA C 752 -11.55 -17.58 12.90
N ALA C 753 -10.58 -17.69 13.81
CA ALA C 753 -10.82 -17.34 15.20
C ALA C 753 -11.19 -15.87 15.33
N HIS C 754 -10.41 -14.99 14.70
CA HIS C 754 -10.70 -13.56 14.76
C HIS C 754 -12.15 -13.28 14.38
N GLU C 755 -12.51 -13.64 13.15
CA GLU C 755 -13.83 -13.29 12.64
C GLU C 755 -14.92 -13.94 13.46
N ALA C 756 -14.76 -15.22 13.79
CA ALA C 756 -15.79 -15.92 14.53
C ALA C 756 -16.02 -15.25 15.88
N PHE C 757 -14.95 -15.02 16.64
CA PHE C 757 -15.10 -14.40 17.95
C PHE C 757 -15.70 -13.00 17.84
N LEU C 758 -15.17 -12.19 16.92
CA LEU C 758 -15.65 -10.82 16.80
C LEU C 758 -17.12 -10.78 16.44
N GLY C 759 -17.55 -11.67 15.54
CA GLY C 759 -18.95 -11.76 15.22
C GLY C 759 -19.78 -12.26 16.39
N THR C 760 -19.30 -13.29 17.08
CA THR C 760 -20.12 -13.97 18.07
C THR C 760 -20.33 -13.10 19.30
N VAL C 761 -19.36 -12.26 19.63
CA VAL C 761 -19.47 -11.47 20.87
C VAL C 761 -20.73 -10.61 20.83
N ILE C 762 -20.96 -9.94 19.70
CA ILE C 762 -22.03 -8.95 19.62
C ILE C 762 -23.24 -9.48 18.87
N SER C 763 -23.06 -10.46 17.97
CA SER C 763 -24.15 -10.95 17.14
C SER C 763 -25.22 -11.62 17.97
N ARG C 764 -24.85 -12.63 18.74
CA ARG C 764 -25.78 -13.41 19.53
C ARG C 764 -25.65 -13.13 21.01
N CYS C 765 -24.42 -12.96 21.50
CA CYS C 765 -24.25 -12.72 22.92
C CYS C 765 -24.92 -11.42 23.32
N LEU C 766 -24.85 -10.40 22.47
CA LEU C 766 -25.45 -9.10 22.74
C LEU C 766 -26.76 -8.89 21.98
N LEU C 767 -27.17 -9.85 21.15
CA LEU C 767 -28.36 -9.71 20.32
C LEU C 767 -29.12 -11.02 20.21
N ASP C 768 -30.42 -10.97 20.50
CA ASP C 768 -31.31 -12.13 20.40
C ASP C 768 -32.72 -11.58 20.59
N SER C 769 -33.70 -12.49 20.63
CA SER C 769 -35.05 -12.04 20.92
C SER C 769 -35.12 -11.41 22.30
N ASP C 770 -34.42 -12.01 23.27
CA ASP C 770 -34.31 -11.42 24.60
C ASP C 770 -33.61 -10.07 24.53
N SER C 771 -32.56 -9.97 23.72
CA SER C 771 -31.82 -8.72 23.62
C SER C 771 -32.73 -7.60 23.12
N ARG C 772 -33.52 -7.89 22.09
CA ARG C 772 -34.42 -6.86 21.58
C ARG C 772 -35.53 -6.57 22.58
N ALA C 773 -35.99 -7.59 23.29
CA ALA C 773 -37.01 -7.35 24.31
C ALA C 773 -36.50 -6.38 25.37
N LEU C 774 -35.25 -6.54 25.79
CA LEU C 774 -34.68 -5.59 26.73
C LEU C 774 -34.41 -4.25 26.07
N LEU C 775 -33.97 -4.26 24.81
CA LEU C 775 -33.74 -3.03 24.08
C LEU C 775 -35.00 -2.20 24.03
N ASN C 776 -36.15 -2.88 24.08
CA ASN C 776 -37.41 -2.17 24.11
C ASN C 776 -37.46 -1.20 25.28
N GLN C 777 -37.38 -1.73 26.50
CA GLN C 777 -37.35 -0.83 27.66
C GLN C 777 -36.15 0.09 27.65
N LEU C 778 -35.04 -0.33 27.04
CA LEU C 778 -33.88 0.54 26.94
C LEU C 778 -34.24 1.81 26.17
N ARG C 779 -34.83 1.63 25.00
CA ARG C 779 -35.28 2.77 24.19
C ARG C 779 -36.41 3.51 24.87
N ALA C 780 -37.24 2.81 25.65
CA ALA C 780 -38.28 3.48 26.39
C ALA C 780 -37.68 4.49 27.37
N VAL C 781 -36.70 4.05 28.16
CA VAL C 781 -36.07 4.98 29.09
C VAL C 781 -35.24 6.02 28.36
N PHE C 782 -34.78 5.70 27.15
CA PHE C 782 -34.12 6.72 26.35
C PHE C 782 -35.10 7.84 26.02
N ASP C 783 -36.29 7.48 25.55
CA ASP C 783 -37.29 8.50 25.28
C ASP C 783 -37.72 9.18 26.56
N GLN C 784 -37.68 8.47 27.68
CA GLN C 784 -37.89 9.12 28.97
C GLN C 784 -36.89 10.24 29.13
N ILE C 785 -35.69 10.04 28.58
CA ILE C 785 -34.66 11.08 28.65
C ILE C 785 -35.10 12.32 27.87
N ILE C 786 -35.65 12.11 26.67
CA ILE C 786 -36.13 13.23 25.88
C ILE C 786 -37.28 13.92 26.60
N GLU C 787 -38.16 13.14 27.21
CA GLU C 787 -39.28 13.70 27.95
C GLU C 787 -38.77 14.58 29.08
N LEU C 788 -37.79 14.09 29.83
CA LEU C 788 -37.27 14.88 30.94
C LEU C 788 -36.54 16.11 30.45
N GLN C 789 -35.89 16.04 29.28
CA GLN C 789 -35.32 17.24 28.70
C GLN C 789 -36.40 18.26 28.36
N ASN C 790 -37.53 17.79 27.84
CA ASN C 790 -38.65 18.68 27.56
C ASN C 790 -39.17 19.33 28.83
N THR C 791 -39.34 18.55 29.89
CA THR C 791 -39.76 19.13 31.16
C THR C 791 -38.73 20.13 31.66
N GLN C 792 -37.45 19.83 31.44
CA GLN C 792 -36.39 20.73 31.86
C GLN C 792 -36.52 22.06 31.13
N ASP C 793 -36.76 22.00 29.82
CA ASP C 793 -36.89 23.24 29.05
C ASP C 793 -38.16 23.98 29.42
N ALA C 794 -39.22 23.27 29.80
CA ALA C 794 -40.42 23.94 30.31
C ALA C 794 -40.09 24.71 31.58
N ILE C 795 -39.42 24.05 32.53
CA ILE C 795 -39.04 24.73 33.75
C ILE C 795 -38.05 25.85 33.47
N TYR C 796 -37.28 25.73 32.39
CA TYR C 796 -36.31 26.77 32.07
C TYR C 796 -37.01 28.00 31.53
N ARG C 797 -38.03 27.81 30.69
CA ARG C 797 -38.80 28.95 30.25
C ARG C 797 -39.57 29.56 31.40
N ALA C 798 -40.01 28.74 32.37
CA ALA C 798 -40.63 29.29 33.56
C ALA C 798 -39.63 30.13 34.36
N ALA C 799 -38.39 29.64 34.48
CA ALA C 799 -37.36 30.42 35.17
C ALA C 799 -37.09 31.72 34.45
N LEU C 800 -37.07 31.69 33.12
CA LEU C 800 -36.91 32.92 32.35
C LEU C 800 -38.07 33.87 32.59
N GLU C 801 -39.28 33.34 32.70
CA GLU C 801 -40.44 34.18 32.99
C GLU C 801 -40.29 34.88 34.34
N GLU C 802 -39.90 34.12 35.37
CA GLU C 802 -39.67 34.74 36.67
C GLU C 802 -38.52 35.74 36.61
N LEU C 803 -37.48 35.42 35.85
CA LEU C 803 -36.35 36.34 35.70
C LEU C 803 -36.79 37.65 35.09
N GLN C 804 -37.61 37.59 34.05
CA GLN C 804 -38.09 38.82 33.42
C GLN C 804 -39.08 39.54 34.31
N ARG C 805 -39.84 38.81 35.14
CA ARG C 805 -40.66 39.46 36.14
C ARG C 805 -39.80 40.32 37.06
N ARG C 806 -38.74 39.73 37.61
CA ARG C 806 -37.84 40.47 38.48
C ARG C 806 -37.20 41.63 37.74
N LEU C 807 -36.77 41.39 36.50
CA LEU C 807 -36.09 42.42 35.72
C LEU C 807 -36.98 43.62 35.49
N GLN C 808 -38.24 43.38 35.12
CA GLN C 808 -39.17 44.49 34.92
C GLN C 808 -39.49 45.17 36.23
N PHE C 809 -39.62 44.40 37.31
CA PHE C 809 -39.73 44.98 38.64
C PHE C 809 -38.66 46.04 38.84
N GLU C 810 -37.41 45.61 38.72
CA GLU C 810 -36.28 46.49 39.02
C GLU C 810 -36.20 47.63 38.03
N GLU C 811 -36.49 47.37 36.76
CA GLU C 811 -36.38 48.38 35.72
C GLU C 811 -37.41 49.48 35.92
N LYS C 812 -38.64 49.11 36.31
CA LYS C 812 -39.64 50.11 36.61
C LYS C 812 -39.40 50.79 37.95
N LYS C 813 -38.67 50.14 38.86
CA LYS C 813 -38.40 50.77 40.15
C LYS C 813 -37.29 51.82 39.97
N LYS C 814 -36.09 51.37 39.59
CA LYS C 814 -34.93 52.24 39.42
C LYS C 814 -34.69 53.12 40.63
N GLN C 815 -35.12 52.65 41.80
CA GLN C 815 -34.89 53.35 43.06
C GLN C 815 -35.44 54.78 43.01
N ARG C 816 -36.70 54.91 42.63
CA ARG C 816 -37.48 56.13 42.78
C ARG C 816 -36.91 57.30 41.98
N GLU C 817 -35.93 57.07 41.11
CA GLU C 817 -35.55 58.10 40.15
C GLU C 817 -36.47 58.16 38.95
N ALA C 818 -37.25 57.11 38.74
CA ALA C 818 -38.45 57.19 37.90
C ALA C 818 -39.63 57.76 38.69
N GLU C 819 -39.65 57.53 39.99
CA GLU C 819 -40.57 58.21 40.91
C GLU C 819 -42.00 57.85 40.54
N GLY C 820 -42.69 58.71 39.78
CA GLY C 820 -44.07 58.39 39.45
C GLY C 820 -44.14 57.13 38.63
N GLN C 821 -43.16 56.92 37.76
CA GLN C 821 -43.10 55.70 36.95
C GLN C 821 -43.04 54.48 37.85
N TRP C 822 -42.12 54.49 38.82
CA TRP C 822 -42.01 53.36 39.75
C TRP C 822 -43.25 53.25 40.62
N GLY C 823 -43.87 54.37 40.97
CA GLY C 823 -45.07 54.30 41.78
C GLY C 823 -46.18 53.56 41.06
N VAL C 824 -46.45 53.95 39.81
CA VAL C 824 -47.48 53.26 39.03
C VAL C 824 -47.05 51.85 38.70
N SER C 825 -45.74 51.61 38.53
CA SER C 825 -45.27 50.25 38.26
C SER C 825 -45.56 49.33 39.44
N ALA C 826 -45.34 49.82 40.66
CA ALA C 826 -45.63 49.02 41.85
C ALA C 826 -47.13 48.86 42.05
N ALA C 827 -47.90 49.92 41.74
CA ALA C 827 -49.36 49.79 41.81
C ALA C 827 -49.85 48.72 40.86
N GLU C 828 -49.28 48.65 39.65
CA GLU C 828 -49.66 47.59 38.72
C GLU C 828 -49.13 46.25 39.19
N GLU C 829 -47.92 46.18 39.74
CA GLU C 829 -47.44 44.87 40.13
C GLU C 829 -48.15 44.36 41.37
N GLU C 830 -48.89 45.22 42.08
CA GLU C 830 -49.85 44.70 43.04
C GLU C 830 -50.83 43.74 42.37
N GLN C 831 -51.18 44.03 41.12
CA GLN C 831 -51.97 43.11 40.30
C GLN C 831 -51.11 41.99 39.74
N GLU C 832 -49.88 42.32 39.35
CA GLU C 832 -49.00 41.34 38.73
C GLU C 832 -48.58 40.25 39.70
N LYS C 833 -48.69 40.50 41.01
CA LYS C 833 -48.47 39.44 41.97
C LYS C 833 -49.48 38.31 41.76
N ARG C 834 -50.62 38.61 41.12
CA ARG C 834 -51.49 37.55 40.66
C ARG C 834 -50.75 36.61 39.72
N ARG C 835 -49.79 37.15 38.95
CA ARG C 835 -48.98 36.29 38.08
C ARG C 835 -48.04 35.42 38.88
N VAL C 836 -47.49 35.96 39.97
CA VAL C 836 -46.68 35.13 40.86
C VAL C 836 -47.52 34.02 41.45
N GLN C 837 -48.74 34.34 41.88
CA GLN C 837 -49.64 33.31 42.38
C GLN C 837 -50.00 32.30 41.29
N GLU C 838 -50.08 32.73 40.04
CA GLU C 838 -50.35 31.80 38.95
C GLU C 838 -49.18 30.85 38.76
N PHE C 839 -47.96 31.36 38.85
CA PHE C 839 -46.78 30.49 38.82
C PHE C 839 -46.79 29.54 40.00
N GLN C 840 -47.15 30.03 41.19
CA GLN C 840 -47.28 29.17 42.35
C GLN C 840 -48.28 28.05 42.12
N GLU C 841 -49.40 28.36 41.47
CA GLU C 841 -50.38 27.32 41.18
C GLU C 841 -49.89 26.35 40.12
N SER C 842 -49.10 26.84 39.15
CA SER C 842 -48.52 25.92 38.19
C SER C 842 -47.48 25.04 38.86
N ILE C 843 -46.91 25.53 39.96
CA ILE C 843 -45.89 24.77 40.67
C ILE C 843 -46.41 23.40 41.07
N PRO C 844 -47.57 23.26 41.70
CA PRO C 844 -48.09 21.91 41.94
C PRO C 844 -48.39 21.15 40.67
N LYS C 845 -48.82 21.82 39.60
CA LYS C 845 -49.00 21.13 38.34
C LYS C 845 -47.68 20.56 37.83
N MET C 846 -46.63 21.37 37.90
CA MET C 846 -45.30 20.90 37.49
C MET C 846 -44.84 19.74 38.38
N CYS C 847 -45.05 19.85 39.69
CA CYS C 847 -44.65 18.79 40.59
C CYS C 847 -45.38 17.49 40.28
N SER C 848 -46.67 17.58 39.98
CA SER C 848 -47.44 16.39 39.68
C SER C 848 -46.96 15.76 38.37
N GLN C 849 -46.73 16.60 37.34
CA GLN C 849 -46.30 16.06 36.07
C GLN C 849 -44.89 15.50 36.14
N LEU C 850 -44.06 16.05 37.04
CA LEU C 850 -42.75 15.46 37.27
C LEU C 850 -42.88 14.14 38.00
N ARG C 851 -43.75 14.07 39.01
CA ARG C 851 -43.86 12.87 39.81
C ARG C 851 -44.43 11.70 38.99
N ILE C 852 -45.37 12.00 38.10
CA ILE C 852 -45.94 10.94 37.29
C ILE C 852 -44.89 10.36 36.35
N LEU C 853 -44.08 11.22 35.72
CA LEU C 853 -42.99 10.72 34.91
C LEU C 853 -41.98 9.95 35.74
N THR C 854 -41.71 10.42 36.96
CA THR C 854 -40.79 9.71 37.83
C THR C 854 -41.29 8.31 38.11
N HIS C 855 -42.59 8.19 38.39
CA HIS C 855 -43.16 6.90 38.73
C HIS C 855 -43.16 5.99 37.52
N PHE C 856 -43.52 6.51 36.35
CA PHE C 856 -43.48 5.68 35.15
C PHE C 856 -42.06 5.20 34.85
N TYR C 857 -41.08 6.10 35.01
CA TYR C 857 -39.69 5.69 34.82
C TYR C 857 -39.28 4.61 35.80
N GLN C 858 -39.68 4.76 37.06
CA GLN C 858 -39.43 3.72 38.05
C GLN C 858 -40.02 2.39 37.62
N GLY C 859 -41.29 2.43 37.20
CA GLY C 859 -41.96 1.20 36.81
C GLY C 859 -41.27 0.51 35.65
N VAL C 860 -40.94 1.29 34.62
CA VAL C 860 -40.29 0.69 33.45
C VAL C 860 -38.89 0.19 33.82
N VAL C 861 -38.21 0.89 34.72
CA VAL C 861 -36.89 0.45 35.15
C VAL C 861 -36.99 -0.87 35.88
N GLN C 862 -37.93 -0.98 36.80
CA GLN C 862 -38.11 -2.23 37.54
C GLN C 862 -38.52 -3.36 36.62
N GLN C 863 -39.39 -3.07 35.65
CA GLN C 863 -39.77 -4.13 34.71
C GLN C 863 -38.56 -4.60 33.92
N PHE C 864 -37.74 -3.67 33.43
CA PHE C 864 -36.52 -4.02 32.74
C PHE C 864 -35.62 -4.87 33.63
N LEU C 865 -35.45 -4.45 34.88
CA LEU C 865 -34.56 -5.15 35.79
C LEU C 865 -35.02 -6.58 36.02
N VAL C 866 -36.30 -6.76 36.37
CA VAL C 866 -36.84 -8.10 36.57
C VAL C 866 -36.66 -8.93 35.30
N SER C 867 -36.94 -8.32 34.15
CA SER C 867 -36.87 -9.04 32.88
C SER C 867 -35.47 -9.58 32.66
N LEU C 868 -34.47 -8.71 32.76
CA LEU C 868 -33.11 -9.13 32.45
C LEU C 868 -32.58 -10.05 33.54
N THR C 869 -32.95 -9.79 34.79
CA THR C 869 -32.46 -10.62 35.89
C THR C 869 -32.93 -12.05 35.71
N THR C 870 -34.20 -12.23 35.36
CA THR C 870 -34.68 -13.59 35.11
C THR C 870 -34.09 -14.14 33.81
N SER C 871 -33.82 -13.27 32.84
CA SER C 871 -33.52 -13.74 31.49
C SER C 871 -32.25 -14.59 31.43
N SER C 872 -31.09 -13.95 31.63
CA SER C 872 -29.83 -14.64 31.36
C SER C 872 -28.60 -13.80 31.71
N ASP C 873 -27.42 -14.36 31.44
CA ASP C 873 -26.14 -13.65 31.46
C ASP C 873 -25.85 -13.05 32.84
N GLU C 874 -25.52 -13.96 33.75
CA GLU C 874 -25.17 -13.63 35.13
C GLU C 874 -24.32 -12.37 35.23
N SER C 875 -23.48 -12.12 34.22
CA SER C 875 -22.67 -10.91 34.19
C SER C 875 -23.55 -9.66 34.22
N LEU C 876 -24.58 -9.63 33.38
CA LEU C 876 -25.45 -8.47 33.37
C LEU C 876 -26.27 -8.38 34.65
N ARG C 877 -26.60 -9.52 35.26
CA ARG C 877 -27.21 -9.46 36.58
C ARG C 877 -26.29 -8.82 37.59
N PHE C 878 -24.99 -9.12 37.50
CA PHE C 878 -24.02 -8.47 38.38
C PHE C 878 -23.97 -6.97 38.10
N LEU C 879 -24.01 -6.60 36.83
CA LEU C 879 -24.14 -5.19 36.47
C LEU C 879 -25.37 -4.58 37.11
N SER C 880 -26.47 -5.32 37.10
CA SER C 880 -27.70 -4.83 37.70
C SER C 880 -27.52 -4.61 39.20
N PHE C 881 -26.87 -5.56 39.88
CA PHE C 881 -26.60 -5.38 41.30
C PHE C 881 -25.69 -4.18 41.53
N ARG C 882 -24.79 -3.91 40.59
CA ARG C 882 -24.07 -2.64 40.63
C ARG C 882 -25.07 -1.50 40.56
N LEU C 883 -26.06 -1.65 39.70
CA LEU C 883 -27.12 -0.66 39.54
C LEU C 883 -27.98 -0.63 40.79
N ASP C 884 -28.35 -1.82 41.29
CA ASP C 884 -29.21 -1.95 42.46
C ASP C 884 -28.44 -2.09 43.76
N PHE C 885 -27.28 -1.46 43.84
CA PHE C 885 -26.50 -1.42 45.07
C PHE C 885 -27.36 -0.75 46.13
N ASN C 886 -27.36 -1.32 47.33
CA ASN C 886 -28.15 -0.86 48.46
C ASN C 886 -29.63 -1.21 48.33
N GLU C 887 -30.00 -2.08 47.39
CA GLU C 887 -31.32 -2.72 47.41
C GLU C 887 -32.46 -1.70 47.40
N HIS C 888 -32.61 -1.04 46.26
CA HIS C 888 -33.78 -0.18 46.07
C HIS C 888 -34.81 -0.84 45.16
N TYR C 889 -34.41 -1.90 44.46
CA TYR C 889 -35.29 -2.71 43.63
C TYR C 889 -35.78 -3.91 44.45
N ARG C 890 -36.26 -4.96 43.77
CA ARG C 890 -36.95 -6.08 44.42
C ARG C 890 -38.36 -5.65 44.84
N ALA C 891 -39.05 -4.98 43.93
CA ALA C 891 -40.44 -4.59 44.15
C ALA C 891 -40.53 -3.77 45.43
N MET D 1 12.58 -65.72 -42.95
CA MET D 1 11.32 -65.18 -42.37
C MET D 1 11.65 -64.00 -41.47
N ILE D 2 12.54 -64.25 -40.51
CA ILE D 2 12.83 -63.23 -39.51
C ILE D 2 13.45 -62.00 -40.16
N HIS D 3 14.31 -62.20 -41.15
CA HIS D 3 14.94 -61.07 -41.81
C HIS D 3 13.93 -60.32 -42.66
N GLU D 4 13.10 -61.06 -43.40
CA GLU D 4 11.97 -60.44 -44.07
C GLU D 4 11.06 -59.74 -43.07
N LEU D 5 10.88 -60.34 -41.89
CA LEU D 5 10.04 -59.71 -40.89
C LEU D 5 10.60 -58.35 -40.51
N LEU D 6 11.88 -58.30 -40.15
CA LEU D 6 12.48 -57.04 -39.73
C LEU D 6 12.53 -56.03 -40.87
N LEU D 7 12.73 -56.51 -42.11
CA LEU D 7 12.75 -55.58 -43.24
C LEU D 7 11.37 -54.99 -43.48
N ALA D 8 10.32 -55.78 -43.28
CA ALA D 8 8.99 -55.23 -43.29
C ALA D 8 8.83 -54.21 -42.17
N LEU D 9 9.30 -54.55 -40.97
CA LEU D 9 9.38 -53.56 -39.91
C LEU D 9 10.28 -52.41 -40.33
N SER D 10 11.26 -52.67 -41.17
CA SER D 10 12.08 -51.62 -41.73
C SER D 10 11.40 -50.84 -42.83
N GLY D 11 10.08 -51.00 -43.02
CA GLY D 11 9.40 -50.26 -44.06
C GLY D 11 9.51 -50.86 -45.44
N TYR D 12 9.91 -52.12 -45.56
CA TYR D 12 10.09 -52.77 -46.86
C TYR D 12 9.31 -54.07 -46.87
N PRO D 13 8.02 -54.02 -47.20
CA PRO D 13 7.23 -55.26 -47.18
C PRO D 13 7.74 -56.25 -48.20
N GLY D 14 7.59 -57.53 -47.87
CA GLY D 14 7.99 -58.63 -48.72
C GLY D 14 6.83 -59.24 -49.48
N SER D 15 6.96 -60.53 -49.79
CA SER D 15 5.91 -61.23 -50.51
C SER D 15 4.76 -61.62 -49.57
N ILE D 16 5.07 -62.27 -48.46
CA ILE D 16 4.03 -62.60 -47.48
C ILE D 16 3.48 -61.32 -46.86
N PHE D 17 4.36 -60.38 -46.50
CA PHE D 17 3.95 -59.12 -45.88
C PHE D 17 3.51 -58.17 -46.98
N THR D 18 2.21 -57.96 -47.12
CA THR D 18 1.65 -57.09 -48.14
C THR D 18 1.17 -55.78 -47.51
N TRP D 19 1.60 -54.67 -48.09
CA TRP D 19 1.26 -53.34 -47.60
C TRP D 19 0.15 -52.79 -48.49
N ASN D 20 -1.09 -52.95 -48.04
CA ASN D 20 -2.18 -52.16 -48.62
C ASN D 20 -2.03 -50.71 -48.20
N LYS D 21 -2.25 -49.80 -49.15
CA LYS D 21 -1.97 -48.39 -48.91
C LYS D 21 -2.75 -47.90 -47.71
N ARG D 22 -4.04 -48.21 -47.66
CA ARG D 22 -4.87 -47.89 -46.51
C ARG D 22 -5.34 -49.13 -45.77
N GLY D 23 -5.11 -50.31 -46.32
CA GLY D 23 -5.32 -51.54 -45.59
C GLY D 23 -4.19 -51.91 -44.65
N GLY D 24 -3.12 -51.11 -44.61
CA GLY D 24 -2.04 -51.36 -43.67
C GLY D 24 -1.14 -52.49 -44.11
N LEU D 25 -0.22 -52.85 -43.22
CA LEU D 25 0.60 -54.03 -43.43
C LEU D 25 -0.15 -55.26 -42.93
N GLN D 26 -0.20 -56.30 -43.76
CA GLN D 26 -0.94 -57.50 -43.45
C GLN D 26 -0.17 -58.71 -43.91
N VAL D 27 -0.60 -59.89 -43.46
CA VAL D 27 0.13 -61.14 -43.65
C VAL D 27 -0.53 -61.93 -44.77
N SER D 28 0.27 -62.32 -45.77
CA SER D 28 -0.15 -63.29 -46.76
C SER D 28 -0.14 -64.67 -46.13
N GLN D 29 -1.26 -65.08 -45.53
CA GLN D 29 -1.29 -66.31 -44.75
C GLN D 29 -1.37 -67.50 -45.70
N ASP D 30 -0.20 -67.93 -46.16
CA ASP D 30 -0.07 -69.04 -47.10
C ASP D 30 1.00 -70.04 -46.71
N PHE D 31 1.95 -69.68 -45.84
CA PHE D 31 3.04 -70.58 -45.50
C PHE D 31 2.54 -71.82 -44.75
N PRO D 32 3.03 -73.00 -45.11
CA PRO D 32 2.52 -74.23 -44.48
C PRO D 32 2.89 -74.35 -43.02
N PHE D 33 3.85 -73.57 -42.54
CA PHE D 33 4.32 -73.64 -41.16
C PHE D 33 3.64 -72.60 -40.26
N LEU D 34 2.91 -71.66 -40.85
CA LEU D 34 2.21 -70.64 -40.07
C LEU D 34 1.18 -71.29 -39.16
N HIS D 35 1.00 -70.71 -37.98
CA HIS D 35 0.07 -71.19 -36.98
C HIS D 35 -0.74 -70.01 -36.49
N PRO D 36 -1.93 -70.27 -35.94
CA PRO D 36 -2.79 -69.14 -35.54
C PRO D 36 -2.11 -68.19 -34.59
N SER D 37 -1.35 -68.71 -33.62
CA SER D 37 -0.56 -67.84 -32.76
C SER D 37 0.50 -67.12 -33.57
N GLU D 38 1.15 -67.83 -34.50
CA GLU D 38 2.12 -67.19 -35.37
C GLU D 38 1.48 -66.03 -36.10
N THR D 39 0.33 -66.27 -36.73
CA THR D 39 -0.32 -65.21 -37.49
C THR D 39 -0.78 -64.07 -36.58
N SER D 40 -1.23 -64.38 -35.38
CA SER D 40 -1.66 -63.33 -34.45
C SER D 40 -0.49 -62.44 -34.07
N VAL D 41 0.66 -63.03 -33.77
CA VAL D 41 1.83 -62.22 -33.48
C VAL D 41 2.22 -61.42 -34.70
N LEU D 42 2.14 -62.05 -35.88
CA LEU D 42 2.45 -61.35 -37.11
C LEU D 42 1.56 -60.12 -37.28
N ASN D 43 0.26 -60.26 -36.98
CA ASN D 43 -0.64 -59.12 -37.13
C ASN D 43 -0.33 -58.05 -36.09
N ARG D 44 -0.03 -58.47 -34.87
CA ARG D 44 0.32 -57.50 -33.84
C ARG D 44 1.55 -56.70 -34.23
N LEU D 45 2.51 -57.36 -34.90
CA LEU D 45 3.71 -56.66 -35.34
C LEU D 45 3.45 -55.82 -36.59
N CYS D 46 2.58 -56.29 -37.49
CA CYS D 46 2.24 -55.50 -38.66
C CYS D 46 1.53 -54.23 -38.25
N ARG D 47 0.85 -54.24 -37.11
CA ARG D 47 0.36 -53.00 -36.53
C ARG D 47 1.47 -51.95 -36.47
N LEU D 48 2.55 -52.26 -35.76
CA LEU D 48 3.62 -51.29 -35.61
C LEU D 48 4.34 -51.05 -36.93
N GLY D 49 4.37 -52.04 -37.80
CA GLY D 49 4.96 -51.82 -39.12
C GLY D 49 4.20 -50.79 -39.93
N THR D 50 2.88 -50.92 -39.96
CA THR D 50 2.05 -49.90 -40.60
C THR D 50 2.22 -48.55 -39.94
N ASP D 51 2.33 -48.53 -38.61
CA ASP D 51 2.59 -47.26 -37.94
C ASP D 51 3.86 -46.62 -38.45
N TYR D 52 4.95 -47.39 -38.51
CA TYR D 52 6.20 -46.87 -39.03
C TYR D 52 6.08 -46.41 -40.47
N ILE D 53 5.36 -47.17 -41.29
CA ILE D 53 5.16 -46.78 -42.69
C ILE D 53 4.48 -45.43 -42.78
N ARG D 54 3.42 -45.25 -42.00
CA ARG D 54 2.68 -43.99 -42.08
C ARG D 54 3.53 -42.85 -41.52
N PHE D 55 4.29 -43.13 -40.47
CA PHE D 55 5.24 -42.15 -39.97
C PHE D 55 6.19 -41.69 -41.06
N THR D 56 6.80 -42.64 -41.76
CA THR D 56 7.75 -42.30 -42.81
C THR D 56 7.08 -41.49 -43.89
N GLU D 57 5.87 -41.89 -44.31
CA GLU D 57 5.17 -41.16 -45.35
C GLU D 57 4.96 -39.71 -44.92
N PHE D 58 4.42 -39.51 -43.72
CA PHE D 58 4.13 -38.16 -43.24
C PHE D 58 5.41 -37.33 -43.16
N ILE D 59 6.48 -37.91 -42.62
CA ILE D 59 7.69 -37.12 -42.43
C ILE D 59 8.28 -36.74 -43.77
N GLU D 60 8.29 -37.67 -44.73
CA GLU D 60 8.73 -37.30 -46.07
C GLU D 60 7.85 -36.20 -46.65
N GLN D 61 6.53 -36.29 -46.42
CA GLN D 61 5.61 -35.30 -46.98
C GLN D 61 5.92 -33.90 -46.48
N TYR D 62 6.24 -33.76 -45.19
CA TYR D 62 6.29 -32.44 -44.58
C TYR D 62 7.68 -32.11 -44.03
N THR D 63 8.71 -32.81 -44.47
CA THR D 63 10.09 -32.38 -44.25
C THR D 63 10.86 -32.15 -45.54
N GLY D 64 10.71 -33.02 -46.53
CA GLY D 64 11.34 -32.83 -47.82
C GLY D 64 10.70 -31.78 -48.71
N HIS D 65 9.50 -31.33 -48.40
CA HIS D 65 8.81 -30.34 -49.21
C HIS D 65 8.26 -29.25 -48.30
N VAL D 66 8.09 -28.06 -48.88
CA VAL D 66 7.58 -26.92 -48.13
C VAL D 66 6.07 -27.00 -48.05
N GLY D 80 -2.58 -24.24 -43.75
CA GLY D 80 -2.73 -25.59 -44.26
C GLY D 80 -1.78 -26.57 -43.60
N LEU D 81 -1.04 -27.31 -44.42
CA LEU D 81 -0.05 -28.27 -43.94
C LEU D 81 1.29 -27.79 -44.48
N HIS D 82 1.88 -26.84 -43.76
CA HIS D 82 3.07 -26.15 -44.26
C HIS D 82 3.59 -25.16 -43.25
N GLY D 83 4.91 -25.07 -43.13
CA GLY D 83 5.58 -24.17 -42.22
C GLY D 83 6.66 -24.87 -41.42
N ILE D 84 7.42 -24.06 -40.69
CA ILE D 84 8.56 -24.56 -39.94
C ILE D 84 8.11 -25.50 -38.82
N TYR D 85 6.97 -25.20 -38.21
CA TYR D 85 6.42 -26.07 -37.18
C TYR D 85 6.22 -27.49 -37.69
N LEU D 86 5.69 -27.64 -38.90
CA LEU D 86 5.43 -28.99 -39.41
C LEU D 86 6.72 -29.74 -39.69
N ARG D 87 7.72 -29.05 -40.23
CA ARG D 87 9.01 -29.70 -40.46
C ARG D 87 9.64 -30.14 -39.15
N ALA D 88 9.54 -29.29 -38.13
CA ALA D 88 10.06 -29.66 -36.82
C ALA D 88 9.30 -30.84 -36.23
N PHE D 89 7.99 -30.88 -36.40
CA PHE D 89 7.21 -32.04 -35.97
C PHE D 89 7.73 -33.31 -36.63
N CYS D 90 7.93 -33.27 -37.95
CA CYS D 90 8.41 -34.45 -38.64
C CYS D 90 9.79 -34.86 -38.16
N THR D 91 10.66 -33.87 -37.93
CA THR D 91 12.01 -34.18 -37.47
C THR D 91 12.00 -34.82 -36.10
N GLY D 92 11.21 -34.27 -35.17
CA GLY D 92 11.12 -34.88 -33.86
C GLY D 92 10.49 -36.25 -33.87
N LEU D 93 9.50 -36.48 -34.74
CA LEU D 93 8.96 -37.82 -34.87
C LEU D 93 10.01 -38.80 -35.35
N ASP D 94 10.81 -38.39 -36.33
CA ASP D 94 11.91 -39.23 -36.79
C ASP D 94 12.87 -39.55 -35.65
N SER D 95 13.24 -38.52 -34.89
CA SER D 95 14.16 -38.74 -33.78
C SER D 95 13.58 -39.70 -32.76
N VAL D 96 12.30 -39.56 -32.46
CA VAL D 96 11.68 -40.45 -31.48
C VAL D 96 11.63 -41.87 -32.01
N LEU D 97 11.42 -42.05 -33.31
CA LEU D 97 11.40 -43.40 -33.85
C LEU D 97 12.80 -43.99 -33.93
N GLN D 98 13.84 -43.16 -33.95
CA GLN D 98 15.20 -43.66 -34.07
C GLN D 98 15.53 -44.74 -33.05
N PRO D 99 15.26 -44.58 -31.76
CA PRO D 99 15.55 -45.69 -30.83
C PRO D 99 14.82 -46.96 -31.17
N TYR D 100 13.63 -46.86 -31.75
CA TYR D 100 12.97 -48.05 -32.26
C TYR D 100 13.81 -48.72 -33.34
N ARG D 101 14.39 -47.93 -34.24
CA ARG D 101 15.25 -48.50 -35.27
C ARG D 101 16.49 -49.15 -34.67
N GLN D 102 17.10 -48.51 -33.66
CA GLN D 102 18.28 -49.11 -33.05
C GLN D 102 17.93 -50.42 -32.37
N ALA D 103 16.77 -50.47 -31.69
CA ALA D 103 16.32 -51.72 -31.10
C ALA D 103 16.09 -52.79 -32.15
N LEU D 104 15.48 -52.41 -33.27
CA LEU D 104 15.29 -53.35 -34.36
C LEU D 104 16.62 -53.91 -34.84
N LEU D 105 17.61 -53.04 -35.00
CA LEU D 105 18.91 -53.50 -35.49
C LEU D 105 19.58 -54.42 -34.49
N ASP D 106 19.49 -54.10 -33.19
CA ASP D 106 20.07 -54.98 -32.19
C ASP D 106 19.37 -56.34 -32.17
N LEU D 107 18.05 -56.35 -32.36
CA LEU D 107 17.34 -57.61 -32.43
C LEU D 107 17.78 -58.43 -33.63
N GLU D 108 17.93 -57.78 -34.78
CA GLU D 108 18.48 -58.45 -35.95
C GLU D 108 19.84 -59.04 -35.65
N GLN D 109 20.69 -58.28 -34.97
CA GLN D 109 22.03 -58.76 -34.66
C GLN D 109 21.97 -60.00 -33.78
N GLU D 110 21.09 -59.99 -32.78
CA GLU D 110 21.03 -61.12 -31.88
C GLU D 110 20.43 -62.34 -32.56
N PHE D 111 19.50 -62.15 -33.49
CA PHE D 111 19.02 -63.28 -34.29
C PHE D 111 20.15 -63.84 -35.15
N LEU D 112 20.90 -62.96 -35.79
CA LEU D 112 22.05 -63.36 -36.60
C LEU D 112 23.11 -64.07 -35.77
N ALA D 113 23.13 -63.83 -34.47
CA ALA D 113 23.98 -64.59 -33.55
C ALA D 113 23.43 -65.97 -33.24
N ASP D 114 22.21 -66.05 -32.71
CA ASP D 114 21.60 -67.31 -32.30
C ASP D 114 20.40 -67.58 -33.18
N PRO D 115 20.39 -68.67 -33.94
CA PRO D 115 19.23 -69.00 -34.77
C PRO D 115 18.11 -69.74 -34.05
N HIS D 116 18.27 -70.11 -32.78
CA HIS D 116 17.23 -70.86 -32.11
C HIS D 116 16.21 -69.92 -31.47
N LEU D 117 16.40 -68.61 -31.65
CA LEU D 117 15.53 -67.62 -31.05
C LEU D 117 14.13 -67.68 -31.65
N SER D 118 13.13 -67.56 -30.79
CA SER D 118 11.74 -67.56 -31.21
C SER D 118 11.25 -66.15 -31.51
N ILE D 119 10.32 -66.05 -32.45
CA ILE D 119 9.73 -64.75 -32.78
C ILE D 119 9.07 -64.15 -31.55
N SER D 120 8.68 -64.99 -30.60
CA SER D 120 8.15 -64.49 -29.34
C SER D 120 9.18 -63.64 -28.62
N HIS D 121 10.46 -63.99 -28.73
CA HIS D 121 11.49 -63.14 -28.15
C HIS D 121 11.48 -61.77 -28.81
N ILE D 122 11.31 -61.72 -30.12
CA ILE D 122 11.26 -60.45 -30.81
C ILE D 122 10.06 -59.64 -30.35
N ASN D 123 8.92 -60.30 -30.18
CA ASN D 123 7.74 -59.60 -29.69
C ASN D 123 7.96 -59.08 -28.28
N TYR D 124 8.59 -59.87 -27.42
CA TYR D 124 8.96 -59.40 -26.11
C TYR D 124 9.80 -58.14 -26.20
N SER D 125 10.79 -58.14 -27.10
CA SER D 125 11.66 -56.98 -27.21
C SER D 125 10.90 -55.76 -27.71
N LEU D 126 10.04 -55.93 -28.70
CA LEU D 126 9.38 -54.78 -29.32
C LEU D 126 8.13 -54.33 -28.56
N ASP D 127 7.72 -55.09 -27.54
CA ASP D 127 6.67 -54.61 -26.66
C ASP D 127 7.00 -53.26 -26.04
N GLN D 128 8.28 -52.89 -25.98
CA GLN D 128 8.64 -51.59 -25.44
C GLN D 128 7.98 -50.47 -26.23
N PHE D 129 7.95 -50.61 -27.56
CA PHE D 129 7.34 -49.62 -28.43
C PHE D 129 5.93 -50.01 -28.87
N GLN D 130 5.52 -51.23 -28.57
CA GLN D 130 4.16 -51.66 -28.93
C GLN D 130 3.13 -50.68 -28.40
N LEU D 131 3.24 -50.30 -27.13
CA LEU D 131 2.31 -49.33 -26.59
C LEU D 131 2.63 -47.90 -27.04
N LEU D 132 3.91 -47.60 -27.25
CA LEU D 132 4.29 -46.22 -27.57
C LEU D 132 3.72 -45.79 -28.92
N PHE D 133 3.80 -46.67 -29.91
CA PHE D 133 3.46 -46.28 -31.28
C PHE D 133 2.02 -45.81 -31.44
N PRO D 134 1.02 -46.52 -30.93
CA PRO D 134 -0.36 -46.08 -31.20
C PRO D 134 -0.66 -44.69 -30.68
N SER D 135 -0.11 -44.31 -29.53
CA SER D 135 -0.34 -42.95 -29.03
C SER D 135 0.24 -41.91 -29.99
N VAL D 136 1.44 -42.17 -30.50
CA VAL D 136 2.06 -41.24 -31.43
C VAL D 136 1.24 -41.13 -32.71
N MET D 137 0.77 -42.26 -33.23
CA MET D 137 -0.13 -42.23 -34.37
C MET D 137 -1.37 -41.40 -34.07
N VAL D 138 -1.96 -41.59 -32.90
CA VAL D 138 -3.15 -40.83 -32.52
C VAL D 138 -2.85 -39.33 -32.57
N VAL D 139 -1.72 -38.94 -31.98
CA VAL D 139 -1.37 -37.53 -31.91
C VAL D 139 -1.18 -36.96 -33.31
N VAL D 140 -0.45 -37.68 -34.16
CA VAL D 140 -0.13 -37.14 -35.48
C VAL D 140 -1.38 -37.09 -36.35
N GLU D 141 -2.26 -38.08 -36.22
CA GLU D 141 -3.48 -38.06 -37.01
C GLU D 141 -4.40 -36.95 -36.55
N GLN D 142 -4.43 -36.65 -35.25
CA GLN D 142 -5.16 -35.49 -34.77
C GLN D 142 -4.56 -34.21 -35.35
N ILE D 143 -3.24 -34.09 -35.34
CA ILE D 143 -2.59 -32.88 -35.86
C ILE D 143 -2.96 -32.68 -37.32
N LYS D 144 -2.86 -33.75 -38.11
CA LYS D 144 -3.15 -33.64 -39.54
C LYS D 144 -4.62 -33.33 -39.79
N SER D 145 -5.51 -34.10 -39.17
CA SER D 145 -6.94 -33.93 -39.44
C SER D 145 -7.39 -32.53 -39.07
N GLN D 146 -6.98 -32.03 -37.90
CA GLN D 146 -7.34 -30.67 -37.55
C GLN D 146 -6.53 -29.64 -38.33
N LYS D 147 -5.56 -30.08 -39.12
CA LYS D 147 -4.72 -29.19 -39.90
C LYS D 147 -4.06 -28.15 -38.99
N ILE D 148 -3.65 -28.60 -37.80
CA ILE D 148 -3.06 -27.69 -36.84
C ILE D 148 -1.82 -27.06 -37.44
N HIS D 149 -1.74 -25.73 -37.39
CA HIS D 149 -0.69 -25.02 -38.09
C HIS D 149 -0.14 -23.94 -37.18
N GLY D 150 1.15 -23.67 -37.33
CA GLY D 150 1.79 -22.61 -36.57
C GLY D 150 1.94 -22.99 -35.11
N CYS D 151 2.01 -21.96 -34.26
CA CYS D 151 2.22 -22.17 -32.84
C CYS D 151 1.09 -22.97 -32.20
N GLN D 152 -0.08 -23.04 -32.85
CA GLN D 152 -1.15 -23.90 -32.36
C GLN D 152 -0.62 -25.31 -32.15
N ILE D 153 0.16 -25.82 -33.10
CA ILE D 153 0.72 -27.16 -32.96
C ILE D 153 1.52 -27.27 -31.66
N LEU D 154 2.29 -26.23 -31.34
CA LEU D 154 3.05 -26.24 -30.09
C LEU D 154 2.13 -26.45 -28.90
N GLU D 155 0.96 -25.81 -28.90
CA GLU D 155 -0.01 -26.07 -27.84
C GLU D 155 -0.54 -27.49 -27.92
N THR D 156 -0.76 -27.98 -29.14
CA THR D 156 -1.46 -29.25 -29.32
C THR D 156 -0.77 -30.35 -28.50
N VAL D 157 0.48 -30.64 -28.83
CA VAL D 157 1.21 -31.66 -28.09
C VAL D 157 1.32 -31.30 -26.62
N TYR D 158 1.43 -30.01 -26.30
CA TYR D 158 1.48 -29.64 -24.90
C TYR D 158 0.20 -30.09 -24.20
N LYS D 159 -0.94 -29.96 -24.88
CA LYS D 159 -2.18 -30.51 -24.36
C LYS D 159 -2.02 -31.98 -24.08
N HIS D 160 -1.45 -32.71 -25.04
CA HIS D 160 -1.21 -34.13 -24.90
C HIS D 160 0.06 -34.41 -24.10
N SER D 161 0.88 -33.38 -23.88
CA SER D 161 2.13 -33.58 -23.15
C SER D 161 1.91 -34.04 -21.72
N CYS D 162 0.69 -33.92 -21.19
CA CYS D 162 0.36 -34.36 -19.84
C CYS D 162 -0.28 -35.73 -19.83
N GLY D 163 0.12 -36.61 -20.76
CA GLY D 163 -0.43 -37.95 -20.82
C GLY D 163 0.04 -38.87 -19.70
N GLY D 164 -0.62 -40.01 -19.62
CA GLY D 164 -0.38 -41.01 -18.61
C GLY D 164 0.51 -42.18 -18.99
N LEU D 165 1.18 -42.12 -20.13
CA LEU D 165 2.02 -43.22 -20.61
C LEU D 165 3.47 -42.79 -20.49
N PRO D 166 4.22 -43.33 -19.54
CA PRO D 166 5.57 -42.82 -19.29
C PRO D 166 6.42 -42.85 -20.55
N PRO D 167 6.33 -43.91 -21.34
CA PRO D 167 7.09 -43.91 -22.60
C PRO D 167 6.59 -42.85 -23.55
N VAL D 168 5.27 -42.82 -23.76
CA VAL D 168 4.68 -41.81 -24.63
C VAL D 168 4.93 -40.43 -24.07
N ARG D 169 4.84 -40.28 -22.76
CA ARG D 169 5.05 -38.97 -22.16
C ARG D 169 6.49 -38.49 -22.36
N SER D 170 7.46 -39.39 -22.24
CA SER D 170 8.84 -38.99 -22.50
C SER D 170 9.05 -38.59 -23.95
N ALA D 171 8.48 -39.36 -24.88
CA ALA D 171 8.60 -38.99 -26.29
C ALA D 171 7.97 -37.63 -26.56
N LEU D 172 6.82 -37.38 -25.95
CA LEU D 172 6.15 -36.10 -26.16
C LEU D 172 6.95 -34.97 -25.55
N GLU D 173 7.57 -35.20 -24.39
CA GLU D 173 8.43 -34.18 -23.81
C GLU D 173 9.61 -33.88 -24.72
N LYS D 174 10.19 -34.90 -25.34
CA LYS D 174 11.30 -34.66 -26.25
C LYS D 174 10.87 -33.82 -27.45
N ILE D 175 9.75 -34.21 -28.08
CA ILE D 175 9.28 -33.45 -29.23
C ILE D 175 8.90 -32.04 -28.81
N LEU D 176 8.34 -31.89 -27.61
CA LEU D 176 7.95 -30.58 -27.14
C LEU D 176 9.17 -29.72 -26.86
N ALA D 177 10.26 -30.33 -26.41
CA ALA D 177 11.49 -29.58 -26.25
C ALA D 177 12.03 -29.13 -27.59
N VAL D 178 11.92 -29.97 -28.61
CA VAL D 178 12.32 -29.53 -29.95
C VAL D 178 11.48 -28.34 -30.39
N CYS D 179 10.17 -28.42 -30.19
CA CYS D 179 9.29 -27.30 -30.53
C CYS D 179 9.63 -26.05 -29.74
N HIS D 180 9.90 -26.22 -28.45
CA HIS D 180 10.34 -25.11 -27.63
C HIS D 180 11.60 -24.49 -28.19
N GLY D 181 12.55 -25.31 -28.61
CA GLY D 181 13.78 -24.78 -29.17
C GLY D 181 13.53 -23.98 -30.44
N VAL D 182 12.65 -24.48 -31.30
CA VAL D 182 12.35 -23.76 -32.54
C VAL D 182 11.70 -22.42 -32.22
N MET D 183 10.69 -22.43 -31.33
CA MET D 183 10.03 -21.17 -31.03
C MET D 183 10.88 -20.26 -30.17
N TYR D 184 11.88 -20.81 -29.48
CA TYR D 184 12.85 -19.97 -28.80
C TYR D 184 13.77 -19.30 -29.80
N LYS D 185 14.17 -20.02 -30.85
CA LYS D 185 14.87 -19.38 -31.95
C LYS D 185 14.04 -18.23 -32.51
N GLN D 186 12.76 -18.48 -32.75
CA GLN D 186 11.88 -17.44 -33.26
C GLN D 186 11.83 -16.25 -32.31
N LEU D 187 11.67 -16.51 -31.01
CA LEU D 187 11.52 -15.43 -30.06
C LEU D 187 12.81 -14.66 -29.89
N SER D 188 13.95 -15.36 -29.91
CA SER D 188 15.22 -14.67 -29.86
C SER D 188 15.40 -13.78 -31.08
N ALA D 189 15.01 -14.26 -32.24
CA ALA D 189 15.06 -13.41 -33.43
C ALA D 189 14.18 -12.18 -33.27
N TRP D 190 12.98 -12.36 -32.74
CA TRP D 190 12.04 -11.25 -32.66
C TRP D 190 12.35 -10.31 -31.49
N MET D 191 13.15 -10.74 -30.53
CA MET D 191 13.55 -9.88 -29.42
C MET D 191 14.90 -9.21 -29.68
N LEU D 192 15.96 -10.00 -29.85
CA LEU D 192 17.29 -9.44 -29.89
C LEU D 192 17.51 -8.47 -31.05
N HIS D 193 16.72 -8.58 -32.11
CA HIS D 193 16.84 -7.64 -33.22
C HIS D 193 15.48 -7.25 -33.79
N GLY D 194 14.39 -7.70 -33.19
CA GLY D 194 13.08 -7.34 -33.72
C GLY D 194 12.85 -7.84 -35.13
N LEU D 195 13.25 -9.07 -35.42
CA LEU D 195 13.12 -9.62 -36.76
C LEU D 195 12.02 -10.66 -36.76
N LEU D 196 10.98 -10.43 -37.54
CA LEU D 196 9.93 -11.42 -37.73
C LEU D 196 10.23 -12.28 -38.96
N LEU D 197 10.27 -13.59 -38.76
CA LEU D 197 10.51 -14.54 -39.83
C LEU D 197 9.24 -15.36 -40.02
N ASP D 198 8.69 -15.34 -41.24
CA ASP D 198 7.47 -16.09 -41.53
C ASP D 198 7.64 -16.86 -42.84
N GLN D 199 7.46 -18.17 -42.77
CA GLN D 199 7.38 -18.99 -43.98
C GLN D 199 5.98 -18.95 -44.56
N HIS D 200 4.98 -19.19 -43.72
CA HIS D 200 3.58 -19.07 -44.07
C HIS D 200 2.86 -18.24 -43.02
N GLU D 201 3.51 -17.16 -42.57
CA GLU D 201 2.99 -16.32 -41.50
C GLU D 201 2.71 -17.14 -40.24
N GLU D 202 3.76 -17.80 -39.75
CA GLU D 202 3.65 -18.73 -38.64
C GLU D 202 4.44 -18.12 -37.48
N PHE D 203 3.73 -17.42 -36.59
CA PHE D 203 4.36 -16.83 -35.42
C PHE D 203 3.27 -16.30 -34.50
N PHE D 204 3.59 -16.24 -33.22
CA PHE D 204 2.64 -15.69 -32.26
C PHE D 204 2.52 -14.18 -32.35
N ILE D 205 3.24 -13.54 -33.26
CA ILE D 205 3.13 -12.11 -33.52
C ILE D 205 3.11 -11.90 -35.03
N LYS D 206 2.18 -11.07 -35.50
CA LYS D 206 2.05 -10.73 -36.91
C LYS D 206 2.33 -9.24 -37.06
N GLN D 207 2.47 -8.79 -38.30
CA GLN D 207 2.80 -7.39 -38.53
C GLN D 207 1.61 -6.51 -38.23
N GLY D 208 1.89 -5.36 -37.61
CA GLY D 208 0.88 -4.35 -37.38
C GLY D 208 1.04 -3.17 -38.32
N PRO D 209 0.84 -1.96 -37.81
CA PRO D 209 1.01 -0.79 -38.68
C PRO D 209 2.41 -0.66 -39.25
N SER D 210 3.42 -0.92 -38.44
CA SER D 210 4.82 -0.81 -38.88
C SER D 210 5.09 0.55 -39.49
N SER D 211 4.50 1.59 -38.91
CA SER D 211 4.65 2.94 -39.42
C SER D 211 5.97 3.55 -38.99
N LYS D 255 0.92 -0.51 -34.28
CA LYS D 255 2.01 0.37 -34.65
C LYS D 255 3.07 -0.40 -35.43
N GLN D 256 3.64 -1.43 -34.81
CA GLN D 256 4.61 -2.28 -35.49
C GLN D 256 4.18 -3.73 -35.55
N PHE D 257 3.60 -4.28 -34.49
CA PHE D 257 3.15 -5.66 -34.50
C PHE D 257 1.78 -5.78 -33.85
N SER D 258 1.12 -6.88 -34.16
CA SER D 258 -0.20 -7.22 -33.66
C SER D 258 -0.13 -8.65 -33.13
N LEU D 259 -0.66 -8.89 -31.95
CA LEU D 259 -0.55 -10.25 -31.44
C LEU D 259 -1.44 -11.17 -32.26
N ARG D 260 -1.14 -12.47 -32.18
CA ARG D 260 -1.97 -13.52 -32.78
C ARG D 260 -2.44 -14.42 -31.65
N VAL D 261 -3.53 -14.04 -31.00
CA VAL D 261 -3.95 -14.79 -29.82
C VAL D 261 -4.53 -16.13 -30.23
N GLU D 262 -5.25 -16.17 -31.36
CA GLU D 262 -5.91 -17.42 -31.75
C GLU D 262 -4.91 -18.55 -31.91
N ILE D 263 -3.66 -18.22 -32.24
CA ILE D 263 -2.61 -19.22 -32.40
C ILE D 263 -1.71 -19.30 -31.18
N LEU D 264 -1.92 -18.46 -30.19
CA LEU D 264 -1.08 -18.49 -29.00
C LEU D 264 -1.28 -19.81 -28.26
N PRO D 265 -0.21 -20.52 -27.92
CA PRO D 265 -0.36 -21.74 -27.13
C PRO D 265 -0.93 -21.44 -25.75
N SER D 266 -1.67 -22.41 -25.21
CA SER D 266 -2.37 -22.20 -23.95
C SER D 266 -1.40 -21.89 -22.83
N TYR D 267 -0.23 -22.52 -22.84
CA TYR D 267 0.77 -22.37 -21.80
C TYR D 267 1.59 -21.11 -21.94
N ILE D 268 1.15 -20.15 -22.74
CA ILE D 268 1.80 -18.85 -22.80
C ILE D 268 0.91 -17.84 -22.07
N PRO D 269 1.31 -17.35 -20.90
CA PRO D 269 0.52 -16.31 -20.25
C PRO D 269 0.42 -15.07 -21.13
N VAL D 270 -0.76 -14.44 -21.11
CA VAL D 270 -0.93 -13.25 -21.93
C VAL D 270 0.04 -12.16 -21.50
N ARG D 271 0.21 -12.00 -20.18
CA ARG D 271 1.14 -10.99 -19.67
C ARG D 271 2.50 -11.14 -20.33
N VAL D 272 3.00 -12.37 -20.42
CA VAL D 272 4.26 -12.62 -21.11
C VAL D 272 4.16 -12.18 -22.55
N ALA D 273 3.02 -12.39 -23.18
CA ALA D 273 2.85 -12.04 -24.58
C ALA D 273 3.01 -10.55 -24.78
N GLU D 274 2.33 -9.75 -23.95
CA GLU D 274 2.42 -8.31 -24.13
C GLU D 274 3.77 -7.78 -23.68
N LYS D 275 4.42 -8.43 -22.73
CA LYS D 275 5.80 -8.04 -22.41
C LYS D 275 6.69 -8.23 -23.63
N ILE D 276 6.54 -9.38 -24.30
CA ILE D 276 7.32 -9.65 -25.50
C ILE D 276 7.03 -8.62 -26.57
N LEU D 277 5.75 -8.32 -26.79
CA LEU D 277 5.40 -7.34 -27.82
C LEU D 277 6.00 -5.98 -27.49
N PHE D 278 5.91 -5.56 -26.22
CA PHE D 278 6.49 -4.29 -25.83
C PHE D 278 7.98 -4.26 -26.10
N VAL D 279 8.69 -5.32 -25.70
CA VAL D 279 10.14 -5.34 -25.86
C VAL D 279 10.50 -5.33 -27.34
N GLY D 280 9.83 -6.15 -28.15
CA GLY D 280 10.14 -6.20 -29.55
C GLY D 280 9.88 -4.88 -30.24
N GLU D 281 8.74 -4.24 -29.94
CA GLU D 281 8.45 -2.95 -30.53
C GLU D 281 9.47 -1.90 -30.10
N SER D 282 9.84 -1.91 -28.83
CA SER D 282 10.83 -0.94 -28.35
C SER D 282 12.14 -1.11 -29.11
N VAL D 283 12.59 -2.35 -29.25
CA VAL D 283 13.85 -2.61 -29.94
C VAL D 283 13.76 -2.16 -31.38
N GLN D 284 12.66 -2.52 -32.05
CA GLN D 284 12.54 -2.21 -33.46
C GLN D 284 12.48 -0.71 -33.70
N MET D 285 11.73 0.02 -32.86
CA MET D 285 11.65 1.45 -33.05
C MET D 285 12.96 2.14 -32.69
N PHE D 286 13.68 1.62 -31.70
CA PHE D 286 15.00 2.14 -31.39
C PHE D 286 15.91 2.00 -32.59
N GLU D 287 15.92 0.82 -33.21
CA GLU D 287 16.78 0.61 -34.37
C GLU D 287 16.32 1.44 -35.56
N ASN D 288 15.01 1.58 -35.75
CA ASN D 288 14.50 2.38 -36.86
C ASN D 288 14.92 3.84 -36.71
N GLN D 289 14.82 4.39 -35.51
CA GLN D 289 15.22 5.77 -35.29
C GLN D 289 16.74 5.92 -35.29
N ASN D 290 17.47 4.87 -34.94
CA ASN D 290 18.92 4.90 -35.16
C ASN D 290 19.24 5.00 -36.65
N VAL D 291 18.56 4.21 -37.46
CA VAL D 291 18.76 4.27 -38.91
C VAL D 291 18.22 5.58 -39.46
N ASN D 292 17.01 5.95 -39.05
CA ASN D 292 16.37 7.15 -39.57
C ASN D 292 16.85 8.40 -38.82
N ILE D 299 20.65 -0.01 -28.12
CA ILE D 299 19.41 -0.25 -27.38
C ILE D 299 19.61 -1.41 -26.41
N LEU D 300 20.51 -2.32 -26.76
CA LEU D 300 20.80 -3.48 -25.93
C LEU D 300 22.12 -3.39 -25.19
N LYS D 301 22.86 -2.29 -25.39
CA LYS D 301 24.14 -2.09 -24.71
C LYS D 301 25.02 -3.28 -25.09
N ASP D 302 25.68 -3.93 -24.15
CA ASP D 302 26.51 -5.09 -24.47
C ASP D 302 26.00 -6.36 -23.80
N GLN D 303 24.89 -6.31 -23.07
CA GLN D 303 24.37 -7.53 -22.47
C GLN D 303 23.70 -8.44 -23.47
N GLU D 304 23.78 -8.17 -24.78
CA GLU D 304 23.24 -9.11 -25.75
C GLU D 304 23.83 -10.50 -25.61
N ASP D 305 25.11 -10.57 -25.21
CA ASP D 305 25.73 -11.87 -24.93
C ASP D 305 25.01 -12.58 -23.80
N THR D 306 24.68 -11.86 -22.72
CA THR D 306 23.97 -12.49 -21.62
C THR D 306 22.61 -12.98 -22.07
N PHE D 307 21.90 -12.17 -22.86
CA PHE D 307 20.58 -12.59 -23.33
C PHE D 307 20.67 -13.84 -24.18
N ALA D 308 21.66 -13.90 -25.08
CA ALA D 308 21.82 -15.08 -25.90
C ALA D 308 22.18 -16.29 -25.05
N ALA D 309 23.05 -16.10 -24.06
CA ALA D 309 23.42 -17.20 -23.18
C ALA D 309 22.21 -17.72 -22.42
N GLU D 310 21.36 -16.82 -21.93
CA GLU D 310 20.17 -17.23 -21.22
C GLU D 310 19.20 -17.95 -22.15
N LEU D 311 19.05 -17.46 -23.37
CA LEU D 311 18.15 -18.14 -24.31
C LEU D 311 18.66 -19.54 -24.63
N HIS D 312 19.97 -19.69 -24.80
CA HIS D 312 20.54 -21.01 -25.00
C HIS D 312 20.30 -21.91 -23.81
N ARG D 313 20.50 -21.37 -22.59
CA ARG D 313 20.28 -22.16 -21.39
C ARG D 313 18.83 -22.63 -21.29
N LEU D 314 17.89 -21.73 -21.58
CA LEU D 314 16.48 -22.11 -21.64
C LEU D 314 16.26 -23.19 -22.70
N LYS D 315 16.93 -23.06 -23.84
CA LYS D 315 16.80 -24.08 -24.87
C LYS D 315 17.33 -25.43 -24.41
N GLN D 316 18.37 -25.44 -23.58
CA GLN D 316 18.96 -26.68 -23.12
C GLN D 316 18.15 -27.34 -22.01
N GLN D 317 17.13 -26.68 -21.49
CA GLN D 317 16.30 -27.32 -20.47
C GLN D 317 15.53 -28.48 -21.09
N PRO D 318 15.48 -29.64 -20.44
CA PRO D 318 14.70 -30.75 -21.01
C PRO D 318 13.20 -30.55 -20.88
N LEU D 319 12.75 -29.98 -19.76
CA LEU D 319 11.36 -29.66 -19.52
C LEU D 319 11.20 -28.15 -19.44
N PHE D 320 10.25 -27.59 -20.18
CA PHE D 320 10.12 -26.15 -20.24
C PHE D 320 9.56 -25.64 -18.92
N SER D 321 10.21 -24.60 -18.39
CA SER D 321 9.78 -23.90 -17.19
C SER D 321 9.22 -22.53 -17.57
N LEU D 322 7.90 -22.38 -17.47
CA LEU D 322 7.31 -21.10 -17.82
C LEU D 322 7.81 -20.01 -16.90
N VAL D 323 8.07 -20.34 -15.63
CA VAL D 323 8.53 -19.34 -14.67
C VAL D 323 9.88 -18.80 -15.11
N ASP D 324 10.80 -19.68 -15.51
CA ASP D 324 12.11 -19.24 -15.95
C ASP D 324 12.02 -18.39 -17.20
N PHE D 325 11.18 -18.80 -18.15
CA PHE D 325 10.95 -17.98 -19.34
C PHE D 325 10.50 -16.60 -18.92
N GLU D 326 9.54 -16.53 -18.00
CA GLU D 326 9.00 -15.25 -17.58
C GLU D 326 10.08 -14.42 -16.90
N GLN D 327 10.92 -15.04 -16.07
CA GLN D 327 11.92 -14.26 -15.35
C GLN D 327 12.98 -13.72 -16.31
N VAL D 328 13.38 -14.52 -17.30
CA VAL D 328 14.31 -14.04 -18.31
C VAL D 328 13.69 -12.86 -19.07
N VAL D 329 12.43 -13.03 -19.46
CA VAL D 329 11.73 -11.98 -20.20
C VAL D 329 11.66 -10.71 -19.36
N ASP D 330 11.35 -10.86 -18.08
CA ASP D 330 11.21 -9.71 -17.21
C ASP D 330 12.55 -9.01 -17.02
N ARG D 331 13.63 -9.77 -16.88
CA ARG D 331 14.94 -9.14 -16.73
C ARG D 331 15.29 -8.35 -17.98
N ILE D 332 15.06 -8.95 -19.15
CA ILE D 332 15.40 -8.26 -20.39
C ILE D 332 14.48 -7.05 -20.58
N ARG D 333 13.21 -7.18 -20.21
CA ARG D 333 12.29 -6.06 -20.30
C ARG D 333 12.71 -4.94 -19.37
N SER D 334 13.19 -5.28 -18.18
CA SER D 334 13.68 -4.26 -17.27
C SER D 334 14.88 -3.54 -17.87
N THR D 335 15.81 -4.28 -18.46
CA THR D 335 16.96 -3.65 -19.08
C THR D 335 16.55 -2.71 -20.21
N VAL D 336 15.68 -3.20 -21.11
CA VAL D 336 15.26 -2.39 -22.24
C VAL D 336 14.48 -1.17 -21.77
N ALA D 337 13.57 -1.36 -20.81
CA ALA D 337 12.78 -0.24 -20.33
C ALA D 337 13.64 0.77 -19.59
N GLU D 338 14.70 0.32 -18.92
CA GLU D 338 15.61 1.27 -18.29
C GLU D 338 16.39 2.05 -19.33
N HIS D 339 16.81 1.39 -20.40
CA HIS D 339 17.47 2.11 -21.47
C HIS D 339 16.53 3.15 -22.07
N LEU D 340 15.27 2.77 -22.30
CA LEU D 340 14.29 3.71 -22.83
C LEU D 340 14.04 4.85 -21.86
N TRP D 341 13.91 4.56 -20.56
CA TRP D 341 13.65 5.61 -19.59
C TRP D 341 14.79 6.61 -19.57
N LYS D 342 16.03 6.13 -19.59
CA LYS D 342 17.16 7.03 -19.56
C LYS D 342 17.29 7.81 -20.87
N LEU D 343 16.98 7.18 -22.00
CA LEU D 343 17.04 7.88 -23.27
C LEU D 343 15.88 8.84 -23.48
N MET D 344 14.82 8.72 -22.69
CA MET D 344 13.64 9.54 -22.91
C MET D 344 13.53 10.67 -21.90
N VAL D 345 13.83 10.39 -20.63
CA VAL D 345 13.61 11.36 -19.57
C VAL D 345 14.61 12.49 -19.67
N GLU D 346 15.87 12.17 -19.96
CA GLU D 346 16.94 13.15 -19.84
C GLU D 346 17.39 13.74 -21.16
N GLU D 347 17.28 12.99 -22.26
CA GLU D 347 17.78 13.46 -23.56
C GLU D 347 16.70 13.45 -24.62
N SER D 348 15.45 13.19 -24.24
CA SER D 348 14.32 13.38 -25.13
C SER D 348 13.38 14.46 -24.65
N ASP D 349 13.61 15.00 -23.45
CA ASP D 349 12.87 16.13 -22.92
C ASP D 349 11.36 15.86 -22.97
N LEU D 350 10.95 14.75 -22.36
CA LEU D 350 9.53 14.54 -22.17
C LEU D 350 8.93 15.59 -21.26
N LEU D 351 9.73 16.09 -20.31
CA LEU D 351 9.24 17.11 -19.40
C LEU D 351 8.84 18.37 -20.16
N GLY D 352 9.67 18.80 -21.11
CA GLY D 352 9.32 19.96 -21.90
C GLY D 352 8.12 19.72 -22.79
N GLN D 353 8.03 18.52 -23.36
CA GLN D 353 6.85 18.17 -24.14
C GLN D 353 5.58 18.32 -23.31
N LEU D 354 5.58 17.75 -22.10
CA LEU D 354 4.40 17.85 -21.25
C LEU D 354 4.15 19.29 -20.82
N LYS D 355 5.20 20.05 -20.56
CA LYS D 355 5.04 21.45 -20.21
C LYS D 355 4.36 22.21 -21.34
N ILE D 356 4.80 22.00 -22.57
CA ILE D 356 4.23 22.70 -23.70
C ILE D 356 2.79 22.24 -23.92
N ILE D 357 2.51 20.96 -23.69
CA ILE D 357 1.14 20.48 -23.82
C ILE D 357 0.24 21.20 -22.83
N LYS D 358 0.67 21.26 -21.57
CA LYS D 358 -0.14 21.92 -20.54
C LYS D 358 -0.28 23.41 -20.80
N ASP D 359 0.76 24.05 -21.32
CA ASP D 359 0.68 25.48 -21.61
C ASP D 359 -0.39 25.77 -22.65
N PHE D 360 -0.43 24.98 -23.72
CA PHE D 360 -1.25 25.28 -24.88
C PHE D 360 -2.34 24.26 -25.13
N TYR D 361 -1.99 22.96 -25.17
CA TYR D 361 -3.02 21.94 -25.26
C TYR D 361 -3.93 21.95 -24.04
N LEU D 362 -3.50 22.57 -22.94
CA LEU D 362 -4.25 22.53 -21.69
C LEU D 362 -4.37 23.92 -21.06
N LEU D 363 -4.09 24.98 -21.82
CA LEU D 363 -4.26 26.33 -21.29
C LEU D 363 -3.23 26.59 -20.20
N GLY D 364 -2.88 27.86 -20.00
CA GLY D 364 -1.78 28.19 -19.11
C GLY D 364 -1.06 29.43 -19.59
N ARG D 365 -1.42 29.89 -20.79
CA ARG D 365 -0.98 31.17 -21.33
C ARG D 365 -2.25 32.00 -21.47
N GLY D 366 -2.64 32.64 -20.38
CA GLY D 366 -3.91 33.37 -20.37
C GLY D 366 -3.91 34.53 -21.34
N GLU D 367 -2.82 35.30 -21.38
CA GLU D 367 -2.75 36.41 -22.32
C GLU D 367 -2.88 35.90 -23.75
N LEU D 368 -2.16 34.82 -24.08
CA LEU D 368 -2.19 34.27 -25.42
C LEU D 368 -3.60 33.89 -25.85
N PHE D 369 -4.22 32.96 -25.13
CA PHE D 369 -5.53 32.49 -25.53
C PHE D 369 -6.58 33.59 -25.44
N GLN D 370 -6.45 34.48 -24.45
CA GLN D 370 -7.38 35.59 -24.33
C GLN D 370 -7.35 36.47 -25.57
N ALA D 371 -6.16 36.92 -25.95
CA ALA D 371 -6.05 37.76 -27.13
C ALA D 371 -6.49 37.01 -28.39
N PHE D 372 -6.16 35.72 -28.47
CA PHE D 372 -6.57 34.94 -29.62
C PHE D 372 -8.09 34.91 -29.75
N ILE D 373 -8.78 34.65 -28.65
CA ILE D 373 -10.24 34.61 -28.70
C ILE D 373 -10.80 35.99 -29.02
N ASP D 374 -10.23 37.04 -28.42
CA ASP D 374 -10.67 38.39 -28.71
C ASP D 374 -10.57 38.69 -30.19
N THR D 375 -9.48 38.27 -30.81
CA THR D 375 -9.29 38.50 -32.24
C THR D 375 -10.26 37.67 -33.07
N ALA D 376 -10.39 36.39 -32.74
CA ALA D 376 -11.05 35.44 -33.64
C ALA D 376 -12.54 35.31 -33.39
N GLN D 377 -13.10 36.03 -32.42
CA GLN D 377 -14.54 35.96 -32.22
C GLN D 377 -15.28 36.46 -33.45
N HIS D 378 -14.80 37.56 -34.04
CA HIS D 378 -15.47 38.14 -35.21
C HIS D 378 -15.50 37.15 -36.37
N MET D 379 -14.49 36.30 -36.48
CA MET D 379 -14.36 35.42 -37.63
C MET D 379 -14.97 34.05 -37.38
N LEU D 380 -14.95 33.59 -36.13
CA LEU D 380 -15.49 32.29 -35.76
C LEU D 380 -16.95 32.36 -35.37
N LYS D 381 -17.53 33.55 -35.26
CA LYS D 381 -18.96 33.64 -35.00
C LYS D 381 -19.77 33.06 -36.14
N THR D 382 -19.21 33.05 -37.34
CA THR D 382 -19.83 32.56 -38.56
C THR D 382 -19.39 31.13 -38.82
N PRO D 383 -20.18 30.36 -39.56
CA PRO D 383 -19.72 29.05 -40.00
C PRO D 383 -18.48 29.19 -40.87
N PRO D 384 -17.50 28.31 -40.70
CA PRO D 384 -16.21 28.51 -41.37
C PRO D 384 -16.23 28.19 -42.86
N THR D 385 -15.19 28.66 -43.53
CA THR D 385 -14.97 28.42 -44.95
C THR D 385 -13.54 27.92 -45.16
N ALA D 386 -13.13 27.82 -46.42
CA ALA D 386 -11.81 27.24 -46.72
C ALA D 386 -10.67 28.16 -46.31
N VAL D 387 -10.95 29.45 -46.05
CA VAL D 387 -9.91 30.39 -45.66
C VAL D 387 -9.88 30.67 -44.17
N THR D 388 -10.87 30.20 -43.41
CA THR D 388 -10.92 30.52 -41.99
C THR D 388 -9.71 29.95 -41.27
N GLU D 389 -9.28 28.75 -41.66
CA GLU D 389 -8.16 28.10 -40.97
C GLU D 389 -6.90 28.94 -41.09
N HIS D 390 -6.57 29.36 -42.30
CA HIS D 390 -5.35 30.14 -42.50
C HIS D 390 -5.44 31.46 -41.77
N ASP D 391 -6.61 32.11 -41.85
CA ASP D 391 -6.77 33.40 -41.19
C ASP D 391 -6.59 33.27 -39.69
N VAL D 392 -7.20 32.25 -39.10
CA VAL D 392 -7.11 32.09 -37.65
C VAL D 392 -5.70 31.69 -37.25
N ASN D 393 -5.00 30.92 -38.09
CA ASN D 393 -3.61 30.62 -37.79
C ASN D 393 -2.75 31.87 -37.84
N VAL D 394 -3.01 32.74 -38.82
CA VAL D 394 -2.29 34.00 -38.91
C VAL D 394 -2.53 34.84 -37.68
N ALA D 395 -3.80 34.95 -37.27
CA ALA D 395 -4.12 35.71 -36.07
C ALA D 395 -3.44 35.12 -34.85
N PHE D 396 -3.44 33.80 -34.74
CA PHE D 396 -2.81 33.15 -33.60
C PHE D 396 -1.33 33.48 -33.55
N GLN D 397 -0.64 33.33 -34.68
CA GLN D 397 0.79 33.57 -34.69
C GLN D 397 1.10 35.03 -34.42
N GLN D 398 0.31 35.94 -34.97
CA GLN D 398 0.57 37.36 -34.75
C GLN D 398 0.32 37.76 -33.31
N SER D 399 -0.74 37.22 -32.71
CA SER D 399 -1.00 37.48 -31.30
C SER D 399 0.11 36.92 -30.42
N ALA D 400 0.55 35.69 -30.73
CA ALA D 400 1.64 35.09 -29.95
C ALA D 400 2.89 35.93 -30.05
N HIS D 401 3.16 36.48 -31.25
CA HIS D 401 4.25 37.42 -31.38
C HIS D 401 3.99 38.63 -30.51
N LYS D 402 2.75 39.12 -30.51
CA LYS D 402 2.43 40.30 -29.72
C LYS D 402 2.44 39.98 -28.23
N VAL D 403 2.06 38.76 -27.86
CA VAL D 403 2.11 38.38 -26.44
C VAL D 403 3.51 37.87 -26.13
N LEU D 404 4.45 38.09 -27.06
CA LEU D 404 5.86 37.83 -26.80
C LEU D 404 6.12 36.33 -26.68
N LEU D 405 5.51 35.55 -27.57
CA LEU D 405 5.97 34.19 -27.86
C LEU D 405 7.00 34.23 -28.98
N ASP D 406 8.20 34.69 -28.62
CA ASP D 406 9.25 34.98 -29.59
C ASP D 406 10.47 34.08 -29.43
N ASP D 407 10.55 33.27 -28.38
CA ASP D 407 11.64 32.33 -28.21
C ASP D 407 11.26 30.89 -28.56
N ASP D 408 10.04 30.67 -29.03
CA ASP D 408 9.59 29.32 -29.34
C ASP D 408 9.87 29.02 -30.81
N ASN D 409 10.79 28.08 -31.05
CA ASN D 409 10.90 27.47 -32.37
C ASN D 409 9.76 26.49 -32.64
N LEU D 410 8.95 26.19 -31.63
CA LEU D 410 7.74 25.41 -31.81
C LEU D 410 6.58 26.27 -32.25
N LEU D 411 6.73 27.59 -32.17
CA LEU D 411 5.71 28.49 -32.70
C LEU D 411 5.36 28.16 -34.13
N PRO D 412 6.33 27.91 -35.02
CA PRO D 412 5.95 27.43 -36.36
C PRO D 412 5.44 26.00 -36.34
N LEU D 413 5.54 25.30 -35.22
CA LEU D 413 5.01 23.96 -35.10
C LEU D 413 3.69 23.94 -34.33
N LEU D 414 3.30 25.09 -33.79
CA LEU D 414 2.01 25.27 -33.13
C LEU D 414 1.04 25.87 -34.14
N HIS D 415 0.14 25.03 -34.68
CA HIS D 415 -0.75 25.46 -35.74
C HIS D 415 -2.18 25.16 -35.31
N LEU D 416 -3.13 25.69 -36.08
CA LEU D 416 -4.54 25.51 -35.79
C LEU D 416 -5.17 24.60 -36.83
N THR D 417 -6.41 24.21 -36.58
CA THR D 417 -7.18 23.51 -37.60
C THR D 417 -8.66 23.71 -37.33
N ILE D 418 -9.43 23.99 -38.37
CA ILE D 418 -10.87 24.11 -38.26
C ILE D 418 -11.51 22.92 -38.97
N GLU D 419 -12.50 22.32 -38.32
CA GLU D 419 -13.21 21.16 -38.84
C GLU D 419 -14.61 21.60 -39.23
N TYR D 420 -14.96 21.42 -40.50
CA TYR D 420 -16.25 21.92 -40.97
C TYR D 420 -16.63 21.19 -42.25
N HIS D 421 -17.90 20.82 -42.35
CA HIS D 421 -18.35 20.12 -43.55
C HIS D 421 -18.21 21.02 -44.77
N GLY D 422 -18.53 22.31 -44.61
CA GLY D 422 -18.27 23.26 -45.68
C GLY D 422 -16.81 23.51 -45.94
N LYS D 423 -15.96 23.10 -45.01
CA LYS D 423 -14.51 23.11 -45.19
C LYS D 423 -14.00 21.76 -45.63
N GLU D 424 -14.90 20.80 -45.87
CA GLU D 424 -14.56 19.50 -46.44
C GLU D 424 -14.92 19.40 -47.92
N HIS D 425 -15.40 20.48 -48.53
CA HIS D 425 -15.83 20.45 -49.92
C HIS D 425 -14.63 20.55 -50.86
N GLU D 444 -25.66 18.67 -38.51
CA GLU D 444 -25.49 20.12 -38.44
C GLU D 444 -24.02 20.48 -38.48
N ALA D 445 -23.61 21.13 -39.58
CA ALA D 445 -22.24 21.59 -39.70
C ALA D 445 -21.98 22.73 -38.70
N PRO D 446 -20.73 22.91 -38.29
CA PRO D 446 -20.41 24.00 -37.35
C PRO D 446 -20.83 25.36 -37.90
N ALA D 447 -21.76 26.00 -37.21
CA ALA D 447 -22.23 27.33 -37.59
C ALA D 447 -21.33 28.45 -37.07
N SER D 448 -20.24 28.13 -36.39
CA SER D 448 -19.32 29.14 -35.91
C SER D 448 -17.92 28.53 -35.92
N GLY D 449 -16.91 29.38 -36.10
CA GLY D 449 -15.54 28.90 -35.96
C GLY D 449 -15.21 28.45 -34.57
N TRP D 450 -15.94 28.94 -33.57
CA TRP D 450 -15.74 28.45 -32.21
C TRP D 450 -16.35 27.08 -32.01
N ALA D 451 -17.22 26.64 -32.93
CA ALA D 451 -17.90 25.36 -32.76
C ALA D 451 -17.00 24.15 -33.00
N ALA D 452 -15.95 24.27 -33.83
CA ALA D 452 -15.08 23.11 -34.05
C ALA D 452 -13.67 23.60 -34.41
N LEU D 453 -12.76 23.49 -33.45
CA LEU D 453 -11.40 24.00 -33.61
C LEU D 453 -10.45 23.08 -32.87
N GLY D 454 -9.39 22.65 -33.55
CA GLY D 454 -8.38 21.80 -32.96
C GLY D 454 -7.00 22.43 -33.04
N LEU D 455 -6.05 21.80 -32.34
CA LEU D 455 -4.67 22.25 -32.30
C LEU D 455 -3.77 21.22 -32.98
N SER D 456 -2.95 21.69 -33.90
CA SER D 456 -2.03 20.86 -34.66
C SER D 456 -0.62 21.08 -34.12
N TYR D 457 0.00 20.00 -33.63
CA TYR D 457 1.34 20.07 -33.08
C TYR D 457 2.12 18.85 -33.56
N LYS D 458 3.44 19.01 -33.63
CA LYS D 458 4.32 18.03 -34.22
C LYS D 458 5.15 17.33 -33.15
N VAL D 459 5.14 16.01 -33.16
CA VAL D 459 5.89 15.18 -32.24
C VAL D 459 6.77 14.26 -33.06
N GLN D 460 8.04 14.15 -32.66
CA GLN D 460 9.03 13.40 -33.42
C GLN D 460 9.57 12.23 -32.61
N TRP D 461 10.59 11.58 -33.15
CA TRP D 461 11.19 10.45 -32.45
C TRP D 461 11.73 10.91 -31.10
N PRO D 462 11.57 10.11 -30.04
CA PRO D 462 10.81 8.86 -29.97
C PRO D 462 9.47 9.11 -29.29
N LEU D 463 9.22 10.38 -28.95
CA LEU D 463 8.08 10.70 -28.12
C LEU D 463 6.77 10.49 -28.85
N HIS D 464 6.79 10.54 -30.18
CA HIS D 464 5.56 10.35 -30.94
C HIS D 464 5.02 8.95 -30.79
N ILE D 465 5.87 7.98 -30.44
CA ILE D 465 5.39 6.63 -30.16
C ILE D 465 4.40 6.66 -29.00
N LEU D 466 4.71 7.41 -27.95
CA LEU D 466 3.78 7.57 -26.84
C LEU D 466 2.49 8.25 -27.30
N PHE D 467 2.60 9.25 -28.16
CA PHE D 467 1.49 10.16 -28.41
C PHE D 467 0.61 9.55 -29.50
N THR D 468 -0.29 8.67 -29.05
CA THR D 468 -1.31 8.14 -29.93
C THR D 468 -2.33 9.22 -30.29
N PRO D 469 -2.96 9.10 -31.45
CA PRO D 469 -3.98 10.09 -31.83
C PRO D 469 -5.09 10.22 -30.79
N ALA D 470 -5.42 9.13 -30.10
CA ALA D 470 -6.49 9.18 -29.11
C ALA D 470 -6.22 10.28 -28.08
N VAL D 471 -5.00 10.30 -27.53
CA VAL D 471 -4.63 11.37 -26.63
C VAL D 471 -4.75 12.72 -27.32
N LEU D 472 -4.55 12.74 -28.64
CA LEU D 472 -4.64 14.00 -29.37
C LEU D 472 -6.07 14.52 -29.39
N GLU D 473 -7.04 13.65 -29.65
CA GLU D 473 -8.42 14.11 -29.62
C GLU D 473 -8.90 14.35 -28.20
N LYS D 474 -8.31 13.67 -27.21
CA LYS D 474 -8.57 14.03 -25.83
C LYS D 474 -8.15 15.47 -25.57
N TYR D 475 -6.94 15.82 -26.00
CA TYR D 475 -6.47 17.20 -25.89
C TYR D 475 -7.43 18.14 -26.61
N ASN D 476 -7.87 17.74 -27.80
CA ASN D 476 -8.74 18.61 -28.60
C ASN D 476 -10.05 18.88 -27.86
N VAL D 477 -10.66 17.84 -27.30
CA VAL D 477 -11.96 18.01 -26.66
C VAL D 477 -11.81 18.78 -25.36
N VAL D 478 -10.74 18.53 -24.62
CA VAL D 478 -10.54 19.27 -23.38
C VAL D 478 -10.25 20.73 -23.68
N PHE D 479 -9.52 20.99 -24.76
CA PHE D 479 -9.29 22.38 -25.16
C PHE D 479 -10.58 23.04 -25.60
N LYS D 480 -11.45 22.28 -26.26
CA LYS D 480 -12.76 22.84 -26.61
C LYS D 480 -13.53 23.25 -25.37
N TYR D 481 -13.54 22.38 -24.36
CA TYR D 481 -14.22 22.69 -23.12
C TYR D 481 -13.63 23.94 -22.46
N LEU D 482 -12.31 23.97 -22.34
CA LEU D 482 -11.67 25.09 -21.66
C LEU D 482 -11.86 26.39 -22.44
N LEU D 483 -11.82 26.33 -23.76
CA LEU D 483 -12.03 27.54 -24.54
C LEU D 483 -13.46 28.02 -24.43
N SER D 484 -14.42 27.10 -24.34
CA SER D 484 -15.80 27.50 -24.12
C SER D 484 -15.93 28.22 -22.77
N VAL D 485 -15.32 27.65 -21.75
CA VAL D 485 -15.42 28.25 -20.42
C VAL D 485 -14.72 29.59 -20.40
N ARG D 486 -13.62 29.73 -21.11
CA ARG D 486 -12.94 31.01 -21.15
C ARG D 486 -13.73 32.03 -21.94
N ARG D 487 -14.46 31.58 -22.98
CA ARG D 487 -15.33 32.49 -23.71
C ARG D 487 -16.42 33.03 -22.81
N VAL D 488 -17.04 32.15 -22.01
CA VAL D 488 -18.03 32.63 -21.05
C VAL D 488 -17.40 33.57 -20.03
N GLN D 489 -16.17 33.27 -19.59
CA GLN D 489 -15.47 34.16 -18.69
C GLN D 489 -15.32 35.56 -19.28
N ALA D 490 -14.89 35.63 -20.53
CA ALA D 490 -14.69 36.92 -21.16
C ALA D 490 -16.00 37.65 -21.37
N GLU D 491 -17.05 36.93 -21.75
CA GLU D 491 -18.35 37.54 -21.89
C GLU D 491 -18.80 38.17 -20.58
N LEU D 492 -18.67 37.41 -19.49
CA LEU D 492 -19.03 37.94 -18.18
C LEU D 492 -18.16 39.13 -17.80
N GLN D 493 -16.87 39.09 -18.14
CA GLN D 493 -15.98 40.20 -17.83
C GLN D 493 -16.42 41.48 -18.55
N HIS D 494 -16.75 41.36 -19.83
CA HIS D 494 -17.14 42.54 -20.58
C HIS D 494 -18.49 43.06 -20.11
N CYS D 495 -19.42 42.16 -19.79
CA CYS D 495 -20.69 42.59 -19.22
C CYS D 495 -20.48 43.30 -17.90
N TRP D 496 -19.57 42.79 -17.06
CA TRP D 496 -19.27 43.46 -15.80
C TRP D 496 -18.72 44.85 -16.05
N ALA D 497 -17.86 45.01 -17.04
CA ALA D 497 -17.34 46.34 -17.33
C ALA D 497 -18.43 47.27 -17.84
N LEU D 498 -19.32 46.76 -18.70
CA LEU D 498 -20.43 47.59 -19.13
C LEU D 498 -21.29 48.02 -17.95
N GLN D 499 -21.57 47.09 -17.03
CA GLN D 499 -22.39 47.50 -15.90
C GLN D 499 -21.61 48.43 -14.97
N MET D 500 -20.27 48.34 -14.99
CA MET D 500 -19.47 49.28 -14.24
C MET D 500 -19.64 50.69 -14.79
N GLN D 501 -19.85 50.78 -16.11
CA GLN D 501 -19.93 52.09 -16.74
C GLN D 501 -21.16 52.85 -16.24
N ARG D 502 -22.19 52.12 -15.80
CA ARG D 502 -23.45 52.68 -15.35
C ARG D 502 -23.32 53.45 -14.04
N LYS D 503 -22.16 53.38 -13.37
CA LYS D 503 -21.98 54.06 -12.10
C LYS D 503 -21.96 55.57 -12.24
N HIS D 504 -21.72 56.09 -13.45
CA HIS D 504 -21.96 57.50 -13.69
C HIS D 504 -23.43 57.81 -13.92
N LEU D 505 -24.28 56.80 -14.03
CA LEU D 505 -25.72 57.00 -14.13
C LEU D 505 -26.40 56.53 -12.85
N LYS D 506 -27.73 56.55 -12.85
CA LYS D 506 -28.53 56.04 -11.73
C LYS D 506 -29.10 54.67 -12.05
N SER D 507 -29.22 53.85 -11.00
CA SER D 507 -29.63 52.46 -11.15
C SER D 507 -31.10 52.34 -11.54
N ASN D 508 -31.39 51.44 -12.47
CA ASN D 508 -32.76 51.12 -12.85
C ASN D 508 -33.12 49.73 -12.32
N GLN D 509 -34.42 49.43 -12.29
CA GLN D 509 -34.85 48.11 -11.84
C GLN D 509 -34.27 47.03 -12.75
N THR D 510 -34.34 47.25 -14.06
CA THR D 510 -33.72 46.32 -15.00
C THR D 510 -32.22 46.25 -14.79
N ASP D 511 -31.59 47.39 -14.50
CA ASP D 511 -30.16 47.39 -14.22
C ASP D 511 -29.83 46.55 -13.00
N ALA D 512 -30.65 46.66 -11.95
CA ALA D 512 -30.42 45.87 -10.74
C ALA D 512 -30.59 44.39 -11.02
N VAL D 513 -31.62 44.01 -11.78
CA VAL D 513 -31.82 42.60 -12.09
C VAL D 513 -30.69 42.08 -12.96
N LYS D 514 -30.23 42.90 -13.90
CA LYS D 514 -29.09 42.51 -14.72
C LYS D 514 -27.86 42.28 -13.85
N TRP D 515 -27.61 43.18 -12.91
CA TRP D 515 -26.45 43.03 -12.04
C TRP D 515 -26.57 41.79 -11.18
N ARG D 516 -27.76 41.50 -10.67
CA ARG D 516 -27.95 40.32 -9.84
C ARG D 516 -27.69 39.04 -10.63
N LEU D 517 -28.27 38.93 -11.82
CA LEU D 517 -28.03 37.75 -12.63
C LEU D 517 -26.56 37.64 -13.02
N ARG D 518 -25.95 38.77 -13.36
CA ARG D 518 -24.53 38.79 -13.68
C ARG D 518 -23.69 38.28 -12.52
N ASN D 519 -23.96 38.75 -11.31
CA ASN D 519 -23.20 38.29 -10.15
C ASN D 519 -23.44 36.80 -9.92
N HIS D 520 -24.67 36.34 -10.12
CA HIS D 520 -24.97 34.92 -9.97
C HIS D 520 -24.10 34.09 -10.89
N MET D 521 -24.16 34.36 -12.19
CA MET D 521 -23.40 33.54 -13.13
C MET D 521 -21.91 33.78 -12.99
N ALA D 522 -21.50 34.97 -12.52
CA ALA D 522 -20.09 35.20 -12.26
C ALA D 522 -19.59 34.28 -11.16
N PHE D 523 -20.35 34.19 -10.07
CA PHE D 523 -20.01 33.25 -9.01
C PHE D 523 -19.93 31.83 -9.54
N LEU D 524 -20.93 31.44 -10.34
CA LEU D 524 -20.97 30.06 -10.84
C LEU D 524 -19.73 29.76 -11.68
N VAL D 525 -19.46 30.60 -12.68
CA VAL D 525 -18.35 30.31 -13.58
C VAL D 525 -17.02 30.44 -12.86
N ASP D 526 -16.90 31.38 -11.92
CA ASP D 526 -15.65 31.53 -11.18
C ASP D 526 -15.37 30.29 -10.34
N ASN D 527 -16.39 29.76 -9.67
CA ASN D 527 -16.22 28.51 -8.94
C ASN D 527 -15.81 27.41 -9.90
N LEU D 528 -16.50 27.31 -11.04
CA LEU D 528 -16.19 26.26 -11.99
C LEU D 528 -14.74 26.33 -12.40
N GLN D 529 -14.28 27.51 -12.80
CA GLN D 529 -12.95 27.65 -13.37
C GLN D 529 -11.87 27.52 -12.30
N TYR D 530 -12.11 28.03 -11.09
CA TYR D 530 -11.14 27.80 -10.02
C TYR D 530 -10.99 26.32 -9.72
N TYR D 531 -12.10 25.59 -9.65
CA TYR D 531 -12.03 24.15 -9.48
C TYR D 531 -11.28 23.50 -10.64
N LEU D 532 -11.60 23.91 -11.86
CA LEU D 532 -10.99 23.31 -13.04
C LEU D 532 -9.49 23.51 -13.03
N GLN D 533 -9.04 24.72 -12.72
CA GLN D 533 -7.61 24.96 -12.68
C GLN D 533 -6.97 24.13 -11.58
N VAL D 534 -7.56 24.15 -10.38
CA VAL D 534 -6.88 23.55 -9.24
C VAL D 534 -7.13 22.05 -9.20
N ASP D 535 -8.39 21.65 -9.03
CA ASP D 535 -8.71 20.24 -8.80
C ASP D 535 -8.50 19.41 -10.06
N VAL D 536 -9.02 19.88 -11.19
CA VAL D 536 -8.96 19.07 -12.40
C VAL D 536 -7.53 18.93 -12.91
N LEU D 537 -6.67 19.90 -12.59
CA LEU D 537 -5.36 20.01 -13.22
C LEU D 537 -4.21 19.77 -12.25
N GLU D 538 -4.17 20.50 -11.14
CA GLU D 538 -2.96 20.56 -10.34
C GLU D 538 -2.60 19.17 -9.82
N SER D 539 -3.57 18.46 -9.27
CA SER D 539 -3.30 17.13 -8.73
C SER D 539 -2.82 16.17 -9.81
N GLN D 540 -3.48 16.17 -10.97
CA GLN D 540 -3.10 15.21 -12.00
C GLN D 540 -1.72 15.50 -12.56
N PHE D 541 -1.43 16.78 -12.84
CA PHE D 541 -0.09 17.15 -13.29
C PHE D 541 0.96 16.78 -12.25
N SER D 542 0.70 17.10 -10.98
CA SER D 542 1.66 16.80 -9.93
C SER D 542 1.89 15.29 -9.81
N GLN D 543 0.83 14.50 -9.87
CA GLN D 543 0.98 13.07 -9.69
C GLN D 543 1.71 12.45 -10.87
N LEU D 544 1.45 12.92 -12.09
CA LEU D 544 2.19 12.40 -13.22
C LEU D 544 3.65 12.82 -13.15
N LEU D 545 3.91 14.04 -12.68
CA LEU D 545 5.29 14.47 -12.47
C LEU D 545 6.02 13.58 -11.48
N HIS D 546 5.37 13.28 -10.36
CA HIS D 546 6.00 12.40 -9.38
C HIS D 546 6.18 11.00 -9.91
N GLN D 547 5.23 10.52 -10.71
CA GLN D 547 5.36 9.21 -11.33
C GLN D 547 6.59 9.17 -12.23
N ILE D 548 6.73 10.15 -13.13
CA ILE D 548 7.84 10.12 -14.06
C ILE D 548 9.17 10.34 -13.33
N ASN D 549 9.16 11.16 -12.28
CA ASN D 549 10.38 11.34 -11.50
C ASN D 549 10.79 10.03 -10.86
N SER D 550 9.83 9.31 -10.28
CA SER D 550 10.13 8.07 -9.57
C SER D 550 10.42 6.93 -10.52
N THR D 551 9.71 6.86 -11.64
CA THR D 551 9.77 5.68 -12.49
C THR D 551 11.18 5.50 -13.06
N ARG D 552 11.43 4.30 -13.56
CA ARG D 552 12.67 3.99 -14.26
C ARG D 552 12.45 3.19 -15.53
N ASP D 553 11.19 2.93 -15.90
CA ASP D 553 10.87 2.04 -16.99
C ASP D 553 9.88 2.74 -17.92
N PHE D 554 9.96 2.37 -19.21
CA PHE D 554 9.05 2.95 -20.20
C PHE D 554 7.60 2.66 -19.82
N GLU D 555 7.28 1.38 -19.58
CA GLU D 555 5.89 1.01 -19.36
C GLU D 555 5.33 1.71 -18.13
N SER D 556 6.16 1.89 -17.10
CA SER D 556 5.73 2.64 -15.93
C SER D 556 5.34 4.06 -16.28
N ILE D 557 6.16 4.74 -17.09
CA ILE D 557 5.82 6.10 -17.52
C ILE D 557 4.55 6.09 -18.34
N ARG D 558 4.42 5.11 -19.24
CA ARG D 558 3.24 5.00 -20.07
C ARG D 558 1.98 4.93 -19.22
N LEU D 559 1.95 4.00 -18.27
CA LEU D 559 0.78 3.86 -17.43
C LEU D 559 0.59 5.07 -16.53
N ALA D 560 1.68 5.70 -16.10
CA ALA D 560 1.57 6.90 -15.28
C ALA D 560 0.82 8.01 -16.03
N HIS D 561 1.27 8.31 -17.25
CA HIS D 561 0.57 9.33 -18.03
C HIS D 561 -0.83 8.87 -18.41
N ASP D 562 -1.02 7.57 -18.59
CA ASP D 562 -2.34 7.03 -18.89
C ASP D 562 -3.31 7.37 -17.76
N HIS D 563 -2.94 7.03 -16.53
CA HIS D 563 -3.82 7.34 -15.41
C HIS D 563 -3.90 8.83 -15.15
N PHE D 564 -2.86 9.58 -15.51
CA PHE D 564 -2.93 11.03 -15.36
C PHE D 564 -4.04 11.60 -16.23
N LEU D 565 -4.03 11.25 -17.52
CA LEU D 565 -5.08 11.71 -18.41
C LEU D 565 -6.42 11.09 -18.06
N SER D 566 -6.45 9.88 -17.51
CA SER D 566 -7.70 9.29 -17.05
C SER D 566 -8.31 10.14 -15.94
N ASN D 567 -7.50 10.55 -14.96
CA ASN D 567 -7.97 11.42 -13.91
C ASN D 567 -8.44 12.75 -14.46
N LEU D 568 -7.69 13.31 -15.42
CA LEU D 568 -8.09 14.57 -16.03
C LEU D 568 -9.48 14.44 -16.66
N LEU D 569 -9.67 13.39 -17.46
CA LEU D 569 -10.94 13.24 -18.16
C LEU D 569 -12.08 12.94 -17.18
N ALA D 570 -11.80 12.21 -16.10
CA ALA D 570 -12.81 12.01 -15.08
C ALA D 570 -13.21 13.32 -14.45
N GLN D 571 -12.24 14.19 -14.15
CA GLN D 571 -12.55 15.48 -13.57
C GLN D 571 -13.28 16.37 -14.56
N SER D 572 -13.10 16.12 -15.86
CA SER D 572 -13.73 16.96 -16.87
C SER D 572 -15.25 16.85 -16.84
N PHE D 573 -15.78 15.68 -16.49
CA PHE D 573 -17.23 15.49 -16.32
C PHE D 573 -17.96 15.61 -17.65
N ILE D 574 -17.24 15.50 -18.76
CA ILE D 574 -17.88 15.35 -20.07
C ILE D 574 -18.38 13.93 -20.25
N LEU D 575 -17.71 12.95 -19.65
CA LEU D 575 -18.16 11.57 -19.72
C LEU D 575 -19.51 11.36 -19.08
N LEU D 576 -20.00 12.31 -18.29
CA LEU D 576 -21.34 12.23 -17.70
C LEU D 576 -22.29 13.07 -18.55
N LYS D 577 -23.23 12.39 -19.20
CA LYS D 577 -24.13 13.03 -20.14
C LYS D 577 -24.93 14.14 -19.49
N PRO D 578 -25.56 13.93 -18.34
CA PRO D 578 -26.47 14.94 -17.79
C PRO D 578 -25.72 16.20 -17.43
N VAL D 579 -24.60 16.04 -16.73
CA VAL D 579 -23.82 17.20 -16.30
C VAL D 579 -23.26 17.93 -17.52
N PHE D 580 -22.84 17.19 -18.54
CA PHE D 580 -22.35 17.83 -19.76
C PHE D 580 -23.46 18.65 -20.42
N HIS D 581 -24.66 18.08 -20.50
CA HIS D 581 -25.77 18.80 -21.10
C HIS D 581 -26.12 20.05 -20.29
N CYS D 582 -26.12 19.95 -18.98
CA CYS D 582 -26.40 21.12 -18.14
C CYS D 582 -25.34 22.19 -18.31
N LEU D 583 -24.07 21.79 -18.41
CA LEU D 583 -23.00 22.76 -18.64
C LEU D 583 -23.20 23.47 -19.96
N ASN D 584 -23.56 22.71 -21.00
CA ASN D 584 -23.84 23.32 -22.30
C ASN D 584 -24.98 24.32 -22.18
N GLU D 585 -26.03 23.93 -21.46
CA GLU D 585 -27.18 24.80 -21.29
C GLU D 585 -26.76 26.11 -20.61
N ILE D 586 -25.95 26.00 -19.57
CA ILE D 586 -25.54 27.20 -18.85
C ILE D 586 -24.63 28.05 -19.73
N LEU D 587 -23.82 27.42 -20.56
CA LEU D 587 -23.01 28.19 -21.51
C LEU D 587 -23.91 28.98 -22.46
N ASP D 588 -24.94 28.32 -22.99
CA ASP D 588 -25.85 29.00 -23.90
C ASP D 588 -26.58 30.15 -23.18
N LEU D 589 -26.98 29.92 -21.94
CA LEU D 589 -27.65 30.97 -21.18
C LEU D 589 -26.73 32.15 -20.93
N CYS D 590 -25.47 31.89 -20.62
CA CYS D 590 -24.52 32.99 -20.43
C CYS D 590 -24.34 33.78 -21.71
N HIS D 591 -24.22 33.08 -22.84
CA HIS D 591 -24.09 33.76 -24.11
C HIS D 591 -25.31 34.62 -24.39
N SER D 592 -26.51 34.08 -24.13
CA SER D 592 -27.73 34.82 -24.36
C SER D 592 -27.81 36.05 -23.47
N PHE D 593 -27.43 35.91 -22.21
CA PHE D 593 -27.46 37.06 -21.30
C PHE D 593 -26.50 38.14 -21.78
N CYS D 594 -25.29 37.74 -22.19
CA CYS D 594 -24.35 38.72 -22.69
C CYS D 594 -24.86 39.40 -23.96
N SER D 595 -25.47 38.62 -24.85
CA SER D 595 -26.05 39.21 -26.05
C SER D 595 -27.15 40.20 -25.72
N LEU D 596 -28.02 39.84 -24.78
CA LEU D 596 -29.10 40.74 -24.39
C LEU D 596 -28.53 42.03 -23.80
N VAL D 597 -27.50 41.91 -22.97
CA VAL D 597 -26.87 43.11 -22.44
C VAL D 597 -26.30 43.93 -23.59
N SER D 598 -25.72 43.25 -24.58
CA SER D 598 -25.18 43.93 -25.74
C SER D 598 -26.26 44.64 -26.54
N GLN D 599 -27.52 44.20 -26.39
CA GLN D 599 -28.58 44.78 -27.19
C GLN D 599 -28.78 46.25 -26.85
N ASN D 600 -28.81 46.59 -25.57
CA ASN D 600 -28.96 47.97 -25.12
C ASN D 600 -27.61 48.48 -24.63
N LEU D 601 -27.07 49.47 -25.34
CA LEU D 601 -25.83 50.09 -24.90
C LEU D 601 -26.05 50.84 -23.58
N GLY D 602 -27.21 51.45 -23.43
CA GLY D 602 -27.60 52.06 -22.18
C GLY D 602 -28.48 51.11 -21.39
N PRO D 603 -29.36 51.66 -20.57
CA PRO D 603 -30.30 50.80 -19.84
C PRO D 603 -31.19 50.02 -20.80
N LEU D 604 -31.57 48.81 -20.38
CA LEU D 604 -32.39 47.97 -21.25
C LEU D 604 -33.75 48.63 -21.47
N ASP D 605 -34.35 48.35 -22.61
CA ASP D 605 -35.67 48.86 -22.91
C ASP D 605 -36.73 47.89 -22.40
N GLU D 606 -37.98 48.13 -22.79
CA GLU D 606 -39.04 47.22 -22.38
C GLU D 606 -38.83 45.84 -22.97
N ARG D 607 -38.47 45.77 -24.24
CA ARG D 607 -38.17 44.48 -24.86
C ARG D 607 -36.94 43.85 -24.22
N GLY D 608 -35.93 44.67 -23.91
CA GLY D 608 -34.80 44.16 -23.15
C GLY D 608 -35.22 43.59 -21.81
N ALA D 609 -36.14 44.27 -21.12
CA ALA D 609 -36.61 43.77 -19.84
C ALA D 609 -37.35 42.46 -20.00
N ALA D 610 -38.20 42.34 -21.03
CA ALA D 610 -38.95 41.11 -21.24
C ALA D 610 -38.03 39.94 -21.58
N GLN D 611 -37.04 40.17 -22.45
CA GLN D 611 -36.13 39.09 -22.77
C GLN D 611 -35.25 38.73 -21.58
N LEU D 612 -34.91 39.71 -20.74
CA LEU D 612 -34.21 39.40 -19.51
C LEU D 612 -35.06 38.56 -18.58
N SER D 613 -36.36 38.85 -18.49
CA SER D 613 -37.25 38.04 -17.67
C SER D 613 -37.33 36.61 -18.19
N ILE D 614 -37.45 36.44 -19.51
CA ILE D 614 -37.47 35.09 -20.07
C ILE D 614 -36.17 34.36 -19.76
N LEU D 615 -35.04 35.06 -19.91
CA LEU D 615 -33.75 34.45 -19.64
C LEU D 615 -33.60 34.10 -18.16
N VAL D 616 -34.12 34.95 -17.27
CA VAL D 616 -34.05 34.68 -15.85
C VAL D 616 -34.91 33.48 -15.48
N LYS D 617 -36.07 33.35 -16.12
CA LYS D 617 -36.89 32.16 -15.90
C LYS D 617 -36.12 30.90 -16.31
N GLY D 618 -35.54 30.92 -17.50
CA GLY D 618 -34.76 29.77 -17.94
C GLY D 618 -33.57 29.51 -17.02
N PHE D 619 -32.92 30.58 -16.55
CA PHE D 619 -31.79 30.43 -15.65
C PHE D 619 -32.20 29.79 -14.33
N SER D 620 -33.33 30.22 -13.77
CA SER D 620 -33.81 29.60 -12.54
C SER D 620 -34.15 28.14 -12.76
N ARG D 621 -34.80 27.81 -13.87
CA ARG D 621 -35.10 26.41 -14.18
C ARG D 621 -33.81 25.60 -14.25
N GLN D 622 -32.82 26.11 -14.97
CA GLN D 622 -31.59 25.35 -15.17
C GLN D 622 -30.77 25.31 -13.89
N SER D 623 -30.88 26.34 -13.05
CA SER D 623 -30.18 26.32 -11.76
C SER D 623 -30.79 25.28 -10.84
N SER D 624 -32.12 25.16 -10.83
CA SER D 624 -32.74 24.07 -10.09
C SER D 624 -32.27 22.73 -10.63
N LEU D 625 -32.19 22.61 -11.95
CA LEU D 625 -31.75 21.37 -12.56
C LEU D 625 -30.33 21.04 -12.14
N LEU D 626 -29.45 22.04 -12.16
CA LEU D 626 -28.05 21.83 -11.82
C LEU D 626 -27.87 21.53 -10.34
N PHE D 627 -28.66 22.15 -9.48
CA PHE D 627 -28.59 21.82 -8.07
C PHE D 627 -29.02 20.39 -7.83
N LYS D 628 -30.11 19.96 -8.48
CA LYS D 628 -30.65 18.63 -8.26
C LYS D 628 -29.78 17.55 -8.90
N ILE D 629 -29.09 17.86 -9.99
CA ILE D 629 -28.13 16.91 -10.52
C ILE D 629 -26.85 16.91 -9.69
N LEU D 630 -26.47 18.07 -9.12
CA LEU D 630 -25.44 18.07 -8.09
C LEU D 630 -25.95 17.32 -6.88
N SER D 631 -27.26 17.34 -6.66
CA SER D 631 -27.92 16.57 -5.63
C SER D 631 -28.51 15.27 -6.20
N SER D 632 -27.89 14.76 -7.27
CA SER D 632 -28.38 13.51 -7.86
C SER D 632 -28.35 12.39 -6.84
N VAL D 633 -27.24 12.26 -6.11
CA VAL D 633 -27.18 11.39 -4.95
C VAL D 633 -26.23 12.01 -3.94
N ARG D 634 -26.75 12.40 -2.78
CA ARG D 634 -25.95 12.89 -1.68
C ARG D 634 -26.23 12.07 -0.42
N ASN D 635 -26.66 10.83 -0.61
CA ASN D 635 -26.88 9.88 0.47
C ASN D 635 -26.10 8.60 0.32
N HIS D 636 -25.70 8.23 -0.90
CA HIS D 636 -24.87 7.07 -1.17
C HIS D 636 -23.63 7.51 -1.94
N GLN D 637 -22.88 6.54 -2.45
CA GLN D 637 -21.59 6.83 -3.04
C GLN D 637 -21.74 7.69 -4.29
N ILE D 638 -20.80 8.61 -4.47
CA ILE D 638 -20.76 9.51 -5.61
C ILE D 638 -19.30 9.88 -5.85
N ASN D 639 -19.03 10.47 -7.01
CA ASN D 639 -17.67 10.88 -7.32
C ASN D 639 -17.19 11.93 -6.33
N SER D 640 -15.93 11.82 -5.93
CA SER D 640 -15.41 12.73 -4.92
C SER D 640 -15.18 14.12 -5.49
N ASP D 641 -14.78 14.19 -6.76
CA ASP D 641 -14.53 15.49 -7.39
C ASP D 641 -15.82 16.27 -7.52
N LEU D 642 -16.93 15.59 -7.86
CA LEU D 642 -18.22 16.25 -7.87
C LEU D 642 -18.59 16.75 -6.48
N ALA D 643 -18.26 15.98 -5.45
CA ALA D 643 -18.50 16.44 -4.09
C ALA D 643 -17.72 17.71 -3.80
N GLN D 644 -16.46 17.73 -4.23
CA GLN D 644 -15.63 18.92 -4.06
C GLN D 644 -16.23 20.10 -4.79
N LEU D 645 -16.70 19.85 -6.02
CA LEU D 645 -17.31 20.92 -6.81
C LEU D 645 -18.52 21.49 -6.08
N LEU D 646 -19.39 20.63 -5.58
CA LEU D 646 -20.57 21.12 -4.87
C LEU D 646 -20.16 21.91 -3.62
N LEU D 647 -19.15 21.42 -2.90
CA LEU D 647 -18.68 22.14 -1.72
C LEU D 647 -18.13 23.51 -2.08
N ARG D 648 -17.38 23.59 -3.18
CA ARG D 648 -16.94 24.87 -3.72
C ARG D 648 -18.14 25.75 -4.04
N LEU D 649 -19.21 25.15 -4.54
CA LEU D 649 -20.46 25.90 -4.71
C LEU D 649 -21.10 26.21 -3.36
N ASP D 650 -20.83 25.39 -2.35
CA ASP D 650 -21.42 25.56 -1.02
C ASP D 650 -20.41 26.16 -0.04
N TYR D 651 -19.64 27.14 -0.51
CA TYR D 651 -18.72 27.85 0.38
C TYR D 651 -19.43 28.37 1.62
N ASN D 652 -20.68 28.79 1.48
CA ASN D 652 -21.53 29.02 2.64
C ASN D 652 -22.91 28.43 2.40
N LYS D 653 -22.97 27.40 1.56
CA LYS D 653 -24.20 26.78 1.11
C LYS D 653 -25.18 27.83 0.60
N TYR D 654 -24.70 28.73 -0.26
CA TYR D 654 -25.60 29.79 -0.69
C TYR D 654 -26.76 29.18 -1.45
N TYR D 655 -26.55 28.03 -2.09
CA TYR D 655 -27.64 27.37 -2.80
C TYR D 655 -28.73 26.94 -1.83
N THR D 656 -28.35 26.30 -0.72
CA THR D 656 -29.33 26.00 0.32
C THR D 656 -29.93 27.28 0.87
N GLN D 657 -29.09 28.30 1.03
CA GLN D 657 -29.59 29.63 1.38
C GLN D 657 -30.48 30.15 0.27
N ALA D 658 -30.05 29.95 -0.98
CA ALA D 658 -30.81 30.33 -2.16
C ALA D 658 -31.92 29.32 -2.49
N GLY D 659 -32.22 28.39 -1.60
CA GLY D 659 -33.27 27.42 -1.89
C GLY D 659 -32.90 26.32 -2.85
N GLY D 660 -31.62 26.11 -3.13
CA GLY D 660 -31.25 25.11 -4.12
C GLY D 660 -31.25 25.60 -5.54
N THR D 661 -31.36 26.91 -5.76
CA THR D 661 -31.40 27.45 -7.10
C THR D 661 -30.89 28.88 -7.06
N LEU D 662 -30.54 29.39 -8.23
CA LEU D 662 -30.08 30.76 -8.40
C LEU D 662 -30.97 31.43 -9.43
N GLY D 663 -31.31 32.69 -9.17
CA GLY D 663 -32.23 33.41 -10.01
C GLY D 663 -33.66 33.38 -9.50
N SER D 664 -33.87 32.94 -8.28
CA SER D 664 -35.20 32.93 -7.67
C SER D 664 -35.61 34.29 -7.12
N PHE D 665 -34.81 35.32 -7.32
CA PHE D 665 -35.10 36.63 -6.76
C PHE D 665 -35.93 37.44 -7.75
N GLY D 666 -36.84 38.25 -7.22
CA GLY D 666 -37.78 38.94 -8.07
C GLY D 666 -37.09 39.92 -9.00
N MET D 667 -37.77 40.22 -10.11
CA MET D 667 -37.26 41.18 -11.08
C MET D 667 -37.32 42.60 -10.52
N PRO E 13 -63.38 10.37 -16.74
CA PRO E 13 -64.70 9.94 -16.25
C PRO E 13 -64.61 8.88 -15.15
N GLN E 14 -64.19 7.66 -15.53
CA GLN E 14 -64.02 6.61 -14.54
C GLN E 14 -62.95 6.99 -13.52
N GLN E 15 -61.81 7.52 -14.00
CA GLN E 15 -60.76 7.94 -13.09
C GLN E 15 -61.23 9.09 -12.20
N GLU E 16 -61.95 10.04 -12.76
CA GLU E 16 -62.48 11.15 -11.96
C GLU E 16 -63.44 10.63 -10.90
N ARG E 17 -64.32 9.70 -11.26
CA ARG E 17 -65.26 9.13 -10.30
C ARG E 17 -64.51 8.38 -9.20
N ASP E 18 -63.50 7.60 -9.57
CA ASP E 18 -62.72 6.87 -8.57
C ASP E 18 -61.99 7.83 -7.63
N VAL E 19 -61.42 8.90 -8.17
CA VAL E 19 -60.73 9.89 -7.34
C VAL E 19 -61.72 10.55 -6.39
N ARG E 20 -62.91 10.90 -6.90
CA ARG E 20 -63.93 11.52 -6.05
C ARG E 20 -64.36 10.57 -4.94
N GLU E 21 -64.55 9.30 -5.26
CA GLU E 21 -64.93 8.31 -4.25
C GLU E 21 -63.83 8.14 -3.21
N LEU E 22 -62.57 8.11 -3.64
CA LEU E 22 -61.48 7.99 -2.70
C LEU E 22 -61.42 9.21 -1.78
N ILE E 23 -61.62 10.41 -2.35
CA ILE E 23 -61.62 11.62 -1.54
C ILE E 23 -62.76 11.58 -0.54
N ARG E 24 -63.95 11.15 -0.98
CA ARG E 24 -65.08 11.04 -0.07
C ARG E 24 -64.79 10.08 1.07
N LEU E 25 -64.19 8.93 0.74
CA LEU E 25 -63.88 7.93 1.77
C LEU E 25 -62.84 8.45 2.75
N VAL E 26 -61.80 9.12 2.25
CA VAL E 26 -60.72 9.56 3.13
C VAL E 26 -61.19 10.72 4.00
N SER E 27 -61.78 11.73 3.37
CA SER E 27 -62.22 12.92 4.11
C SER E 27 -63.49 12.64 4.92
N GLY E 28 -64.18 11.54 4.62
CA GLY E 28 -65.43 11.25 5.30
C GLY E 28 -66.56 12.17 4.92
N VAL E 29 -66.44 12.89 3.81
CA VAL E 29 -67.46 13.82 3.33
C VAL E 29 -67.98 13.29 2.00
N GLN E 30 -69.26 12.96 1.96
CA GLN E 30 -69.92 12.49 0.75
C GLN E 30 -70.49 13.62 -0.09
N ASP E 31 -70.49 14.85 0.40
CA ASP E 31 -70.97 15.97 -0.38
C ASP E 31 -70.04 16.25 -1.56
N GLU E 32 -70.64 16.51 -2.72
CA GLU E 32 -69.90 16.83 -3.93
C GLU E 32 -70.06 18.28 -4.37
N ALA E 33 -70.96 19.04 -3.74
CA ALA E 33 -71.07 20.47 -3.96
C ALA E 33 -70.23 21.27 -2.99
N ASP E 34 -69.52 20.62 -2.08
CA ASP E 34 -68.68 21.33 -1.14
C ASP E 34 -67.51 21.96 -1.90
N PRO E 35 -67.27 23.26 -1.75
CA PRO E 35 -66.15 23.86 -2.48
C PRO E 35 -64.83 23.19 -2.17
N ASN E 36 -64.63 22.72 -0.93
CA ASN E 36 -63.40 22.01 -0.61
C ASN E 36 -63.30 20.71 -1.39
N PHE E 37 -64.41 20.00 -1.56
CA PHE E 37 -64.39 18.77 -2.35
C PHE E 37 -64.03 19.05 -3.80
N GLN E 38 -64.62 20.11 -4.36
CA GLN E 38 -64.29 20.49 -5.73
C GLN E 38 -62.82 20.89 -5.86
N LEU E 39 -62.31 21.63 -4.89
CA LEU E 39 -60.90 22.01 -4.91
C LEU E 39 -60.01 20.78 -4.85
N ALA E 40 -60.35 19.81 -4.00
CA ALA E 40 -59.56 18.60 -3.89
C ALA E 40 -59.58 17.80 -5.19
N LEU E 41 -60.75 17.67 -5.82
CA LEU E 41 -60.82 16.94 -7.07
C LEU E 41 -60.02 17.64 -8.17
N HIS E 42 -60.13 18.98 -8.25
CA HIS E 42 -59.36 19.73 -9.23
C HIS E 42 -57.87 19.57 -8.99
N PHE E 43 -57.43 19.63 -7.73
CA PHE E 43 -56.02 19.46 -7.42
C PHE E 43 -55.54 18.07 -7.79
N ALA E 44 -56.35 17.05 -7.51
CA ALA E 44 -55.96 15.68 -7.86
C ALA E 44 -55.81 15.52 -9.37
N TRP E 45 -56.77 16.06 -10.13
CA TRP E 45 -56.66 15.90 -11.58
C TRP E 45 -55.54 16.75 -12.16
N SER E 46 -55.27 17.92 -11.57
CA SER E 46 -54.13 18.71 -11.99
C SER E 46 -52.81 17.99 -11.71
N ASN E 47 -52.71 17.35 -10.55
CA ASN E 47 -51.51 16.57 -10.25
C ASN E 47 -51.36 15.41 -11.23
N PHE E 48 -52.45 14.72 -11.54
CA PHE E 48 -52.38 13.62 -12.50
C PHE E 48 -51.92 14.12 -13.86
N ARG E 49 -52.45 15.25 -14.31
CA ARG E 49 -52.06 15.79 -15.60
C ARG E 49 -50.62 16.28 -15.60
N PHE E 50 -50.17 16.88 -14.48
CA PHE E 50 -48.83 17.46 -14.42
C PHE E 50 -47.74 16.41 -14.27
N HIS E 51 -48.02 15.30 -13.59
CA HIS E 51 -47.03 14.25 -13.36
C HIS E 51 -47.17 13.13 -14.37
N ARG E 52 -47.63 13.44 -15.58
CA ARG E 52 -47.59 12.50 -16.69
C ARG E 52 -46.21 12.40 -17.32
N PHE E 53 -45.29 13.31 -17.00
CA PHE E 53 -43.94 13.25 -17.53
C PHE E 53 -42.99 12.48 -16.61
N LEU E 54 -43.45 12.08 -15.43
CA LEU E 54 -42.64 11.32 -14.48
C LEU E 54 -43.22 9.90 -14.40
N ASP E 55 -42.37 8.91 -14.67
CA ASP E 55 -42.77 7.51 -14.68
C ASP E 55 -42.14 6.79 -13.49
N VAL E 56 -42.36 5.48 -13.44
CA VAL E 56 -41.86 4.63 -12.37
C VAL E 56 -40.69 3.82 -12.91
N ASN E 57 -39.58 3.81 -12.19
CA ASN E 57 -38.41 3.04 -12.54
C ASN E 57 -38.38 1.75 -11.72
N SER E 58 -38.31 0.61 -12.39
CA SER E 58 -38.25 -0.65 -11.67
C SER E 58 -36.99 -0.71 -10.82
N HIS E 59 -35.87 -0.21 -11.36
CA HIS E 59 -34.63 -0.22 -10.59
C HIS E 59 -34.76 0.68 -9.38
N LYS E 60 -35.41 1.84 -9.54
CA LYS E 60 -35.62 2.74 -8.42
C LYS E 60 -36.51 2.09 -7.36
N VAL E 61 -37.54 1.37 -7.78
CA VAL E 61 -38.41 0.70 -6.83
C VAL E 61 -37.64 -0.37 -6.09
N GLU E 62 -36.79 -1.11 -6.80
CA GLU E 62 -35.97 -2.13 -6.14
C GLU E 62 -35.00 -1.50 -5.15
N LYS E 63 -34.42 -0.34 -5.51
CA LYS E 63 -33.54 0.36 -4.57
C LYS E 63 -34.29 0.81 -3.32
N THR E 64 -35.52 1.31 -3.49
CA THR E 64 -36.30 1.71 -2.33
C THR E 64 -36.66 0.50 -1.47
N ILE E 65 -36.96 -0.63 -2.12
CA ILE E 65 -37.24 -1.86 -1.38
C ILE E 65 -36.00 -2.30 -0.60
N GLU E 66 -34.82 -2.19 -1.21
CA GLU E 66 -33.59 -2.53 -0.51
C GLU E 66 -33.32 -1.59 0.66
N GLY E 67 -33.63 -0.31 0.50
CA GLY E 67 -33.50 0.62 1.63
C GLY E 67 -34.44 0.27 2.77
N ILE E 68 -35.66 -0.12 2.44
CA ILE E 68 -36.61 -0.56 3.47
C ILE E 68 -36.12 -1.85 4.13
N TYR E 69 -35.55 -2.76 3.34
CA TYR E 69 -34.97 -3.98 3.89
C TYR E 69 -33.82 -3.67 4.84
N GLU E 70 -32.97 -2.70 4.49
CA GLU E 70 -31.91 -2.28 5.42
C GLU E 70 -32.51 -1.71 6.69
N LYS E 71 -33.54 -0.88 6.56
CA LYS E 71 -34.22 -0.35 7.74
C LYS E 71 -34.72 -1.48 8.64
N PHE E 72 -35.36 -2.49 8.05
CA PHE E 72 -35.86 -3.62 8.82
C PHE E 72 -34.71 -4.41 9.45
N ILE E 73 -33.60 -4.57 8.72
CA ILE E 73 -32.45 -5.27 9.26
C ILE E 73 -31.93 -4.54 10.50
N ILE E 74 -31.91 -3.21 10.45
CA ILE E 74 -31.52 -2.45 11.63
C ILE E 74 -32.53 -2.68 12.75
N HIS E 75 -33.81 -2.83 12.39
CA HIS E 75 -34.86 -3.05 13.38
C HIS E 75 -34.75 -4.40 14.08
N SER E 76 -33.81 -5.26 13.69
CA SER E 76 -33.60 -6.55 14.37
C SER E 76 -34.81 -7.47 14.20
N ASP E 77 -35.35 -7.57 12.98
CA ASP E 77 -36.43 -8.52 12.70
C ASP E 77 -36.20 -9.10 11.31
N LEU E 78 -35.51 -10.24 11.27
CA LEU E 78 -35.18 -10.87 10.00
C LEU E 78 -36.37 -11.59 9.38
N SER E 79 -37.23 -12.17 10.22
CA SER E 79 -38.39 -12.88 9.72
C SER E 79 -39.34 -11.95 8.96
N LYS E 80 -39.54 -10.74 9.49
CA LYS E 80 -40.42 -9.79 8.82
C LYS E 80 -39.86 -9.39 7.46
N ALA E 81 -38.54 -9.15 7.39
CA ALA E 81 -37.94 -8.79 6.11
C ALA E 81 -38.02 -9.95 5.12
N ALA E 82 -37.78 -11.18 5.58
CA ALA E 82 -37.89 -12.33 4.68
C ALA E 82 -39.30 -12.48 4.15
N SER E 83 -40.31 -12.31 5.03
CA SER E 83 -41.70 -12.39 4.59
C SER E 83 -42.02 -11.28 3.60
N TRP E 84 -41.55 -10.06 3.88
CA TRP E 84 -41.73 -8.95 2.95
C TRP E 84 -41.16 -9.28 1.58
N LYS E 85 -39.91 -9.77 1.55
CA LYS E 85 -39.27 -10.06 0.28
C LYS E 85 -40.02 -11.16 -0.46
N ARG E 86 -40.40 -12.23 0.25
CA ARG E 86 -41.09 -13.33 -0.40
C ARG E 86 -42.45 -12.89 -0.95
N LEU E 87 -43.18 -12.07 -0.18
CA LEU E 87 -44.50 -11.64 -0.61
C LEU E 87 -44.41 -10.67 -1.77
N THR E 88 -43.40 -9.79 -1.77
CA THR E 88 -43.24 -8.88 -2.89
C THR E 88 -42.81 -9.63 -4.15
N ASP E 89 -41.98 -10.66 -4.01
CA ASP E 89 -41.63 -11.49 -5.16
C ASP E 89 -42.86 -12.21 -5.70
N GLU E 90 -43.70 -12.76 -4.81
CA GLU E 90 -44.90 -13.43 -5.26
C GLU E 90 -45.84 -12.46 -5.96
N PHE E 91 -45.99 -11.26 -5.41
CA PHE E 91 -46.84 -10.25 -6.03
C PHE E 91 -46.32 -9.86 -7.42
N LEU E 92 -45.01 -9.69 -7.55
CA LEU E 92 -44.45 -9.45 -8.87
C LEU E 92 -44.65 -10.64 -9.80
N ASN E 93 -44.76 -11.84 -9.23
CA ASN E 93 -45.02 -13.05 -10.01
C ASN E 93 -46.46 -13.52 -9.93
N ALA E 94 -47.36 -12.71 -9.37
CA ALA E 94 -48.74 -13.12 -9.19
C ALA E 94 -49.57 -12.79 -10.43
N SER E 95 -50.82 -13.24 -10.40
CA SER E 95 -51.79 -12.97 -11.46
C SER E 95 -53.06 -12.39 -10.86
N LEU E 96 -53.69 -11.48 -11.59
CA LEU E 96 -54.89 -10.80 -11.16
C LEU E 96 -55.91 -10.85 -12.28
N PRO E 97 -57.19 -10.67 -11.97
CA PRO E 97 -58.21 -10.68 -13.04
C PRO E 97 -58.06 -9.52 -14.01
N SER E 98 -57.29 -8.49 -13.64
CA SER E 98 -57.00 -7.37 -14.53
C SER E 98 -55.52 -7.27 -14.86
N ILE E 99 -54.66 -7.91 -14.08
CA ILE E 99 -53.21 -7.96 -14.33
C ILE E 99 -52.86 -9.44 -14.38
N LYS E 100 -52.89 -10.02 -15.57
CA LYS E 100 -52.60 -11.43 -15.75
C LYS E 100 -51.14 -11.70 -16.09
N GLU E 101 -50.32 -10.66 -16.23
CA GLU E 101 -48.89 -10.83 -16.44
C GLU E 101 -48.14 -10.53 -15.15
N ILE E 102 -46.92 -11.05 -15.06
CA ILE E 102 -46.09 -10.91 -13.87
C ILE E 102 -45.02 -9.86 -14.11
N LYS E 103 -44.65 -9.15 -13.04
CA LYS E 103 -43.50 -8.25 -13.06
C LYS E 103 -43.64 -7.18 -14.13
N THR E 104 -44.87 -6.69 -14.32
CA THR E 104 -45.12 -5.65 -15.31
C THR E 104 -44.97 -4.27 -14.67
N ASP E 105 -45.10 -3.23 -15.50
CA ASP E 105 -44.96 -1.87 -14.99
C ASP E 105 -46.07 -1.52 -14.00
N ALA E 106 -47.22 -2.20 -14.08
CA ALA E 106 -48.27 -1.99 -13.09
C ALA E 106 -47.80 -2.41 -11.71
N HIS E 107 -47.12 -3.57 -11.64
CA HIS E 107 -46.57 -4.03 -10.37
C HIS E 107 -45.56 -3.02 -9.82
N TYR E 108 -44.68 -2.50 -10.67
CA TYR E 108 -43.69 -1.54 -10.21
C TYR E 108 -44.34 -0.24 -9.74
N SER E 109 -45.37 0.21 -10.46
CA SER E 109 -46.08 1.42 -10.05
C SER E 109 -46.76 1.21 -8.71
N ILE E 110 -47.41 0.06 -8.51
CA ILE E 110 -48.07 -0.24 -7.25
C ILE E 110 -47.04 -0.30 -6.12
N LEU E 111 -45.89 -0.93 -6.37
CA LEU E 111 -44.87 -1.03 -5.34
C LEU E 111 -44.32 0.35 -5.00
N SER E 112 -44.12 1.20 -6.00
CA SER E 112 -43.64 2.55 -5.74
C SER E 112 -44.67 3.34 -4.93
N LEU E 113 -45.95 3.19 -5.27
CA LEU E 113 -47.01 3.84 -4.49
C LEU E 113 -47.00 3.36 -3.05
N LEU E 114 -46.86 2.06 -2.84
CA LEU E 114 -46.83 1.52 -1.48
C LEU E 114 -45.62 2.06 -0.72
N LEU E 115 -44.46 2.12 -1.37
CA LEU E 115 -43.26 2.61 -0.70
C LEU E 115 -43.40 4.10 -0.37
N CYS E 116 -44.01 4.87 -1.27
CA CYS E 116 -44.28 6.27 -0.98
C CYS E 116 -45.22 6.41 0.20
N LEU E 117 -46.24 5.54 0.28
CA LEU E 117 -47.17 5.57 1.39
C LEU E 117 -46.55 5.09 2.70
N SER E 118 -45.35 4.55 2.66
CA SER E 118 -44.67 4.09 3.86
C SER E 118 -43.36 4.85 4.06
N ARG E 223 39.66 -59.15 -57.12
CA ARG E 223 38.45 -59.96 -57.11
C ARG E 223 37.60 -59.69 -58.34
N GLN E 224 36.97 -60.73 -58.88
CA GLN E 224 36.08 -60.64 -60.04
C GLN E 224 34.79 -61.39 -59.76
N TYR E 225 33.70 -60.65 -59.62
CA TYR E 225 32.38 -61.23 -59.39
C TYR E 225 31.30 -60.65 -60.28
N TRP E 226 31.59 -59.57 -61.02
CA TRP E 226 30.62 -58.99 -61.94
C TRP E 226 30.42 -59.85 -63.18
N THR E 227 31.22 -60.89 -63.35
CA THR E 227 30.95 -61.84 -64.43
C THR E 227 29.64 -62.60 -64.17
N THR E 228 29.02 -63.03 -65.26
CA THR E 228 27.64 -63.49 -65.26
C THR E 228 27.49 -64.88 -64.66
N ARG E 229 28.58 -65.52 -64.25
CA ARG E 229 28.49 -66.87 -63.72
C ARG E 229 27.65 -66.89 -62.45
N SER E 230 27.00 -68.02 -62.20
CA SER E 230 26.16 -68.17 -61.02
C SER E 230 27.00 -68.19 -59.75
N SER E 231 26.34 -67.89 -58.63
CA SER E 231 26.96 -67.90 -57.31
C SER E 231 26.32 -68.97 -56.44
N LYS E 232 27.13 -69.91 -55.95
CA LYS E 232 26.68 -70.91 -54.99
C LYS E 232 27.62 -70.86 -53.81
N PHE E 233 27.09 -70.64 -52.62
CA PHE E 233 27.92 -70.37 -51.46
C PHE E 233 27.41 -71.14 -50.25
N PRO E 234 28.31 -71.51 -49.33
CA PRO E 234 27.88 -72.16 -48.08
C PRO E 234 27.42 -71.15 -47.04
N HIS E 235 26.40 -71.52 -46.29
CA HIS E 235 25.89 -70.67 -45.22
C HIS E 235 25.13 -71.55 -44.24
N SER E 236 24.81 -70.97 -43.08
CA SER E 236 23.93 -71.65 -42.14
C SER E 236 22.58 -71.89 -42.79
N LEU E 237 22.05 -73.09 -42.59
CA LEU E 237 20.79 -73.49 -43.19
C LEU E 237 19.72 -73.46 -42.11
N HIS E 238 18.77 -72.52 -42.26
CA HIS E 238 17.67 -72.36 -41.34
C HIS E 238 16.45 -71.95 -42.14
N LEU E 239 15.33 -71.79 -41.44
CA LEU E 239 14.15 -71.25 -42.09
C LEU E 239 14.42 -69.83 -42.59
N HIS E 240 15.04 -69.01 -41.75
CA HIS E 240 15.33 -67.64 -42.12
C HIS E 240 16.63 -67.50 -42.91
N SER E 241 17.50 -68.50 -42.88
CA SER E 241 18.70 -68.47 -43.71
C SER E 241 18.42 -68.94 -45.14
N ASN E 242 17.55 -69.94 -45.29
CA ASN E 242 17.07 -70.40 -46.59
C ASN E 242 15.79 -69.72 -47.02
N LEU E 243 15.57 -68.47 -46.61
CA LEU E 243 14.24 -67.88 -46.70
C LEU E 243 13.74 -67.86 -48.13
N ALA E 244 14.54 -67.37 -49.07
CA ALA E 244 14.06 -67.28 -50.44
C ALA E 244 13.78 -68.68 -50.99
N ALA E 245 14.70 -69.61 -50.74
CA ALA E 245 14.53 -70.97 -51.22
C ALA E 245 13.30 -71.61 -50.60
N VAL E 246 13.11 -71.41 -49.30
CA VAL E 246 11.95 -72.00 -48.63
C VAL E 246 10.67 -71.40 -49.18
N TRP E 247 10.68 -70.09 -49.45
CA TRP E 247 9.48 -69.46 -49.99
C TRP E 247 9.14 -70.01 -51.36
N ASP E 248 10.16 -70.19 -52.20
CA ASP E 248 9.91 -70.77 -53.52
C ASP E 248 9.45 -72.21 -53.43
N GLN E 249 10.02 -72.98 -52.51
CA GLN E 249 9.55 -74.35 -52.32
C GLN E 249 8.11 -74.38 -51.85
N HIS E 250 7.74 -73.48 -50.94
CA HIS E 250 6.35 -73.38 -50.51
C HIS E 250 5.44 -73.02 -51.67
N LEU E 251 5.86 -72.07 -52.49
CA LEU E 251 5.05 -71.71 -53.65
C LEU E 251 4.87 -72.89 -54.59
N TYR E 252 5.95 -73.62 -54.86
CA TYR E 252 5.86 -74.76 -55.77
C TYR E 252 4.99 -75.87 -55.19
N SER E 253 5.15 -76.16 -53.90
CA SER E 253 4.36 -77.22 -53.29
C SER E 253 2.89 -76.83 -53.26
N SER E 254 2.61 -75.62 -52.78
CA SER E 254 1.25 -75.10 -52.80
C SER E 254 0.77 -74.94 -54.24
N ASP E 255 1.65 -74.48 -55.12
CA ASP E 255 1.31 -74.22 -56.51
C ASP E 255 2.26 -75.00 -57.40
N PRO E 256 1.89 -76.21 -57.83
CA PRO E 256 2.70 -76.89 -58.85
C PRO E 256 2.75 -76.11 -60.14
N LEU E 257 1.77 -75.25 -60.37
CA LEU E 257 1.79 -74.33 -61.51
C LEU E 257 2.99 -73.40 -61.45
N TYR E 258 3.47 -73.08 -60.26
CA TYR E 258 4.62 -72.19 -60.12
C TYR E 258 5.85 -72.79 -60.80
N VAL E 259 6.47 -71.98 -61.65
CA VAL E 259 7.72 -72.30 -62.33
C VAL E 259 8.78 -71.35 -61.79
N PRO E 260 9.88 -71.85 -61.23
CA PRO E 260 10.82 -70.97 -60.51
C PRO E 260 11.51 -70.00 -61.46
N ASP E 261 11.30 -68.71 -61.22
CA ASP E 261 11.93 -67.68 -62.03
C ASP E 261 13.42 -67.62 -61.75
N ASP E 262 14.23 -67.66 -62.81
CA ASP E 262 15.66 -67.71 -62.65
C ASP E 262 16.16 -66.37 -62.13
N ARG E 263 16.73 -66.39 -60.93
CA ARG E 263 17.37 -65.23 -60.35
C ARG E 263 18.70 -65.68 -59.76
N VAL E 264 19.77 -65.02 -60.17
CA VAL E 264 21.10 -65.42 -59.71
C VAL E 264 21.21 -65.14 -58.22
N SER E 265 21.68 -66.13 -57.48
CA SER E 265 21.89 -66.03 -56.05
C SER E 265 23.17 -65.27 -55.76
N VAL E 266 23.09 -64.28 -54.88
CA VAL E 266 24.23 -63.42 -54.58
C VAL E 266 24.33 -63.33 -53.06
N THR E 267 25.53 -63.01 -52.60
CA THR E 267 25.75 -62.85 -51.17
C THR E 267 25.58 -61.39 -50.78
N GLU E 268 25.17 -61.19 -49.53
CA GLU E 268 25.01 -59.81 -49.07
C GLU E 268 26.31 -59.07 -49.21
N THR E 269 27.43 -59.78 -49.22
CA THR E 269 28.72 -59.12 -49.40
C THR E 269 28.77 -58.50 -50.78
N GLN E 270 28.39 -59.26 -51.80
CA GLN E 270 28.34 -58.74 -53.16
C GLN E 270 27.31 -57.62 -53.25
N VAL E 271 26.19 -57.76 -52.55
CA VAL E 271 25.18 -56.73 -52.58
C VAL E 271 25.76 -55.41 -52.09
N ILE E 272 26.44 -55.46 -50.94
CA ILE E 272 26.96 -54.24 -50.35
C ILE E 272 28.10 -53.68 -51.20
N ARG E 273 28.91 -54.54 -51.81
CA ARG E 273 29.96 -54.03 -52.68
C ARG E 273 29.38 -53.33 -53.89
N GLU E 274 28.33 -53.89 -54.49
CA GLU E 274 27.66 -53.23 -55.61
C GLU E 274 27.04 -51.91 -55.17
N THR E 275 26.44 -51.89 -53.97
CA THR E 275 25.86 -50.66 -53.47
C THR E 275 26.93 -49.60 -53.25
N LEU E 276 28.08 -50.00 -52.70
CA LEU E 276 29.18 -49.09 -52.54
C LEU E 276 29.64 -48.55 -53.88
N TRP E 277 29.72 -49.42 -54.89
CA TRP E 277 30.09 -48.98 -56.22
C TRP E 277 29.11 -47.95 -56.75
N LEU E 278 27.81 -48.21 -56.58
CA LEU E 278 26.81 -47.26 -57.04
C LEU E 278 26.97 -45.93 -56.32
N LEU E 279 27.22 -45.97 -55.01
CA LEU E 279 27.40 -44.74 -54.26
C LEU E 279 28.61 -43.97 -54.78
N SER E 280 29.71 -44.67 -55.06
CA SER E 280 30.84 -44.04 -55.71
C SER E 280 30.52 -43.64 -57.15
N GLY E 281 29.54 -44.28 -57.78
CA GLY E 281 29.19 -43.94 -59.14
C GLY E 281 29.88 -44.80 -60.19
N VAL E 282 30.17 -46.05 -59.88
CA VAL E 282 30.87 -46.90 -60.83
C VAL E 282 29.99 -47.17 -62.03
N LYS E 283 30.57 -47.04 -63.22
CA LYS E 283 29.78 -47.20 -64.44
C LYS E 283 29.47 -48.67 -64.69
N LYS E 284 30.46 -49.54 -64.50
CA LYS E 284 30.28 -50.99 -64.69
C LYS E 284 29.54 -51.57 -63.49
N LEU E 285 28.26 -51.90 -63.68
CA LEU E 285 27.39 -52.43 -62.64
C LEU E 285 26.68 -53.66 -63.19
N PHE E 286 26.39 -54.62 -62.31
CA PHE E 286 25.81 -55.88 -62.73
C PHE E 286 24.36 -56.02 -62.29
N ILE E 287 24.07 -55.90 -61.00
CA ILE E 287 22.69 -55.97 -60.54
C ILE E 287 21.94 -54.71 -60.92
N PHE E 288 22.61 -53.56 -60.86
CA PHE E 288 21.97 -52.30 -61.16
C PHE E 288 22.04 -52.03 -62.66
N GLN E 289 20.91 -51.64 -63.22
CA GLN E 289 20.77 -51.35 -64.64
C GLN E 289 20.57 -49.85 -64.79
N LEU E 290 21.43 -49.21 -65.58
CA LEU E 290 21.28 -47.79 -65.86
C LEU E 290 20.30 -47.66 -67.01
N ILE E 291 19.03 -47.75 -66.68
CA ILE E 291 17.95 -47.75 -67.65
C ILE E 291 17.55 -46.30 -67.88
N ASP E 292 17.75 -45.82 -69.10
CA ASP E 292 17.34 -44.47 -69.49
C ASP E 292 17.98 -43.41 -68.60
N GLY E 293 19.21 -43.66 -68.17
CA GLY E 293 19.90 -42.71 -67.31
C GLY E 293 19.44 -42.72 -65.87
N LYS E 294 18.64 -43.70 -65.47
CA LYS E 294 18.19 -43.84 -64.10
C LYS E 294 18.57 -45.21 -63.58
N VAL E 295 19.01 -45.25 -62.32
CA VAL E 295 19.42 -46.50 -61.70
C VAL E 295 18.19 -47.33 -61.37
N ALA E 296 18.21 -48.60 -61.79
CA ALA E 296 17.14 -49.54 -61.48
C ALA E 296 17.76 -50.87 -61.09
N VAL E 297 16.91 -51.81 -60.69
CA VAL E 297 17.37 -53.11 -60.22
C VAL E 297 17.46 -54.07 -61.39
N ARG E 298 18.20 -55.16 -61.18
CA ARG E 298 18.18 -56.30 -62.08
C ARG E 298 17.18 -57.30 -61.51
N ASN E 299 16.29 -57.79 -62.37
CA ASN E 299 15.18 -58.62 -61.95
C ASN E 299 15.48 -60.11 -62.09
N ASN E 300 16.73 -60.46 -62.39
CA ASN E 300 17.19 -61.84 -62.44
C ASN E 300 18.29 -62.06 -61.41
N ILE E 301 18.14 -61.46 -60.23
CA ILE E 301 19.05 -61.68 -59.11
C ILE E 301 18.23 -61.87 -57.83
N MET E 302 18.81 -62.58 -56.87
CA MET E 302 18.09 -62.95 -55.65
C MET E 302 19.09 -63.15 -54.52
N VAL E 303 18.56 -63.20 -53.30
CA VAL E 303 19.33 -63.48 -52.09
C VAL E 303 18.56 -64.50 -51.25
N THR E 304 19.23 -65.58 -50.87
CA THR E 304 18.53 -66.67 -50.19
C THR E 304 18.12 -66.26 -48.78
N HIS E 305 18.97 -65.47 -48.10
CA HIS E 305 18.58 -64.90 -46.82
C HIS E 305 17.41 -63.95 -46.96
N LEU E 306 17.29 -63.26 -48.09
CA LEU E 306 16.20 -62.33 -48.31
C LEU E 306 15.06 -62.99 -49.08
N THR E 307 14.10 -62.17 -49.52
CA THR E 307 13.12 -62.55 -50.52
C THR E 307 13.13 -61.50 -51.63
N HIS E 308 12.55 -61.86 -52.78
CA HIS E 308 12.68 -60.99 -53.94
C HIS E 308 11.99 -59.65 -53.72
N SER E 309 10.81 -59.67 -53.11
CA SER E 309 10.01 -58.45 -53.06
C SER E 309 10.68 -57.37 -52.23
N CYS E 310 11.02 -57.71 -50.98
CA CYS E 310 11.66 -56.74 -50.10
C CYS E 310 13.06 -56.41 -50.56
N LEU E 311 13.77 -57.39 -51.11
CA LEU E 311 15.07 -57.12 -51.71
C LEU E 311 14.95 -56.02 -52.75
N ARG E 312 14.01 -56.18 -53.68
CA ARG E 312 13.80 -55.16 -54.70
C ARG E 312 13.36 -53.84 -54.10
N SER E 313 12.55 -53.89 -53.05
CA SER E 313 12.13 -52.66 -52.39
C SER E 313 13.33 -51.90 -51.84
N VAL E 314 14.21 -52.61 -51.13
CA VAL E 314 15.42 -51.99 -50.61
C VAL E 314 16.26 -51.46 -51.75
N LEU E 315 16.39 -52.25 -52.81
CA LEU E 315 17.25 -51.84 -53.92
C LEU E 315 16.70 -50.60 -54.59
N GLU E 316 15.38 -50.45 -54.67
CA GLU E 316 14.81 -49.25 -55.28
C GLU E 316 14.95 -48.03 -54.37
N GLN E 317 14.81 -48.24 -53.06
CA GLN E 317 15.10 -47.14 -52.14
C GLN E 317 16.52 -46.65 -52.32
N ILE E 318 17.46 -47.58 -52.51
CA ILE E 318 18.84 -47.19 -52.77
C ILE E 318 18.98 -46.56 -54.15
N ALA E 319 18.26 -47.11 -55.12
CA ALA E 319 18.37 -46.66 -56.51
C ALA E 319 17.87 -45.24 -56.69
N ALA E 320 16.95 -44.77 -55.85
CA ALA E 320 16.62 -43.36 -55.91
C ALA E 320 17.85 -42.50 -55.70
N TYR E 321 18.58 -42.76 -54.62
CA TYR E 321 19.83 -42.05 -54.37
C TYR E 321 20.83 -42.30 -55.49
N GLY E 322 20.84 -43.53 -56.01
CA GLY E 322 21.78 -43.84 -57.08
C GLY E 322 21.52 -43.05 -58.35
N GLN E 323 20.26 -42.89 -58.72
CA GLN E 323 19.92 -42.07 -59.88
C GLN E 323 20.26 -40.61 -59.62
N VAL E 324 20.06 -40.14 -58.39
CA VAL E 324 20.50 -38.80 -58.06
C VAL E 324 22.01 -38.67 -58.26
N VAL E 325 22.76 -39.66 -57.77
CA VAL E 325 24.20 -39.66 -57.94
C VAL E 325 24.58 -39.70 -59.40
N PHE E 326 23.86 -40.48 -60.20
CA PHE E 326 24.10 -40.51 -61.65
C PHE E 326 23.90 -39.13 -62.26
N ARG E 327 22.84 -38.44 -61.85
CA ARG E 327 22.62 -37.09 -62.35
C ARG E 327 23.78 -36.18 -61.96
N LEU E 328 24.23 -36.30 -60.72
CA LEU E 328 25.37 -35.50 -60.27
C LEU E 328 26.61 -35.82 -61.10
N GLN E 329 26.83 -37.10 -61.36
CA GLN E 329 28.00 -37.52 -62.13
C GLN E 329 27.94 -36.95 -63.53
N GLU E 330 26.76 -36.98 -64.15
CA GLU E 330 26.65 -36.46 -65.51
C GLU E 330 26.86 -34.95 -65.52
N PHE E 331 26.34 -34.25 -64.52
CA PHE E 331 26.60 -32.82 -64.40
C PHE E 331 28.10 -32.56 -64.27
N ILE E 332 28.76 -33.33 -63.41
CA ILE E 332 30.19 -33.16 -63.18
C ILE E 332 30.95 -33.36 -64.48
N ASP E 333 30.67 -34.46 -65.17
CA ASP E 333 31.39 -34.76 -66.41
C ASP E 333 31.13 -33.68 -67.46
N GLU E 334 29.89 -33.16 -67.50
CA GLU E 334 29.58 -32.09 -68.43
C GLU E 334 30.41 -30.86 -68.12
N VAL E 335 30.43 -30.43 -66.87
CA VAL E 335 31.14 -29.21 -66.50
C VAL E 335 32.63 -29.38 -66.76
N MET E 336 33.18 -30.52 -66.33
CA MET E 336 34.59 -30.83 -66.51
C MET E 336 34.87 -31.48 -67.85
N GLY E 337 33.85 -31.67 -68.69
CA GLY E 337 34.08 -31.97 -70.10
C GLY E 337 34.92 -33.19 -70.34
N HIS E 338 34.64 -34.28 -69.64
CA HIS E 338 35.38 -35.51 -69.84
C HIS E 338 34.79 -36.28 -71.01
N LYS E 353 36.38 -19.56 -68.24
CA LYS E 353 37.32 -20.20 -69.15
C LYS E 353 38.30 -19.19 -69.72
N SER E 354 39.51 -19.65 -70.03
CA SER E 354 40.49 -18.83 -70.72
C SER E 354 40.24 -18.76 -72.22
N THR E 355 39.29 -19.54 -72.75
CA THR E 355 38.90 -19.46 -74.15
C THR E 355 37.48 -18.96 -74.36
N ASP E 356 36.49 -19.59 -73.72
CA ASP E 356 35.11 -19.11 -73.80
C ASP E 356 34.82 -18.14 -72.66
N ALA E 357 33.54 -17.81 -72.48
CA ALA E 357 33.12 -16.91 -71.42
C ALA E 357 33.39 -17.55 -70.07
N PRO E 358 33.66 -16.75 -69.04
CA PRO E 358 33.82 -17.34 -67.71
C PRO E 358 32.55 -18.06 -67.27
N PHE E 359 32.75 -19.20 -66.61
CA PHE E 359 31.68 -20.03 -66.06
C PHE E 359 32.01 -20.38 -64.62
N ARG E 360 32.72 -19.49 -63.93
CA ARG E 360 33.25 -19.84 -62.62
C ARG E 360 32.15 -20.16 -61.62
N THR E 361 30.92 -19.71 -61.88
CA THR E 361 29.82 -20.15 -61.01
C THR E 361 29.67 -21.65 -61.08
N TYR E 362 29.65 -22.19 -62.31
CA TYR E 362 29.64 -23.64 -62.48
C TYR E 362 30.91 -24.26 -61.92
N GLN E 363 32.04 -23.57 -62.06
CA GLN E 363 33.29 -24.11 -61.55
C GLN E 363 33.22 -24.35 -60.05
N ALA E 364 32.74 -23.35 -59.30
CA ALA E 364 32.59 -23.55 -57.85
C ALA E 364 31.52 -24.57 -57.55
N PHE E 365 30.43 -24.57 -58.31
CA PHE E 365 29.40 -25.60 -58.18
C PHE E 365 30.03 -26.98 -58.16
N MET E 366 30.68 -27.37 -59.26
CA MET E 366 31.26 -28.69 -59.32
C MET E 366 32.46 -28.87 -58.39
N TRP E 367 33.14 -27.80 -58.00
CA TRP E 367 34.21 -27.94 -57.02
C TRP E 367 33.66 -28.43 -55.69
N ALA E 368 32.64 -27.74 -55.19
CA ALA E 368 31.97 -28.19 -53.97
C ALA E 368 31.34 -29.56 -54.15
N LEU E 369 30.75 -29.80 -55.33
CA LEU E 369 30.24 -31.14 -55.61
C LEU E 369 31.32 -32.17 -55.38
N TYR E 370 32.50 -31.94 -55.96
CA TYR E 370 33.59 -32.89 -55.84
C TYR E 370 34.02 -33.05 -54.39
N LYS E 371 34.08 -31.95 -53.64
CA LYS E 371 34.49 -32.06 -52.25
C LYS E 371 33.51 -32.90 -51.45
N TYR E 372 32.21 -32.65 -51.62
CA TYR E 372 31.22 -33.42 -50.90
C TYR E 372 31.27 -34.88 -51.32
N PHE E 373 31.42 -35.13 -52.62
CA PHE E 373 31.51 -36.50 -53.09
C PHE E 373 32.76 -37.16 -52.56
N ILE E 374 33.83 -36.40 -52.36
CA ILE E 374 35.06 -36.96 -51.81
C ILE E 374 34.82 -37.41 -50.37
N SER E 375 34.18 -36.56 -49.57
CA SER E 375 33.83 -36.98 -48.22
C SER E 375 32.98 -38.24 -48.23
N PHE E 376 31.92 -38.25 -49.05
CA PHE E 376 31.09 -39.43 -49.18
C PHE E 376 31.89 -40.65 -49.59
N LYS E 377 32.87 -40.46 -50.47
CA LYS E 377 33.64 -41.58 -50.97
C LYS E 377 34.58 -42.11 -49.92
N GLU E 378 35.16 -41.25 -49.09
CA GLU E 378 35.94 -41.73 -47.97
C GLU E 378 35.08 -42.51 -46.98
N GLU E 379 33.86 -42.04 -46.75
CA GLU E 379 32.93 -42.82 -45.92
C GLU E 379 32.71 -44.20 -46.51
N LEU E 380 32.38 -44.25 -47.80
CA LEU E 380 32.11 -45.51 -48.46
C LEU E 380 33.35 -46.40 -48.42
N SER E 381 34.51 -45.81 -48.64
CA SER E 381 35.75 -46.58 -48.66
C SER E 381 36.05 -47.18 -47.29
N GLU E 382 35.81 -46.42 -46.23
CA GLU E 382 36.00 -47.00 -44.89
C GLU E 382 35.06 -48.18 -44.69
N ILE E 383 33.80 -48.02 -45.07
CA ILE E 383 32.86 -49.14 -44.96
C ILE E 383 33.35 -50.33 -45.77
N GLU E 384 33.77 -50.08 -47.01
CA GLU E 384 34.24 -51.15 -47.88
C GLU E 384 35.47 -51.85 -47.29
N LYS E 385 36.39 -51.08 -46.72
CA LYS E 385 37.57 -51.68 -46.11
C LYS E 385 37.17 -52.58 -44.96
N CYS E 386 36.26 -52.12 -44.12
CA CYS E 386 35.76 -52.97 -43.05
C CYS E 386 35.15 -54.25 -43.63
N ILE E 387 34.47 -54.12 -44.76
CA ILE E 387 33.88 -55.29 -45.43
C ILE E 387 34.96 -56.27 -45.86
N ILE E 388 35.99 -55.76 -46.55
CA ILE E 388 37.04 -56.61 -47.10
C ILE E 388 37.87 -57.27 -46.02
N ASN E 389 37.87 -56.72 -44.80
CA ASN E 389 38.62 -57.34 -43.72
C ASN E 389 38.09 -58.72 -43.38
N ASN E 390 36.90 -59.09 -43.86
CA ASN E 390 36.34 -60.41 -43.61
C ASN E 390 36.26 -60.67 -42.12
N ASP E 391 35.70 -59.71 -41.41
CA ASP E 391 35.50 -59.77 -39.98
C ASP E 391 34.26 -60.62 -39.71
N THR E 392 33.77 -60.59 -38.48
CA THR E 392 32.53 -61.28 -38.19
C THR E 392 31.44 -60.73 -39.11
N THR E 393 30.43 -61.55 -39.35
CA THR E 393 29.39 -61.17 -40.30
C THR E 393 28.72 -59.88 -39.88
N VAL E 394 28.60 -58.94 -40.83
CA VAL E 394 27.98 -57.65 -40.62
C VAL E 394 26.90 -57.45 -41.67
N THR E 395 25.75 -56.93 -41.24
CA THR E 395 24.58 -56.76 -42.08
C THR E 395 24.59 -55.41 -42.80
N LEU E 396 23.79 -55.33 -43.86
CA LEU E 396 23.75 -54.12 -44.66
C LEU E 396 23.07 -52.99 -43.91
N ALA E 397 22.06 -53.32 -43.10
CA ALA E 397 21.25 -52.30 -42.48
C ALA E 397 22.10 -51.34 -41.67
N ILE E 398 23.20 -51.84 -41.09
CA ILE E 398 24.09 -50.97 -40.32
C ILE E 398 24.61 -49.86 -41.22
N VAL E 399 25.15 -50.22 -42.39
CA VAL E 399 25.68 -49.21 -43.29
C VAL E 399 24.56 -48.33 -43.81
N VAL E 400 23.39 -48.93 -44.06
CA VAL E 400 22.25 -48.16 -44.52
C VAL E 400 21.95 -47.05 -43.54
N ASP E 401 21.89 -47.39 -42.26
CA ASP E 401 21.56 -46.39 -41.24
C ASP E 401 22.71 -45.40 -41.07
N LYS E 402 23.95 -45.86 -41.21
CA LYS E 402 25.07 -44.94 -41.11
C LYS E 402 25.02 -43.89 -42.21
N LEU E 403 24.64 -44.30 -43.42
CA LEU E 403 24.61 -43.42 -44.57
C LEU E 403 23.28 -42.70 -44.71
N SER E 404 22.28 -43.06 -43.91
CA SER E 404 21.00 -42.38 -43.99
C SER E 404 21.14 -40.87 -43.89
N PRO E 405 21.96 -40.31 -43.00
CA PRO E 405 22.12 -38.85 -43.06
C PRO E 405 22.66 -38.44 -44.40
N ARG E 406 23.56 -39.26 -44.95
CA ARG E 406 24.08 -39.01 -46.28
C ARG E 406 23.01 -39.18 -47.35
N LEU E 407 22.08 -40.13 -47.17
CA LEU E 407 20.97 -40.26 -48.10
C LEU E 407 20.10 -39.02 -48.09
N ALA E 408 19.83 -38.48 -46.90
CA ALA E 408 19.01 -37.28 -46.80
C ALA E 408 19.70 -36.09 -47.42
N GLN E 409 20.99 -35.91 -47.16
CA GLN E 409 21.72 -34.82 -47.80
C GLN E 409 21.75 -34.99 -49.30
N LEU E 410 21.90 -36.24 -49.77
CA LEU E 410 21.78 -36.54 -51.18
C LEU E 410 20.46 -36.03 -51.75
N LYS E 411 19.36 -36.38 -51.09
CA LYS E 411 18.05 -35.97 -51.59
C LYS E 411 17.92 -34.45 -51.59
N VAL E 412 18.38 -33.80 -50.53
CA VAL E 412 18.25 -32.35 -50.44
C VAL E 412 19.01 -31.69 -51.56
N LEU E 413 20.25 -32.13 -51.79
CA LEU E 413 21.06 -31.52 -52.84
C LEU E 413 20.52 -31.86 -54.23
N HIS E 414 19.94 -33.05 -54.41
CA HIS E 414 19.30 -33.34 -55.69
C HIS E 414 18.17 -32.37 -55.95
N LYS E 415 17.34 -32.11 -54.94
CA LYS E 415 16.25 -31.17 -55.13
C LYS E 415 16.79 -29.78 -55.44
N VAL E 416 17.81 -29.36 -54.71
CA VAL E 416 18.39 -28.02 -54.90
C VAL E 416 18.97 -27.88 -56.30
N PHE E 417 19.73 -28.90 -56.74
CA PHE E 417 20.32 -28.85 -58.07
C PHE E 417 19.25 -28.80 -59.14
N SER E 418 18.24 -29.66 -59.04
CA SER E 418 17.18 -29.64 -60.04
C SER E 418 16.48 -28.29 -60.07
N THR E 419 16.25 -27.70 -58.91
CA THR E 419 15.65 -26.37 -58.84
C THR E 419 16.52 -25.32 -59.52
N GLY E 420 17.72 -25.10 -58.99
CA GLY E 420 18.53 -23.98 -59.41
C GLY E 420 19.23 -24.14 -60.74
N VAL E 421 19.30 -25.35 -61.29
CA VAL E 421 20.04 -25.56 -62.53
C VAL E 421 19.15 -26.22 -63.56
N ALA E 422 18.53 -27.35 -63.21
CA ALA E 422 17.76 -28.10 -64.18
C ALA E 422 16.57 -27.29 -64.68
N GLU E 423 15.95 -26.52 -63.79
CA GLU E 423 14.82 -25.68 -64.18
C GLU E 423 15.22 -24.63 -65.22
N VAL E 424 16.25 -23.84 -64.92
CA VAL E 424 16.61 -22.77 -65.86
C VAL E 424 17.24 -23.37 -67.11
N PRO E 425 16.73 -23.07 -68.31
CA PRO E 425 17.31 -23.64 -69.53
C PRO E 425 18.66 -23.01 -69.82
N PRO E 426 19.53 -23.71 -70.55
CA PRO E 426 20.81 -23.11 -70.94
C PRO E 426 20.68 -22.02 -71.99
N ASP E 427 19.48 -21.84 -72.56
CA ASP E 427 19.25 -20.76 -73.50
C ASP E 427 19.56 -19.39 -72.87
N THR E 428 19.27 -19.24 -71.59
CA THR E 428 19.61 -18.00 -70.91
C THR E 428 21.12 -17.84 -70.78
N ARG E 429 21.53 -16.60 -70.54
CA ARG E 429 22.94 -16.28 -70.40
C ARG E 429 23.48 -16.95 -69.14
N ASN E 430 24.81 -16.96 -69.02
CA ASN E 430 25.38 -17.31 -67.73
C ASN E 430 24.84 -16.41 -66.64
N VAL E 431 24.50 -15.17 -66.98
CA VAL E 431 23.92 -14.27 -65.99
C VAL E 431 22.62 -14.86 -65.45
N VAL E 432 21.73 -15.27 -66.36
CA VAL E 432 20.40 -15.70 -65.97
C VAL E 432 20.46 -16.99 -65.16
N ARG E 433 21.18 -17.99 -65.67
CA ARG E 433 21.28 -19.26 -64.95
C ARG E 433 21.96 -19.08 -63.61
N ALA E 434 23.01 -18.26 -63.58
CA ALA E 434 23.72 -18.03 -62.32
C ALA E 434 22.80 -17.39 -61.29
N SER E 435 22.06 -16.37 -61.68
CA SER E 435 21.13 -15.75 -60.74
C SER E 435 20.06 -16.72 -60.30
N HIS E 436 19.53 -17.52 -61.22
CA HIS E 436 18.49 -18.48 -60.87
C HIS E 436 18.97 -19.46 -59.81
N LEU E 437 20.12 -20.09 -60.05
CA LEU E 437 20.64 -21.05 -59.08
C LEU E 437 21.05 -20.35 -57.79
N LEU E 438 21.60 -19.14 -57.89
CA LEU E 438 22.02 -18.42 -56.70
C LEU E 438 20.84 -18.15 -55.80
N ASN E 439 19.74 -17.66 -56.37
CA ASN E 439 18.55 -17.39 -55.59
C ASN E 439 17.91 -18.68 -55.09
N THR E 440 18.01 -19.77 -55.87
CA THR E 440 17.53 -21.05 -55.37
C THR E 440 18.25 -21.41 -54.08
N LEU E 441 19.58 -21.36 -54.10
CA LEU E 441 20.36 -21.70 -52.92
C LEU E 441 20.13 -20.72 -51.77
N TYR E 442 19.97 -19.43 -52.08
CA TYR E 442 19.68 -18.47 -51.02
C TYR E 442 18.35 -18.76 -50.34
N LYS E 443 17.33 -19.10 -51.12
CA LYS E 443 16.03 -19.42 -50.55
C LYS E 443 16.09 -20.70 -49.73
N ALA E 444 16.84 -21.69 -50.23
CA ALA E 444 16.99 -22.93 -49.47
C ALA E 444 17.67 -22.68 -48.14
N ILE E 445 18.77 -21.91 -48.15
CA ILE E 445 19.50 -21.65 -46.92
C ILE E 445 18.64 -20.82 -45.97
N LEU E 446 17.83 -19.91 -46.50
CA LEU E 446 16.96 -19.14 -45.62
C LEU E 446 15.90 -20.03 -44.99
N GLU E 447 15.34 -20.95 -45.76
CA GLU E 447 14.32 -21.84 -45.24
C GLU E 447 14.88 -22.86 -44.25
N TYR E 448 16.14 -23.22 -44.37
CA TYR E 448 16.74 -24.18 -43.45
C TYR E 448 17.42 -23.53 -42.24
N ASP E 449 17.43 -22.20 -42.15
CA ASP E 449 17.98 -21.56 -40.95
C ASP E 449 17.20 -21.93 -39.70
N ASN E 450 15.87 -21.93 -39.78
CA ASN E 450 15.05 -22.11 -38.58
C ASN E 450 15.05 -23.53 -38.04
N VAL E 451 15.50 -24.52 -38.81
CA VAL E 451 15.51 -25.89 -38.30
C VAL E 451 16.41 -26.02 -37.08
N GLY E 452 17.55 -25.33 -37.10
CA GLY E 452 18.52 -25.42 -36.02
C GLY E 452 19.66 -26.36 -36.32
N GLU E 453 20.25 -26.96 -35.30
CA GLU E 453 21.35 -27.91 -35.49
C GLU E 453 20.85 -29.33 -35.69
N ALA E 454 19.53 -29.53 -35.77
CA ALA E 454 19.01 -30.85 -36.11
C ALA E 454 19.43 -31.25 -37.53
N SER E 455 19.38 -30.31 -38.46
CA SER E 455 19.84 -30.49 -39.83
C SER E 455 21.22 -29.89 -40.05
N GLU E 456 22.02 -29.75 -38.99
CA GLU E 456 23.32 -29.10 -39.13
C GLU E 456 24.15 -29.81 -40.19
N GLN E 457 23.95 -31.11 -40.36
CA GLN E 457 24.63 -31.83 -41.42
C GLN E 457 24.30 -31.20 -42.77
N THR E 458 23.02 -30.91 -43.01
CA THR E 458 22.65 -30.20 -44.22
C THR E 458 23.00 -28.72 -44.12
N VAL E 459 22.89 -28.13 -42.94
CA VAL E 459 23.04 -26.68 -42.81
C VAL E 459 24.45 -26.27 -43.19
N SER E 460 25.45 -26.91 -42.59
CA SER E 460 26.84 -26.56 -42.88
C SER E 460 27.21 -26.89 -44.31
N LEU E 461 26.68 -28.00 -44.84
CA LEU E 461 26.91 -28.34 -46.23
C LEU E 461 26.44 -27.22 -47.14
N LEU E 462 25.19 -26.77 -46.95
CA LEU E 462 24.67 -25.70 -47.78
C LEU E 462 25.45 -24.40 -47.57
N PHE E 463 25.87 -24.13 -46.33
CA PHE E 463 26.71 -22.96 -46.09
C PHE E 463 27.96 -23.00 -46.95
N SER E 464 28.69 -24.11 -46.90
CA SER E 464 29.91 -24.24 -47.67
C SER E 464 29.63 -24.12 -49.17
N LEU E 465 28.56 -24.76 -49.63
CA LEU E 465 28.24 -24.69 -51.05
C LEU E 465 27.96 -23.25 -51.46
N TRP E 466 27.19 -22.51 -50.65
CA TRP E 466 26.89 -21.13 -51.00
C TRP E 466 28.15 -20.28 -51.00
N VAL E 467 29.05 -20.54 -50.05
CA VAL E 467 30.31 -19.81 -50.01
C VAL E 467 31.08 -20.03 -51.31
N GLU E 468 31.18 -21.30 -51.73
CA GLU E 468 31.87 -21.61 -52.97
C GLU E 468 31.20 -20.92 -54.16
N THR E 469 29.88 -21.01 -54.23
CA THR E 469 29.16 -20.43 -55.38
C THR E 469 29.34 -18.92 -55.43
N VAL E 470 29.38 -18.27 -54.27
CA VAL E 470 29.43 -16.82 -54.26
C VAL E 470 30.84 -16.28 -54.39
N ARG E 471 31.86 -17.08 -54.07
CA ARG E 471 33.22 -16.58 -54.16
C ARG E 471 33.50 -15.97 -55.53
N PRO E 472 33.18 -16.62 -56.64
CA PRO E 472 33.52 -16.01 -57.93
C PRO E 472 32.86 -14.66 -58.12
N TYR E 473 31.63 -14.52 -57.63
CA TYR E 473 30.95 -13.23 -57.68
C TYR E 473 31.68 -12.21 -56.82
N LEU E 474 32.14 -12.64 -55.64
CA LEU E 474 32.91 -11.74 -54.80
C LEU E 474 34.15 -11.25 -55.53
N GLN E 475 34.86 -12.17 -56.18
CA GLN E 475 36.08 -11.79 -56.89
C GLN E 475 35.75 -10.82 -58.03
N ILE E 476 34.66 -11.09 -58.76
CA ILE E 476 34.30 -10.23 -59.88
C ILE E 476 33.98 -8.83 -59.37
N VAL E 477 33.15 -8.74 -58.34
CA VAL E 477 32.80 -7.43 -57.80
C VAL E 477 34.04 -6.71 -57.30
N ASP E 478 34.92 -7.42 -56.61
CA ASP E 478 36.13 -6.79 -56.10
C ASP E 478 36.97 -6.23 -57.23
N GLU E 479 37.21 -7.03 -58.27
CA GLU E 479 38.04 -6.55 -59.36
C GLU E 479 37.38 -5.38 -60.09
N TRP E 480 36.07 -5.45 -60.28
CA TRP E 480 35.35 -4.35 -60.92
C TRP E 480 35.43 -3.06 -60.13
N ILE E 481 35.48 -3.14 -58.80
CA ILE E 481 35.54 -1.94 -57.97
C ILE E 481 36.94 -1.61 -57.49
N VAL E 482 37.95 -2.41 -57.81
CA VAL E 482 39.33 -2.03 -57.57
C VAL E 482 39.98 -1.48 -58.83
N HIS E 483 39.73 -2.10 -59.97
CA HIS E 483 40.22 -1.62 -61.25
C HIS E 483 39.10 -1.17 -62.18
N GLY E 484 38.15 -2.05 -62.44
CA GLY E 484 37.07 -1.79 -63.37
C GLY E 484 37.11 -2.68 -64.60
N HIS E 485 38.24 -3.33 -64.85
CA HIS E 485 38.30 -4.34 -65.90
C HIS E 485 38.24 -5.74 -65.29
N LEU E 486 38.07 -6.72 -66.17
CA LEU E 486 38.02 -8.13 -65.80
C LEU E 486 38.81 -8.96 -66.79
N CYS E 487 39.27 -10.13 -66.34
CA CYS E 487 39.79 -11.09 -67.29
C CYS E 487 38.63 -11.78 -68.00
N ASP E 488 37.40 -11.45 -67.59
CA ASP E 488 36.15 -11.98 -68.12
C ASP E 488 35.90 -11.37 -69.49
N GLY E 489 35.15 -12.11 -70.32
CA GLY E 489 34.75 -11.57 -71.61
C GLY E 489 33.25 -11.45 -71.85
N ALA E 490 32.43 -12.26 -71.19
CA ALA E 490 30.99 -12.12 -71.34
C ALA E 490 30.25 -12.13 -70.01
N ARG E 491 30.96 -12.23 -68.89
CA ARG E 491 30.33 -12.11 -67.58
C ARG E 491 29.41 -13.30 -67.29
N GLU E 492 29.34 -13.66 -66.01
CA GLU E 492 28.21 -14.37 -65.42
C GLU E 492 27.41 -13.45 -64.51
N PHE E 493 27.60 -12.14 -64.63
CA PHE E 493 27.07 -11.17 -63.69
C PHE E 493 25.78 -10.52 -64.18
N ILE E 494 24.94 -10.17 -63.21
CA ILE E 494 23.58 -9.73 -63.47
C ILE E 494 23.56 -8.48 -64.35
N ILE E 495 24.34 -7.47 -64.00
CA ILE E 495 24.25 -6.22 -64.74
C ILE E 495 24.96 -6.36 -66.07
N GLN E 496 24.24 -6.02 -67.14
CA GLN E 496 24.80 -5.97 -68.48
C GLN E 496 25.74 -4.78 -68.60
N ARG E 497 26.88 -5.01 -69.24
CA ARG E 497 27.86 -3.97 -69.46
C ARG E 497 27.75 -3.51 -70.92
N ASN E 498 27.59 -2.21 -71.10
CA ASN E 498 27.58 -1.60 -72.43
C ASN E 498 28.99 -1.09 -72.70
N LYS E 499 29.77 -1.89 -73.43
CA LYS E 499 31.16 -1.55 -73.71
C LYS E 499 31.30 -0.52 -74.82
N ASN E 500 30.22 -0.17 -75.51
CA ASN E 500 30.32 0.78 -76.61
C ASN E 500 30.08 2.21 -76.17
N VAL E 501 29.84 2.45 -74.90
CA VAL E 501 29.61 3.82 -74.45
C VAL E 501 30.91 4.61 -74.52
N PRO E 502 30.95 5.74 -75.21
CA PRO E 502 32.18 6.53 -75.24
C PRO E 502 32.56 6.99 -73.85
N VAL E 503 33.86 6.96 -73.54
CA VAL E 503 34.29 7.32 -72.20
C VAL E 503 33.94 8.78 -71.91
N ASN E 504 34.30 9.67 -72.83
CA ASN E 504 33.99 11.10 -72.69
C ASN E 504 32.60 11.30 -73.30
N HIS E 505 31.59 11.05 -72.50
CA HIS E 505 30.21 11.24 -72.93
C HIS E 505 29.31 11.31 -71.71
N ARG E 506 28.17 11.99 -71.88
CA ARG E 506 27.26 12.21 -70.77
C ARG E 506 26.62 10.91 -70.29
N ASP E 507 26.32 10.00 -71.20
CA ASP E 507 25.68 8.74 -70.82
C ASP E 507 26.67 7.70 -70.31
N PHE E 508 27.96 8.04 -70.27
CA PHE E 508 28.93 7.14 -69.63
C PHE E 508 28.61 6.97 -68.15
N TRP E 509 28.15 8.04 -67.51
CA TRP E 509 27.66 7.93 -66.14
C TRP E 509 26.42 7.05 -66.04
N TYR E 510 25.74 6.80 -67.16
CA TYR E 510 24.52 6.02 -67.15
C TYR E 510 24.66 4.74 -67.95
N ALA E 511 25.06 4.82 -69.21
CA ALA E 511 25.04 3.69 -70.13
C ALA E 511 26.21 2.75 -69.95
N THR E 512 27.22 3.12 -69.16
CA THR E 512 28.39 2.25 -69.02
C THR E 512 28.00 0.88 -68.51
N TYR E 513 27.10 0.81 -67.53
CA TYR E 513 26.58 -0.45 -67.03
C TYR E 513 25.09 -0.55 -67.30
N THR E 514 24.66 -1.66 -67.88
CA THR E 514 23.27 -1.86 -68.31
C THR E 514 22.61 -2.91 -67.42
N LEU E 515 21.49 -2.54 -66.80
CA LEU E 515 20.71 -3.50 -66.02
C LEU E 515 20.17 -4.61 -66.91
N TYR E 516 20.23 -5.84 -66.43
CA TYR E 516 19.75 -7.00 -67.19
C TYR E 516 18.26 -7.15 -66.93
N SER E 517 17.46 -6.45 -67.71
CA SER E 517 16.00 -6.60 -67.66
C SER E 517 15.55 -7.61 -68.70
N VAL E 518 14.72 -8.56 -68.26
CA VAL E 518 14.23 -9.61 -69.14
C VAL E 518 13.00 -9.12 -69.88
N GLN E 546 11.73 -10.26 -65.77
CA GLN E 546 11.71 -8.82 -65.48
C GLN E 546 13.13 -8.29 -65.36
N HIS E 547 13.87 -8.80 -64.40
CA HIS E 547 15.24 -8.35 -64.19
C HIS E 547 16.03 -9.39 -63.43
N THR E 548 17.18 -9.77 -63.95
CA THR E 548 18.06 -10.73 -63.29
C THR E 548 18.66 -10.10 -62.05
N MET E 549 18.62 -10.83 -60.93
CA MET E 549 19.16 -10.30 -59.69
C MET E 549 19.26 -11.44 -58.68
N VAL E 550 20.10 -11.22 -57.67
CA VAL E 550 20.26 -12.15 -56.55
C VAL E 550 19.91 -11.41 -55.27
N SER E 551 19.30 -12.14 -54.33
CA SER E 551 18.71 -11.52 -53.16
C SER E 551 19.75 -10.76 -52.34
N PHE E 552 20.73 -11.48 -51.81
CA PHE E 552 21.72 -10.82 -50.96
C PHE E 552 22.49 -9.75 -51.71
N LEU E 553 22.51 -9.82 -53.05
CA LEU E 553 23.16 -8.78 -53.83
C LEU E 553 22.32 -7.51 -53.91
N LYS E 554 21.01 -7.62 -53.65
CA LYS E 554 20.14 -6.46 -53.81
C LYS E 554 20.54 -5.32 -52.89
N PRO E 555 20.76 -5.54 -51.59
CA PRO E 555 20.99 -4.39 -50.72
C PRO E 555 22.18 -3.56 -51.13
N VAL E 556 23.25 -4.21 -51.61
CA VAL E 556 24.47 -3.51 -51.99
C VAL E 556 24.54 -3.22 -53.48
N LEU E 557 23.49 -3.55 -54.24
CA LEU E 557 23.56 -3.36 -55.69
C LEU E 557 23.86 -1.90 -56.04
N LYS E 558 23.10 -0.97 -55.45
CA LYS E 558 23.31 0.43 -55.78
C LYS E 558 24.70 0.88 -55.35
N GLN E 559 25.12 0.49 -54.14
CA GLN E 559 26.45 0.81 -53.67
C GLN E 559 27.51 0.23 -54.58
N ILE E 560 27.31 -1.01 -55.03
CA ILE E 560 28.24 -1.63 -55.98
C ILE E 560 28.35 -0.77 -57.23
N ILE E 561 27.21 -0.37 -57.78
CA ILE E 561 27.20 0.35 -59.05
C ILE E 561 27.96 1.66 -58.91
N MET E 562 27.61 2.43 -57.88
CA MET E 562 28.26 3.73 -57.71
C MET E 562 29.73 3.57 -57.38
N ALA E 563 30.09 2.57 -56.57
CA ALA E 563 31.50 2.36 -56.25
C ALA E 563 32.31 2.05 -57.51
N GLY E 564 31.80 1.12 -58.33
CA GLY E 564 32.55 0.76 -59.53
C GLY E 564 32.69 1.91 -60.49
N LYS E 565 31.58 2.61 -60.74
CA LYS E 565 31.66 3.74 -61.67
C LYS E 565 32.53 4.85 -61.09
N SER E 566 32.56 5.00 -59.76
CA SER E 566 33.37 6.03 -59.14
C SER E 566 34.85 5.73 -59.29
N MET E 567 35.24 4.47 -59.05
CA MET E 567 36.63 4.10 -59.26
C MET E 567 37.01 4.25 -60.72
N GLN E 568 36.10 3.88 -61.62
CA GLN E 568 36.39 4.04 -63.05
C GLN E 568 36.64 5.50 -63.39
N LEU E 569 35.80 6.40 -62.88
CA LEU E 569 36.00 7.82 -63.16
C LEU E 569 37.28 8.33 -62.52
N LEU E 570 37.60 7.86 -61.31
CA LEU E 570 38.81 8.30 -60.66
C LEU E 570 40.05 7.88 -61.45
N LYS E 571 40.05 6.64 -61.93
CA LYS E 571 41.14 6.20 -62.80
C LYS E 571 41.20 7.02 -64.09
N ASN E 572 40.05 7.33 -64.68
CA ASN E 572 40.04 8.13 -65.90
C ASN E 572 40.65 9.51 -65.65
N LEU E 573 40.26 10.14 -64.55
CA LEU E 573 40.72 11.48 -64.23
C LEU E 573 42.15 11.48 -63.67
N GLN E 574 42.64 10.35 -63.21
CA GLN E 574 43.98 10.24 -62.66
C GLN E 574 45.00 9.76 -63.68
N CYS E 575 44.59 9.59 -64.94
CA CYS E 575 45.53 9.21 -65.99
C CYS E 575 45.95 10.46 -66.76
N LYS E 591 43.26 -7.03 -49.13
CA LYS E 591 43.12 -8.46 -49.39
C LYS E 591 41.77 -8.77 -50.02
N SER E 592 41.65 -9.96 -50.60
CA SER E 592 40.47 -10.28 -51.41
C SER E 592 39.21 -10.19 -50.58
N LEU E 593 38.16 -9.61 -51.15
CA LEU E 593 36.89 -9.59 -50.45
C LEU E 593 36.38 -11.01 -50.22
N TYR E 594 36.69 -11.93 -51.13
CA TYR E 594 36.28 -13.31 -50.89
C TYR E 594 36.95 -13.82 -49.63
N THR E 595 38.24 -13.52 -49.48
CA THR E 595 38.98 -13.92 -48.29
C THR E 595 38.42 -13.24 -47.05
N LEU E 596 38.07 -11.96 -47.16
CA LEU E 596 37.50 -11.26 -46.01
C LEU E 596 36.18 -11.90 -45.58
N PHE E 597 35.31 -12.22 -46.53
CA PHE E 597 34.07 -12.90 -46.20
C PHE E 597 34.36 -14.24 -45.55
N LEU E 598 35.30 -14.99 -46.10
CA LEU E 598 35.61 -16.31 -45.57
C LEU E 598 36.09 -16.21 -44.13
N GLU E 599 37.05 -15.31 -43.88
CA GLU E 599 37.60 -15.17 -42.53
C GLU E 599 36.54 -14.65 -41.57
N SER E 600 35.69 -13.73 -42.01
CA SER E 600 34.63 -13.22 -41.15
C SER E 600 33.69 -14.34 -40.75
N VAL E 601 33.25 -15.14 -41.72
CA VAL E 601 32.28 -16.19 -41.41
C VAL E 601 32.93 -17.30 -40.59
N GLN E 602 34.24 -17.51 -40.75
CA GLN E 602 34.93 -18.48 -39.91
C GLN E 602 35.05 -17.98 -38.48
N SER E 603 35.40 -16.70 -38.30
CA SER E 603 35.47 -16.13 -36.96
C SER E 603 34.11 -16.18 -36.28
N ARG E 604 33.05 -15.83 -37.01
CA ARG E 604 31.71 -15.88 -36.43
C ARG E 604 31.21 -17.30 -36.30
N LEU E 605 31.45 -18.13 -37.31
CA LEU E 605 31.01 -19.52 -37.29
C LEU E 605 32.19 -20.46 -37.54
N CYS E 681 22.11 -22.09 -36.45
CA CYS E 681 22.45 -21.20 -35.34
C CYS E 681 22.10 -19.76 -35.68
N GLN E 682 23.10 -18.89 -35.73
CA GLN E 682 22.85 -17.49 -36.02
C GLN E 682 22.28 -17.32 -37.42
N THR E 683 21.34 -16.38 -37.55
CA THR E 683 20.67 -16.15 -38.82
C THR E 683 21.70 -15.84 -39.89
N PHE E 684 21.78 -16.69 -40.92
CA PHE E 684 22.74 -16.44 -41.97
C PHE E 684 22.46 -15.11 -42.66
N GLU E 685 21.20 -14.70 -42.72
CA GLU E 685 20.89 -13.39 -43.24
C GLU E 685 21.55 -12.33 -42.38
N LEU E 686 21.39 -12.46 -41.06
CA LEU E 686 22.04 -11.54 -40.15
C LEU E 686 23.55 -11.72 -40.16
N THR E 687 24.02 -12.94 -40.38
CA THR E 687 25.45 -13.15 -40.54
C THR E 687 25.99 -12.30 -41.68
N LEU E 688 25.35 -12.38 -42.85
CA LEU E 688 25.78 -11.57 -43.99
C LEU E 688 25.67 -10.08 -43.68
N ARG E 689 24.55 -9.67 -43.08
CA ARG E 689 24.40 -8.27 -42.71
C ARG E 689 25.57 -7.80 -41.86
N SER E 690 25.97 -8.64 -40.89
CA SER E 690 27.04 -8.26 -39.98
C SER E 690 28.39 -8.21 -40.69
N CYS E 691 28.70 -9.22 -41.50
CA CYS E 691 30.07 -9.34 -42.01
C CYS E 691 30.25 -8.66 -43.36
N LEU E 692 29.41 -9.01 -44.34
CA LEU E 692 29.68 -8.63 -45.72
C LEU E 692 29.54 -7.12 -45.90
N TYR E 693 28.34 -6.60 -45.62
CA TYR E 693 28.05 -5.21 -45.98
C TYR E 693 29.05 -4.21 -45.41
N PRO E 694 29.51 -4.32 -44.17
CA PRO E 694 30.41 -3.26 -43.66
C PRO E 694 31.65 -3.05 -44.51
N HIS E 695 32.19 -4.12 -45.09
CA HIS E 695 33.34 -3.99 -45.97
C HIS E 695 32.99 -3.11 -47.16
N ILE E 696 31.85 -3.40 -47.79
CA ILE E 696 31.40 -2.63 -48.93
C ILE E 696 31.17 -1.18 -48.53
N ASP E 697 30.58 -0.96 -47.35
CA ASP E 697 30.32 0.42 -46.92
C ASP E 697 31.62 1.19 -46.79
N LYS E 698 32.62 0.57 -46.17
CA LYS E 698 33.90 1.24 -45.99
C LYS E 698 34.54 1.55 -47.34
N GLN E 699 34.57 0.57 -48.23
CA GLN E 699 35.20 0.79 -49.53
C GLN E 699 34.44 1.85 -50.32
N TYR E 700 33.11 1.83 -50.26
CA TYR E 700 32.31 2.79 -50.99
C TYR E 700 32.56 4.20 -50.49
N LEU E 701 32.58 4.37 -49.17
CA LEU E 701 32.83 5.70 -48.63
C LEU E 701 34.24 6.16 -48.98
N ASP E 702 35.21 5.26 -48.94
CA ASP E 702 36.57 5.64 -49.29
C ASP E 702 36.65 6.08 -50.75
N CYS E 703 36.02 5.31 -51.65
CA CYS E 703 36.03 5.67 -53.06
C CYS E 703 35.32 7.01 -53.29
N CYS E 704 34.19 7.22 -52.62
CA CYS E 704 33.47 8.47 -52.78
C CYS E 704 34.33 9.64 -52.32
N GLY E 705 34.97 9.49 -51.17
CA GLY E 705 35.80 10.57 -50.66
C GLY E 705 36.97 10.88 -51.59
N ASN E 706 37.64 9.83 -52.07
CA ASN E 706 38.74 10.06 -52.99
C ASN E 706 38.27 10.77 -54.25
N LEU E 707 37.15 10.30 -54.83
CA LEU E 707 36.65 10.90 -56.06
C LEU E 707 36.27 12.36 -55.83
N MET E 708 35.58 12.64 -54.73
CA MET E 708 35.13 14.00 -54.47
C MET E 708 36.31 14.92 -54.24
N ARG E 709 37.31 14.46 -53.48
CA ARG E 709 38.49 15.29 -53.25
C ARG E 709 39.23 15.54 -54.55
N THR E 710 39.34 14.52 -55.40
CA THR E 710 40.04 14.68 -56.65
C THR E 710 39.33 15.68 -57.55
N LEU E 711 38.01 15.59 -57.63
CA LEU E 711 37.27 16.52 -58.48
C LEU E 711 37.31 17.93 -57.91
N LYS E 712 37.20 18.07 -56.59
CA LYS E 712 37.19 19.40 -56.00
C LYS E 712 38.54 20.10 -56.17
N LYS E 713 39.65 19.38 -55.94
CA LYS E 713 40.94 20.00 -56.10
C LYS E 713 41.38 20.11 -57.56
N ASP E 714 40.85 19.26 -58.43
CA ASP E 714 41.32 19.19 -59.81
C ASP E 714 40.45 20.03 -60.74
N TYR E 715 39.16 19.71 -60.83
CA TYR E 715 38.27 20.39 -61.75
C TYR E 715 37.56 21.60 -61.15
N ARG E 716 37.69 21.84 -59.84
CA ARG E 716 37.24 23.10 -59.24
C ARG E 716 35.76 23.31 -59.54
N LEU E 717 34.96 22.33 -59.14
CA LEU E 717 33.51 22.50 -59.19
C LEU E 717 33.01 23.62 -58.30
N VAL E 718 33.69 23.90 -57.19
CA VAL E 718 33.22 24.98 -56.33
C VAL E 718 33.27 26.29 -57.10
N GLU E 719 34.36 26.52 -57.82
CA GLU E 719 34.50 27.70 -58.64
C GLU E 719 33.49 27.69 -59.78
N TYR E 720 33.24 26.52 -60.35
CA TYR E 720 32.25 26.41 -61.42
C TYR E 720 30.88 26.87 -60.94
N LEU E 721 30.45 26.40 -59.76
CA LEU E 721 29.15 26.83 -59.26
C LEU E 721 29.18 28.29 -58.84
N GLN E 722 30.33 28.77 -58.38
CA GLN E 722 30.43 30.19 -58.07
C GLN E 722 30.22 31.04 -59.31
N ALA E 723 30.84 30.67 -60.43
CA ALA E 723 30.58 31.38 -61.68
C ALA E 723 29.15 31.23 -62.13
N MET E 724 28.58 30.03 -61.96
CA MET E 724 27.16 29.83 -62.19
C MET E 724 26.33 30.90 -61.51
N ARG E 725 26.55 31.08 -60.21
CA ARG E 725 25.86 32.16 -59.49
C ARG E 725 26.26 33.54 -60.00
N ASN E 726 27.55 33.75 -60.28
CA ASN E 726 28.01 35.09 -60.58
C ASN E 726 27.32 35.62 -61.81
N PHE E 727 27.26 34.80 -62.86
CA PHE E 727 26.79 35.26 -64.15
C PHE E 727 25.34 34.85 -64.39
N PHE E 728 25.05 33.55 -64.33
CA PHE E 728 23.69 33.11 -64.62
C PHE E 728 22.72 33.43 -63.50
N LEU E 729 23.22 33.72 -62.29
CA LEU E 729 22.36 33.91 -61.13
C LEU E 729 22.53 35.27 -60.48
N MET E 730 23.05 36.27 -61.19
CA MET E 730 23.06 37.63 -60.67
C MET E 730 23.84 37.71 -59.35
N GLU E 731 25.14 37.49 -59.47
CA GLU E 731 26.07 37.68 -58.37
C GLU E 731 27.31 38.45 -58.77
N GLY E 732 27.64 38.50 -60.06
CA GLY E 732 28.70 39.35 -60.57
C GLY E 732 28.09 40.70 -60.89
N GLY E 733 27.62 41.37 -59.84
CA GLY E 733 26.63 42.42 -60.00
C GLY E 733 27.12 43.55 -60.88
N ASP E 734 28.33 44.03 -60.63
CA ASP E 734 28.77 45.25 -61.30
C ASP E 734 28.84 45.01 -62.81
N THR E 735 29.40 43.86 -63.20
CA THR E 735 29.65 43.59 -64.62
C THR E 735 28.34 43.50 -65.40
N MET E 736 27.48 42.55 -65.03
CA MET E 736 26.21 42.41 -65.72
C MET E 736 25.35 43.66 -65.56
N TYR E 737 25.41 44.30 -64.40
CA TYR E 737 24.78 45.61 -64.21
C TYR E 737 25.13 46.54 -65.39
N ASP E 738 26.43 46.78 -65.58
CA ASP E 738 26.87 47.64 -66.67
C ASP E 738 26.40 47.09 -68.01
N PHE E 739 26.46 45.76 -68.18
CA PHE E 739 26.14 45.14 -69.46
C PHE E 739 24.69 45.42 -69.85
N TYR E 740 23.76 45.14 -68.95
CA TYR E 740 22.36 45.38 -69.27
C TYR E 740 22.01 46.85 -69.20
N THR E 741 22.78 47.67 -68.48
CA THR E 741 22.58 49.11 -68.56
C THR E 741 22.89 49.60 -69.96
N SER E 742 23.99 49.10 -70.53
CA SER E 742 24.33 49.42 -71.91
C SER E 742 23.26 48.91 -72.86
N ILE E 743 22.77 47.68 -72.62
CA ILE E 743 21.74 47.12 -73.49
C ILE E 743 20.49 47.98 -73.46
N PHE E 744 20.07 48.42 -72.27
CA PHE E 744 18.87 49.23 -72.17
C PHE E 744 19.09 50.63 -72.73
N ASP E 745 20.31 51.16 -72.61
CA ASP E 745 20.63 52.42 -73.28
C ASP E 745 20.52 52.28 -74.79
N LYS E 746 20.99 51.14 -75.31
CA LYS E 746 20.83 50.87 -76.74
C LYS E 746 19.36 50.78 -77.12
N ILE E 747 18.57 50.09 -76.31
CA ILE E 747 17.17 49.88 -76.67
C ILE E 747 16.43 51.20 -76.65
N ARG E 748 16.58 51.96 -75.58
CA ARG E 748 15.82 53.20 -75.44
C ARG E 748 16.18 54.17 -76.55
N GLU E 749 17.46 54.19 -76.93
CA GLU E 749 17.94 55.06 -78.00
C GLU E 749 17.68 54.48 -79.38
N LYS E 750 16.89 53.43 -79.49
CA LYS E 750 16.65 52.73 -80.76
C LYS E 750 17.93 52.21 -81.39
N GLU E 751 19.01 52.13 -80.60
CA GLU E 751 20.30 51.71 -81.13
C GLU E 751 20.32 50.19 -81.37
N THR E 752 21.32 49.77 -82.13
CA THR E 752 21.54 48.35 -82.39
C THR E 752 21.90 47.64 -81.10
N TRP E 753 21.06 46.67 -80.71
CA TRP E 753 21.34 45.88 -79.51
C TRP E 753 21.31 44.41 -79.86
N GLN E 754 20.52 44.04 -80.87
CA GLN E 754 20.47 42.65 -81.32
C GLN E 754 21.75 42.24 -82.03
N ASN E 755 22.64 43.17 -82.34
CA ASN E 755 23.89 42.84 -83.00
C ASN E 755 24.66 41.77 -82.24
N VAL E 756 24.81 40.59 -82.85
CA VAL E 756 25.46 39.49 -82.17
C VAL E 756 26.93 39.81 -81.92
N SER E 757 27.57 40.48 -82.87
CA SER E 757 28.94 40.95 -82.66
C SER E 757 29.02 41.92 -81.50
N PHE E 758 28.08 42.87 -81.45
CA PHE E 758 28.02 43.78 -80.32
C PHE E 758 27.80 43.02 -79.03
N LEU E 759 26.91 42.02 -79.05
CA LEU E 759 26.65 41.25 -77.85
C LEU E 759 27.91 40.53 -77.37
N ASN E 760 28.64 39.91 -78.29
CA ASN E 760 29.85 39.20 -77.90
C ASN E 760 30.92 40.17 -77.42
N VAL E 761 31.04 41.33 -78.07
CA VAL E 761 32.00 42.33 -77.61
C VAL E 761 31.68 42.75 -76.19
N GLN E 762 30.41 43.06 -75.93
CA GLN E 762 30.00 43.46 -74.59
C GLN E 762 30.26 42.35 -73.59
N LEU E 763 29.88 41.12 -73.94
CA LEU E 763 30.04 40.01 -73.02
C LEU E 763 31.51 39.82 -72.65
N GLN E 764 32.38 39.82 -73.65
CA GLN E 764 33.79 39.59 -73.37
C GLN E 764 34.41 40.74 -72.60
N GLU E 765 34.08 41.98 -73.00
CA GLU E 765 34.59 43.15 -72.28
C GLU E 765 34.14 43.10 -70.82
N ALA E 766 32.92 42.63 -70.58
CA ALA E 766 32.43 42.54 -69.21
C ALA E 766 33.15 41.45 -68.43
N VAL E 767 33.24 40.25 -69.00
CA VAL E 767 33.71 39.12 -68.22
C VAL E 767 35.21 39.21 -67.98
N GLY E 768 35.98 39.72 -68.94
CA GLY E 768 37.42 39.69 -68.79
C GLY E 768 37.93 40.53 -67.64
N GLN E 769 37.17 41.54 -67.21
CA GLN E 769 37.64 42.44 -66.16
C GLN E 769 37.84 41.70 -64.83
N ARG E 770 36.91 40.83 -64.46
CA ARG E 770 36.96 40.13 -63.19
C ARG E 770 37.25 38.63 -63.29
N TYR E 771 36.70 37.96 -64.29
CA TYR E 771 36.83 36.51 -64.43
C TYR E 771 37.40 36.19 -65.80
N PRO E 772 38.72 36.32 -65.97
CA PRO E 772 39.32 35.81 -67.21
C PRO E 772 39.11 34.32 -67.38
N GLU E 773 38.97 33.58 -66.28
CA GLU E 773 38.61 32.17 -66.40
C GLU E 773 37.25 32.05 -67.06
N ASP E 774 36.31 32.92 -66.68
CA ASP E 774 34.97 32.96 -67.23
C ASP E 774 34.90 33.83 -68.49
N SER E 775 35.96 34.57 -68.79
CA SER E 775 35.99 35.42 -69.98
C SER E 775 36.33 34.55 -71.18
N SER E 776 35.33 33.74 -71.56
CA SER E 776 35.47 32.70 -72.57
C SER E 776 34.20 31.88 -72.53
N ARG E 777 33.78 31.50 -71.32
CA ARG E 777 32.52 30.77 -71.18
C ARG E 777 31.33 31.69 -71.42
N LEU E 778 31.43 32.95 -70.97
CA LEU E 778 30.36 33.91 -71.19
C LEU E 778 30.36 34.37 -72.64
N SER E 779 29.29 34.05 -73.35
CA SER E 779 29.13 34.37 -74.76
C SER E 779 27.67 34.72 -75.03
N ILE E 780 27.41 35.86 -75.67
CA ILE E 780 26.04 36.25 -75.99
C ILE E 780 25.91 36.22 -77.50
N SER E 781 25.00 35.37 -77.99
CA SER E 781 24.64 35.27 -79.40
C SER E 781 23.13 35.45 -79.63
N PHE E 782 22.48 36.32 -78.87
CA PHE E 782 21.03 36.39 -78.98
C PHE E 782 20.61 36.87 -80.37
N GLU E 783 19.51 36.29 -80.85
CA GLU E 783 18.97 36.60 -82.16
C GLU E 783 17.48 36.87 -82.04
N ASN E 784 16.99 37.79 -82.86
CA ASN E 784 15.58 38.17 -82.84
C ASN E 784 15.04 38.33 -84.26
N LYS E 791 5.76 41.41 -80.27
CA LYS E 791 4.62 41.22 -79.38
C LYS E 791 4.62 42.27 -78.29
N LEU E 792 5.56 42.15 -77.35
CA LEU E 792 5.65 43.07 -76.23
C LEU E 792 7.09 43.58 -76.12
N PRO E 793 7.27 44.79 -75.59
CA PRO E 793 8.63 45.31 -75.42
C PRO E 793 9.49 44.43 -74.54
N VAL E 794 8.89 43.79 -73.54
CA VAL E 794 9.60 42.78 -72.75
C VAL E 794 9.98 41.58 -73.62
N HIS E 795 9.06 41.14 -74.49
CA HIS E 795 9.35 39.99 -75.33
C HIS E 795 10.52 40.24 -76.27
N THR E 796 10.89 41.52 -76.47
CA THR E 796 12.10 41.81 -77.25
C THR E 796 13.34 41.19 -76.62
N LEU E 797 13.33 41.00 -75.30
CA LEU E 797 14.44 40.38 -74.60
C LEU E 797 14.39 38.86 -74.66
N ASP E 798 13.31 38.29 -75.17
CA ASP E 798 13.14 36.85 -75.24
C ASP E 798 14.11 36.23 -76.23
N GLY E 799 14.53 35.00 -75.92
CA GLY E 799 15.47 34.26 -76.75
C GLY E 799 16.93 34.58 -76.50
N LEU E 800 17.26 35.22 -75.38
CA LEU E 800 18.64 35.63 -75.12
C LEU E 800 19.56 34.42 -75.16
N THR E 801 20.71 34.59 -75.79
CA THR E 801 21.72 33.54 -75.92
C THR E 801 22.82 33.71 -74.89
N LEU E 802 23.09 32.66 -74.11
CA LEU E 802 24.18 32.68 -73.16
C LEU E 802 24.67 31.25 -72.92
N SER E 803 25.99 31.08 -72.93
CA SER E 803 26.66 29.79 -72.93
C SER E 803 27.63 29.69 -71.76
N TYR E 804 28.15 28.47 -71.55
CA TYR E 804 29.13 28.22 -70.51
C TYR E 804 30.06 27.11 -70.97
N LYS E 805 31.21 27.00 -70.31
CA LYS E 805 32.20 25.97 -70.61
C LYS E 805 32.29 24.97 -69.46
N VAL E 806 31.87 23.73 -69.73
CA VAL E 806 31.85 22.68 -68.71
C VAL E 806 32.89 21.63 -69.12
N PRO E 807 34.09 21.66 -68.56
CA PRO E 807 35.09 20.66 -68.96
C PRO E 807 34.81 19.28 -68.41
N TRP E 808 34.98 18.28 -69.27
CA TRP E 808 34.87 16.89 -68.83
C TRP E 808 35.91 16.62 -67.76
N PRO E 809 35.60 15.79 -66.76
CA PRO E 809 34.38 14.98 -66.60
C PRO E 809 33.26 15.77 -65.92
N VAL E 810 33.44 17.07 -65.71
CA VAL E 810 32.33 17.89 -65.25
C VAL E 810 31.20 17.97 -66.25
N ASP E 811 31.45 17.57 -67.51
CA ASP E 811 30.37 17.47 -68.48
C ASP E 811 29.23 16.63 -67.95
N ILE E 812 29.54 15.59 -67.18
CA ILE E 812 28.49 14.76 -66.59
C ILE E 812 27.60 15.61 -65.69
N VAL E 813 28.20 16.56 -64.96
CA VAL E 813 27.43 17.32 -63.97
C VAL E 813 26.43 18.23 -64.66
N ILE E 814 26.88 18.97 -65.67
CA ILE E 814 26.09 20.05 -66.27
C ILE E 814 25.59 19.56 -67.61
N SER E 815 24.29 19.71 -67.85
CA SER E 815 23.70 19.31 -69.12
C SER E 815 23.28 20.54 -69.91
N LEU E 816 22.84 20.28 -71.15
CA LEU E 816 22.30 21.37 -71.96
C LEU E 816 20.95 21.80 -71.45
N GLU E 817 20.17 20.88 -70.89
CA GLU E 817 18.94 21.27 -70.21
C GLU E 817 19.28 22.19 -69.04
N CYS E 818 20.35 21.88 -68.32
CA CYS E 818 20.86 22.78 -67.29
C CYS E 818 21.14 24.16 -67.89
N GLN E 819 21.82 24.18 -69.04
CA GLN E 819 22.12 25.46 -69.67
C GLN E 819 20.84 26.22 -69.99
N LYS E 820 19.83 25.51 -70.51
CA LYS E 820 18.57 26.16 -70.86
C LYS E 820 17.88 26.73 -69.63
N ILE E 821 17.85 25.98 -68.53
CA ILE E 821 17.21 26.49 -67.33
C ILE E 821 17.98 27.68 -66.78
N TYR E 822 19.32 27.64 -66.85
CA TYR E 822 20.11 28.78 -66.42
C TYR E 822 19.79 29.99 -67.27
N ASN E 823 19.68 29.81 -68.58
CA ASN E 823 19.31 30.89 -69.47
C ASN E 823 17.93 31.43 -69.14
N GLN E 824 16.99 30.55 -68.82
CA GLN E 824 15.64 31.00 -68.47
C GLN E 824 15.69 31.90 -67.24
N VAL E 825 16.35 31.43 -66.19
CA VAL E 825 16.39 32.20 -64.96
C VAL E 825 17.14 33.50 -65.19
N PHE E 826 18.22 33.46 -65.96
CA PHE E 826 19.00 34.66 -66.22
C PHE E 826 18.19 35.66 -67.03
N LEU E 827 17.40 35.19 -67.99
CA LEU E 827 16.59 36.10 -68.77
C LEU E 827 15.47 36.71 -67.95
N LEU E 828 14.88 35.95 -67.03
CA LEU E 828 13.91 36.55 -66.13
C LEU E 828 14.57 37.62 -65.26
N LEU E 829 15.77 37.32 -64.75
CA LEU E 829 16.55 38.32 -64.03
C LEU E 829 16.81 39.54 -64.89
N LEU E 830 17.18 39.34 -66.15
CA LEU E 830 17.46 40.45 -67.05
C LEU E 830 16.23 41.29 -67.27
N GLN E 831 15.06 40.65 -67.41
CA GLN E 831 13.84 41.41 -67.63
C GLN E 831 13.51 42.26 -66.41
N ILE E 832 13.60 41.66 -65.22
CA ILE E 832 13.27 42.42 -64.02
C ILE E 832 14.28 43.53 -63.80
N LYS E 833 15.55 43.28 -64.13
CA LYS E 833 16.54 44.34 -64.03
C LYS E 833 16.32 45.41 -65.08
N TRP E 834 15.78 45.05 -66.24
CA TRP E 834 15.44 46.04 -67.25
C TRP E 834 14.35 46.96 -66.74
N ALA E 835 13.31 46.38 -66.13
CA ALA E 835 12.26 47.20 -65.54
C ALA E 835 12.81 48.10 -64.44
N LYS E 836 13.65 47.53 -63.58
CA LYS E 836 14.23 48.30 -62.50
C LYS E 836 15.08 49.45 -63.04
N TYR E 837 15.88 49.17 -64.06
CA TYR E 837 16.72 50.19 -64.65
C TYR E 837 15.89 51.27 -65.32
N SER E 838 14.81 50.88 -66.00
CA SER E 838 13.94 51.87 -66.62
C SER E 838 13.34 52.79 -65.57
N LEU E 839 12.91 52.24 -64.44
CA LEU E 839 12.40 53.11 -63.38
C LEU E 839 13.50 53.98 -62.80
N ASP E 840 14.68 53.41 -62.58
CA ASP E 840 15.75 54.13 -61.90
C ASP E 840 16.29 55.28 -62.75
N VAL E 841 16.47 55.04 -64.05
CA VAL E 841 17.11 56.03 -64.90
C VAL E 841 16.32 57.32 -64.93
N LEU E 842 15.00 57.23 -64.88
CA LEU E 842 14.20 58.44 -64.87
C LEU E 842 14.46 59.21 -63.58
N LEU E 843 14.58 60.52 -63.71
CA LEU E 843 14.73 61.42 -62.59
C LEU E 843 13.57 62.40 -62.63
N PHE E 844 13.01 62.72 -61.46
CA PHE E 844 11.95 63.72 -61.44
C PHE E 844 12.40 65.02 -62.08
N GLY E 845 13.70 65.35 -61.97
CA GLY E 845 14.22 66.51 -62.66
C GLY E 845 14.23 66.35 -64.17
N GLU E 846 14.42 65.11 -64.65
CA GLU E 846 14.37 64.87 -66.08
C GLU E 846 13.03 65.24 -66.67
N LEU E 847 11.94 64.87 -65.99
CA LEU E 847 10.61 65.25 -66.43
C LEU E 847 10.34 66.73 -66.18
N ALA E 848 10.82 67.26 -65.06
CA ALA E 848 10.54 68.65 -64.72
C ALA E 848 11.16 69.59 -65.74
N SER E 849 12.40 69.33 -66.16
CA SER E 849 13.04 70.16 -67.15
C SER E 849 12.30 70.09 -68.48
N SER E 850 11.81 68.90 -68.83
CA SER E 850 11.06 68.71 -70.06
C SER E 850 9.68 69.35 -69.95
N GLU E 875 -1.68 73.92 -64.45
CA GLU E 875 -2.22 73.03 -63.42
C GLU E 875 -2.47 71.64 -64.01
N PRO E 876 -3.10 71.59 -65.19
CA PRO E 876 -3.29 70.28 -65.83
C PRO E 876 -1.96 69.56 -66.08
N VAL E 877 -0.93 70.29 -66.45
CA VAL E 877 0.40 69.70 -66.56
C VAL E 877 0.88 69.25 -65.19
N ARG E 878 0.68 70.08 -64.17
CA ARG E 878 1.04 69.71 -62.81
C ARG E 878 0.26 68.48 -62.36
N GLN E 879 -1.03 68.43 -62.66
CA GLN E 879 -1.83 67.27 -62.29
C GLN E 879 -1.36 66.02 -63.00
N GLN E 880 -1.02 66.14 -64.29
CA GLN E 880 -0.46 65.01 -65.01
C GLN E 880 0.85 64.56 -64.39
N ILE E 881 1.67 65.50 -63.96
CA ILE E 881 2.93 65.16 -63.30
C ILE E 881 2.66 64.42 -61.99
N HIS E 882 1.68 64.89 -61.23
CA HIS E 882 1.31 64.20 -59.99
C HIS E 882 0.83 62.78 -60.28
N ARG E 883 0.06 62.60 -61.35
CA ARG E 883 -0.46 61.28 -61.65
C ARG E 883 0.65 60.35 -62.13
N MET E 884 1.56 60.89 -62.94
CA MET E 884 2.82 60.20 -63.23
C MET E 884 3.50 59.78 -61.95
N PHE E 885 3.61 60.69 -60.99
CA PHE E 885 4.34 60.40 -59.75
C PHE E 885 3.67 59.26 -58.99
N LEU E 886 2.35 59.31 -58.87
CA LEU E 886 1.64 58.27 -58.14
C LEU E 886 1.80 56.92 -58.84
N LEU E 887 1.63 56.91 -60.16
CA LEU E 887 1.76 55.66 -60.90
C LEU E 887 3.18 55.12 -60.78
N ARG E 888 4.18 56.00 -60.87
CA ARG E 888 5.56 55.57 -60.74
C ARG E 888 5.85 55.01 -59.36
N VAL E 889 5.30 55.65 -58.32
CA VAL E 889 5.52 55.13 -56.96
C VAL E 889 4.91 53.75 -56.83
N LYS E 890 3.69 53.58 -57.33
CA LYS E 890 3.04 52.27 -57.27
C LYS E 890 3.87 51.23 -58.02
N LEU E 891 4.33 51.61 -59.21
CA LEU E 891 5.10 50.70 -60.05
C LEU E 891 6.41 50.32 -59.37
N MET E 892 7.08 51.30 -58.77
CA MET E 892 8.35 51.03 -58.13
C MET E 892 8.16 50.16 -56.90
N HIS E 893 7.06 50.35 -56.16
CA HIS E 893 6.80 49.45 -55.05
C HIS E 893 6.59 48.02 -55.54
N PHE E 894 5.84 47.87 -56.63
CA PHE E 894 5.63 46.54 -57.21
C PHE E 894 6.95 45.91 -57.63
N VAL E 895 7.76 46.68 -58.36
CA VAL E 895 9.01 46.15 -58.87
C VAL E 895 9.99 45.84 -57.75
N ASN E 896 10.01 46.66 -56.70
CA ASN E 896 10.88 46.37 -55.56
C ASN E 896 10.43 45.11 -54.84
N SER E 897 9.12 44.90 -54.71
CA SER E 897 8.66 43.65 -54.13
C SER E 897 9.10 42.48 -54.99
N LEU E 898 9.01 42.63 -56.31
CA LEU E 898 9.48 41.59 -57.20
C LEU E 898 10.97 41.34 -57.00
N HIS E 899 11.76 42.41 -56.95
CA HIS E 899 13.20 42.27 -56.75
C HIS E 899 13.50 41.48 -55.47
N ASN E 900 12.89 41.89 -54.37
CA ASN E 900 13.17 41.22 -53.10
C ASN E 900 12.72 39.77 -53.13
N TYR E 901 11.58 39.50 -53.76
CA TYR E 901 11.14 38.12 -53.89
C TYR E 901 12.15 37.31 -54.69
N ILE E 902 12.68 37.87 -55.77
CA ILE E 902 13.66 37.12 -56.53
C ILE E 902 14.89 36.89 -55.67
N MET E 903 15.30 37.93 -54.94
CA MET E 903 16.49 37.86 -54.12
C MET E 903 16.40 36.65 -53.22
N THR E 904 15.43 36.66 -52.31
CA THR E 904 15.44 35.71 -51.20
C THR E 904 14.52 34.50 -51.38
N ARG E 905 13.35 34.65 -51.99
CA ARG E 905 12.45 33.51 -52.13
C ARG E 905 13.07 32.45 -53.05
N ILE E 906 13.73 32.88 -54.11
CA ILE E 906 14.18 31.96 -55.14
C ILE E 906 15.69 31.77 -55.13
N LEU E 907 16.46 32.78 -54.71
CA LEU E 907 17.91 32.76 -54.90
C LEU E 907 18.68 32.66 -53.59
N HIS E 908 18.44 33.58 -52.65
CA HIS E 908 19.27 33.61 -51.45
C HIS E 908 19.13 32.30 -50.70
N SER E 909 17.89 31.92 -50.37
CA SER E 909 17.66 30.70 -49.60
C SER E 909 18.05 29.46 -50.39
N THR E 910 17.62 29.37 -51.64
CA THR E 910 17.94 28.20 -52.45
C THR E 910 19.44 28.08 -52.65
N GLY E 911 20.10 29.19 -52.96
CA GLY E 911 21.54 29.16 -53.14
C GLY E 911 22.27 28.76 -51.88
N LEU E 912 21.85 29.31 -50.74
CA LEU E 912 22.50 28.97 -49.48
C LEU E 912 22.31 27.49 -49.15
N GLU E 913 21.11 26.97 -49.37
CA GLU E 913 20.88 25.55 -49.14
C GLU E 913 21.78 24.71 -50.03
N PHE E 914 21.85 25.04 -51.33
CA PHE E 914 22.66 24.21 -52.21
C PHE E 914 24.13 24.31 -51.82
N GLN E 915 24.57 25.52 -51.44
CA GLN E 915 25.93 25.72 -50.95
C GLN E 915 26.26 24.78 -49.79
N HIS E 916 25.33 24.65 -48.85
CA HIS E 916 25.60 23.77 -47.71
C HIS E 916 25.52 22.30 -48.13
N GLN E 917 24.51 21.95 -48.93
CA GLN E 917 24.21 20.56 -49.19
C GLN E 917 25.19 19.93 -50.15
N VAL E 918 25.88 20.75 -50.96
CA VAL E 918 26.91 20.21 -51.85
C VAL E 918 28.09 19.68 -51.06
N GLU E 919 28.45 20.36 -49.96
CA GLU E 919 29.55 19.87 -49.14
C GLU E 919 29.21 18.53 -48.51
N GLU E 920 27.95 18.31 -48.16
CA GLU E 920 27.52 17.14 -47.43
C GLU E 920 27.30 15.93 -48.33
N ALA E 921 27.46 16.08 -49.64
CA ALA E 921 27.24 14.99 -50.60
C ALA E 921 28.59 14.50 -51.12
N LYS E 922 29.01 13.34 -50.62
CA LYS E 922 30.26 12.71 -51.04
C LYS E 922 30.10 11.90 -52.32
N ASP E 923 28.88 11.66 -52.77
CA ASP E 923 28.61 10.82 -53.93
C ASP E 923 28.36 11.67 -55.15
N LEU E 924 28.93 11.24 -56.28
CA LEU E 924 28.66 11.90 -57.56
C LEU E 924 27.16 11.92 -57.84
N ASP E 925 26.52 10.76 -57.75
CA ASP E 925 25.08 10.68 -58.01
C ASP E 925 24.32 11.53 -57.01
N GLN E 926 24.71 11.46 -55.72
CA GLN E 926 24.01 12.23 -54.70
C GLN E 926 24.14 13.72 -54.97
N LEU E 927 25.33 14.18 -55.32
CA LEU E 927 25.51 15.60 -55.59
C LEU E 927 24.77 16.02 -56.85
N ILE E 928 24.74 15.15 -57.86
CA ILE E 928 23.97 15.45 -59.06
C ILE E 928 22.50 15.61 -58.73
N LYS E 929 21.98 14.72 -57.89
CA LYS E 929 20.59 14.83 -57.46
C LYS E 929 20.37 16.12 -56.69
N ILE E 930 21.32 16.47 -55.82
CA ILE E 930 21.21 17.70 -55.04
C ILE E 930 21.11 18.90 -55.97
N HIS E 931 22.00 18.99 -56.95
CA HIS E 931 21.96 20.13 -57.86
C HIS E 931 20.69 20.12 -58.70
N TYR E 932 20.23 18.94 -59.10
CA TYR E 932 19.01 18.86 -59.89
C TYR E 932 17.82 19.38 -59.09
N ARG E 933 17.71 18.96 -57.84
CA ARG E 933 16.64 19.45 -56.99
C ARG E 933 16.77 20.95 -56.73
N TYR E 934 17.99 21.45 -56.54
CA TYR E 934 18.17 22.88 -56.30
C TYR E 934 17.70 23.68 -57.50
N LEU E 935 18.09 23.26 -58.70
CA LEU E 935 17.67 23.96 -59.90
C LEU E 935 16.18 23.81 -60.14
N SER E 936 15.60 22.64 -59.85
CA SER E 936 14.16 22.49 -60.00
C SER E 936 13.41 23.42 -59.05
N THR E 937 13.89 23.55 -57.82
CA THR E 937 13.28 24.46 -56.88
C THR E 937 13.37 25.90 -57.35
N ILE E 938 14.54 26.30 -57.87
CA ILE E 938 14.68 27.65 -58.40
C ILE E 938 13.72 27.88 -59.56
N HIS E 939 13.64 26.91 -60.47
CA HIS E 939 12.71 27.02 -61.60
C HIS E 939 11.29 27.21 -61.10
N ASP E 940 10.86 26.40 -60.15
CA ASP E 940 9.50 26.50 -59.66
C ASP E 940 9.27 27.86 -58.99
N ARG E 941 10.22 28.32 -58.18
CA ARG E 941 10.07 29.62 -57.54
C ARG E 941 10.11 30.74 -58.56
N CYS E 942 10.64 30.49 -59.75
CA CYS E 942 10.64 31.50 -60.80
C CYS E 942 9.35 31.51 -61.59
N LEU E 943 8.30 30.85 -61.11
CA LEU E 943 6.98 30.94 -61.72
C LEU E 943 6.97 30.38 -63.14
N LEU E 944 8.01 29.61 -63.50
CA LEU E 944 8.15 29.10 -64.86
C LEU E 944 7.26 27.91 -65.16
N ARG E 945 6.61 27.31 -64.17
CA ARG E 945 5.72 26.21 -64.45
C ARG E 945 4.45 26.70 -65.14
N GLU E 946 3.84 25.81 -65.91
CA GLU E 946 2.65 26.19 -66.67
C GLU E 946 1.49 26.55 -65.77
N LYS E 947 1.41 25.90 -64.59
CA LYS E 947 0.27 26.09 -63.71
C LYS E 947 0.11 27.54 -63.26
N VAL E 948 1.16 28.35 -63.37
CA VAL E 948 1.07 29.75 -62.96
C VAL E 948 1.44 30.67 -64.12
N SER E 949 1.42 30.16 -65.35
CA SER E 949 1.82 30.97 -66.49
C SER E 949 0.99 32.25 -66.54
N PHE E 950 -0.33 32.11 -66.51
CA PHE E 950 -1.22 33.27 -66.51
C PHE E 950 -0.81 34.26 -65.43
N VAL E 951 -0.45 33.75 -64.24
CA VAL E 951 0.03 34.61 -63.17
C VAL E 951 1.13 35.52 -63.69
N LYS E 952 2.20 34.92 -64.20
CA LYS E 952 3.28 35.76 -64.71
C LYS E 952 2.81 36.54 -65.92
N GLU E 953 1.88 35.98 -66.70
CA GLU E 953 1.34 36.72 -67.83
C GLU E 953 0.71 38.02 -67.36
N ALA E 954 0.23 38.06 -66.13
CA ALA E 954 -0.32 39.29 -65.58
C ALA E 954 0.79 40.27 -65.22
N ILE E 955 1.87 39.78 -64.62
CA ILE E 955 2.87 40.67 -64.05
C ILE E 955 3.66 41.33 -65.17
N MET E 956 4.07 40.54 -66.16
CA MET E 956 4.86 41.08 -67.26
C MET E 956 4.08 42.15 -68.01
N LYS E 957 2.77 41.96 -68.18
CA LYS E 957 1.96 43.03 -68.72
C LYS E 957 2.18 44.32 -67.94
N VAL E 958 2.07 44.25 -66.62
CA VAL E 958 2.34 45.42 -65.80
C VAL E 958 3.76 45.90 -66.06
N LEU E 959 4.69 44.95 -66.16
CA LEU E 959 6.06 45.29 -66.49
C LEU E 959 6.12 46.03 -67.82
N ASN E 960 5.40 45.52 -68.83
CA ASN E 960 5.36 46.23 -70.11
C ASN E 960 4.82 47.63 -69.93
N LEU E 961 3.84 47.81 -69.04
CA LEU E 961 3.28 49.13 -68.83
C LEU E 961 4.36 50.10 -68.35
N ALA E 962 5.44 49.59 -67.74
CA ALA E 962 6.52 50.46 -67.34
C ALA E 962 7.19 51.08 -68.56
N LEU E 963 7.37 50.28 -69.61
CA LEU E 963 8.24 50.67 -70.71
C LEU E 963 7.75 51.97 -71.32
N MET E 964 6.56 51.96 -71.92
CA MET E 964 6.06 53.19 -72.50
C MET E 964 5.81 54.25 -71.43
N PHE E 965 5.71 53.82 -70.17
CA PHE E 965 5.71 54.78 -69.07
C PHE E 965 7.02 55.55 -69.03
N ALA E 966 8.14 54.81 -69.00
CA ALA E 966 9.45 55.45 -68.95
C ALA E 966 9.68 56.34 -70.17
N ASP E 967 9.38 55.81 -71.36
CA ASP E 967 9.43 56.67 -72.54
C ASP E 967 8.47 57.84 -72.40
N GLY E 968 7.29 57.58 -71.86
CA GLY E 968 6.38 58.68 -71.61
C GLY E 968 6.88 59.57 -70.51
N TRP E 969 7.69 59.01 -69.62
CA TRP E 969 8.31 59.86 -68.61
C TRP E 969 9.29 60.82 -69.27
N GLN E 970 10.06 60.32 -70.23
CA GLN E 970 11.07 61.15 -70.88
C GLN E 970 10.49 61.98 -72.01
N ALA E 971 9.28 61.67 -72.47
CA ALA E 971 8.68 62.38 -73.59
C ALA E 971 8.02 63.69 -73.17
N GLY E 972 8.20 64.11 -71.92
CA GLY E 972 7.49 65.28 -71.45
C GLY E 972 6.04 64.91 -71.20
N LEU E 973 5.23 65.94 -70.94
CA LEU E 973 3.82 65.71 -70.66
C LEU E 973 2.97 65.99 -71.90
N GLY E 974 3.58 66.33 -73.03
CA GLY E 974 2.84 66.45 -74.27
C GLY E 974 2.46 65.11 -74.87
N ALA E 975 3.10 64.03 -74.45
CA ALA E 975 2.72 62.69 -74.90
C ALA E 975 1.76 62.02 -73.94
N TRP E 976 1.33 62.71 -72.89
CA TRP E 976 0.43 62.17 -71.89
C TRP E 976 -0.64 63.22 -71.60
N GLN E 977 -1.81 62.74 -71.18
CA GLN E 977 -2.85 63.64 -70.71
C GLN E 977 -3.38 63.15 -69.38
N MET E 978 -4.45 63.77 -68.89
CA MET E 978 -5.18 63.19 -67.78
C MET E 978 -5.62 61.76 -68.12
N GLU E 979 -6.28 61.60 -69.27
CA GLU E 979 -6.92 60.32 -69.57
C GLU E 979 -5.88 59.22 -69.79
N SER E 980 -4.77 59.54 -70.46
CA SER E 980 -3.75 58.52 -70.70
C SER E 980 -3.22 57.96 -69.40
N ILE E 981 -2.80 58.86 -68.50
CA ILE E 981 -2.26 58.44 -67.21
C ILE E 981 -3.32 57.70 -66.41
N GLU E 982 -4.54 58.23 -66.39
CA GLU E 982 -5.58 57.63 -65.56
C GLU E 982 -5.97 56.25 -66.08
N LYS E 983 -5.92 56.03 -67.39
CA LYS E 983 -6.26 54.72 -67.92
C LYS E 983 -5.12 53.74 -67.69
N MET E 984 -3.88 54.22 -67.78
CA MET E 984 -2.75 53.40 -67.37
C MET E 984 -2.92 52.96 -65.92
N GLU E 985 -3.26 53.91 -65.03
CA GLU E 985 -3.41 53.58 -63.63
C GLU E 985 -4.60 52.67 -63.38
N SER E 986 -5.68 52.82 -64.14
CA SER E 986 -6.81 51.92 -63.98
C SER E 986 -6.43 50.50 -64.38
N ASP E 987 -5.68 50.36 -65.48
CA ASP E 987 -5.20 49.03 -65.86
C ASP E 987 -4.29 48.45 -64.79
N PHE E 988 -3.38 49.28 -64.27
CA PHE E 988 -2.50 48.84 -63.20
C PHE E 988 -3.31 48.35 -61.99
N LYS E 989 -4.33 49.11 -61.61
CA LYS E 989 -5.08 48.76 -60.41
C LYS E 989 -5.93 47.52 -60.64
N ASN E 990 -6.45 47.35 -61.86
CA ASN E 990 -7.20 46.15 -62.18
C ASN E 990 -6.28 44.94 -62.11
N CYS E 991 -5.09 45.05 -62.69
CA CYS E 991 -4.12 43.96 -62.60
C CYS E 991 -3.74 43.70 -61.15
N HIS E 992 -3.55 44.75 -60.36
CA HIS E 992 -3.18 44.58 -58.96
C HIS E 992 -4.24 43.83 -58.19
N MET E 993 -5.51 44.23 -58.36
CA MET E 993 -6.58 43.55 -57.65
C MET E 993 -6.73 42.12 -58.13
N PHE E 994 -6.60 41.89 -59.43
CA PHE E 994 -6.66 40.53 -59.96
C PHE E 994 -5.56 39.68 -59.36
N LEU E 995 -4.34 40.22 -59.31
CA LEU E 995 -3.22 39.47 -58.76
C LEU E 995 -3.41 39.19 -57.28
N VAL E 996 -3.94 40.17 -56.53
CA VAL E 996 -4.18 39.94 -55.11
C VAL E 996 -5.21 38.84 -54.92
N THR E 997 -6.28 38.88 -55.70
CA THR E 997 -7.30 37.83 -55.62
C THR E 997 -6.73 36.47 -55.97
N ILE E 998 -5.92 36.40 -57.03
CA ILE E 998 -5.33 35.14 -57.45
C ILE E 998 -4.41 34.60 -56.36
N LEU E 999 -3.60 35.48 -55.78
CA LEU E 999 -2.70 35.08 -54.70
C LEU E 999 -3.49 34.52 -53.52
N ASN E 1000 -4.54 35.23 -53.10
CA ASN E 1000 -5.32 34.78 -51.96
C ASN E 1000 -5.97 33.43 -52.25
N LYS E 1001 -6.54 33.27 -53.44
CA LYS E 1001 -7.17 32.00 -53.81
C LYS E 1001 -6.15 30.87 -53.79
N ALA E 1002 -5.00 31.07 -54.42
CA ALA E 1002 -4.00 30.02 -54.50
C ALA E 1002 -3.48 29.65 -53.11
N VAL E 1003 -3.24 30.65 -52.26
CA VAL E 1003 -2.70 30.36 -50.94
C VAL E 1003 -3.72 29.61 -50.09
N CYS E 1004 -4.99 30.04 -50.17
CA CYS E 1004 -6.04 29.34 -49.43
C CYS E 1004 -6.22 27.91 -49.93
N ARG E 1005 -6.06 27.69 -51.24
CA ARG E 1005 -6.06 26.34 -51.79
C ARG E 1005 -4.83 25.54 -51.37
N GLY E 1006 -3.82 26.17 -50.78
CA GLY E 1006 -2.60 25.47 -50.45
C GLY E 1006 -1.71 25.12 -51.62
N SER E 1007 -1.83 25.84 -52.74
CA SER E 1007 -1.05 25.49 -53.92
C SER E 1007 0.46 25.61 -53.66
N PHE E 1008 0.90 26.71 -53.03
CA PHE E 1008 2.32 26.88 -52.77
C PHE E 1008 2.55 27.82 -51.60
N PRO E 1009 3.45 27.49 -50.68
CA PRO E 1009 3.62 28.30 -49.47
C PRO E 1009 4.60 29.46 -49.60
N HIS E 1010 5.30 29.58 -50.73
CA HIS E 1010 6.18 30.71 -50.96
C HIS E 1010 5.48 31.84 -51.67
N LEU E 1011 4.26 31.58 -52.17
CA LEU E 1011 3.48 32.61 -52.83
C LEU E 1011 3.00 33.64 -51.82
N GLU E 1012 2.70 33.19 -50.60
CA GLU E 1012 2.22 34.11 -49.58
C GLU E 1012 3.20 35.26 -49.39
N SER E 1013 4.49 35.00 -49.58
CA SER E 1013 5.45 36.09 -49.59
C SER E 1013 5.03 37.17 -50.59
N LEU E 1014 4.86 36.77 -51.86
CA LEU E 1014 4.33 37.67 -52.88
C LEU E 1014 2.99 38.29 -52.53
N ALA E 1015 2.14 37.56 -51.82
CA ALA E 1015 0.88 38.15 -51.38
C ALA E 1015 1.15 39.29 -50.42
N LEU E 1016 1.94 39.03 -49.39
CA LEU E 1016 2.15 40.04 -48.35
C LEU E 1016 2.86 41.24 -48.96
N SER E 1017 3.77 40.98 -49.91
CA SER E 1017 4.44 42.05 -50.63
C SER E 1017 3.43 42.89 -51.40
N LEU E 1018 2.42 42.26 -51.98
CA LEU E 1018 1.48 43.02 -52.79
C LEU E 1018 0.55 43.83 -51.90
N MET E 1019 0.09 43.23 -50.81
CA MET E 1019 -0.76 43.92 -49.84
C MET E 1019 0.05 44.72 -48.82
N ALA E 1020 1.38 44.71 -48.90
CA ALA E 1020 2.18 45.59 -48.05
C ALA E 1020 1.88 47.06 -48.31
N GLY E 1021 1.61 47.42 -49.56
CA GLY E 1021 1.28 48.80 -49.89
C GLY E 1021 -0.13 48.98 -50.40
N MET F 1 -11.96 -13.39 57.79
CA MET F 1 -10.65 -12.70 57.64
C MET F 1 -9.83 -12.85 58.93
N PRO F 2 -8.52 -12.67 58.82
CA PRO F 2 -7.67 -12.79 60.01
C PRO F 2 -8.05 -11.78 61.07
N ARG F 3 -7.86 -12.20 62.32
CA ARG F 3 -8.13 -11.36 63.48
C ARG F 3 -6.82 -10.95 64.14
N GLU F 4 -6.67 -9.67 64.45
CA GLU F 4 -5.42 -9.13 65.00
C GLU F 4 -5.69 -8.60 66.40
N ILE F 5 -4.61 -8.36 67.14
CA ILE F 5 -4.69 -7.83 68.49
C ILE F 5 -3.78 -6.63 68.66
N ILE F 6 -4.27 -5.61 69.36
CA ILE F 6 -3.49 -4.43 69.70
C ILE F 6 -2.60 -4.73 70.90
N THR F 7 -1.31 -4.42 70.77
CA THR F 7 -0.35 -4.64 71.85
C THR F 7 -0.33 -3.45 72.79
N LEU F 8 -0.32 -3.73 74.09
CA LEU F 8 -0.43 -2.72 75.14
C LEU F 8 0.75 -2.83 76.11
N GLN F 9 1.80 -2.03 75.87
CA GLN F 9 3.01 -2.05 76.68
C GLN F 9 2.95 -0.89 77.67
N LEU F 10 2.67 -1.21 78.94
CA LEU F 10 2.50 -0.22 79.99
C LEU F 10 3.64 -0.30 81.00
N GLY F 11 4.05 0.86 81.50
CA GLY F 11 5.11 0.93 82.49
C GLY F 11 6.46 0.70 81.86
N GLN F 12 7.52 0.97 82.63
CA GLN F 12 8.86 0.75 82.12
C GLN F 12 9.08 -0.72 81.77
N CYS F 13 8.70 -1.61 82.70
CA CYS F 13 8.87 -3.03 82.45
C CYS F 13 8.03 -3.49 81.26
N GLY F 14 6.78 -3.04 81.20
CA GLY F 14 5.92 -3.43 80.09
C GLY F 14 6.43 -2.93 78.75
N ASN F 15 6.91 -1.68 78.73
CA ASN F 15 7.47 -1.14 77.50
C ASN F 15 8.70 -1.92 77.06
N GLN F 16 9.59 -2.25 78.00
CA GLN F 16 10.76 -3.04 77.64
C GLN F 16 10.35 -4.40 77.08
N ILE F 17 9.38 -5.04 77.73
CA ILE F 17 8.91 -6.35 77.27
C ILE F 17 8.32 -6.22 75.87
N GLY F 18 7.53 -5.17 75.65
CA GLY F 18 6.92 -4.98 74.36
C GLY F 18 7.95 -4.77 73.28
N PHE F 19 8.97 -3.97 73.55
CA PHE F 19 10.01 -3.75 72.56
C PHE F 19 10.74 -5.05 72.24
N GLU F 20 11.06 -5.84 73.26
CA GLU F 20 11.72 -7.11 73.00
C GLU F 20 10.83 -8.01 72.17
N PHE F 21 9.53 -8.04 72.45
CA PHE F 21 8.65 -8.92 71.71
C PHE F 21 8.45 -8.41 70.29
N TRP F 22 8.46 -7.10 70.10
CA TRP F 22 8.43 -6.54 68.75
C TRP F 22 9.66 -6.96 67.98
N LYS F 23 10.84 -6.90 68.61
CA LYS F 23 12.05 -7.34 67.94
C LYS F 23 11.98 -8.81 67.59
N GLN F 24 11.45 -9.61 68.51
CA GLN F 24 11.31 -11.04 68.24
C GLN F 24 10.37 -11.28 67.08
N LEU F 25 9.26 -10.54 67.04
CA LEU F 25 8.31 -10.67 65.94
C LEU F 25 8.96 -10.29 64.62
N CYS F 26 9.75 -9.21 64.63
CA CYS F 26 10.44 -8.80 63.41
C CYS F 26 11.38 -9.89 62.93
N ALA F 27 12.09 -10.52 63.86
CA ALA F 27 12.95 -11.65 63.48
C ALA F 27 12.12 -12.79 62.90
N GLU F 28 10.99 -13.08 63.54
CA GLU F 28 10.17 -14.22 63.11
C GLU F 28 9.65 -14.00 61.70
N HIS F 29 9.20 -12.79 61.40
CA HIS F 29 8.62 -12.50 60.10
C HIS F 29 9.68 -12.20 59.04
N GLY F 30 10.95 -12.10 59.43
CA GLY F 30 11.99 -11.78 58.46
C GLY F 30 11.92 -10.41 57.84
N ILE F 31 11.28 -9.45 58.50
CA ILE F 31 11.12 -8.11 57.94
C ILE F 31 12.32 -7.25 58.28
N SER F 32 12.47 -6.14 57.54
CA SER F 32 13.56 -5.23 57.79
C SER F 32 13.33 -4.48 59.10
N PRO F 33 14.40 -4.05 59.76
CA PRO F 33 14.23 -3.21 60.96
C PRO F 33 13.50 -1.91 60.67
N GLU F 34 13.34 -1.55 59.41
CA GLU F 34 12.43 -0.48 59.01
C GLU F 34 11.04 -1.00 58.71
N GLY F 35 10.86 -2.32 58.72
CA GLY F 35 9.58 -2.94 58.51
C GLY F 35 9.30 -3.22 57.05
N ILE F 36 10.18 -2.80 56.16
CA ILE F 36 9.98 -3.07 54.74
C ILE F 36 10.23 -4.54 54.50
N VAL F 37 9.60 -5.08 53.46
CA VAL F 37 9.83 -6.48 53.14
C VAL F 37 11.25 -6.64 52.65
N GLU F 38 11.79 -7.85 52.81
CA GLU F 38 13.11 -8.16 52.30
C GLU F 38 13.03 -8.99 51.03
N GLU F 39 14.06 -8.87 50.21
CA GLU F 39 14.28 -9.72 49.05
C GLU F 39 14.99 -11.01 49.40
N PHE F 40 15.32 -11.21 50.67
CA PHE F 40 16.05 -12.38 51.13
C PHE F 40 15.46 -13.03 52.37
N ALA F 41 14.55 -12.38 53.07
CA ALA F 41 14.06 -12.86 54.35
C ALA F 41 12.54 -12.82 54.45
N THR F 42 11.84 -12.37 53.40
CA THR F 42 10.38 -12.32 53.38
C THR F 42 9.88 -12.92 52.06
N GLU F 43 9.80 -14.25 52.03
CA GLU F 43 9.21 -14.95 50.89
C GLU F 43 8.37 -16.16 51.29
N GLY F 44 8.20 -16.41 52.59
CA GLY F 44 7.48 -17.59 53.04
C GLY F 44 5.98 -17.52 52.81
N THR F 45 5.38 -18.70 52.71
CA THR F 45 3.93 -18.84 52.55
C THR F 45 3.35 -18.95 53.95
N ASP F 46 2.93 -17.80 54.49
CA ASP F 46 2.37 -17.72 55.84
C ASP F 46 1.69 -16.38 55.98
N ARG F 47 1.20 -16.10 57.18
CA ARG F 47 0.63 -14.79 57.51
C ARG F 47 1.63 -14.09 58.42
N LYS F 48 2.29 -13.06 57.87
CA LYS F 48 3.12 -12.15 58.63
C LYS F 48 2.36 -10.97 59.21
N ASP F 49 1.05 -10.87 58.96
CA ASP F 49 0.24 -9.83 59.58
C ASP F 49 -0.81 -10.48 60.46
N VAL F 50 -0.46 -10.68 61.73
CA VAL F 50 -1.44 -11.05 62.74
C VAL F 50 -1.54 -10.01 63.85
N PHE F 51 -0.54 -9.16 64.03
CA PHE F 51 -0.60 -8.08 65.01
C PHE F 51 -0.13 -6.77 64.39
N PHE F 52 -0.23 -6.65 63.07
CA PHE F 52 0.39 -5.58 62.33
C PHE F 52 -0.60 -5.08 61.29
N TYR F 53 -0.11 -4.27 60.36
CA TYR F 53 -0.80 -4.08 59.10
C TYR F 53 0.24 -3.81 58.03
N GLN F 54 0.14 -4.51 56.91
CA GLN F 54 1.08 -4.32 55.82
C GLN F 54 0.81 -3.00 55.10
N ALA F 55 1.88 -2.31 54.74
CA ALA F 55 1.74 -1.05 54.03
C ALA F 55 1.74 -1.34 52.53
N ASP F 56 1.53 -0.29 51.74
CA ASP F 56 1.56 -0.44 50.28
C ASP F 56 2.93 -0.94 49.83
N ASP F 57 3.99 -0.32 50.33
CA ASP F 57 5.35 -0.81 50.15
C ASP F 57 5.72 -1.89 51.15
N GLU F 58 4.72 -2.51 51.77
CA GLU F 58 4.93 -3.72 52.55
C GLU F 58 5.70 -3.42 53.83
N HIS F 59 5.32 -2.33 54.50
CA HIS F 59 5.71 -2.12 55.88
C HIS F 59 4.62 -2.73 56.76
N TYR F 60 5.02 -3.66 57.63
CA TYR F 60 4.13 -4.20 58.66
C TYR F 60 4.17 -3.26 59.85
N ILE F 61 3.47 -2.14 59.72
CA ILE F 61 3.46 -1.23 60.86
C ILE F 61 2.73 -1.91 62.01
N PRO F 62 3.31 -1.98 63.20
CA PRO F 62 2.73 -2.80 64.26
C PRO F 62 1.49 -2.18 64.89
N ARG F 63 0.70 -3.05 65.51
CA ARG F 63 -0.43 -2.64 66.34
C ARG F 63 0.07 -2.32 67.76
N ALA F 64 0.94 -1.32 67.82
CA ALA F 64 1.72 -1.01 69.02
C ALA F 64 1.28 0.32 69.59
N VAL F 65 0.86 0.32 70.85
CA VAL F 65 0.65 1.56 71.59
C VAL F 65 1.30 1.42 72.95
N LEU F 66 2.20 2.34 73.26
CA LEU F 66 3.00 2.33 74.48
C LEU F 66 2.55 3.48 75.38
N LEU F 67 2.19 3.17 76.61
CA LEU F 67 1.76 4.17 77.58
C LEU F 67 2.62 4.04 78.83
N ASP F 68 3.49 5.03 79.06
CA ASP F 68 4.26 5.07 80.30
C ASP F 68 4.53 6.52 80.66
N LEU F 69 4.22 6.89 81.90
CA LEU F 69 4.38 8.28 82.31
C LEU F 69 5.84 8.71 82.38
N GLU F 70 6.77 7.76 82.32
CA GLU F 70 8.20 8.06 82.25
C GLU F 70 8.61 8.29 80.81
N PRO F 71 8.83 9.53 80.37
CA PRO F 71 9.14 9.76 78.95
C PRO F 71 10.50 9.21 78.55
N ARG F 72 11.37 8.93 79.52
CA ARG F 72 12.71 8.43 79.19
C ARG F 72 12.62 7.06 78.50
N VAL F 73 11.75 6.18 79.01
CA VAL F 73 11.60 4.86 78.40
C VAL F 73 11.10 4.98 76.98
N ILE F 74 10.12 5.86 76.75
CA ILE F 74 9.58 6.03 75.40
C ILE F 74 10.67 6.57 74.47
N HIS F 75 11.43 7.56 74.94
CA HIS F 75 12.49 8.11 74.11
C HIS F 75 13.52 7.05 73.77
N SER F 76 13.92 6.25 74.76
CA SER F 76 14.90 5.20 74.52
C SER F 76 14.39 4.18 73.53
N ILE F 77 13.11 3.78 73.67
CA ILE F 77 12.56 2.80 72.74
C ILE F 77 12.52 3.39 71.34
N LEU F 78 12.20 4.68 71.24
CA LEU F 78 12.24 5.35 69.94
C LEU F 78 13.65 5.29 69.36
N ASN F 79 14.66 5.47 70.19
CA ASN F 79 16.05 5.37 69.72
C ASN F 79 16.37 3.90 69.51
N SER F 80 16.00 3.40 68.33
CA SER F 80 16.14 1.99 68.00
C SER F 80 16.19 1.86 66.49
N PRO F 81 16.80 0.79 65.97
CA PRO F 81 16.70 0.54 64.52
C PRO F 81 15.31 0.11 64.10
N TYR F 82 14.44 -0.18 65.07
CA TYR F 82 13.08 -0.62 64.80
C TYR F 82 12.07 0.51 64.91
N ALA F 83 12.52 1.73 65.20
CA ALA F 83 11.61 2.87 65.18
C ALA F 83 10.99 3.07 63.82
N LYS F 84 11.66 2.60 62.76
CA LYS F 84 11.12 2.63 61.42
C LYS F 84 10.10 1.52 61.16
N LEU F 85 9.89 0.61 62.12
CA LEU F 85 8.84 -0.40 62.00
C LEU F 85 7.50 0.10 62.54
N TYR F 86 7.52 0.90 63.59
CA TYR F 86 6.31 1.27 64.32
C TYR F 86 5.67 2.47 63.63
N ASN F 87 4.40 2.73 63.98
CA ASN F 87 3.75 3.95 63.55
C ASN F 87 3.91 5.04 64.62
N PRO F 88 4.55 6.16 64.30
CA PRO F 88 4.79 7.18 65.34
C PRO F 88 3.52 7.68 66.00
N GLU F 89 2.44 7.82 65.23
CA GLU F 89 1.17 8.28 65.76
C GLU F 89 0.46 7.21 66.59
N ASN F 90 0.98 5.99 66.61
CA ASN F 90 0.45 4.93 67.45
C ASN F 90 1.06 4.94 68.85
N ILE F 91 1.87 5.95 69.20
CA ILE F 91 2.51 6.01 70.50
C ILE F 91 2.31 7.39 71.11
N TYR F 92 1.64 7.45 72.24
CA TYR F 92 1.44 8.70 72.98
C TYR F 92 2.71 8.98 73.78
N LEU F 93 2.95 10.26 74.04
CA LEU F 93 4.06 10.66 74.91
C LEU F 93 3.54 11.33 76.17
N SER F 94 4.00 10.84 77.31
CA SER F 94 3.65 11.44 78.59
C SER F 94 4.42 12.73 78.79
N GLU F 95 3.72 13.78 79.20
CA GLU F 95 4.32 15.08 79.47
C GLU F 95 4.11 15.49 80.92
N HIS F 96 3.95 14.52 81.80
CA HIS F 96 3.76 14.77 83.23
C HIS F 96 5.07 14.76 84.00
N GLY F 97 6.20 14.65 83.30
CA GLY F 97 7.49 14.57 83.96
C GLY F 97 7.85 13.19 84.46
N GLY F 98 7.93 13.05 85.79
CA GLY F 98 8.22 11.78 86.41
C GLY F 98 7.06 10.82 86.52
N GLY F 99 5.82 11.29 86.31
CA GLY F 99 4.71 10.37 86.38
C GLY F 99 4.34 9.98 87.80
N ALA F 100 3.71 8.80 87.91
CA ALA F 100 3.25 8.28 89.19
C ALA F 100 4.38 7.87 90.11
N GLY F 101 5.57 7.58 89.57
CA GLY F 101 6.68 7.19 90.44
C GLY F 101 6.43 5.90 91.18
N ASN F 102 5.87 4.90 90.49
CA ASN F 102 5.54 3.61 91.09
C ASN F 102 4.61 3.76 92.29
N ASN F 103 3.43 4.31 92.02
CA ASN F 103 2.35 4.32 92.99
C ASN F 103 1.07 3.93 92.28
N TRP F 104 0.33 2.98 92.84
CA TRP F 104 -0.88 2.51 92.19
C TRP F 104 -1.90 3.63 92.11
N ALA F 105 -2.09 4.36 93.21
CA ALA F 105 -3.09 5.42 93.25
C ALA F 105 -2.79 6.51 92.23
N SER F 106 -1.53 6.93 92.15
CA SER F 106 -1.18 8.01 91.25
C SER F 106 -1.41 7.62 89.79
N GLY F 107 -0.95 6.44 89.40
CA GLY F 107 -1.16 6.00 88.03
C GLY F 107 -2.63 5.79 87.71
N PHE F 108 -3.37 5.20 88.66
CA PHE F 108 -4.80 4.99 88.45
C PHE F 108 -5.53 6.30 88.26
N SER F 109 -5.21 7.31 89.07
CA SER F 109 -5.86 8.60 88.92
C SER F 109 -5.44 9.30 87.63
N GLN F 110 -4.16 9.21 87.27
CA GLN F 110 -3.70 9.94 86.10
C GLN F 110 -4.20 9.30 84.82
N GLY F 111 -4.46 7.98 84.85
CA GLY F 111 -5.11 7.35 83.72
C GLY F 111 -6.48 7.92 83.44
N GLU F 112 -7.11 8.52 84.44
CA GLU F 112 -8.41 9.14 84.21
C GLU F 112 -8.27 10.42 83.39
N LYS F 113 -7.12 11.09 83.48
CA LYS F 113 -6.96 12.35 82.78
C LYS F 113 -6.88 12.15 81.27
N ILE F 114 -6.06 11.20 80.83
CA ILE F 114 -5.95 10.91 79.40
C ILE F 114 -6.94 9.81 79.03
N HIS F 115 -7.90 9.55 79.91
CA HIS F 115 -8.89 8.50 79.65
C HIS F 115 -9.52 8.67 78.27
N GLU F 116 -9.99 9.89 77.98
CA GLU F 116 -10.56 10.16 76.67
C GLU F 116 -9.51 10.02 75.57
N ASP F 117 -8.29 10.51 75.82
CA ASP F 117 -7.26 10.43 74.80
C ASP F 117 -6.92 8.98 74.48
N ILE F 118 -6.78 8.15 75.51
CA ILE F 118 -6.42 6.76 75.31
C ILE F 118 -7.55 6.00 74.63
N PHE F 119 -8.80 6.27 75.04
CA PHE F 119 -9.93 5.66 74.34
C PHE F 119 -9.95 6.09 72.88
N ASP F 120 -9.67 7.36 72.61
CA ASP F 120 -9.67 7.86 71.25
C ASP F 120 -8.62 7.13 70.41
N ILE F 121 -7.42 6.98 70.97
CA ILE F 121 -6.34 6.36 70.23
C ILE F 121 -6.66 4.89 69.98
N ILE F 122 -7.22 4.20 70.98
CA ILE F 122 -7.52 2.79 70.78
C ILE F 122 -8.63 2.63 69.76
N ASP F 123 -9.62 3.52 69.79
CA ASP F 123 -10.70 3.44 68.81
C ASP F 123 -10.19 3.73 67.41
N ARG F 124 -9.32 4.72 67.28
CA ARG F 124 -8.68 5.01 66.00
C ARG F 124 -7.91 3.81 65.48
N GLU F 125 -7.19 3.12 66.36
CA GLU F 125 -6.45 1.95 65.91
C GLU F 125 -7.41 0.82 65.53
N ALA F 126 -8.46 0.63 66.31
CA ALA F 126 -9.41 -0.44 66.06
C ALA F 126 -10.19 -0.22 64.77
N ASP F 127 -10.47 1.04 64.45
CA ASP F 127 -11.25 1.34 63.25
C ASP F 127 -10.54 0.86 62.00
N GLY F 128 -9.21 1.02 61.95
CA GLY F 128 -8.46 0.54 60.81
C GLY F 128 -8.57 -0.96 60.64
N SER F 129 -8.63 -1.69 61.75
CA SER F 129 -8.75 -3.14 61.66
C SER F 129 -10.12 -3.52 61.10
N ASP F 130 -10.12 -4.53 60.24
CA ASP F 130 -11.37 -5.08 59.74
C ASP F 130 -12.00 -6.04 60.74
N SER F 131 -11.19 -6.90 61.37
CA SER F 131 -11.67 -7.81 62.42
C SER F 131 -10.65 -7.84 63.55
N LEU F 132 -10.84 -6.94 64.53
CA LEU F 132 -10.01 -6.91 65.71
C LEU F 132 -10.47 -8.02 66.65
N GLU F 133 -9.64 -9.04 66.84
CA GLU F 133 -10.09 -10.19 67.60
C GLU F 133 -10.16 -9.90 69.09
N GLY F 134 -9.37 -8.95 69.57
CA GLY F 134 -9.41 -8.62 70.98
C GLY F 134 -8.33 -7.63 71.35
N PHE F 135 -7.98 -7.64 72.64
CA PHE F 135 -6.98 -6.77 73.20
C PHE F 135 -5.90 -7.64 73.84
N VAL F 136 -4.64 -7.24 73.66
CA VAL F 136 -3.52 -7.89 74.33
C VAL F 136 -2.72 -6.82 75.05
N LEU F 137 -2.37 -7.09 76.31
CA LEU F 137 -1.71 -6.10 77.14
C LEU F 137 -0.55 -6.72 77.89
N CYS F 138 0.59 -6.04 77.85
CA CYS F 138 1.79 -6.44 78.56
C CYS F 138 2.19 -5.29 79.48
N HIS F 139 2.46 -5.61 80.74
CA HIS F 139 2.71 -4.60 81.75
C HIS F 139 3.34 -5.30 82.95
N SER F 140 3.48 -4.55 84.05
CA SER F 140 3.95 -5.10 85.31
C SER F 140 3.03 -4.62 86.42
N ILE F 141 2.45 -5.55 87.16
CA ILE F 141 1.67 -5.20 88.33
C ILE F 141 2.54 -4.64 89.44
N ALA F 142 3.85 -4.91 89.41
CA ALA F 142 4.74 -4.33 90.41
C ALA F 142 4.97 -2.85 90.18
N GLY F 143 5.20 -2.44 88.94
CA GLY F 143 5.35 -1.03 88.64
C GLY F 143 4.08 -0.26 88.95
N GLY F 144 4.11 0.53 90.02
CA GLY F 144 2.89 1.17 90.48
C GLY F 144 2.32 2.11 89.44
N THR F 145 3.18 2.87 88.76
CA THR F 145 2.73 3.66 87.62
C THR F 145 1.96 2.78 86.65
N GLY F 146 2.63 1.77 86.12
CA GLY F 146 1.98 0.85 85.22
C GLY F 146 0.83 0.12 85.86
N SER F 147 0.92 -0.19 87.15
CA SER F 147 -0.15 -0.94 87.81
C SER F 147 -1.45 -0.15 87.81
N GLY F 148 -1.40 1.09 88.31
CA GLY F 148 -2.59 1.92 88.31
C GLY F 148 -3.06 2.25 86.91
N LEU F 149 -2.12 2.54 86.01
CA LEU F 149 -2.49 2.82 84.62
C LEU F 149 -3.24 1.64 84.02
N GLY F 150 -2.73 0.43 84.23
CA GLY F 150 -3.38 -0.74 83.68
C GLY F 150 -4.72 -1.00 84.33
N SER F 151 -4.84 -0.74 85.63
CA SER F 151 -6.15 -0.87 86.27
C SER F 151 -7.16 0.06 85.61
N TYR F 152 -6.80 1.33 85.46
CA TYR F 152 -7.70 2.28 84.83
C TYR F 152 -8.00 1.87 83.39
N LEU F 153 -6.99 1.40 82.66
CA LEU F 153 -7.17 1.05 81.27
C LEU F 153 -8.06 -0.18 81.12
N LEU F 154 -7.88 -1.18 81.97
CA LEU F 154 -8.75 -2.35 81.91
C LEU F 154 -10.19 -1.96 82.20
N GLU F 155 -10.39 -1.11 83.20
CA GLU F 155 -11.75 -0.64 83.48
C GLU F 155 -12.33 0.06 82.25
N ARG F 156 -11.56 0.98 81.67
CA ARG F 156 -12.06 1.76 80.54
C ARG F 156 -12.32 0.86 79.34
N LEU F 157 -11.46 -0.13 79.10
CA LEU F 157 -11.64 -1.01 77.96
C LEU F 157 -12.85 -1.90 78.14
N ASN F 158 -13.03 -2.45 79.35
CA ASN F 158 -14.21 -3.25 79.59
C ASN F 158 -15.47 -2.40 79.43
N ASP F 159 -15.39 -1.12 79.80
CA ASP F 159 -16.47 -0.20 79.50
C ASP F 159 -16.65 0.01 78.00
N ARG F 160 -15.54 0.01 77.25
CA ARG F 160 -15.58 0.45 75.86
C ARG F 160 -16.17 -0.60 74.94
N TYR F 161 -15.51 -1.75 74.82
CA TYR F 161 -15.97 -2.84 73.96
C TYR F 161 -16.00 -4.13 74.75
N PRO F 162 -17.16 -4.49 75.31
CA PRO F 162 -17.28 -5.81 75.93
C PRO F 162 -17.14 -6.94 74.94
N LYS F 163 -17.25 -6.66 73.65
CA LYS F 163 -17.28 -7.67 72.61
C LYS F 163 -15.89 -8.18 72.22
N LYS F 164 -14.81 -7.56 72.68
CA LYS F 164 -13.48 -7.99 72.31
C LYS F 164 -12.84 -8.84 73.40
N LEU F 165 -12.00 -9.78 72.98
CA LEU F 165 -11.29 -10.66 73.90
C LEU F 165 -10.31 -9.88 74.75
N VAL F 166 -10.30 -10.16 76.05
CA VAL F 166 -9.38 -9.51 76.97
C VAL F 166 -8.30 -10.48 77.43
N GLN F 167 -7.17 -10.47 76.73
CA GLN F 167 -6.01 -11.29 77.08
C GLN F 167 -4.92 -10.36 77.60
N THR F 168 -4.30 -10.73 78.73
CA THR F 168 -3.30 -9.90 79.36
C THR F 168 -2.08 -10.73 79.73
N TYR F 169 -0.91 -10.09 79.63
CA TYR F 169 0.36 -10.68 80.05
C TYR F 169 0.88 -9.76 81.15
N SER F 170 0.71 -10.18 82.40
CA SER F 170 1.08 -9.40 83.56
C SER F 170 2.42 -9.86 84.10
N VAL F 171 3.37 -8.94 84.23
CA VAL F 171 4.67 -9.25 84.80
C VAL F 171 4.53 -9.24 86.31
N PHE F 172 4.54 -10.43 86.91
CA PHE F 172 4.38 -10.56 88.33
C PHE F 172 5.64 -10.12 89.07
N PRO F 173 5.50 -9.61 90.29
CA PRO F 173 6.68 -9.12 91.01
C PRO F 173 7.68 -10.24 91.28
N ASN F 174 8.94 -9.86 91.30
CA ASN F 174 10.00 -10.78 91.72
C ASN F 174 9.86 -11.07 93.21
N GLN F 175 9.73 -12.34 93.54
CA GLN F 175 9.70 -12.83 94.90
C GLN F 175 11.06 -13.35 95.36
N ASP F 176 11.98 -13.55 94.41
CA ASP F 176 13.37 -13.76 94.79
C ASP F 176 13.94 -12.54 95.51
N GLU F 177 13.43 -11.35 95.19
CA GLU F 177 13.93 -10.11 95.77
C GLU F 177 12.73 -9.23 96.11
N MET F 178 12.62 -8.86 97.38
CA MET F 178 11.52 -8.00 97.81
C MET F 178 11.70 -6.61 97.21
N SER F 179 10.62 -6.08 96.64
CA SER F 179 10.67 -4.75 96.04
C SER F 179 10.85 -3.67 97.10
N ASP F 180 11.53 -2.60 96.71
CA ASP F 180 11.70 -1.43 97.58
C ASP F 180 10.39 -0.74 97.88
N VAL F 181 9.38 -0.92 97.04
CA VAL F 181 8.06 -0.35 97.29
C VAL F 181 7.38 -1.18 98.39
N VAL F 182 7.01 -0.52 99.48
CA VAL F 182 6.37 -1.25 100.57
C VAL F 182 4.91 -1.47 100.26
N VAL F 183 4.26 -0.54 99.57
CA VAL F 183 2.84 -0.67 99.26
C VAL F 183 2.75 -1.51 98.00
N GLN F 184 3.88 -2.07 97.56
CA GLN F 184 3.89 -2.93 96.39
C GLN F 184 2.90 -4.07 96.51
N PRO F 185 2.78 -4.76 97.65
CA PRO F 185 1.71 -5.74 97.77
C PRO F 185 0.34 -5.13 97.58
N TYR F 186 0.13 -3.91 98.08
CA TYR F 186 -1.14 -3.23 97.86
C TYR F 186 -1.37 -3.01 96.37
N ASN F 187 -0.35 -2.52 95.67
CA ASN F 187 -0.50 -2.27 94.23
C ASN F 187 -0.82 -3.57 93.50
N SER F 188 -0.11 -4.64 93.85
CA SER F 188 -0.33 -5.91 93.20
C SER F 188 -1.73 -6.41 93.46
N LEU F 189 -2.21 -6.28 94.70
CA LEU F 189 -3.55 -6.73 95.02
C LEU F 189 -4.60 -5.92 94.26
N LEU F 190 -4.42 -4.61 94.18
CA LEU F 190 -5.37 -3.79 93.43
C LEU F 190 -5.38 -4.18 91.96
N THR F 191 -4.20 -4.45 91.41
CA THR F 191 -4.14 -4.87 90.01
C THR F 191 -4.78 -6.23 89.83
N LEU F 192 -4.57 -7.14 90.78
CA LEU F 192 -5.14 -8.48 90.63
C LEU F 192 -6.65 -8.43 90.76
N LYS F 193 -7.15 -7.53 91.61
CA LYS F 193 -8.59 -7.30 91.68
C LYS F 193 -9.12 -6.85 90.33
N ARG F 194 -8.44 -5.89 89.71
CA ARG F 194 -8.89 -5.42 88.41
C ARG F 194 -8.83 -6.54 87.37
N LEU F 195 -7.77 -7.35 87.42
CA LEU F 195 -7.65 -8.47 86.49
C LEU F 195 -8.79 -9.45 86.67
N THR F 196 -9.08 -9.81 87.91
CA THR F 196 -10.13 -10.77 88.20
C THR F 196 -11.49 -10.24 87.76
N GLN F 197 -11.74 -8.96 88.01
CA GLN F 197 -13.05 -8.39 87.75
C GLN F 197 -13.19 -7.88 86.31
N ASN F 198 -12.09 -7.83 85.55
CA ASN F 198 -12.15 -7.27 84.21
C ASN F 198 -11.45 -8.13 83.17
N ALA F 199 -10.43 -8.88 83.56
CA ALA F 199 -9.58 -9.57 82.60
C ALA F 199 -10.15 -10.94 82.26
N ASP F 200 -10.39 -11.18 80.96
CA ASP F 200 -10.90 -12.48 80.50
C ASP F 200 -9.89 -13.61 80.67
N CYS F 201 -8.60 -13.33 80.49
CA CYS F 201 -7.55 -14.34 80.62
C CYS F 201 -6.31 -13.69 81.21
N VAL F 202 -5.71 -14.36 82.20
CA VAL F 202 -4.47 -13.88 82.81
C VAL F 202 -3.42 -14.99 82.79
N VAL F 203 -2.30 -14.72 82.11
CA VAL F 203 -1.16 -15.63 82.08
C VAL F 203 -0.15 -15.12 83.10
N VAL F 204 0.26 -15.99 84.01
CA VAL F 204 1.15 -15.60 85.10
C VAL F 204 2.57 -15.46 84.60
N LEU F 205 3.20 -14.33 84.91
CA LEU F 205 4.59 -14.04 84.56
C LEU F 205 5.32 -13.64 85.83
N ASP F 206 5.84 -14.63 86.56
CA ASP F 206 6.44 -14.38 87.87
C ASP F 206 7.90 -13.98 87.70
N ASN F 207 8.25 -12.78 88.19
CA ASN F 207 9.64 -12.37 88.17
C ASN F 207 10.51 -13.20 89.11
N THR F 208 9.90 -13.92 90.05
CA THR F 208 10.69 -14.76 90.95
C THR F 208 11.32 -15.91 90.20
N ALA F 209 10.50 -16.66 89.45
CA ALA F 209 11.02 -17.77 88.67
C ALA F 209 11.93 -17.26 87.56
N LEU F 210 11.58 -16.12 86.95
CA LEU F 210 12.46 -15.55 85.93
C LEU F 210 13.83 -15.25 86.52
N ASN F 211 13.86 -14.63 87.70
CA ASN F 211 15.13 -14.29 88.34
C ASN F 211 15.91 -15.56 88.67
N ARG F 212 15.24 -16.55 89.25
CA ARG F 212 15.92 -17.77 89.64
C ARG F 212 16.48 -18.51 88.42
N ILE F 213 15.72 -18.52 87.33
CA ILE F 213 16.16 -19.24 86.14
C ILE F 213 17.34 -18.50 85.50
N ALA F 214 17.24 -17.17 85.41
CA ALA F 214 18.32 -16.43 84.78
C ALA F 214 19.60 -16.56 85.60
N THR F 215 19.50 -16.40 86.92
CA THR F 215 20.70 -16.45 87.74
C THR F 215 21.29 -17.86 87.72
N ASP F 216 20.41 -18.87 87.67
CA ASP F 216 20.82 -20.26 87.80
C ASP F 216 20.55 -21.06 86.53
N ARG F 217 19.31 -21.08 86.05
CA ARG F 217 18.94 -22.02 84.99
C ARG F 217 19.59 -21.69 83.66
N LEU F 218 20.03 -20.46 83.45
CA LEU F 218 20.78 -20.10 82.26
C LEU F 218 22.26 -19.93 82.56
N HIS F 219 22.74 -20.56 83.63
CA HIS F 219 24.17 -20.64 83.93
C HIS F 219 24.84 -19.28 83.76
N ILE F 220 24.15 -18.24 84.20
CA ILE F 220 24.71 -16.90 84.28
C ILE F 220 24.42 -16.32 85.65
N GLN F 221 25.46 -15.85 86.34
CA GLN F 221 25.26 -15.27 87.67
C GLN F 221 24.35 -14.06 87.59
N ASN F 222 24.24 -13.43 86.43
CA ASN F 222 23.52 -12.18 86.28
C ASN F 222 22.03 -12.41 86.44
N PRO F 223 21.37 -11.73 87.37
CA PRO F 223 19.91 -11.70 87.37
C PRO F 223 19.38 -10.59 86.48
N SER F 224 20.22 -10.10 85.58
CA SER F 224 19.97 -8.83 84.90
C SER F 224 18.57 -8.82 84.30
N PHE F 225 17.92 -7.65 84.42
CA PHE F 225 16.61 -7.47 83.82
C PHE F 225 16.63 -7.62 82.32
N SER F 226 17.72 -7.23 81.66
CA SER F 226 17.81 -7.39 80.21
C SER F 226 17.75 -8.86 79.80
N GLN F 227 18.48 -9.73 80.52
CA GLN F 227 18.43 -11.15 80.18
C GLN F 227 17.06 -11.74 80.49
N ILE F 228 16.45 -11.30 81.58
CA ILE F 228 15.09 -11.73 81.90
C ILE F 228 14.14 -11.35 80.78
N ASN F 229 14.25 -10.11 80.31
CA ASN F 229 13.39 -9.64 79.22
C ASN F 229 13.65 -10.41 77.94
N GLN F 230 14.91 -10.73 77.65
CA GLN F 230 15.20 -11.51 76.45
C GLN F 230 14.52 -12.87 76.52
N LEU F 231 14.63 -13.55 77.66
CA LEU F 231 14.00 -14.86 77.79
C LEU F 231 12.48 -14.74 77.76
N VAL F 232 11.94 -13.68 78.35
CA VAL F 232 10.49 -13.48 78.29
C VAL F 232 10.02 -13.28 76.86
N SER F 233 10.74 -12.45 76.10
CA SER F 233 10.39 -12.26 74.70
C SER F 233 10.48 -13.57 73.93
N THR F 234 11.45 -14.41 74.26
CA THR F 234 11.51 -15.74 73.65
C THR F 234 10.26 -16.54 73.97
N ILE F 235 9.83 -16.48 75.24
CA ILE F 235 8.61 -17.18 75.65
C ILE F 235 7.41 -16.69 74.84
N MET F 236 7.29 -15.37 74.71
CA MET F 236 6.14 -14.81 74.00
C MET F 236 6.18 -15.18 72.53
N SER F 237 7.38 -15.19 71.94
CA SER F 237 7.51 -15.63 70.56
C SER F 237 7.06 -17.07 70.42
N ALA F 238 7.41 -17.92 71.38
CA ALA F 238 6.89 -19.28 71.37
C ALA F 238 5.39 -19.28 71.50
N SER F 239 4.82 -18.29 72.20
CA SER F 239 3.39 -18.33 72.49
C SER F 239 2.56 -18.14 71.23
N THR F 240 3.05 -17.35 70.28
CA THR F 240 2.27 -16.91 69.13
C THR F 240 2.56 -17.73 67.89
N THR F 241 3.24 -18.86 68.02
CA THR F 241 3.68 -19.61 66.86
C THR F 241 2.49 -20.16 66.07
N THR F 242 1.58 -20.87 66.74
CA THR F 242 0.47 -21.48 66.02
C THR F 242 -0.46 -20.43 65.44
N LEU F 243 -0.37 -19.20 65.91
CA LEU F 243 -1.15 -18.10 65.38
C LEU F 243 -0.47 -17.47 64.17
N ARG F 244 0.78 -17.09 64.32
CA ARG F 244 1.55 -16.54 63.21
C ARG F 244 1.76 -17.56 62.10
N TYR F 245 2.08 -18.80 62.45
CA TYR F 245 2.28 -19.83 61.44
C TYR F 245 1.05 -20.69 61.28
N PRO F 246 0.41 -20.70 60.11
CA PRO F 246 -0.90 -21.34 59.96
C PRO F 246 -0.84 -22.81 60.30
N GLY F 247 -1.52 -23.22 61.36
CA GLY F 247 -1.65 -24.63 61.67
C GLY F 247 -2.75 -25.36 60.93
N TYR F 248 -3.40 -26.30 61.62
CA TYR F 248 -4.49 -27.09 61.09
C TYR F 248 -5.79 -26.77 61.82
N MET F 249 -5.82 -26.97 63.13
CA MET F 249 -6.96 -26.61 63.95
C MET F 249 -6.51 -25.68 65.05
N ASN F 250 -7.48 -25.05 65.71
CA ASN F 250 -7.21 -24.05 66.75
C ASN F 250 -6.29 -22.96 66.22
N ASN F 251 -6.39 -22.67 64.93
CA ASN F 251 -5.77 -21.49 64.33
C ASN F 251 -6.46 -20.21 64.73
N ASP F 252 -7.49 -20.27 65.56
CA ASP F 252 -8.16 -19.09 66.09
C ASP F 252 -7.80 -18.92 67.55
N LEU F 253 -7.56 -17.66 67.95
CA LEU F 253 -7.21 -17.39 69.34
C LEU F 253 -8.36 -17.71 70.28
N ILE F 254 -9.60 -17.58 69.80
CA ILE F 254 -10.73 -17.86 70.67
C ILE F 254 -10.76 -19.34 71.00
N GLY F 255 -10.56 -20.20 70.01
CA GLY F 255 -10.53 -21.63 70.27
C GLY F 255 -9.40 -22.03 71.19
N LEU F 256 -8.25 -21.37 71.09
CA LEU F 256 -7.16 -21.62 72.02
C LEU F 256 -7.54 -21.23 73.44
N ILE F 257 -8.04 -20.01 73.61
CA ILE F 257 -8.23 -19.47 74.97
C ILE F 257 -9.38 -20.19 75.67
N ALA F 258 -10.51 -20.35 74.97
CA ALA F 258 -11.71 -20.86 75.62
C ALA F 258 -11.55 -22.29 76.13
N SER F 259 -10.58 -23.03 75.59
CA SER F 259 -10.40 -24.41 76.00
C SER F 259 -9.88 -24.53 77.44
N LEU F 260 -9.23 -23.49 77.97
CA LEU F 260 -8.61 -23.57 79.28
C LEU F 260 -9.35 -22.85 80.38
N ILE F 261 -10.35 -22.03 80.06
CA ILE F 261 -11.06 -21.23 81.06
C ILE F 261 -12.50 -21.74 81.13
N PRO F 262 -12.88 -22.45 82.18
CA PRO F 262 -14.25 -22.97 82.24
C PRO F 262 -15.21 -22.00 82.89
N THR F 263 -14.68 -21.02 83.62
CA THR F 263 -15.49 -20.10 84.39
C THR F 263 -15.06 -18.66 84.14
N PRO F 264 -15.99 -17.70 84.27
CA PRO F 264 -15.63 -16.31 83.96
C PRO F 264 -14.91 -15.68 85.14
N ARG F 265 -14.44 -16.52 86.05
CA ARG F 265 -13.66 -16.13 87.21
C ARG F 265 -12.27 -16.72 87.21
N LEU F 266 -12.10 -17.96 86.75
CA LEU F 266 -10.81 -18.62 86.74
C LEU F 266 -10.11 -18.33 85.41
N HIS F 267 -9.42 -17.20 85.35
CA HIS F 267 -8.75 -16.73 84.15
C HIS F 267 -7.26 -16.51 84.42
N PHE F 268 -6.71 -17.28 85.36
CA PHE F 268 -5.31 -17.23 85.74
C PHE F 268 -4.61 -18.46 85.17
N LEU F 269 -3.66 -18.25 84.26
CA LEU F 269 -3.00 -19.33 83.55
C LEU F 269 -1.49 -19.26 83.73
N MET F 270 -0.86 -20.45 83.76
CA MET F 270 0.57 -20.61 83.94
C MET F 270 1.20 -21.06 82.63
N THR F 271 2.52 -20.93 82.56
CA THR F 271 3.26 -21.23 81.33
C THR F 271 4.61 -21.86 81.65
N GLY F 272 5.12 -22.61 80.67
CA GLY F 272 6.47 -23.17 80.74
C GLY F 272 7.07 -23.18 79.35
N TYR F 273 8.39 -23.26 79.31
CA TYR F 273 9.13 -23.28 78.05
C TYR F 273 10.08 -24.46 78.00
N THR F 274 10.24 -25.00 76.80
CA THR F 274 11.14 -26.11 76.53
C THR F 274 11.57 -26.08 75.07
N PRO F 275 12.85 -26.29 74.75
CA PRO F 275 13.99 -26.58 75.63
C PRO F 275 14.52 -25.33 76.30
N LEU F 276 15.13 -25.47 77.48
CA LEU F 276 15.77 -24.32 78.11
C LEU F 276 16.97 -23.90 77.27
N THR F 277 17.12 -22.58 77.10
CA THR F 277 18.15 -22.02 76.24
C THR F 277 19.19 -21.29 77.08
N THR F 278 20.45 -21.52 76.77
CA THR F 278 21.54 -20.86 77.47
C THR F 278 21.84 -19.51 76.81
N ARG F 286 21.35 -35.54 74.45
CA ARG F 286 21.84 -36.10 73.19
C ARG F 286 20.72 -36.15 72.14
N LYS F 287 20.08 -37.30 72.00
CA LYS F 287 18.96 -37.45 71.08
C LYS F 287 17.71 -36.80 71.66
N THR F 288 16.73 -36.56 70.79
CA THR F 288 15.48 -35.91 71.16
C THR F 288 14.30 -36.86 71.07
N THR F 289 13.41 -36.78 72.06
CA THR F 289 12.17 -37.55 72.11
C THR F 289 11.03 -36.64 72.50
N VAL F 290 9.84 -36.91 71.97
CA VAL F 290 8.70 -36.06 72.28
C VAL F 290 8.38 -36.12 73.77
N LEU F 291 8.34 -37.33 74.32
CA LEU F 291 7.90 -37.51 75.70
C LEU F 291 8.77 -36.73 76.68
N ASP F 292 10.09 -36.84 76.53
CA ASP F 292 11.01 -36.30 77.53
C ASP F 292 10.95 -34.78 77.60
N VAL F 293 10.67 -34.13 76.48
CA VAL F 293 10.65 -32.67 76.48
C VAL F 293 9.57 -32.17 77.44
N MET F 294 8.38 -32.73 77.32
CA MET F 294 7.31 -32.34 78.23
C MET F 294 7.46 -32.98 79.61
N ARG F 295 8.19 -34.08 79.73
CA ARG F 295 8.50 -34.56 81.08
C ARG F 295 9.37 -33.55 81.81
N ARG F 296 10.35 -32.97 81.13
CA ARG F 296 11.11 -31.87 81.69
C ARG F 296 10.19 -30.68 81.98
N LEU F 297 9.27 -30.41 81.05
CA LEU F 297 8.32 -29.34 81.25
C LEU F 297 7.43 -29.60 82.46
N LEU F 298 7.36 -30.85 82.90
CA LEU F 298 6.61 -31.29 84.07
C LEU F 298 7.41 -31.14 85.35
N GLN F 299 8.62 -30.58 85.29
CA GLN F 299 9.43 -30.39 86.47
C GLN F 299 9.55 -28.91 86.77
N PRO F 300 9.34 -28.51 88.03
CA PRO F 300 9.38 -27.09 88.37
C PRO F 300 10.80 -26.53 88.41
N LYS F 301 11.55 -26.77 87.35
CA LYS F 301 12.90 -26.26 87.15
C LYS F 301 13.01 -25.37 85.93
N ASN F 302 12.40 -25.78 84.82
CA ASN F 302 12.29 -24.98 83.62
C ASN F 302 10.99 -24.21 83.54
N VAL F 303 10.23 -24.14 84.63
CA VAL F 303 8.97 -23.42 84.65
C VAL F 303 9.22 -22.01 85.15
N MET F 304 8.72 -21.03 84.40
CA MET F 304 8.92 -19.61 84.63
C MET F 304 7.94 -19.03 85.63
N VAL F 305 7.26 -19.85 86.43
CA VAL F 305 6.34 -19.38 87.45
C VAL F 305 6.83 -19.87 88.80
N SER F 306 7.14 -18.91 89.69
CA SER F 306 7.67 -19.22 91.01
C SER F 306 6.47 -19.48 91.92
N THR F 307 5.99 -20.71 91.85
CA THR F 307 4.88 -21.19 92.67
C THR F 307 5.33 -22.48 93.34
N GLY F 308 5.17 -22.54 94.66
CA GLY F 308 5.56 -23.72 95.39
C GLY F 308 4.52 -24.81 95.27
N ARG F 309 4.80 -25.93 95.91
CA ARG F 309 3.92 -27.08 95.90
C ARG F 309 3.44 -27.43 97.29
N ASP F 310 3.05 -26.41 98.05
CA ASP F 310 2.46 -26.65 99.36
C ASP F 310 1.11 -27.32 99.16
N ARG F 311 0.66 -28.04 100.18
CA ARG F 311 -0.58 -28.81 100.07
C ARG F 311 -1.57 -28.26 101.08
N GLN F 312 -2.56 -27.52 100.58
CA GLN F 312 -3.76 -27.19 101.33
C GLN F 312 -4.95 -27.94 100.75
N THR F 313 -5.23 -27.77 99.46
CA THR F 313 -6.03 -28.70 98.69
C THR F 313 -5.19 -29.37 97.61
N ASN F 314 -5.72 -30.45 97.07
CA ASN F 314 -5.06 -31.16 95.97
C ASN F 314 -4.88 -30.19 94.80
N HIS F 315 -3.62 -29.92 94.44
CA HIS F 315 -3.33 -29.04 93.31
C HIS F 315 -3.15 -29.90 92.06
N CYS F 316 -4.12 -29.82 91.17
CA CYS F 316 -4.19 -30.63 89.95
C CYS F 316 -4.34 -29.75 88.74
N TYR F 317 -3.63 -30.08 87.67
CA TYR F 317 -3.76 -29.33 86.43
C TYR F 317 -5.13 -29.61 85.83
N ILE F 318 -5.92 -28.55 85.63
CA ILE F 318 -7.26 -28.72 85.09
C ILE F 318 -7.22 -29.16 83.63
N ALA F 319 -6.40 -28.48 82.82
CA ALA F 319 -6.22 -28.86 81.44
C ALA F 319 -4.87 -28.31 81.00
N ILE F 320 -4.16 -29.09 80.19
CA ILE F 320 -2.84 -28.71 79.70
C ILE F 320 -2.80 -28.79 78.18
N LEU F 321 -2.14 -27.80 77.58
CA LEU F 321 -1.91 -27.75 76.15
C LEU F 321 -0.42 -27.56 75.96
N ASN F 322 0.17 -28.28 75.01
CA ASN F 322 1.57 -28.06 74.68
C ASN F 322 1.71 -27.67 73.22
N ILE F 323 2.44 -26.58 72.97
CA ILE F 323 2.81 -26.16 71.63
C ILE F 323 4.18 -26.71 71.29
N ILE F 324 4.30 -27.32 70.12
CA ILE F 324 5.50 -28.02 69.68
C ILE F 324 6.05 -27.32 68.44
N GLN F 325 7.31 -26.94 68.49
CA GLN F 325 8.00 -26.28 67.38
C GLN F 325 8.95 -27.29 66.75
N GLY F 326 8.74 -27.58 65.47
CA GLY F 326 9.47 -28.63 64.78
C GLY F 326 8.58 -29.82 64.45
N GLU F 327 9.09 -30.67 63.57
CA GLU F 327 8.34 -31.83 63.11
C GLU F 327 8.47 -32.98 64.10
N VAL F 328 7.33 -33.57 64.43
CA VAL F 328 7.28 -34.79 65.26
C VAL F 328 6.15 -35.68 64.73
N ASP F 329 6.44 -36.96 64.58
CA ASP F 329 5.40 -37.88 64.17
C ASP F 329 4.35 -37.98 65.27
N PRO F 330 3.06 -38.05 64.91
CA PRO F 330 2.02 -38.09 65.96
C PRO F 330 2.08 -39.32 66.84
N THR F 331 2.77 -40.38 66.41
CA THR F 331 2.86 -41.58 67.21
C THR F 331 3.62 -41.33 68.51
N GLN F 332 4.76 -40.64 68.42
CA GLN F 332 5.49 -40.27 69.63
C GLN F 332 4.63 -39.40 70.53
N VAL F 333 3.89 -38.47 69.96
CA VAL F 333 2.97 -37.64 70.74
C VAL F 333 2.02 -38.53 71.54
N HIS F 334 1.31 -39.42 70.84
CA HIS F 334 0.28 -40.23 71.49
C HIS F 334 0.88 -41.17 72.53
N LYS F 335 2.04 -41.76 72.21
CA LYS F 335 2.68 -42.64 73.17
C LYS F 335 3.13 -41.89 74.43
N SER F 336 3.64 -40.67 74.25
CA SER F 336 4.00 -39.84 75.40
C SER F 336 2.75 -39.55 76.22
N LEU F 337 1.66 -39.19 75.55
CA LEU F 337 0.40 -38.97 76.25
C LEU F 337 0.02 -40.18 77.10
N GLN F 338 0.02 -41.37 76.49
CA GLN F 338 -0.45 -42.56 77.18
C GLN F 338 0.47 -42.90 78.34
N ARG F 339 1.79 -42.78 78.13
CA ARG F 339 2.74 -43.11 79.18
C ARG F 339 2.61 -42.13 80.34
N ILE F 340 2.44 -40.84 80.06
CA ILE F 340 2.28 -39.86 81.13
C ILE F 340 0.99 -40.14 81.89
N ARG F 341 -0.09 -40.44 81.16
CA ARG F 341 -1.37 -40.68 81.83
C ARG F 341 -1.32 -41.94 82.68
N GLU F 342 -0.56 -42.95 82.25
CA GLU F 342 -0.29 -44.08 83.12
C GLU F 342 0.50 -43.61 84.34
N ARG F 343 1.49 -42.74 84.11
CA ARG F 343 2.27 -42.16 85.19
C ARG F 343 1.46 -41.14 85.98
N LYS F 344 0.36 -40.65 85.43
CA LYS F 344 -0.47 -39.67 86.13
C LYS F 344 0.40 -38.49 86.53
N LEU F 345 1.27 -38.08 85.60
CA LEU F 345 2.07 -36.88 85.76
C LEU F 345 1.24 -35.61 85.70
N ALA F 346 -0.02 -35.69 85.29
CA ALA F 346 -0.92 -34.53 85.35
C ALA F 346 -2.21 -34.94 86.01
N ASN F 347 -2.43 -34.44 87.23
CA ASN F 347 -3.62 -34.79 87.98
C ASN F 347 -4.82 -34.12 87.32
N PHE F 348 -5.96 -34.77 87.42
CA PHE F 348 -7.19 -34.27 86.83
C PHE F 348 -8.24 -34.06 87.90
N ILE F 349 -9.17 -33.16 87.61
CA ILE F 349 -10.28 -32.83 88.51
C ILE F 349 -11.14 -34.08 88.61
N PRO F 350 -11.96 -34.22 89.66
CA PRO F 350 -12.71 -35.47 89.84
C PRO F 350 -13.55 -35.86 88.63
N TRP F 351 -13.74 -34.97 87.68
CA TRP F 351 -14.47 -35.25 86.45
C TRP F 351 -13.63 -34.83 85.26
N GLY F 352 -12.35 -35.19 85.30
CA GLY F 352 -11.39 -34.72 84.33
C GLY F 352 -11.88 -34.79 82.91
N PRO F 353 -12.08 -33.63 82.29
CA PRO F 353 -12.75 -33.57 80.98
C PRO F 353 -11.79 -33.60 79.80
N ALA F 354 -10.49 -33.41 80.02
CA ALA F 354 -9.54 -33.34 78.92
C ALA F 354 -8.15 -33.63 79.44
N SER F 355 -7.33 -34.22 78.58
CA SER F 355 -5.92 -34.43 78.83
C SER F 355 -5.09 -33.31 78.19
N ILE F 356 -3.77 -33.51 78.18
CA ILE F 356 -2.85 -32.60 77.50
C ILE F 356 -3.12 -32.68 76.00
N GLN F 357 -3.72 -31.63 75.43
CA GLN F 357 -3.83 -31.55 73.99
C GLN F 357 -2.57 -30.99 73.33
N VAL F 358 -2.12 -31.68 72.28
CA VAL F 358 -0.87 -31.38 71.60
C VAL F 358 -1.16 -30.41 70.47
N ALA F 359 -0.18 -29.56 70.14
CA ALA F 359 -0.30 -28.65 69.00
C ALA F 359 1.01 -28.67 68.23
N LEU F 360 1.06 -29.37 67.10
CA LEU F 360 2.28 -29.44 66.28
C LEU F 360 2.28 -28.29 65.30
N SER F 361 3.32 -27.46 65.32
CA SER F 361 3.44 -26.30 64.46
C SER F 361 4.69 -26.36 63.59
N ARG F 362 4.58 -25.86 62.36
CA ARG F 362 5.71 -25.81 61.44
C ARG F 362 6.70 -24.75 61.90
N LYS F 363 7.99 -25.06 61.77
CA LYS F 363 9.04 -24.16 62.21
C LYS F 363 9.37 -23.14 61.12
N SER F 364 9.65 -21.91 61.55
CA SER F 364 9.97 -20.84 60.62
C SER F 364 11.36 -21.04 60.01
N PRO F 365 11.49 -21.02 58.68
CA PRO F 365 12.82 -21.23 58.08
C PRO F 365 13.68 -19.99 58.10
N TYR F 366 13.13 -18.83 58.45
CA TYR F 366 13.88 -17.59 58.52
C TYR F 366 14.67 -17.45 59.82
N LEU F 367 14.53 -18.40 60.74
CA LEU F 367 15.32 -18.43 61.97
C LEU F 367 16.32 -19.56 61.94
N PRO F 368 17.45 -19.42 62.64
CA PRO F 368 18.45 -20.50 62.66
C PRO F 368 17.89 -21.72 63.37
N SER F 369 17.82 -22.83 62.64
CA SER F 369 17.29 -24.07 63.18
C SER F 369 18.26 -24.66 64.19
N ALA F 370 17.87 -24.65 65.47
CA ALA F 370 18.71 -25.19 66.52
C ALA F 370 17.95 -26.12 67.46
N HIS F 371 16.65 -26.30 67.24
CA HIS F 371 15.82 -27.16 68.07
C HIS F 371 14.79 -27.80 67.14
N ARG F 372 15.00 -29.07 66.82
CA ARG F 372 13.93 -29.84 66.21
C ARG F 372 12.77 -30.03 67.17
N VAL F 373 13.06 -30.09 68.47
CA VAL F 373 12.04 -30.21 69.50
C VAL F 373 12.16 -29.02 70.42
N SER F 374 11.16 -28.14 70.35
CA SER F 374 11.03 -27.04 71.31
C SER F 374 9.56 -26.92 71.66
N GLY F 375 9.26 -26.87 72.94
CA GLY F 375 7.88 -26.87 73.40
C GLY F 375 7.68 -25.91 74.54
N LEU F 376 6.46 -25.38 74.62
CA LEU F 376 6.09 -24.44 75.65
C LEU F 376 4.79 -24.87 76.30
N MET F 377 4.70 -24.68 77.60
CA MET F 377 3.67 -25.27 78.42
C MET F 377 2.53 -24.27 78.58
N MET F 378 1.30 -24.76 78.45
CA MET F 378 0.13 -23.97 78.79
C MET F 378 -0.75 -24.81 79.70
N ALA F 379 -1.11 -24.25 80.85
CA ALA F 379 -1.91 -25.01 81.80
C ALA F 379 -2.62 -24.06 82.75
N ASN F 380 -3.62 -24.62 83.45
CA ASN F 380 -4.23 -23.99 84.59
C ASN F 380 -4.03 -24.90 85.80
N HIS F 381 -3.47 -24.36 86.87
CA HIS F 381 -3.13 -25.15 88.04
C HIS F 381 -3.25 -24.27 89.28
N THR F 382 -4.01 -24.74 90.25
CA THR F 382 -4.41 -23.90 91.38
C THR F 382 -3.24 -23.51 92.26
N SER F 383 -2.07 -24.13 92.11
CA SER F 383 -0.94 -23.74 92.93
C SER F 383 -0.58 -22.27 92.78
N ILE F 384 -0.92 -21.65 91.65
CA ILE F 384 -0.63 -20.23 91.50
C ILE F 384 -1.36 -19.42 92.56
N SER F 385 -2.48 -19.95 93.06
CA SER F 385 -3.20 -19.31 94.15
C SER F 385 -2.31 -19.12 95.37
N SER F 386 -1.35 -20.02 95.55
CA SER F 386 -0.40 -19.86 96.64
C SER F 386 0.39 -18.58 96.46
N LEU F 387 0.83 -18.29 95.24
CA LEU F 387 1.58 -17.06 95.06
C LEU F 387 0.69 -15.87 95.41
N PHE F 388 -0.60 -15.96 95.05
CA PHE F 388 -1.55 -14.96 95.51
C PHE F 388 -1.55 -14.92 97.03
N GLU F 389 -1.69 -16.10 97.65
CA GLU F 389 -1.61 -16.16 99.10
C GLU F 389 -0.27 -15.65 99.57
N SER F 390 0.80 -16.04 98.88
CA SER F 390 2.12 -15.50 99.20
C SER F 390 2.08 -13.98 99.19
N SER F 391 1.37 -13.42 98.22
CA SER F 391 1.16 -11.98 98.22
C SER F 391 0.11 -11.59 99.24
N CYS F 392 -0.96 -12.38 99.36
CA CYS F 392 -2.03 -11.99 100.28
C CYS F 392 -1.51 -11.93 101.70
N GLN F 393 -0.74 -12.95 102.13
CA GLN F 393 -0.11 -12.87 103.43
C GLN F 393 0.82 -11.68 103.50
N GLN F 394 1.50 -11.40 102.39
CA GLN F 394 2.31 -10.20 102.28
C GLN F 394 1.42 -8.98 102.43
N TYR F 395 0.26 -9.01 101.79
CA TYR F 395 -0.67 -7.91 101.94
C TYR F 395 -1.16 -7.86 103.38
N ASP F 396 -1.51 -9.03 103.95
CA ASP F 396 -2.11 -9.00 105.28
C ASP F 396 -1.12 -8.42 106.28
N LYS F 397 0.13 -8.87 106.23
CA LYS F 397 1.18 -8.26 107.04
C LYS F 397 1.32 -6.79 106.70
N LEU F 398 1.27 -6.46 105.41
CA LEU F 398 1.23 -5.07 105.00
C LEU F 398 -0.03 -4.39 105.52
N ARG F 399 -1.17 -5.08 105.47
CA ARG F 399 -2.41 -4.47 105.92
C ARG F 399 -2.38 -4.26 107.42
N LYS F 400 -1.87 -5.25 108.16
CA LYS F 400 -1.88 -5.18 109.61
C LYS F 400 -0.83 -4.22 110.14
N ARG F 401 0.12 -3.79 109.30
CA ARG F 401 1.06 -2.76 109.71
C ARG F 401 0.37 -1.43 109.94
N GLU F 402 -0.80 -1.21 109.36
CA GLU F 402 -1.45 0.09 109.42
C GLU F 402 -0.51 1.18 108.91
N ALA F 403 0.27 0.85 107.88
CA ALA F 403 1.25 1.78 107.34
C ALA F 403 1.21 1.77 105.82
N PHE F 404 1.98 2.70 105.24
CA PHE F 404 2.10 2.92 103.81
C PHE F 404 0.80 3.33 103.14
N LEU F 405 -0.20 3.76 103.92
CA LEU F 405 -1.39 4.37 103.35
C LEU F 405 -1.32 5.90 103.25
N GLU F 406 -0.28 6.51 103.83
CA GLU F 406 -0.14 7.97 103.70
C GLU F 406 0.09 8.41 102.26
N GLN F 407 0.71 7.56 101.44
CA GLN F 407 0.88 7.89 100.03
C GLN F 407 -0.46 8.03 99.32
N PHE F 408 -1.39 7.10 99.58
CA PHE F 408 -2.73 7.24 99.02
C PHE F 408 -3.50 8.37 99.68
N ARG F 409 -3.21 8.67 100.95
CA ARG F 409 -3.92 9.77 101.61
C ARG F 409 -3.48 11.12 101.07
N LYS F 410 -2.24 11.22 100.61
CA LYS F 410 -1.81 12.46 99.97
C LYS F 410 -2.66 12.72 98.72
N GLU F 411 -2.88 11.69 97.92
CA GLU F 411 -3.85 11.74 96.83
C GLU F 411 -5.26 11.55 97.38
N ASP F 412 -6.24 11.74 96.51
CA ASP F 412 -7.63 11.56 96.90
C ASP F 412 -8.20 10.22 96.47
N ILE F 413 -7.40 9.37 95.83
CA ILE F 413 -7.91 8.06 95.45
C ILE F 413 -8.20 7.23 96.69
N PHE F 414 -7.30 7.28 97.67
CA PHE F 414 -7.48 6.63 98.97
C PHE F 414 -7.17 7.69 100.02
N LYS F 415 -8.16 8.53 100.30
CA LYS F 415 -8.04 9.49 101.39
C LYS F 415 -9.34 9.59 102.18
N GLU F 416 -10.35 8.80 101.84
CA GLU F 416 -11.63 8.76 102.52
C GLU F 416 -11.87 7.42 103.20
N ASN F 417 -11.70 6.33 102.45
CA ASN F 417 -11.78 4.99 102.98
C ASN F 417 -10.89 4.07 102.16
N PHE F 418 -10.16 3.19 102.83
CA PHE F 418 -9.36 2.18 102.16
C PHE F 418 -10.15 0.89 101.96
N ASP F 419 -11.47 0.97 102.12
CA ASP F 419 -12.32 -0.22 102.04
C ASP F 419 -12.17 -0.94 100.71
N GLU F 420 -11.87 -0.20 99.63
CA GLU F 420 -11.66 -0.84 98.33
C GLU F 420 -10.51 -1.84 98.39
N LEU F 421 -9.42 -1.46 99.06
CA LEU F 421 -8.31 -2.38 99.32
C LEU F 421 -8.78 -3.67 99.98
N ASP F 422 -9.69 -3.57 100.94
CA ASP F 422 -10.30 -4.76 101.53
C ASP F 422 -11.18 -5.50 100.54
N ARG F 423 -12.02 -4.81 99.79
CA ARG F 423 -12.90 -5.50 98.87
C ARG F 423 -12.09 -6.31 97.86
N SER F 424 -11.06 -5.71 97.29
CA SER F 424 -10.12 -6.45 96.46
C SER F 424 -9.56 -7.67 97.17
N ARG F 425 -9.03 -7.48 98.39
CA ARG F 425 -8.49 -8.63 99.11
C ARG F 425 -9.55 -9.71 99.28
N GLU F 426 -10.81 -9.30 99.43
CA GLU F 426 -11.91 -10.24 99.54
C GLU F 426 -12.04 -11.03 98.25
N VAL F 427 -12.12 -10.33 97.13
CA VAL F 427 -12.42 -10.98 95.86
C VAL F 427 -11.31 -11.97 95.53
N VAL F 428 -10.06 -11.53 95.67
CA VAL F 428 -8.90 -12.40 95.49
C VAL F 428 -8.99 -13.62 96.40
N GLN F 429 -9.31 -13.41 97.67
CA GLN F 429 -9.54 -14.52 98.59
C GLN F 429 -10.60 -15.49 98.06
N GLU F 430 -11.75 -14.97 97.66
CA GLU F 430 -12.76 -15.77 97.00
C GLU F 430 -12.17 -16.57 95.83
N LEU F 431 -11.43 -15.91 94.97
CA LEU F 431 -10.75 -16.59 93.87
C LEU F 431 -9.91 -17.77 94.37
N ILE F 432 -9.05 -17.53 95.35
CA ILE F 432 -8.23 -18.60 95.92
C ILE F 432 -9.11 -19.74 96.41
N ASP F 433 -10.14 -19.41 97.18
CA ASP F 433 -11.02 -20.45 97.69
C ASP F 433 -11.63 -21.22 96.54
N GLU F 434 -12.05 -20.52 95.49
CA GLU F 434 -12.64 -21.19 94.34
C GLU F 434 -11.65 -22.15 93.72
N TYR F 435 -10.38 -21.75 93.68
CA TYR F 435 -9.34 -22.64 93.17
C TYR F 435 -9.27 -23.91 94.00
N HIS F 436 -9.32 -23.75 95.33
CA HIS F 436 -9.32 -24.91 96.22
C HIS F 436 -10.57 -25.75 96.06
N ALA F 437 -11.70 -25.12 95.71
CA ALA F 437 -12.96 -25.79 95.45
C ALA F 437 -13.02 -26.48 94.09
N ALA F 438 -12.13 -26.12 93.16
CA ALA F 438 -12.20 -26.70 91.83
C ALA F 438 -11.95 -28.20 91.87
N THR F 439 -10.97 -28.64 92.65
CA THR F 439 -10.61 -30.04 92.73
C THR F 439 -11.57 -30.86 93.59
N ARG F 440 -12.64 -30.24 94.10
CA ARG F 440 -13.58 -30.94 94.97
C ARG F 440 -14.96 -31.00 94.33
N MET G 1 -14.20 19.77 20.00
CA MET G 1 -12.94 20.52 20.29
C MET G 1 -12.37 20.13 21.65
N PRO G 2 -11.04 20.13 21.76
CA PRO G 2 -10.41 19.88 23.06
C PRO G 2 -10.57 21.04 24.03
N ARG G 3 -11.44 20.87 25.02
CA ARG G 3 -11.67 21.94 25.98
C ARG G 3 -10.46 22.05 26.89
N GLU G 4 -10.10 23.28 27.24
CA GLU G 4 -8.95 23.54 28.09
C GLU G 4 -9.41 23.77 29.52
N ILE G 5 -8.43 23.93 30.42
CA ILE G 5 -8.67 24.36 31.80
C ILE G 5 -7.63 25.39 32.16
N ILE G 6 -8.07 26.51 32.73
CA ILE G 6 -7.20 27.62 33.10
C ILE G 6 -6.86 27.50 34.57
N THR G 7 -5.58 27.63 34.89
CA THR G 7 -5.06 27.49 36.25
C THR G 7 -4.92 28.85 36.91
N LEU G 8 -5.44 28.99 38.12
CA LEU G 8 -5.37 30.24 38.87
C LEU G 8 -4.53 30.02 40.14
N GLN G 9 -3.30 30.51 40.11
CA GLN G 9 -2.37 30.41 41.24
C GLN G 9 -2.51 31.65 42.11
N LEU G 10 -3.00 31.48 43.34
CA LEU G 10 -3.29 32.60 44.22
C LEU G 10 -2.65 32.39 45.59
N GLY G 11 -2.07 33.46 46.13
CA GLY G 11 -1.46 33.41 47.45
C GLY G 11 -0.11 32.73 47.40
N GLN G 12 0.66 32.88 48.47
CA GLN G 12 1.97 32.24 48.50
C GLN G 12 1.84 30.73 48.38
N CYS G 13 0.94 30.14 49.17
CA CYS G 13 0.81 28.69 49.14
C CYS G 13 0.17 28.23 47.85
N GLY G 14 -0.84 28.96 47.36
CA GLY G 14 -1.49 28.55 46.14
C GLY G 14 -0.56 28.63 44.94
N ASN G 15 0.23 29.70 44.88
CA ASN G 15 1.22 29.81 43.81
C ASN G 15 2.24 28.68 43.90
N GLN G 16 2.72 28.38 45.11
CA GLN G 16 3.67 27.28 45.28
C GLN G 16 3.08 25.97 44.76
N ILE G 17 1.85 25.66 45.17
CA ILE G 17 1.27 24.37 44.81
C ILE G 17 0.93 24.35 43.32
N GLY G 18 0.56 25.50 42.77
CA GLY G 18 0.32 25.56 41.33
C GLY G 18 1.57 25.28 40.54
N PHE G 19 2.70 25.85 40.97
CA PHE G 19 3.96 25.54 40.31
C PHE G 19 4.28 24.07 40.45
N GLU G 20 4.04 23.50 41.63
CA GLU G 20 4.27 22.06 41.80
C GLU G 20 3.44 21.25 40.80
N PHE G 21 2.16 21.61 40.66
CA PHE G 21 1.30 20.94 39.70
C PHE G 21 1.81 21.08 38.28
N TRP G 22 2.23 22.28 37.91
CA TRP G 22 2.66 22.51 36.53
C TRP G 22 3.95 21.75 36.24
N LYS G 23 4.88 21.72 37.19
CA LYS G 23 6.07 20.91 37.02
C LYS G 23 5.73 19.43 36.92
N GLN G 24 4.75 18.98 37.70
CA GLN G 24 4.32 17.59 37.61
C GLN G 24 3.78 17.29 36.22
N LEU G 25 2.97 18.20 35.68
CA LEU G 25 2.45 18.02 34.34
C LEU G 25 3.58 17.98 33.32
N CYS G 26 4.55 18.88 33.45
CA CYS G 26 5.69 18.89 32.53
C CYS G 26 6.42 17.56 32.59
N ALA G 27 6.60 17.03 33.79
CA ALA G 27 7.27 15.74 33.94
C ALA G 27 6.47 14.65 33.26
N GLU G 28 5.15 14.68 33.44
CA GLU G 28 4.31 13.64 32.85
C GLU G 28 4.39 13.70 31.33
N HIS G 29 4.27 14.89 30.75
CA HIS G 29 4.24 14.97 29.31
C HIS G 29 5.60 14.69 28.70
N GLY G 30 6.66 14.72 29.50
CA GLY G 30 8.00 14.52 28.97
C GLY G 30 8.59 15.67 28.18
N ILE G 31 8.20 16.90 28.46
CA ILE G 31 8.70 18.04 27.69
C ILE G 31 9.88 18.66 28.43
N SER G 32 10.64 19.47 27.69
CA SER G 32 11.78 20.17 28.26
C SER G 32 11.30 21.26 29.21
N PRO G 33 12.17 21.72 30.11
CA PRO G 33 11.78 22.82 31.00
C PRO G 33 11.45 24.10 30.26
N GLU G 34 11.80 24.19 28.98
CA GLU G 34 11.49 25.36 28.18
C GLU G 34 10.15 25.22 27.47
N GLY G 35 9.54 24.05 27.55
CA GLY G 35 8.28 23.78 26.88
C GLY G 35 8.42 23.33 25.45
N ILE G 36 9.63 23.03 24.99
CA ILE G 36 9.83 22.49 23.65
C ILE G 36 9.69 20.97 23.69
N VAL G 37 9.21 20.43 22.58
CA VAL G 37 8.93 18.99 22.53
C VAL G 37 10.24 18.22 22.64
N GLU G 38 10.13 16.96 23.04
CA GLU G 38 11.25 16.06 23.16
C GLU G 38 11.05 14.85 22.25
N GLU G 39 12.11 14.06 22.10
CA GLU G 39 12.04 12.82 21.36
C GLU G 39 11.24 11.75 22.08
N PHE G 40 10.87 11.99 23.34
CA PHE G 40 10.11 11.06 24.14
C PHE G 40 8.94 11.76 24.81
N ALA G 41 8.30 12.69 24.09
CA ALA G 41 7.17 13.42 24.64
C ALA G 41 6.00 13.40 23.67
N THR G 42 6.29 13.38 22.37
CA THR G 42 5.26 13.49 21.35
C THR G 42 5.01 12.19 20.60
N GLU G 43 5.83 11.16 20.82
CA GLU G 43 5.63 9.89 20.15
C GLU G 43 4.62 8.99 20.86
N GLY G 44 4.10 9.41 22.01
CA GLY G 44 3.15 8.63 22.76
C GLY G 44 1.70 8.95 22.42
N THR G 45 0.82 8.61 23.36
CA THR G 45 -0.62 8.78 23.22
C THR G 45 -1.19 9.86 24.12
N ASP G 46 -0.45 10.31 25.14
CA ASP G 46 -0.97 11.31 26.05
C ASP G 46 -1.30 12.59 25.31
N ARG G 47 -2.51 13.10 25.55
CA ARG G 47 -3.00 14.30 24.89
C ARG G 47 -2.53 15.51 25.71
N LYS G 48 -1.60 16.26 25.14
CA LYS G 48 -1.02 17.41 25.81
C LYS G 48 -1.66 18.70 25.36
N ASP G 49 -2.75 18.61 24.60
CA ASP G 49 -3.53 19.77 24.19
C ASP G 49 -4.73 20.01 25.09
N VAL G 50 -4.62 19.67 26.37
CA VAL G 50 -5.71 19.85 27.32
C VAL G 50 -5.34 20.87 28.39
N PHE G 51 -4.09 20.86 28.86
CA PHE G 51 -3.63 21.85 29.82
C PHE G 51 -2.56 22.75 29.24
N PHE G 52 -1.85 22.30 28.21
CA PHE G 52 -0.87 23.09 27.48
C PHE G 52 -1.39 23.31 26.07
N TYR G 53 -1.27 24.52 25.56
CA TYR G 53 -1.62 24.78 24.18
C TYR G 53 -0.39 24.65 23.30
N GLN G 54 -0.56 23.96 22.17
CA GLN G 54 0.53 23.79 21.23
C GLN G 54 0.83 25.11 20.52
N ALA G 55 2.11 25.44 20.41
CA ALA G 55 2.52 26.67 19.75
C ALA G 55 2.76 26.37 18.27
N ASP G 56 3.41 27.30 17.57
CA ASP G 56 3.85 27.06 16.21
C ASP G 56 5.26 26.49 16.15
N ASP G 57 5.92 26.36 17.30
CA ASP G 57 7.26 25.81 17.39
C ASP G 57 7.29 24.66 18.38
N GLU G 58 6.22 23.87 18.40
CA GLU G 58 6.13 22.72 19.30
C GLU G 58 6.23 23.13 20.76
N HIS G 59 5.85 24.36 21.08
CA HIS G 59 5.85 24.81 22.46
C HIS G 59 4.46 24.59 23.03
N TYR G 60 4.34 23.59 23.91
CA TYR G 60 3.17 23.39 24.76
C TYR G 60 3.18 24.41 25.90
N ILE G 61 2.73 25.62 25.59
CA ILE G 61 2.76 26.66 26.63
C ILE G 61 1.63 26.37 27.61
N PRO G 62 1.89 26.36 28.91
CA PRO G 62 0.82 26.03 29.85
C PRO G 62 -0.34 27.00 29.77
N ARG G 63 -1.54 26.47 29.98
CA ARG G 63 -2.74 27.31 30.13
C ARG G 63 -2.90 27.62 31.61
N ALA G 64 -2.00 28.47 32.10
CA ALA G 64 -1.97 28.89 33.50
C ALA G 64 -1.65 30.37 33.56
N VAL G 65 -2.11 31.03 34.62
CA VAL G 65 -1.77 32.43 34.85
C VAL G 65 -1.29 32.61 36.29
N LEU G 66 -0.28 33.46 36.46
CA LEU G 66 0.37 33.72 37.73
C LEU G 66 -0.10 35.08 38.26
N LEU G 67 -0.80 35.07 39.39
CA LEU G 67 -1.27 36.30 40.02
C LEU G 67 -0.84 36.34 41.48
N ASP G 68 -0.42 37.51 41.95
CA ASP G 68 -0.03 37.68 43.33
C ASP G 68 -0.10 39.16 43.69
N LEU G 69 -0.26 39.43 44.98
CA LEU G 69 -0.19 40.78 45.53
C LEU G 69 1.17 41.11 46.13
N GLU G 70 2.15 40.22 46.01
CA GLU G 70 3.51 40.50 46.40
C GLU G 70 4.40 39.84 45.36
N PRO G 71 5.35 40.58 44.77
CA PRO G 71 6.11 40.04 43.63
C PRO G 71 7.23 39.09 44.01
N ARG G 72 7.52 38.90 45.30
CA ARG G 72 8.67 38.09 45.68
C ARG G 72 8.50 36.65 45.24
N VAL G 73 7.31 36.08 45.45
CA VAL G 73 7.06 34.72 45.01
C VAL G 73 7.13 34.64 43.49
N ILE G 74 6.65 35.69 42.83
CA ILE G 74 6.73 35.74 41.37
C ILE G 74 8.18 35.71 40.91
N HIS G 75 9.04 36.50 41.56
CA HIS G 75 10.45 36.48 41.20
C HIS G 75 11.07 35.12 41.47
N SER G 76 10.73 34.50 42.60
CA SER G 76 11.27 33.18 42.90
C SER G 76 10.87 32.16 41.84
N ILE G 77 9.60 32.18 41.43
CA ILE G 77 9.15 31.28 40.37
C ILE G 77 9.88 31.58 39.07
N LEU G 78 10.12 32.85 38.79
CA LEU G 78 10.87 33.22 37.60
C LEU G 78 12.28 32.64 37.64
N ASN G 79 12.91 32.66 38.83
CA ASN G 79 14.24 32.10 38.97
C ASN G 79 14.28 30.64 38.61
N SER G 80 13.14 29.94 38.68
CA SER G 80 13.10 28.55 38.29
C SER G 80 13.43 28.44 36.80
N PRO G 81 14.07 27.34 36.39
CA PRO G 81 14.30 27.13 34.94
C PRO G 81 13.04 26.75 34.19
N TYR G 82 11.88 26.70 34.86
CA TYR G 82 10.60 26.51 34.22
C TYR G 82 9.89 27.82 33.94
N ALA G 83 10.56 28.94 34.14
CA ALA G 83 10.06 30.21 33.63
C ALA G 83 9.96 30.19 32.12
N LYS G 84 10.87 29.47 31.44
CA LYS G 84 10.77 29.32 30.00
C LYS G 84 9.54 28.53 29.57
N LEU G 85 8.95 27.73 30.47
CA LEU G 85 7.73 27.02 30.12
C LEU G 85 6.60 27.98 29.81
N TYR G 86 6.48 29.05 30.60
CA TYR G 86 5.34 29.95 30.52
C TYR G 86 5.69 31.15 29.63
N ASN G 87 4.63 31.75 29.04
CA ASN G 87 4.85 33.04 28.39
C ASN G 87 4.74 34.19 29.38
N PRO G 88 5.46 35.29 29.12
CA PRO G 88 5.32 36.48 29.98
C PRO G 88 3.91 37.04 30.00
N GLU G 89 3.18 36.93 28.88
CA GLU G 89 1.78 37.30 28.88
C GLU G 89 1.00 36.45 29.86
N ASN G 90 1.45 35.22 30.09
CA ASN G 90 0.83 34.32 31.05
C ASN G 90 1.17 34.69 32.49
N ILE G 91 2.02 35.68 32.69
CA ILE G 91 2.51 36.05 34.02
C ILE G 91 2.16 37.51 34.26
N TYR G 92 1.58 37.79 35.42
CA TYR G 92 1.34 39.15 35.89
C TYR G 92 2.17 39.37 37.14
N LEU G 93 2.90 40.47 37.18
CA LEU G 93 3.74 40.83 38.30
C LEU G 93 2.95 41.66 39.32
N SER G 94 3.07 41.29 40.59
CA SER G 94 2.33 41.99 41.63
C SER G 94 2.74 43.45 41.65
N GLU G 95 1.75 44.33 41.65
CA GLU G 95 1.96 45.75 41.85
C GLU G 95 1.64 46.17 43.27
N HIS G 96 1.37 45.19 44.14
CA HIS G 96 1.12 45.41 45.55
C HIS G 96 2.30 44.86 46.35
N GLY G 97 2.47 45.40 47.55
CA GLY G 97 3.59 45.02 48.41
C GLY G 97 3.07 44.27 49.64
N GLY G 98 3.83 43.27 50.06
CA GLY G 98 3.46 42.50 51.23
C GLY G 98 2.16 41.75 51.08
N GLY G 99 1.77 41.44 49.85
CA GLY G 99 0.50 40.77 49.63
C GLY G 99 -0.65 41.61 50.14
N ALA G 100 -1.56 40.96 50.87
CA ALA G 100 -2.69 41.64 51.51
C ALA G 100 -2.66 41.50 53.02
N GLY G 101 -1.49 41.20 53.59
CA GLY G 101 -1.43 40.95 55.01
C GLY G 101 -2.18 39.72 55.45
N ASN G 102 -2.46 38.80 54.53
CA ASN G 102 -3.27 37.62 54.83
C ASN G 102 -4.60 38.03 55.46
N ASN G 103 -5.30 38.93 54.77
CA ASN G 103 -6.63 39.37 55.17
C ASN G 103 -7.60 39.12 54.03
N TRP G 104 -8.73 38.50 54.34
CA TRP G 104 -9.75 38.29 53.31
C TRP G 104 -10.22 39.62 52.76
N ALA G 105 -10.49 40.58 53.64
CA ALA G 105 -10.98 41.88 53.18
C ALA G 105 -9.96 42.57 52.30
N SER G 106 -8.69 42.54 52.70
CA SER G 106 -7.65 43.20 51.91
C SER G 106 -7.51 42.55 50.54
N GLY G 107 -7.44 41.22 50.49
CA GLY G 107 -7.33 40.55 49.21
C GLY G 107 -8.53 40.77 48.31
N PHE G 108 -9.74 40.75 48.90
CA PHE G 108 -10.95 41.01 48.12
C PHE G 108 -10.94 42.41 47.54
N SER G 109 -10.59 43.40 48.38
CA SER G 109 -10.54 44.79 47.91
C SER G 109 -9.49 44.98 46.83
N GLN G 110 -8.32 44.36 46.99
CA GLN G 110 -7.27 44.52 45.99
C GLN G 110 -7.65 43.84 44.69
N GLY G 111 -8.29 42.68 44.76
CA GLY G 111 -8.83 42.06 43.57
C GLY G 111 -9.89 42.90 42.90
N GLU G 112 -10.69 43.61 43.70
CA GLU G 112 -11.62 44.57 43.12
C GLU G 112 -10.86 45.69 42.40
N LYS G 113 -9.75 46.13 42.99
CA LYS G 113 -8.96 47.19 42.37
C LYS G 113 -8.37 46.73 41.04
N ILE G 114 -7.99 45.45 40.93
CA ILE G 114 -7.31 44.96 39.74
C ILE G 114 -8.32 44.26 38.84
N HIS G 115 -9.59 44.65 38.95
CA HIS G 115 -10.65 43.95 38.23
C HIS G 115 -10.24 43.71 36.78
N GLU G 116 -10.04 44.78 36.02
CA GLU G 116 -9.78 44.61 34.60
C GLU G 116 -8.33 44.26 34.33
N ASP G 117 -7.41 44.62 35.22
CA ASP G 117 -6.01 44.28 34.96
C ASP G 117 -5.80 42.78 34.96
N ILE G 118 -6.77 42.03 35.50
CA ILE G 118 -6.81 40.58 35.40
C ILE G 118 -7.82 40.15 34.34
N PHE G 119 -8.89 40.93 34.18
CA PHE G 119 -9.92 40.56 33.22
C PHE G 119 -9.36 40.54 31.81
N ASP G 120 -8.52 41.52 31.46
CA ASP G 120 -7.91 41.55 30.14
C ASP G 120 -7.10 40.29 29.90
N ILE G 121 -6.28 39.91 30.87
CA ILE G 121 -5.43 38.74 30.71
C ILE G 121 -6.28 37.49 30.58
N ILE G 122 -7.32 37.38 31.40
CA ILE G 122 -8.14 36.17 31.38
C ILE G 122 -8.91 36.07 30.08
N ASP G 123 -9.40 37.20 29.58
CA ASP G 123 -10.11 37.19 28.30
C ASP G 123 -9.16 36.85 27.16
N ARG G 124 -7.93 37.36 27.21
CA ARG G 124 -6.93 37.01 26.21
C ARG G 124 -6.66 35.51 26.21
N GLU G 125 -6.46 34.95 27.40
CA GLU G 125 -6.17 33.53 27.48
C GLU G 125 -7.37 32.70 27.06
N ALA G 126 -8.57 33.21 27.30
CA ALA G 126 -9.79 32.49 26.92
C ALA G 126 -9.97 32.49 25.41
N ASP G 127 -10.04 33.68 24.81
CA ASP G 127 -10.28 33.77 23.38
C ASP G 127 -9.10 33.27 22.57
N GLY G 128 -7.93 33.09 23.19
CA GLY G 128 -6.87 32.38 22.52
C GLY G 128 -7.14 30.91 22.33
N SER G 129 -8.15 30.36 22.99
CA SER G 129 -8.54 28.96 22.85
C SER G 129 -9.92 28.88 22.20
N ASP G 130 -10.13 27.79 21.44
CA ASP G 130 -11.42 27.59 20.81
C ASP G 130 -12.51 27.40 21.86
N SER G 131 -12.38 26.37 22.69
CA SER G 131 -13.38 26.06 23.69
C SER G 131 -12.69 25.65 24.98
N LEU G 132 -13.25 26.07 26.10
CA LEU G 132 -12.73 25.79 27.43
C LEU G 132 -13.74 24.96 28.19
N GLU G 133 -13.29 23.87 28.80
CA GLU G 133 -14.19 23.09 29.65
C GLU G 133 -14.49 23.87 30.93
N GLY G 134 -13.49 24.53 31.50
CA GLY G 134 -13.71 25.25 32.73
C GLY G 134 -12.44 25.84 33.28
N PHE G 135 -12.49 26.13 34.58
CA PHE G 135 -11.48 26.87 35.31
C PHE G 135 -10.95 25.98 36.42
N VAL G 136 -9.66 26.15 36.74
CA VAL G 136 -9.07 25.54 37.93
C VAL G 136 -8.33 26.62 38.69
N LEU G 137 -8.59 26.71 40.00
CA LEU G 137 -8.09 27.81 40.81
C LEU G 137 -7.33 27.27 42.02
N CYS G 138 -6.01 27.32 41.94
CA CYS G 138 -5.15 26.94 43.05
C CYS G 138 -5.07 28.10 44.05
N HIS G 139 -5.37 27.83 45.31
CA HIS G 139 -5.43 28.91 46.29
C HIS G 139 -5.35 28.32 47.69
N SER G 140 -5.09 29.20 48.65
CA SER G 140 -5.10 28.86 50.07
C SER G 140 -6.11 29.74 50.78
N ILE G 141 -7.12 29.10 51.37
CA ILE G 141 -8.10 29.81 52.19
C ILE G 141 -7.48 30.39 53.44
N ALA G 142 -6.36 29.81 53.91
CA ALA G 142 -5.64 30.39 55.03
C ALA G 142 -5.07 31.75 54.70
N GLY G 143 -4.43 31.89 53.54
CA GLY G 143 -3.93 33.19 53.14
C GLY G 143 -5.05 34.14 52.81
N GLY G 144 -5.26 35.13 53.67
CA GLY G 144 -6.37 36.07 53.47
C GLY G 144 -6.23 36.84 52.17
N THR G 145 -5.00 37.11 51.75
CA THR G 145 -4.78 37.76 50.47
C THR G 145 -5.44 36.96 49.36
N GLY G 146 -4.96 35.73 49.15
CA GLY G 146 -5.53 34.89 48.13
C GLY G 146 -6.99 34.58 48.38
N SER G 147 -7.39 34.48 49.65
CA SER G 147 -8.80 34.20 49.94
C SER G 147 -9.70 35.29 49.39
N GLY G 148 -9.42 36.55 49.74
CA GLY G 148 -10.22 37.64 49.23
C GLY G 148 -10.12 37.80 47.74
N LEU G 149 -8.90 37.67 47.20
CA LEU G 149 -8.73 37.79 45.76
C LEU G 149 -9.52 36.72 45.02
N GLY G 150 -9.48 35.49 45.51
CA GLY G 150 -10.22 34.42 44.86
C GLY G 150 -11.71 34.61 44.98
N SER G 151 -12.18 35.11 46.12
CA SER G 151 -13.60 35.40 46.26
C SER G 151 -14.04 36.42 45.21
N TYR G 152 -13.28 37.51 45.09
CA TYR G 152 -13.60 38.53 44.11
C TYR G 152 -13.59 37.95 42.70
N LEU G 153 -12.57 37.17 42.38
CA LEU G 153 -12.42 36.68 41.01
C LEU G 153 -13.47 35.63 40.68
N LEU G 154 -13.84 34.80 41.65
CA LEU G 154 -14.92 33.85 41.43
C LEU G 154 -16.21 34.58 41.15
N GLU G 155 -16.53 35.61 41.96
CA GLU G 155 -17.71 36.42 41.68
C GLU G 155 -17.66 36.96 40.26
N ARG G 156 -16.53 37.55 39.89
CA ARG G 156 -16.43 38.21 38.58
C ARG G 156 -16.60 37.21 37.45
N LEU G 157 -15.92 36.07 37.54
CA LEU G 157 -15.99 35.08 36.46
C LEU G 157 -17.36 34.43 36.38
N ASN G 158 -17.98 34.16 37.52
CA ASN G 158 -19.31 33.56 37.50
C ASN G 158 -20.31 34.52 36.87
N ASP G 159 -20.16 35.81 37.16
CA ASP G 159 -21.03 36.80 36.54
C ASP G 159 -20.76 36.91 35.04
N ARG G 160 -19.49 37.04 34.66
CA ARG G 160 -19.16 37.38 33.28
C ARG G 160 -19.31 36.18 32.35
N TYR G 161 -18.91 34.99 32.80
CA TYR G 161 -18.92 33.80 31.97
C TYR G 161 -19.62 32.69 32.75
N PRO G 162 -20.93 32.65 32.71
CA PRO G 162 -21.68 31.54 33.32
C PRO G 162 -21.79 30.32 32.41
N LYS G 163 -20.66 29.91 31.82
CA LYS G 163 -20.69 28.81 30.87
C LYS G 163 -19.48 27.89 30.98
N LYS G 164 -18.75 27.91 32.10
CA LYS G 164 -17.58 27.08 32.28
C LYS G 164 -17.65 26.30 33.58
N LEU G 165 -16.79 25.30 33.70
CA LEU G 165 -16.63 24.53 34.92
C LEU G 165 -15.78 25.32 35.90
N VAL G 166 -16.29 25.52 37.11
CA VAL G 166 -15.59 26.27 38.16
C VAL G 166 -15.03 25.26 39.15
N GLN G 167 -13.71 25.10 39.12
CA GLN G 167 -12.99 24.26 40.07
C GLN G 167 -11.89 25.08 40.74
N THR G 168 -11.77 24.91 42.05
CA THR G 168 -10.73 25.55 42.83
C THR G 168 -10.02 24.51 43.70
N TYR G 169 -8.74 24.74 43.94
CA TYR G 169 -7.91 23.89 44.78
C TYR G 169 -7.72 24.67 46.07
N SER G 170 -8.64 24.46 47.01
CA SER G 170 -8.73 25.24 48.23
C SER G 170 -7.85 24.61 49.31
N VAL G 171 -6.73 25.27 49.62
CA VAL G 171 -5.82 24.82 50.66
C VAL G 171 -6.50 25.08 52.01
N PHE G 172 -6.85 24.01 52.71
CA PHE G 172 -7.52 24.13 54.00
C PHE G 172 -6.47 24.21 55.10
N PRO G 173 -6.48 25.25 55.93
CA PRO G 173 -5.42 25.40 56.93
C PRO G 173 -5.42 24.28 57.95
N ASN G 174 -4.28 24.13 58.61
CA ASN G 174 -4.14 23.09 59.62
C ASN G 174 -5.07 23.36 60.80
N GLN G 175 -5.82 22.33 61.19
CA GLN G 175 -6.51 22.31 62.47
C GLN G 175 -5.60 21.80 63.59
N ASP G 176 -4.40 21.34 63.26
CA ASP G 176 -3.44 20.90 64.26
C ASP G 176 -2.89 22.06 65.08
N GLU G 177 -2.97 23.29 64.58
CA GLU G 177 -2.44 24.42 65.31
C GLU G 177 -3.20 25.68 64.91
N MET G 178 -3.13 26.67 65.80
CA MET G 178 -3.73 27.97 65.57
C MET G 178 -2.68 28.96 65.10
N SER G 179 -2.96 29.64 64.00
CA SER G 179 -2.01 30.53 63.36
C SER G 179 -2.12 31.93 63.99
N ASP G 180 -1.14 32.79 63.67
CA ASP G 180 -1.16 34.13 64.24
C ASP G 180 -2.31 34.96 63.71
N VAL G 181 -2.77 34.68 62.49
CA VAL G 181 -3.93 35.37 61.94
C VAL G 181 -5.17 34.70 62.52
N VAL G 182 -5.65 35.20 63.66
CA VAL G 182 -6.76 34.52 64.32
C VAL G 182 -8.09 34.74 63.62
N VAL G 183 -8.14 35.66 62.65
CA VAL G 183 -9.38 35.89 61.90
C VAL G 183 -9.37 34.99 60.67
N GLN G 184 -8.42 34.05 60.63
CA GLN G 184 -8.35 33.15 59.48
C GLN G 184 -9.61 32.33 59.30
N PRO G 185 -10.29 31.87 60.35
CA PRO G 185 -11.53 31.11 60.12
C PRO G 185 -12.61 31.92 59.45
N TYR G 186 -12.80 33.17 59.86
CA TYR G 186 -13.77 34.01 59.19
C TYR G 186 -13.41 34.17 57.73
N ASN G 187 -12.13 34.39 57.44
CA ASN G 187 -11.74 34.54 56.05
C ASN G 187 -12.11 33.27 55.31
N SER G 188 -11.77 32.13 55.90
CA SER G 188 -12.07 30.86 55.27
C SER G 188 -13.57 30.72 55.14
N LEU G 189 -14.30 31.12 56.18
CA LEU G 189 -15.75 31.03 56.11
C LEU G 189 -16.27 31.87 54.97
N LEU G 190 -15.74 33.09 54.82
CA LEU G 190 -16.18 33.90 53.71
C LEU G 190 -15.85 33.19 52.40
N THR G 191 -14.64 32.67 52.31
CA THR G 191 -14.25 31.97 51.09
C THR G 191 -15.16 30.78 50.90
N LEU G 192 -15.48 30.08 51.98
CA LEU G 192 -16.32 28.90 51.86
C LEU G 192 -17.70 29.30 51.41
N LYS G 193 -18.20 30.43 51.92
CA LYS G 193 -19.50 30.89 51.46
C LYS G 193 -19.44 31.17 49.97
N ARG G 194 -18.36 31.82 49.53
CA ARG G 194 -18.22 32.06 48.10
C ARG G 194 -18.21 30.74 47.36
N LEU G 195 -17.49 29.74 47.89
CA LEU G 195 -17.44 28.46 47.22
C LEU G 195 -18.84 27.88 47.14
N THR G 196 -19.57 27.94 48.26
CA THR G 196 -20.93 27.43 48.26
C THR G 196 -21.76 28.19 47.24
N GLN G 197 -21.56 29.50 47.16
CA GLN G 197 -22.32 30.28 46.21
C GLN G 197 -21.81 30.05 44.79
N ASN G 198 -20.49 29.92 44.63
CA ASN G 198 -19.91 29.90 43.29
C ASN G 198 -19.39 28.54 42.86
N ALA G 199 -18.65 27.84 43.71
CA ALA G 199 -17.94 26.65 43.24
C ALA G 199 -18.90 25.53 42.88
N ASP G 200 -18.41 24.60 42.06
CA ASP G 200 -19.19 23.48 41.55
C ASP G 200 -18.65 22.11 41.95
N CYS G 201 -17.36 21.98 42.26
CA CYS G 201 -16.79 20.70 42.67
C CYS G 201 -15.53 21.01 43.47
N VAL G 202 -15.54 20.72 44.76
CA VAL G 202 -14.46 21.08 45.66
C VAL G 202 -13.67 19.84 46.06
N VAL G 203 -12.40 19.82 45.70
CA VAL G 203 -11.45 18.82 46.18
C VAL G 203 -10.78 19.44 47.40
N VAL G 204 -11.15 18.97 48.58
CA VAL G 204 -10.67 19.57 49.82
C VAL G 204 -9.23 19.14 50.09
N LEU G 205 -8.43 20.09 50.59
CA LEU G 205 -7.00 19.89 50.80
C LEU G 205 -6.68 20.40 52.21
N ASP G 206 -6.82 19.51 53.19
CA ASP G 206 -6.52 19.84 54.58
C ASP G 206 -5.03 19.68 54.86
N ASN G 207 -4.44 20.68 55.49
CA ASN G 207 -3.02 20.60 55.79
C ASN G 207 -2.71 19.67 56.95
N THR G 208 -3.69 19.41 57.82
CA THR G 208 -3.45 18.55 58.97
C THR G 208 -3.09 17.12 58.53
N ALA G 209 -3.94 16.52 57.69
CA ALA G 209 -3.66 15.16 57.25
C ALA G 209 -2.45 15.12 56.34
N LEU G 210 -2.20 16.20 55.60
CA LEU G 210 -0.97 16.29 54.83
C LEU G 210 0.25 16.19 55.74
N ASN G 211 0.24 16.96 56.83
CA ASN G 211 1.30 16.85 57.83
C ASN G 211 1.40 15.43 58.37
N ARG G 212 0.26 14.80 58.61
CA ARG G 212 0.25 13.47 59.21
C ARG G 212 0.91 12.46 58.30
N ILE G 213 0.48 12.42 57.04
CA ILE G 213 1.11 11.53 56.05
C ILE G 213 2.59 11.86 55.90
N ALA G 214 2.94 13.15 55.87
CA ALA G 214 4.34 13.52 55.72
C ALA G 214 5.18 12.98 56.87
N THR G 215 4.66 13.08 58.09
CA THR G 215 5.40 12.60 59.24
C THR G 215 5.49 11.08 59.23
N ASP G 216 4.40 10.43 58.82
CA ASP G 216 4.31 8.97 58.85
C ASP G 216 4.66 8.35 57.51
N ARG G 217 3.90 8.69 56.46
CA ARG G 217 4.08 8.04 55.17
C ARG G 217 5.24 8.61 54.38
N LEU G 218 5.72 9.80 54.73
CA LEU G 218 7.00 10.29 54.24
C LEU G 218 8.11 10.24 55.28
N HIS G 219 7.77 9.96 56.54
CA HIS G 219 8.78 9.72 57.58
C HIS G 219 9.72 10.92 57.71
N ILE G 220 9.15 12.05 58.08
CA ILE G 220 9.93 13.25 58.40
C ILE G 220 9.49 13.75 59.78
N GLN G 221 10.48 14.08 60.62
CA GLN G 221 10.16 14.58 61.95
C GLN G 221 9.43 15.91 61.87
N ASN G 222 9.84 16.78 60.95
CA ASN G 222 9.24 18.09 60.77
C ASN G 222 9.06 18.32 59.27
N PRO G 223 7.88 18.05 58.74
CA PRO G 223 7.66 18.26 57.31
C PRO G 223 7.82 19.73 56.95
N SER G 224 8.30 19.96 55.73
CA SER G 224 8.44 21.30 55.20
C SER G 224 7.33 21.58 54.20
N PHE G 225 6.98 22.85 54.09
CA PHE G 225 5.91 23.22 53.17
C PHE G 225 6.26 22.79 51.75
N SER G 226 7.54 22.82 51.41
CA SER G 226 7.95 22.48 50.05
C SER G 226 7.72 21.01 49.75
N GLN G 227 8.13 20.12 50.66
CA GLN G 227 7.92 18.70 50.40
C GLN G 227 6.44 18.35 50.43
N ILE G 228 5.67 19.02 51.28
CA ILE G 228 4.22 18.83 51.30
C ILE G 228 3.63 19.23 49.95
N ASN G 229 4.05 20.39 49.44
CA ASN G 229 3.57 20.83 48.13
C ASN G 229 3.96 19.83 47.05
N GLN G 230 5.20 19.33 47.10
CA GLN G 230 5.63 18.33 46.13
C GLN G 230 4.68 17.14 46.14
N LEU G 231 4.44 16.58 47.31
CA LEU G 231 3.64 15.36 47.40
C LEU G 231 2.19 15.64 46.98
N VAL G 232 1.64 16.77 47.40
CA VAL G 232 0.26 17.08 47.06
C VAL G 232 0.13 17.35 45.57
N SER G 233 1.12 18.00 44.97
CA SER G 233 1.11 18.19 43.53
C SER G 233 1.12 16.86 42.82
N THR G 234 1.94 15.93 43.30
CA THR G 234 1.96 14.60 42.71
C THR G 234 0.57 13.97 42.79
N ILE G 235 -0.02 14.00 43.98
CA ILE G 235 -1.29 13.29 44.18
C ILE G 235 -2.41 13.95 43.39
N MET G 236 -2.40 15.27 43.27
CA MET G 236 -3.44 15.96 42.53
C MET G 236 -3.26 15.81 41.03
N SER G 237 -2.02 15.76 40.54
CA SER G 237 -1.82 15.55 39.12
C SER G 237 -2.25 14.16 38.71
N ALA G 238 -2.21 13.20 39.64
CA ALA G 238 -2.72 11.87 39.35
C ALA G 238 -4.19 11.92 38.97
N SER G 239 -4.90 12.99 39.34
CA SER G 239 -6.34 13.05 39.09
C SER G 239 -6.61 13.12 37.61
N THR G 240 -5.96 14.04 36.92
CA THR G 240 -6.27 14.30 35.51
C THR G 240 -5.81 13.19 34.61
N THR G 241 -5.35 12.07 35.19
CA THR G 241 -4.72 11.04 34.39
C THR G 241 -5.70 10.46 33.38
N THR G 242 -6.93 10.20 33.80
CA THR G 242 -7.91 9.68 32.87
C THR G 242 -8.14 10.66 31.74
N LEU G 243 -8.08 11.96 32.05
CA LEU G 243 -8.29 12.97 31.03
C LEU G 243 -7.23 12.86 29.95
N ARG G 244 -6.05 12.33 30.31
CA ARG G 244 -4.96 12.20 29.36
C ARG G 244 -5.02 10.93 28.52
N TYR G 245 -6.01 10.05 28.74
CA TYR G 245 -6.08 8.82 27.97
C TYR G 245 -7.35 8.86 27.15
N PRO G 246 -7.28 9.25 25.88
CA PRO G 246 -8.47 9.27 25.01
C PRO G 246 -8.66 7.95 24.26
N GLY G 247 -8.80 6.87 25.00
CA GLY G 247 -8.94 5.57 24.36
C GLY G 247 -10.00 4.67 24.94
N TYR G 248 -10.63 5.08 26.04
CA TYR G 248 -11.61 4.24 26.71
C TYR G 248 -12.99 4.87 26.76
N MET G 249 -13.08 6.13 27.18
CA MET G 249 -14.34 6.74 27.55
C MET G 249 -14.24 8.22 27.29
N ASN G 250 -15.40 8.87 27.27
CA ASN G 250 -15.42 10.30 27.00
C ASN G 250 -14.54 11.03 28.00
N ASN G 251 -14.77 10.79 29.29
CA ASN G 251 -13.83 11.21 30.32
C ASN G 251 -13.56 12.71 30.22
N ASP G 252 -14.64 13.48 30.37
CA ASP G 252 -14.60 14.92 30.35
C ASP G 252 -14.91 15.43 31.75
N LEU G 253 -14.16 16.44 32.19
CA LEU G 253 -14.26 16.87 33.59
C LEU G 253 -15.69 17.24 33.95
N ILE G 254 -16.40 17.89 33.04
CA ILE G 254 -17.77 18.29 33.34
C ILE G 254 -18.59 17.05 33.68
N GLY G 255 -18.52 16.03 32.83
CA GLY G 255 -19.28 14.82 33.06
C GLY G 255 -18.80 14.05 34.28
N LEU G 256 -17.49 13.97 34.48
CA LEU G 256 -16.97 13.22 35.62
C LEU G 256 -17.42 13.85 36.92
N ILE G 257 -17.38 15.18 37.02
CA ILE G 257 -17.89 15.85 38.21
C ILE G 257 -19.40 15.63 38.33
N ALA G 258 -20.12 15.74 37.20
CA ALA G 258 -21.56 15.58 37.24
C ALA G 258 -21.97 14.16 37.58
N SER G 259 -21.11 13.18 37.34
CA SER G 259 -21.48 11.80 37.65
C SER G 259 -21.64 11.57 39.14
N LEU G 260 -21.20 12.51 39.98
CA LEU G 260 -21.21 12.30 41.41
C LEU G 260 -21.92 13.43 42.16
N ILE G 261 -21.90 14.65 41.62
CA ILE G 261 -22.41 15.80 42.38
C ILE G 261 -23.93 15.76 42.36
N PRO G 262 -24.59 15.78 43.51
CA PRO G 262 -26.07 15.83 43.51
C PRO G 262 -26.65 17.23 43.42
N THR G 263 -25.95 18.21 44.00
CA THR G 263 -26.46 19.57 44.08
C THR G 263 -25.28 20.52 44.02
N PRO G 264 -25.46 21.72 43.46
CA PRO G 264 -24.33 22.65 43.35
C PRO G 264 -23.89 23.19 44.69
N ARG G 265 -24.63 22.90 45.76
CA ARG G 265 -24.21 23.24 47.11
C ARG G 265 -23.52 22.07 47.77
N LEU G 266 -23.90 20.84 47.41
CA LEU G 266 -23.22 19.63 47.86
C LEU G 266 -22.28 19.22 46.73
N HIS G 267 -21.11 19.87 46.68
CA HIS G 267 -20.17 19.70 45.60
C HIS G 267 -18.77 19.44 46.14
N PHE G 268 -18.67 18.76 47.26
CA PHE G 268 -17.44 18.62 48.02
C PHE G 268 -17.00 17.16 48.00
N LEU G 269 -15.77 16.92 47.57
CA LEU G 269 -15.27 15.59 47.29
C LEU G 269 -14.04 15.33 48.14
N MET G 270 -13.91 14.11 48.67
CA MET G 270 -12.72 13.78 49.44
C MET G 270 -11.57 13.38 48.51
N THR G 271 -10.44 13.03 49.13
CA THR G 271 -9.26 12.57 48.42
C THR G 271 -8.65 11.39 49.15
N GLY G 272 -8.00 10.51 48.39
CA GLY G 272 -7.25 9.41 48.97
C GLY G 272 -6.44 8.67 47.93
N TYR G 273 -5.15 8.48 48.15
CA TYR G 273 -4.30 7.93 47.08
C TYR G 273 -3.41 6.84 47.64
N THR G 274 -3.15 5.86 46.79
CA THR G 274 -2.19 4.79 47.02
C THR G 274 -1.39 4.59 45.74
N PRO G 275 -0.13 4.20 45.85
CA PRO G 275 0.67 3.94 47.05
C PRO G 275 1.26 5.21 47.64
N LEU G 276 1.62 5.20 48.92
CA LEU G 276 2.35 6.31 49.52
C LEU G 276 3.65 5.76 50.08
N THR G 277 4.76 6.37 49.68
CA THR G 277 6.08 5.87 50.02
C THR G 277 7.03 7.05 50.12
N THR G 278 8.16 6.82 50.78
CA THR G 278 9.19 7.84 50.89
C THR G 278 10.04 7.83 49.62
N ARG G 286 3.98 -3.17 47.53
CA ARG G 286 4.84 -3.60 46.43
C ARG G 286 4.03 -4.32 45.36
N LYS G 287 3.59 -5.53 45.68
CA LYS G 287 2.76 -6.34 44.81
C LYS G 287 1.30 -6.15 45.19
N THR G 288 0.45 -5.84 44.22
CA THR G 288 -0.94 -5.54 44.54
C THR G 288 -1.85 -5.89 43.37
N THR G 289 -3.02 -6.43 43.72
CA THR G 289 -4.10 -6.76 42.80
C THR G 289 -5.18 -5.69 42.91
N VAL G 290 -6.22 -5.82 42.10
CA VAL G 290 -7.29 -4.84 42.12
C VAL G 290 -7.93 -4.80 43.50
N LEU G 291 -8.30 -5.97 44.03
CA LEU G 291 -9.05 -6.00 45.28
C LEU G 291 -8.28 -5.31 46.39
N ASP G 292 -6.94 -5.33 46.30
CA ASP G 292 -6.16 -4.64 47.33
C ASP G 292 -6.37 -3.15 47.22
N VAL G 293 -6.64 -2.66 46.01
CA VAL G 293 -6.65 -1.21 45.79
C VAL G 293 -7.76 -0.62 46.64
N MET G 294 -9.00 -0.99 46.33
CA MET G 294 -10.13 -0.45 47.06
C MET G 294 -10.16 -0.97 48.49
N ARG G 295 -9.56 -2.14 48.74
CA ARG G 295 -9.51 -2.64 50.11
C ARG G 295 -8.70 -1.71 51.00
N ARG G 296 -7.56 -1.23 50.49
CA ARG G 296 -6.77 -0.25 51.22
C ARG G 296 -7.44 1.12 51.22
N LEU G 297 -8.12 1.47 50.12
CA LEU G 297 -8.81 2.75 50.07
C LEU G 297 -9.91 2.84 51.12
N LEU G 298 -10.60 1.74 51.37
CA LEU G 298 -11.61 1.71 52.42
C LEU G 298 -11.01 2.02 53.79
N GLN G 299 -9.75 1.70 54.00
CA GLN G 299 -9.11 2.01 55.27
C GLN G 299 -9.02 3.51 55.47
N PRO G 300 -9.37 4.03 56.65
CA PRO G 300 -9.25 5.45 56.97
C PRO G 300 -7.82 5.85 57.33
N LYS G 301 -6.87 5.41 56.51
CA LYS G 301 -5.46 5.67 56.72
C LYS G 301 -4.80 6.43 55.57
N ASN G 302 -5.32 6.32 54.35
CA ASN G 302 -4.75 6.99 53.20
C ASN G 302 -5.56 8.20 52.76
N VAL G 303 -6.51 8.67 53.57
CA VAL G 303 -7.29 9.84 53.20
C VAL G 303 -6.46 11.09 53.49
N MET G 304 -6.51 12.05 52.57
CA MET G 304 -5.93 13.37 52.75
C MET G 304 -6.88 14.36 53.40
N VAL G 305 -8.14 14.00 53.57
CA VAL G 305 -9.14 14.85 54.21
C VAL G 305 -9.56 14.20 55.51
N SER G 306 -9.37 14.91 56.62
CA SER G 306 -9.71 14.43 57.95
C SER G 306 -10.95 15.17 58.46
N THR G 307 -11.62 14.55 59.42
CA THR G 307 -12.78 15.11 60.09
C THR G 307 -12.49 15.28 61.57
N GLY G 308 -13.52 15.66 62.33
CA GLY G 308 -13.38 15.88 63.75
C GLY G 308 -13.33 14.59 64.56
N ARG G 309 -13.85 14.67 65.78
CA ARG G 309 -13.88 13.55 66.72
C ARG G 309 -15.24 12.88 66.78
N ASP G 310 -16.01 12.96 65.70
CA ASP G 310 -17.39 12.47 65.71
C ASP G 310 -17.41 10.97 65.41
N ARG G 311 -18.06 10.22 66.30
CA ARG G 311 -18.29 8.80 66.10
C ARG G 311 -19.72 8.36 66.38
N GLN G 312 -20.59 9.26 66.85
CA GLN G 312 -21.97 8.94 67.16
C GLN G 312 -22.94 9.28 66.04
N THR G 313 -22.45 9.89 64.96
CA THR G 313 -23.29 10.27 63.82
C THR G 313 -22.86 9.48 62.60
N ASN G 314 -23.77 8.66 62.08
CA ASN G 314 -23.46 7.87 60.90
C ASN G 314 -23.20 8.78 59.71
N HIS G 315 -22.21 8.41 58.89
CA HIS G 315 -21.86 9.15 57.69
C HIS G 315 -21.85 8.20 56.52
N CYS G 316 -22.59 8.55 55.48
CA CYS G 316 -22.74 7.75 54.27
C CYS G 316 -21.85 8.30 53.16
N TYR G 317 -21.08 7.42 52.53
CA TYR G 317 -20.31 7.85 51.38
C TYR G 317 -21.30 8.04 50.24
N ILE G 318 -21.59 9.31 49.93
CA ILE G 318 -22.59 9.63 48.92
C ILE G 318 -22.22 9.08 47.56
N ALA G 319 -20.97 9.25 47.15
CA ALA G 319 -20.51 8.70 45.88
C ALA G 319 -19.07 8.26 46.02
N ILE G 320 -18.76 7.12 45.44
CA ILE G 320 -17.44 6.50 45.53
C ILE G 320 -16.93 6.27 44.12
N LEU G 321 -15.75 6.82 43.82
CA LEU G 321 -15.13 6.59 42.52
C LEU G 321 -13.65 6.36 42.75
N ASN G 322 -13.02 5.63 41.84
CA ASN G 322 -11.59 5.37 41.93
C ASN G 322 -10.97 5.33 40.54
N ILE G 323 -9.93 6.13 40.34
CA ILE G 323 -9.10 6.06 39.15
C ILE G 323 -7.96 5.09 39.43
N ILE G 324 -7.81 4.07 38.58
CA ILE G 324 -6.79 3.05 38.71
C ILE G 324 -5.88 3.14 37.48
N GLN G 325 -4.68 3.66 37.69
CA GLN G 325 -3.67 3.84 36.65
C GLN G 325 -2.68 2.69 36.73
N GLY G 326 -2.59 1.91 35.67
CA GLY G 326 -1.72 0.75 35.63
C GLY G 326 -2.35 -0.34 34.80
N GLU G 327 -1.54 -1.35 34.50
CA GLU G 327 -2.00 -2.46 33.66
C GLU G 327 -2.79 -3.44 34.52
N VAL G 328 -4.06 -3.61 34.20
CA VAL G 328 -4.96 -4.48 34.93
C VAL G 328 -5.79 -5.30 33.95
N ASP G 329 -6.61 -6.19 34.49
CA ASP G 329 -7.47 -7.05 33.70
C ASP G 329 -8.93 -6.77 34.03
N PRO G 330 -9.82 -6.85 33.04
CA PRO G 330 -11.25 -6.56 33.31
C PRO G 330 -11.87 -7.50 34.32
N THR G 331 -11.45 -8.76 34.35
CA THR G 331 -11.96 -9.69 35.34
C THR G 331 -11.61 -9.22 36.75
N GLN G 332 -10.41 -8.68 36.94
CA GLN G 332 -10.02 -8.18 38.24
C GLN G 332 -11.01 -7.12 38.72
N VAL G 333 -11.30 -6.12 37.89
CA VAL G 333 -12.23 -5.07 38.29
C VAL G 333 -13.62 -5.65 38.53
N HIS G 334 -14.07 -6.53 37.62
CA HIS G 334 -15.42 -7.09 37.74
C HIS G 334 -15.57 -7.82 39.06
N LYS G 335 -14.55 -8.56 39.47
CA LYS G 335 -14.66 -9.32 40.71
C LYS G 335 -14.43 -8.45 41.92
N SER G 336 -13.54 -7.44 41.79
CA SER G 336 -13.24 -6.58 42.91
C SER G 336 -14.46 -5.80 43.34
N LEU G 337 -15.23 -5.31 42.35
CA LEU G 337 -16.45 -4.60 42.68
C LEU G 337 -17.40 -5.52 43.44
N GLN G 338 -17.65 -6.71 42.91
CA GLN G 338 -18.65 -7.58 43.51
C GLN G 338 -18.20 -7.98 44.90
N ARG G 339 -16.91 -8.23 45.07
CA ARG G 339 -16.38 -8.69 46.33
C ARG G 339 -16.47 -7.59 47.39
N ILE G 340 -16.11 -6.36 47.03
CA ILE G 340 -16.23 -5.26 47.98
C ILE G 340 -17.70 -5.07 48.35
N ARG G 341 -18.58 -5.15 47.37
CA ARG G 341 -20.01 -4.95 47.64
C ARG G 341 -20.54 -6.02 48.58
N GLU G 342 -20.15 -7.27 48.36
CA GLU G 342 -20.60 -8.36 49.23
C GLU G 342 -19.99 -8.26 50.62
N ARG G 343 -18.71 -7.86 50.72
CA ARG G 343 -18.17 -7.59 52.03
C ARG G 343 -18.84 -6.41 52.70
N LYS G 344 -19.53 -5.56 51.94
CA LYS G 344 -20.26 -4.44 52.51
C LYS G 344 -19.33 -3.55 53.32
N LEU G 345 -18.35 -2.97 52.62
CA LEU G 345 -17.43 -2.04 53.24
C LEU G 345 -17.80 -0.59 52.95
N ALA G 346 -19.01 -0.38 52.41
CA ALA G 346 -19.46 0.95 52.04
C ALA G 346 -20.96 1.00 52.23
N ASN G 347 -21.51 2.19 52.03
CA ASN G 347 -22.93 2.45 52.22
C ASN G 347 -23.38 3.41 51.14
N PHE G 348 -24.68 3.53 50.98
CA PHE G 348 -25.21 4.48 50.01
C PHE G 348 -26.55 5.00 50.52
N ILE G 349 -27.02 6.07 49.89
CA ILE G 349 -28.31 6.63 50.28
C ILE G 349 -29.40 5.58 50.05
N PRO G 350 -30.30 5.36 51.00
CA PRO G 350 -31.26 4.26 50.82
C PRO G 350 -32.24 4.55 49.71
N TRP G 351 -32.67 5.80 49.58
CA TRP G 351 -33.61 6.18 48.53
C TRP G 351 -32.99 6.26 47.15
N GLY G 352 -31.72 6.63 47.04
CA GLY G 352 -31.11 6.79 45.75
C GLY G 352 -29.86 5.96 45.59
N PRO G 353 -29.94 4.71 46.06
CA PRO G 353 -28.72 3.92 46.24
C PRO G 353 -27.90 3.84 44.96
N ALA G 354 -26.58 3.98 45.10
CA ALA G 354 -25.66 4.05 43.96
C ALA G 354 -24.58 2.97 44.11
N SER G 355 -23.58 3.04 43.23
CA SER G 355 -22.50 2.06 43.20
C SER G 355 -21.12 2.71 43.26
N ILE G 356 -20.07 1.90 43.14
CA ILE G 356 -18.69 2.32 43.30
C ILE G 356 -18.06 2.37 41.92
N GLN G 357 -17.98 3.55 41.33
CA GLN G 357 -17.48 3.69 39.97
C GLN G 357 -15.95 3.52 39.91
N VAL G 358 -15.49 2.90 38.82
CA VAL G 358 -14.08 2.63 38.60
C VAL G 358 -13.68 3.25 37.27
N ALA G 359 -12.42 3.68 37.19
CA ALA G 359 -11.85 4.26 35.97
C ALA G 359 -10.49 3.63 35.66
N LEU G 360 -10.47 2.67 34.73
CA LEU G 360 -9.23 2.03 34.34
C LEU G 360 -8.46 2.97 33.41
N SER G 361 -7.14 3.02 33.59
CA SER G 361 -6.29 3.82 32.72
C SER G 361 -4.88 3.25 32.79
N ARG G 362 -4.05 3.61 31.81
CA ARG G 362 -2.71 3.06 31.73
C ARG G 362 -1.66 4.14 31.76
N LYS G 363 -0.50 3.77 32.29
CA LYS G 363 0.57 4.71 32.63
C LYS G 363 1.27 5.24 31.37
N SER G 364 1.74 6.48 31.47
CA SER G 364 2.52 7.06 30.37
C SER G 364 3.90 6.42 30.32
N PRO G 365 4.40 6.11 29.11
CA PRO G 365 5.76 5.56 29.01
C PRO G 365 6.83 6.48 29.55
N TYR G 366 6.65 7.79 29.40
CA TYR G 366 7.60 8.78 29.91
C TYR G 366 7.48 9.00 31.41
N LEU G 367 6.50 8.39 32.06
CA LEU G 367 6.45 8.38 33.51
C LEU G 367 7.27 7.21 34.04
N PRO G 368 8.35 7.43 34.77
CA PRO G 368 9.10 6.31 35.33
C PRO G 368 8.22 5.52 36.28
N SER G 369 7.97 4.26 35.91
CA SER G 369 7.06 3.40 36.64
C SER G 369 7.85 2.43 37.50
N ALA G 370 7.52 2.40 38.79
CA ALA G 370 8.07 1.45 39.73
C ALA G 370 6.97 0.70 40.46
N HIS G 371 5.73 0.79 39.98
CA HIS G 371 4.60 0.15 40.63
C HIS G 371 3.61 -0.26 39.56
N ARG G 372 2.87 -1.34 39.83
CA ARG G 372 1.95 -1.88 38.84
C ARG G 372 0.66 -1.09 38.79
N VAL G 373 0.18 -0.61 39.93
CA VAL G 373 -1.10 0.09 40.01
C VAL G 373 -0.96 1.33 40.87
N SER G 374 -1.87 2.27 40.65
CA SER G 374 -1.94 3.49 41.43
C SER G 374 -3.40 3.93 41.49
N GLY G 375 -3.90 4.16 42.69
CA GLY G 375 -5.31 4.42 42.90
C GLY G 375 -5.57 5.77 43.52
N LEU G 376 -6.50 6.52 42.95
CA LEU G 376 -6.92 7.80 43.52
C LEU G 376 -8.43 7.80 43.66
N MET G 377 -8.89 8.00 44.89
CA MET G 377 -10.30 7.92 45.25
C MET G 377 -10.93 9.30 45.25
N MET G 378 -12.20 9.33 44.89
CA MET G 378 -13.01 10.55 44.86
C MET G 378 -14.30 10.17 45.57
N ALA G 379 -14.50 10.70 46.77
CA ALA G 379 -15.66 10.34 47.58
C ALA G 379 -16.46 11.58 47.98
N ASN G 380 -17.73 11.59 47.61
CA ASN G 380 -18.70 12.50 48.19
C ASN G 380 -19.23 11.85 49.47
N HIS G 381 -18.96 12.50 50.60
CA HIS G 381 -19.12 11.89 51.91
C HIS G 381 -19.51 12.99 52.89
N THR G 382 -19.93 12.59 54.09
CA THR G 382 -20.50 13.52 55.03
C THR G 382 -19.53 13.95 56.12
N SER G 383 -18.37 13.30 56.23
CA SER G 383 -17.48 13.60 57.35
C SER G 383 -17.01 15.04 57.32
N ILE G 384 -16.87 15.63 56.14
CA ILE G 384 -16.26 16.94 56.05
C ILE G 384 -17.09 17.99 56.78
N SER G 385 -18.39 17.74 56.94
CA SER G 385 -19.21 18.63 57.75
C SER G 385 -18.58 18.87 59.12
N SER G 386 -18.07 17.80 59.72
CA SER G 386 -17.35 17.94 60.99
C SER G 386 -16.25 18.98 60.87
N LEU G 387 -15.40 18.85 59.86
CA LEU G 387 -14.38 19.86 59.62
C LEU G 387 -15.02 21.23 59.48
N PHE G 388 -16.08 21.33 58.68
CA PHE G 388 -16.82 22.59 58.60
C PHE G 388 -17.26 23.01 60.00
N GLU G 389 -17.87 22.09 60.73
CA GLU G 389 -18.22 22.36 62.13
C GLU G 389 -16.98 22.79 62.90
N SER G 390 -15.88 22.05 62.72
CA SER G 390 -14.63 22.43 63.36
C SER G 390 -14.29 23.86 63.04
N SER G 391 -14.47 24.26 61.79
CA SER G 391 -14.27 25.65 61.44
C SER G 391 -15.35 26.52 62.06
N CYS G 392 -16.61 26.11 61.92
CA CYS G 392 -17.71 26.94 62.39
C CYS G 392 -17.56 27.21 63.88
N GLN G 393 -17.34 26.15 64.66
CA GLN G 393 -17.05 26.34 66.07
C GLN G 393 -15.88 27.29 66.26
N GLN G 394 -14.78 27.03 65.54
CA GLN G 394 -13.65 27.94 65.58
C GLN G 394 -14.09 29.36 65.23
N TYR G 395 -14.96 29.48 64.22
CA TYR G 395 -15.56 30.78 63.94
C TYR G 395 -16.41 31.24 65.11
N ASP G 396 -17.33 30.39 65.57
CA ASP G 396 -18.32 30.83 66.53
C ASP G 396 -17.64 31.40 67.77
N LYS G 397 -16.73 30.63 68.36
CA LYS G 397 -16.03 31.13 69.54
C LYS G 397 -15.29 32.42 69.22
N LEU G 398 -14.64 32.49 68.06
CA LEU G 398 -14.01 33.72 67.64
C LEU G 398 -15.04 34.83 67.51
N ARG G 399 -16.17 34.52 66.87
CA ARG G 399 -17.25 35.49 66.79
C ARG G 399 -17.83 35.75 68.18
N LYS G 400 -17.75 34.75 69.07
CA LYS G 400 -18.08 35.00 70.46
C LYS G 400 -17.08 35.95 71.09
N ARG G 401 -15.79 35.79 70.77
CA ARG G 401 -14.77 36.66 71.33
C ARG G 401 -14.75 38.03 70.65
N GLU G 402 -15.27 38.13 69.43
CA GLU G 402 -15.33 39.42 68.72
C GLU G 402 -13.94 40.05 68.67
N ALA G 403 -12.94 39.23 68.36
CA ALA G 403 -11.55 39.63 68.42
C ALA G 403 -10.98 39.81 67.02
N PHE G 404 -10.04 40.75 66.89
CA PHE G 404 -9.33 40.99 65.63
C PHE G 404 -10.26 41.44 64.52
N LEU G 405 -11.35 42.12 64.87
CA LEU G 405 -12.23 42.70 63.86
C LEU G 405 -11.70 44.01 63.29
N GLU G 406 -10.63 44.56 63.88
CA GLU G 406 -10.01 45.75 63.30
C GLU G 406 -9.42 45.44 61.93
N GLN G 407 -9.00 44.18 61.72
CA GLN G 407 -8.53 43.77 60.40
C GLN G 407 -9.63 43.96 59.34
N PHE G 408 -10.87 43.63 59.67
CA PHE G 408 -11.99 43.87 58.79
C PHE G 408 -12.56 45.27 58.92
N ARG G 409 -12.07 46.08 59.86
CA ARG G 409 -12.41 47.48 59.90
C ARG G 409 -11.40 48.35 59.16
N LYS G 410 -10.25 47.77 58.78
CA LYS G 410 -9.34 48.45 57.87
C LYS G 410 -10.01 48.69 56.52
N GLU G 411 -10.59 47.64 55.94
CA GLU G 411 -11.43 47.79 54.77
C GLU G 411 -12.81 48.21 55.24
N ASP G 412 -13.29 49.34 54.73
CA ASP G 412 -14.57 49.86 55.18
C ASP G 412 -15.73 48.93 54.83
N ILE G 413 -15.55 48.03 53.86
CA ILE G 413 -16.67 47.18 53.46
C ILE G 413 -17.15 46.35 54.64
N PHE G 414 -16.22 45.85 55.46
CA PHE G 414 -16.55 45.12 56.68
C PHE G 414 -16.64 46.00 57.92
N LYS G 415 -15.95 47.15 57.93
CA LYS G 415 -16.16 48.09 59.02
C LYS G 415 -17.58 48.62 59.05
N GLU G 416 -18.18 48.82 57.88
CA GLU G 416 -19.59 49.22 57.82
C GLU G 416 -20.49 48.15 58.43
N ASN G 417 -20.23 46.89 58.10
CA ASN G 417 -21.04 45.80 58.62
C ASN G 417 -20.23 44.52 58.63
N PHE G 418 -20.36 43.74 59.70
CA PHE G 418 -19.85 42.39 59.77
C PHE G 418 -20.93 41.37 59.42
N ASP G 419 -22.07 41.84 58.91
CA ASP G 419 -23.15 40.94 58.54
C ASP G 419 -22.76 40.00 57.42
N GLU G 420 -21.71 40.31 56.67
CA GLU G 420 -21.20 39.36 55.68
C GLU G 420 -20.75 38.07 56.35
N LEU G 421 -20.02 38.20 57.47
CA LEU G 421 -19.62 37.02 58.22
C LEU G 421 -20.83 36.26 58.72
N ASP G 422 -21.85 36.98 59.20
CA ASP G 422 -23.04 36.31 59.70
C ASP G 422 -23.74 35.53 58.59
N ARG G 423 -23.84 36.13 57.40
CA ARG G 423 -24.48 35.44 56.30
C ARG G 423 -23.66 34.23 55.86
N SER G 424 -22.33 34.36 55.87
CA SER G 424 -21.49 33.21 55.57
C SER G 424 -21.72 32.08 56.55
N ARG G 425 -21.78 32.42 57.85
CA ARG G 425 -22.02 31.40 58.86
C ARG G 425 -23.38 30.75 58.66
N GLU G 426 -24.40 31.54 58.34
CA GLU G 426 -25.72 31.00 58.11
C GLU G 426 -25.71 30.05 56.93
N VAL G 427 -25.05 30.43 55.85
CA VAL G 427 -24.99 29.58 54.66
C VAL G 427 -24.28 28.27 54.99
N VAL G 428 -23.18 28.35 55.73
CA VAL G 428 -22.46 27.15 56.09
C VAL G 428 -23.32 26.25 56.97
N GLN G 429 -24.06 26.84 57.91
CA GLN G 429 -24.94 26.05 58.74
C GLN G 429 -26.03 25.38 57.92
N GLU G 430 -26.58 26.11 56.96
CA GLU G 430 -27.58 25.53 56.06
C GLU G 430 -26.99 24.36 55.31
N LEU G 431 -25.77 24.51 54.80
CA LEU G 431 -25.14 23.42 54.07
C LEU G 431 -24.91 22.21 54.97
N ILE G 432 -24.48 22.44 56.20
CA ILE G 432 -24.24 21.33 57.12
C ILE G 432 -25.55 20.61 57.45
N ASP G 433 -26.62 21.37 57.66
CA ASP G 433 -27.91 20.73 57.86
C ASP G 433 -28.35 19.98 56.62
N GLU G 434 -28.00 20.49 55.44
CA GLU G 434 -28.28 19.77 54.21
C GLU G 434 -27.56 18.44 54.19
N TYR G 435 -26.30 18.44 54.59
CA TYR G 435 -25.55 17.18 54.71
C TYR G 435 -26.22 16.24 55.69
N HIS G 436 -26.60 16.76 56.86
CA HIS G 436 -27.23 15.93 57.88
C HIS G 436 -28.50 15.28 57.34
N ALA G 437 -29.32 16.08 56.64
CA ALA G 437 -30.53 15.55 56.04
C ALA G 437 -30.21 14.52 54.97
N ALA G 438 -29.16 14.76 54.20
CA ALA G 438 -28.75 13.80 53.18
C ALA G 438 -28.38 12.47 53.79
N THR G 439 -27.95 12.48 55.05
CA THR G 439 -27.66 11.24 55.74
C THR G 439 -28.90 10.37 55.91
N ARG G 440 -30.09 10.93 55.72
CA ARG G 440 -31.35 10.25 55.99
C ARG G 440 -32.20 10.20 54.74
N PRO G 441 -33.13 9.24 54.65
CA PRO G 441 -33.94 9.11 53.44
C PRO G 441 -34.89 10.28 53.20
N ASP G 442 -35.18 11.09 54.23
CA ASP G 442 -36.08 12.22 54.08
C ASP G 442 -35.51 13.34 53.21
N TYR G 443 -34.31 13.20 52.68
CA TYR G 443 -33.71 14.29 51.91
C TYR G 443 -34.56 14.70 50.73
N ILE G 444 -35.42 13.82 50.22
CA ILE G 444 -36.32 14.20 49.14
C ILE G 444 -37.24 15.33 49.58
N SER G 445 -37.66 15.31 50.84
CA SER G 445 -38.51 16.40 51.35
C SER G 445 -37.73 17.70 51.53
N TRP G 446 -36.48 17.61 51.98
CA TRP G 446 -35.68 18.81 52.18
C TRP G 446 -35.28 19.41 50.84
N MET H 1 -2.17 40.94 -28.21
CA MET H 1 -2.81 42.21 -27.75
C MET H 1 -2.97 42.23 -26.23
N PRO H 2 -1.94 42.64 -25.52
CA PRO H 2 -1.94 42.48 -24.07
C PRO H 2 -2.77 43.55 -23.36
N ARG H 3 -3.08 43.26 -22.11
CA ARG H 3 -3.80 44.17 -21.22
C ARG H 3 -2.78 45.03 -20.47
N GLU H 4 -2.65 46.28 -20.87
CA GLU H 4 -1.67 47.19 -20.32
C GLU H 4 -2.33 48.19 -19.37
N ILE H 5 -1.68 48.47 -18.25
CA ILE H 5 -2.15 49.45 -17.29
C ILE H 5 -0.98 50.37 -16.95
N ILE H 6 -1.23 51.68 -16.98
CA ILE H 6 -0.20 52.68 -16.74
C ILE H 6 -0.25 53.14 -15.29
N THR H 7 0.91 53.18 -14.66
CA THR H 7 1.05 53.61 -13.27
C THR H 7 1.11 55.13 -13.19
N LEU H 8 0.31 55.70 -12.29
CA LEU H 8 0.28 57.14 -12.08
C LEU H 8 0.61 57.39 -10.61
N GLN H 9 1.91 57.49 -10.32
CA GLN H 9 2.35 57.83 -8.98
C GLN H 9 2.10 59.30 -8.73
N LEU H 10 1.41 59.61 -7.64
CA LEU H 10 1.04 60.98 -7.34
C LEU H 10 1.31 61.30 -5.88
N GLY H 11 1.73 62.53 -5.65
CA GLY H 11 1.88 63.07 -4.31
C GLY H 11 3.14 62.55 -3.64
N GLN H 12 3.28 62.97 -2.38
CA GLN H 12 4.46 62.59 -1.59
C GLN H 12 4.50 61.10 -1.36
N CYS H 13 3.39 60.52 -0.92
CA CYS H 13 3.41 59.10 -0.58
C CYS H 13 3.27 58.25 -1.83
N GLY H 14 2.44 58.70 -2.78
CA GLY H 14 2.19 57.90 -3.95
C GLY H 14 3.42 57.76 -4.83
N ASN H 15 4.19 58.84 -4.96
CA ASN H 15 5.42 58.75 -5.73
C ASN H 15 6.40 57.77 -5.09
N GLN H 16 6.53 57.83 -3.77
CA GLN H 16 7.39 56.87 -3.06
C GLN H 16 6.91 55.45 -3.28
N ILE H 17 5.60 55.22 -3.18
CA ILE H 17 5.07 53.89 -3.33
C ILE H 17 5.35 53.38 -4.73
N GLY H 18 5.14 54.22 -5.73
CA GLY H 18 5.39 53.81 -7.11
C GLY H 18 6.84 53.49 -7.34
N PHE H 19 7.75 54.32 -6.80
CA PHE H 19 9.17 54.06 -6.96
C PHE H 19 9.56 52.73 -6.31
N GLU H 20 9.05 52.49 -5.11
CA GLU H 20 9.35 51.23 -4.44
C GLU H 20 8.80 50.06 -5.23
N PHE H 21 7.60 50.21 -5.79
CA PHE H 21 7.02 49.14 -6.58
C PHE H 21 7.83 48.87 -7.83
N TRP H 22 8.32 49.94 -8.48
CA TRP H 22 9.16 49.76 -9.64
C TRP H 22 10.46 49.05 -9.28
N LYS H 23 11.07 49.43 -8.16
CA LYS H 23 12.29 48.75 -7.72
C LYS H 23 12.01 47.29 -7.43
N GLN H 24 10.87 47.01 -6.79
CA GLN H 24 10.50 45.64 -6.51
C GLN H 24 10.30 44.84 -7.79
N LEU H 25 9.63 45.43 -8.77
CA LEU H 25 9.44 44.77 -10.05
C LEU H 25 10.77 44.50 -10.73
N CYS H 26 11.69 45.46 -10.68
CA CYS H 26 13.00 45.25 -11.26
C CYS H 26 13.72 44.10 -10.58
N ALA H 27 13.63 44.04 -9.26
CA ALA H 27 14.23 42.93 -8.52
C ALA H 27 13.58 41.60 -8.92
N GLU H 28 12.26 41.60 -9.08
CA GLU H 28 11.54 40.40 -9.50
C GLU H 28 12.01 39.95 -10.86
N HIS H 29 12.21 40.89 -11.78
CA HIS H 29 12.53 40.58 -13.16
C HIS H 29 14.00 40.75 -13.47
N GLY H 30 14.83 40.97 -12.46
CA GLY H 30 16.25 41.16 -12.69
C GLY H 30 16.58 42.32 -13.60
N ILE H 31 15.84 43.41 -13.50
CA ILE H 31 16.03 44.55 -14.39
C ILE H 31 17.03 45.48 -13.75
N SER H 32 18.13 45.73 -14.43
CA SER H 32 19.04 46.76 -13.97
C SER H 32 18.51 48.12 -14.40
N PRO H 33 18.66 49.16 -13.57
CA PRO H 33 18.21 50.48 -14.02
C PRO H 33 18.93 50.89 -15.30
N GLU H 34 18.42 51.95 -15.91
CA GLU H 34 18.77 52.37 -17.25
C GLU H 34 18.02 51.51 -18.27
N GLY H 35 17.23 50.54 -17.83
CA GLY H 35 16.46 49.69 -18.70
C GLY H 35 17.13 48.37 -18.99
N ILE H 36 18.39 48.21 -18.57
CA ILE H 36 19.13 46.97 -18.82
C ILE H 36 18.62 45.88 -17.89
N VAL H 37 18.42 44.69 -18.44
CA VAL H 37 17.91 43.54 -17.71
C VAL H 37 18.93 42.42 -17.80
N GLU H 38 19.20 41.77 -16.68
CA GLU H 38 20.11 40.63 -16.69
C GLU H 38 19.51 39.45 -17.45
N GLU H 39 20.39 38.68 -18.10
CA GLU H 39 19.93 37.64 -19.01
C GLU H 39 19.40 36.42 -18.28
N PHE H 40 19.93 36.12 -17.10
CA PHE H 40 19.56 34.89 -16.41
C PHE H 40 18.29 35.04 -15.59
N ALA H 41 17.69 36.23 -15.56
CA ALA H 41 16.40 36.44 -14.95
C ALA H 41 15.30 36.66 -15.98
N THR H 42 15.58 36.34 -17.26
CA THR H 42 14.61 36.49 -18.32
C THR H 42 14.23 35.18 -19.00
N GLU H 43 14.77 34.05 -18.55
CA GLU H 43 14.47 32.77 -19.17
C GLU H 43 13.15 32.17 -18.68
N GLY H 44 12.48 32.80 -17.71
CA GLY H 44 11.23 32.29 -17.19
C GLY H 44 10.02 32.68 -18.02
N THR H 45 8.85 32.44 -17.42
CA THR H 45 7.54 32.70 -18.03
C THR H 45 6.87 33.95 -17.47
N ASP H 46 7.63 34.81 -16.79
CA ASP H 46 7.06 36.03 -16.27
C ASP H 46 6.72 36.99 -17.41
N ARG H 47 5.81 37.92 -17.12
CA ARG H 47 5.31 38.87 -18.09
C ARG H 47 5.90 40.23 -17.80
N LYS H 48 6.37 40.91 -18.85
CA LYS H 48 6.94 42.24 -18.76
C LYS H 48 6.20 43.22 -19.65
N ASP H 49 4.89 43.02 -19.80
CA ASP H 49 4.08 43.81 -20.73
C ASP H 49 2.85 44.40 -20.06
N VAL H 50 2.85 44.48 -18.73
CA VAL H 50 1.73 45.02 -17.98
C VAL H 50 2.10 46.37 -17.37
N PHE H 51 3.12 46.39 -16.50
CA PHE H 51 3.60 47.64 -15.94
C PHE H 51 4.89 48.11 -16.58
N PHE H 52 5.60 47.23 -17.28
CA PHE H 52 6.66 47.60 -18.19
C PHE H 52 6.16 47.50 -19.62
N TYR H 53 6.63 48.41 -20.47
CA TYR H 53 6.32 48.38 -21.90
C TYR H 53 7.59 47.98 -22.62
N GLN H 54 7.48 46.99 -23.50
CA GLN H 54 8.63 46.53 -24.29
C GLN H 54 9.06 47.64 -25.24
N ALA H 55 10.20 48.24 -24.95
CA ALA H 55 10.72 49.32 -25.77
C ALA H 55 11.21 48.76 -27.09
N ASP H 56 11.78 49.63 -27.93
CA ASP H 56 12.25 49.24 -29.25
C ASP H 56 13.56 48.47 -29.20
N ASP H 57 13.96 48.05 -27.99
CA ASP H 57 15.14 47.22 -27.76
C ASP H 57 14.81 46.06 -26.83
N GLU H 58 13.54 45.81 -26.56
CA GLU H 58 13.12 44.78 -25.62
C GLU H 58 13.77 45.01 -24.26
N HIS H 59 13.87 46.28 -23.88
CA HIS H 59 14.26 46.69 -22.54
C HIS H 59 13.04 47.31 -21.89
N TYR H 60 12.49 46.63 -20.88
CA TYR H 60 11.16 46.94 -20.37
C TYR H 60 11.22 48.21 -19.53
N ILE H 61 11.17 49.35 -20.21
CA ILE H 61 11.01 50.60 -19.48
C ILE H 61 9.64 50.61 -18.81
N PRO H 62 9.52 51.07 -17.57
CA PRO H 62 8.21 51.05 -16.91
C PRO H 62 7.23 51.99 -17.60
N ARG H 63 5.95 51.59 -17.57
CA ARG H 63 4.86 52.46 -18.00
C ARG H 63 4.48 53.37 -16.83
N ALA H 64 5.43 54.25 -16.48
CA ALA H 64 5.33 55.07 -15.28
C ALA H 64 5.21 56.55 -15.64
N VAL H 65 4.36 57.26 -14.91
CA VAL H 65 4.22 58.70 -15.03
C VAL H 65 4.39 59.30 -13.63
N LEU H 66 5.32 60.23 -13.49
CA LEU H 66 5.62 60.89 -12.23
C LEU H 66 4.92 62.24 -12.17
N LEU H 67 3.98 62.37 -11.25
CA LEU H 67 3.19 63.59 -11.10
C LEU H 67 3.23 64.02 -9.64
N ASP H 68 3.50 65.29 -9.41
CA ASP H 68 3.46 65.86 -8.07
C ASP H 68 3.61 67.38 -8.18
N LEU H 69 3.09 68.08 -7.18
CA LEU H 69 3.37 69.50 -7.01
C LEU H 69 4.62 69.75 -6.17
N GLU H 70 5.34 68.69 -5.81
CA GLU H 70 6.55 68.78 -5.00
C GLU H 70 7.75 68.54 -5.89
N PRO H 71 8.45 69.59 -6.33
CA PRO H 71 9.65 69.36 -7.15
C PRO H 71 10.75 68.60 -6.42
N ARG H 72 10.78 68.66 -5.09
CA ARG H 72 11.81 67.94 -4.35
C ARG H 72 11.72 66.44 -4.58
N VAL H 73 10.50 65.88 -4.58
CA VAL H 73 10.34 64.44 -4.83
C VAL H 73 10.79 64.10 -6.24
N ILE H 74 10.45 64.96 -7.22
CA ILE H 74 10.87 64.71 -8.58
C ILE H 74 12.39 64.68 -8.68
N HIS H 75 13.06 65.65 -8.06
CA HIS H 75 14.51 65.70 -8.12
C HIS H 75 15.12 64.48 -7.42
N SER H 76 14.56 64.09 -6.28
CA SER H 76 15.08 62.95 -5.55
C SER H 76 14.96 61.67 -6.37
N ILE H 77 13.81 61.47 -7.02
CA ILE H 77 13.64 60.27 -7.84
C ILE H 77 14.56 60.33 -9.05
N LEU H 78 14.77 61.52 -9.61
CA LEU H 78 15.73 61.67 -10.70
C LEU H 78 17.13 61.28 -10.26
N ASN H 79 17.52 61.66 -9.05
CA ASN H 79 18.82 61.28 -8.52
C ASN H 79 18.98 59.78 -8.38
N SER H 80 17.88 59.04 -8.29
CA SER H 80 18.00 57.60 -8.16
C SER H 80 18.58 57.01 -9.44
N PRO H 81 19.39 55.95 -9.33
CA PRO H 81 19.91 55.30 -10.55
C PRO H 81 18.83 54.70 -11.40
N TYR H 82 17.64 54.45 -10.85
CA TYR H 82 16.52 53.93 -11.62
C TYR H 82 15.91 54.99 -12.52
N ALA H 83 16.33 56.26 -12.38
CA ALA H 83 15.78 57.31 -13.22
C ALA H 83 16.06 57.04 -14.69
N LYS H 84 17.25 56.51 -14.99
CA LYS H 84 17.56 56.12 -16.36
C LYS H 84 16.63 55.01 -16.84
N LEU H 85 16.21 54.11 -15.94
CA LEU H 85 15.23 53.10 -16.31
C LEU H 85 13.89 53.75 -16.68
N TYR H 86 13.49 54.79 -15.95
CA TYR H 86 12.21 55.42 -16.19
C TYR H 86 12.27 56.29 -17.44
N ASN H 87 11.10 56.49 -18.07
CA ASN H 87 10.97 57.37 -19.22
C ASN H 87 10.94 58.82 -18.76
N PRO H 88 11.96 59.62 -19.11
CA PRO H 88 11.99 61.00 -18.62
C PRO H 88 10.82 61.84 -19.08
N GLU H 89 10.32 61.60 -20.28
CA GLU H 89 9.20 62.37 -20.80
C GLU H 89 7.94 62.14 -19.98
N ASN H 90 7.70 60.90 -19.54
CA ASN H 90 6.52 60.63 -18.74
C ASN H 90 6.55 61.39 -17.42
N ILE H 91 7.73 61.68 -16.89
CA ILE H 91 7.84 62.43 -15.64
C ILE H 91 7.40 63.87 -15.86
N TYR H 92 6.55 64.37 -14.96
CA TYR H 92 6.09 65.75 -14.94
C TYR H 92 6.71 66.44 -13.75
N LEU H 93 7.26 67.63 -13.96
CA LEU H 93 7.86 68.42 -12.89
C LEU H 93 6.93 69.57 -12.51
N SER H 94 6.66 69.69 -11.21
CA SER H 94 5.78 70.74 -10.71
C SER H 94 6.36 72.12 -10.97
N GLU H 95 5.71 72.89 -11.83
CA GLU H 95 6.16 74.24 -12.17
C GLU H 95 5.57 75.31 -11.27
N HIS H 96 4.61 74.97 -10.41
CA HIS H 96 4.01 75.97 -9.54
C HIS H 96 4.92 76.37 -8.39
N GLY H 97 5.79 75.47 -7.94
CA GLY H 97 6.67 75.77 -6.83
C GLY H 97 6.01 75.65 -5.48
N GLY H 98 5.11 76.58 -5.16
CA GLY H 98 4.36 76.54 -3.91
C GLY H 98 3.32 75.44 -3.84
N GLY H 99 2.83 74.98 -4.99
CA GLY H 99 1.88 73.88 -4.99
C GLY H 99 0.57 74.25 -4.35
N ALA H 100 -0.03 73.29 -3.64
CA ALA H 100 -1.33 73.47 -3.01
C ALA H 100 -1.24 73.70 -1.51
N GLY H 101 -0.09 73.49 -0.89
CA GLY H 101 -0.04 73.55 0.57
C GLY H 101 -0.73 72.36 1.20
N ASN H 102 -0.76 71.23 0.51
CA ASN H 102 -1.52 70.06 0.94
C ASN H 102 -2.98 70.46 1.18
N ASN H 103 -3.59 71.01 0.13
CA ASN H 103 -4.99 71.37 0.13
C ASN H 103 -5.68 70.71 -1.05
N TRP H 104 -6.88 70.18 -0.79
CA TRP H 104 -7.64 69.52 -1.85
C TRP H 104 -8.07 70.53 -2.91
N ALA H 105 -8.65 71.64 -2.46
CA ALA H 105 -9.11 72.66 -3.40
C ALA H 105 -7.95 73.25 -4.19
N SER H 106 -6.85 73.57 -3.51
CA SER H 106 -5.70 74.11 -4.22
C SER H 106 -5.10 73.09 -5.18
N GLY H 107 -5.02 71.83 -4.75
CA GLY H 107 -4.52 70.80 -5.66
C GLY H 107 -5.38 70.63 -6.89
N PHE H 108 -6.70 70.64 -6.70
CA PHE H 108 -7.61 70.55 -7.83
C PHE H 108 -7.48 71.75 -8.75
N SER H 109 -7.36 72.94 -8.17
CA SER H 109 -7.21 74.15 -8.99
C SER H 109 -5.91 74.11 -9.78
N GLN H 110 -4.83 73.64 -9.17
CA GLN H 110 -3.58 73.53 -9.91
C GLN H 110 -3.69 72.49 -11.01
N GLY H 111 -4.35 71.37 -10.73
CA GLY H 111 -4.47 70.34 -11.74
C GLY H 111 -5.31 70.82 -12.90
N GLU H 112 -6.41 71.52 -12.61
CA GLU H 112 -7.24 72.05 -13.67
C GLU H 112 -6.49 73.10 -14.47
N LYS H 113 -5.53 73.78 -13.83
CA LYS H 113 -4.67 74.69 -14.59
C LYS H 113 -3.82 73.91 -15.58
N ILE H 114 -3.26 72.77 -15.16
CA ILE H 114 -2.32 72.01 -15.95
C ILE H 114 -3.05 70.85 -16.60
N HIS H 115 -4.35 71.01 -16.84
CA HIS H 115 -5.12 70.00 -17.56
C HIS H 115 -4.38 69.54 -18.82
N GLU H 116 -4.21 70.43 -19.80
CA GLU H 116 -3.64 70.00 -21.06
C GLU H 116 -2.20 69.51 -20.88
N ASP H 117 -1.50 70.11 -19.91
CA ASP H 117 -0.08 69.79 -19.70
C ASP H 117 0.11 68.30 -19.51
N ILE H 118 -0.77 67.66 -18.76
CA ILE H 118 -0.61 66.24 -18.45
C ILE H 118 -1.54 65.40 -19.30
N PHE H 119 -2.61 65.99 -19.82
CA PHE H 119 -3.50 65.24 -20.69
C PHE H 119 -2.76 64.86 -21.97
N ASP H 120 -1.91 65.75 -22.47
CA ASP H 120 -1.05 65.42 -23.60
C ASP H 120 -0.13 64.25 -23.27
N ILE H 121 0.49 64.27 -22.09
CA ILE H 121 1.39 63.19 -21.70
C ILE H 121 0.64 61.88 -21.66
N ILE H 122 -0.54 61.88 -21.04
CA ILE H 122 -1.29 60.65 -20.87
C ILE H 122 -1.78 60.14 -22.23
N ASP H 123 -2.15 61.05 -23.12
CA ASP H 123 -2.59 60.63 -24.44
C ASP H 123 -1.44 60.03 -25.23
N ARG H 124 -0.26 60.64 -25.16
CA ARG H 124 0.88 60.10 -25.89
C ARG H 124 1.32 58.77 -25.31
N GLU H 125 1.16 58.56 -24.01
CA GLU H 125 1.50 57.28 -23.41
C GLU H 125 0.50 56.21 -23.80
N ALA H 126 -0.80 56.53 -23.76
CA ALA H 126 -1.83 55.57 -24.12
C ALA H 126 -1.73 55.18 -25.59
N ASP H 127 -1.43 56.14 -26.45
CA ASP H 127 -1.33 55.86 -27.87
C ASP H 127 -0.22 54.85 -28.16
N GLY H 128 0.83 54.85 -27.36
CA GLY H 128 1.84 53.82 -27.48
C GLY H 128 1.50 52.50 -26.82
N SER H 129 0.33 52.38 -26.19
CA SER H 129 -0.08 51.13 -25.55
C SER H 129 -1.17 50.46 -26.37
N ASP H 130 -1.20 49.12 -26.29
CA ASP H 130 -2.18 48.31 -26.98
C ASP H 130 -3.11 47.64 -25.97
N SER H 131 -4.41 47.79 -26.17
CA SER H 131 -5.41 47.19 -25.28
C SER H 131 -5.17 47.63 -23.84
N LEU H 132 -5.13 48.95 -23.65
CA LEU H 132 -5.01 49.52 -22.31
C LEU H 132 -6.25 49.20 -21.50
N GLU H 133 -6.12 48.29 -20.54
CA GLU H 133 -7.25 47.90 -19.73
C GLU H 133 -7.75 49.07 -18.89
N GLY H 134 -6.84 49.86 -18.34
CA GLY H 134 -7.24 51.02 -17.57
C GLY H 134 -6.05 51.71 -16.94
N PHE H 135 -6.37 52.65 -16.04
CA PHE H 135 -5.40 53.48 -15.35
C PHE H 135 -5.40 53.12 -13.87
N VAL H 136 -4.22 52.97 -13.29
CA VAL H 136 -4.06 52.74 -11.86
C VAL H 136 -3.44 53.99 -11.23
N LEU H 137 -3.97 54.38 -10.07
CA LEU H 137 -3.55 55.60 -9.39
C LEU H 137 -3.00 55.25 -8.01
N CYS H 138 -1.67 55.25 -7.90
CA CYS H 138 -0.98 55.21 -6.62
C CYS H 138 -0.85 56.63 -6.11
N HIS H 139 -1.59 56.96 -5.05
CA HIS H 139 -1.71 58.36 -4.65
C HIS H 139 -2.00 58.44 -3.16
N SER H 140 -1.76 59.62 -2.61
CA SER H 140 -2.06 59.94 -1.22
C SER H 140 -3.15 61.01 -1.18
N ILE H 141 -4.30 60.65 -0.60
CA ILE H 141 -5.39 61.61 -0.40
C ILE H 141 -5.19 62.48 0.83
N ALA H 142 -4.23 62.15 1.70
CA ALA H 142 -3.94 63.01 2.83
C ALA H 142 -3.26 64.30 2.40
N GLY H 143 -2.11 64.20 1.73
CA GLY H 143 -1.50 65.39 1.17
C GLY H 143 -2.37 65.99 0.08
N GLY H 144 -2.95 67.15 0.37
CA GLY H 144 -3.90 67.74 -0.56
C GLY H 144 -3.30 68.04 -1.92
N THR H 145 -1.98 68.26 -1.98
CA THR H 145 -1.30 68.37 -3.25
C THR H 145 -1.61 67.16 -4.12
N GLY H 146 -1.45 65.97 -3.55
CA GLY H 146 -1.84 64.77 -4.27
C GLY H 146 -3.34 64.66 -4.48
N SER H 147 -4.12 64.98 -3.44
CA SER H 147 -5.54 64.63 -3.46
C SER H 147 -6.32 65.45 -4.47
N GLY H 148 -6.13 66.77 -4.47
CA GLY H 148 -6.88 67.61 -5.40
C GLY H 148 -6.53 67.29 -6.85
N LEU H 149 -5.24 67.11 -7.12
CA LEU H 149 -4.82 66.73 -8.46
C LEU H 149 -5.40 65.37 -8.84
N GLY H 150 -5.41 64.42 -7.91
CA GLY H 150 -5.92 63.11 -8.26
C GLY H 150 -7.42 63.15 -8.53
N SER H 151 -8.15 63.97 -7.78
CA SER H 151 -9.57 64.11 -8.02
C SER H 151 -9.82 64.68 -9.42
N TYR H 152 -9.07 65.72 -9.78
CA TYR H 152 -9.18 66.28 -11.11
C TYR H 152 -8.83 65.24 -12.17
N LEU H 153 -7.77 64.48 -11.94
CA LEU H 153 -7.35 63.47 -12.90
C LEU H 153 -8.43 62.41 -13.05
N LEU H 154 -9.04 62.00 -11.95
CA LEU H 154 -10.11 61.01 -12.02
C LEU H 154 -11.26 61.54 -12.85
N GLU H 155 -11.66 62.79 -12.61
CA GLU H 155 -12.75 63.36 -13.39
C GLU H 155 -12.40 63.38 -14.87
N ARG H 156 -11.21 63.84 -15.19
CA ARG H 156 -10.83 64.00 -16.60
C ARG H 156 -10.69 62.64 -17.27
N LEU H 157 -10.12 61.66 -16.59
CA LEU H 157 -10.00 60.33 -17.16
C LEU H 157 -11.37 59.70 -17.38
N ASN H 158 -12.28 59.89 -16.42
CA ASN H 158 -13.62 59.37 -16.59
C ASN H 158 -14.30 60.01 -17.79
N ASP H 159 -14.10 61.32 -17.96
CA ASP H 159 -14.75 62.02 -19.06
C ASP H 159 -14.13 61.61 -20.40
N ARG H 160 -12.81 61.46 -20.45
CA ARG H 160 -12.13 61.20 -21.71
C ARG H 160 -12.32 59.79 -22.22
N TYR H 161 -12.39 58.78 -21.34
CA TYR H 161 -12.32 57.41 -21.80
C TYR H 161 -13.50 56.63 -21.27
N PRO H 162 -14.23 55.93 -22.14
CA PRO H 162 -15.44 55.22 -21.70
C PRO H 162 -15.17 53.81 -21.20
N LYS H 163 -14.01 53.26 -21.52
CA LYS H 163 -13.69 51.88 -21.19
C LYS H 163 -12.40 51.69 -20.38
N LYS H 164 -11.54 52.68 -20.30
CA LYS H 164 -10.30 52.53 -19.54
C LYS H 164 -10.61 52.53 -18.04
N LEU H 165 -10.32 51.42 -17.38
CA LEU H 165 -10.68 51.22 -15.98
C LEU H 165 -9.80 52.08 -15.07
N VAL H 166 -10.37 52.43 -13.92
CA VAL H 166 -9.71 53.28 -12.94
C VAL H 166 -9.52 52.49 -11.65
N GLN H 167 -8.26 52.29 -11.27
CA GLN H 167 -7.88 51.58 -10.06
C GLN H 167 -7.10 52.55 -9.18
N THR H 168 -7.47 52.62 -7.90
CA THR H 168 -6.89 53.58 -6.98
C THR H 168 -6.26 52.85 -5.81
N TYR H 169 -4.96 53.09 -5.59
CA TYR H 169 -4.25 52.61 -4.41
C TYR H 169 -4.22 53.80 -3.46
N SER H 170 -5.34 54.02 -2.79
CA SER H 170 -5.54 55.19 -1.97
C SER H 170 -4.84 55.02 -0.63
N VAL H 171 -3.80 55.83 -0.41
CA VAL H 171 -3.09 55.84 0.86
C VAL H 171 -3.92 56.71 1.81
N PHE H 172 -4.60 56.07 2.75
CA PHE H 172 -5.47 56.78 3.68
C PHE H 172 -4.64 57.44 4.78
N PRO H 173 -5.12 58.56 5.31
CA PRO H 173 -4.38 59.26 6.35
C PRO H 173 -4.33 58.45 7.63
N ASN H 174 -3.30 58.72 8.43
CA ASN H 174 -3.12 58.04 9.71
C ASN H 174 -3.98 58.72 10.76
N GLN H 175 -5.08 58.07 11.14
CA GLN H 175 -5.93 58.53 12.23
C GLN H 175 -5.36 58.16 13.59
N ASP H 176 -4.29 57.36 13.61
CA ASP H 176 -3.58 57.11 14.87
C ASP H 176 -2.83 58.35 15.33
N GLU H 177 -2.24 59.10 14.40
CA GLU H 177 -1.49 60.30 14.73
C GLU H 177 -2.02 61.49 13.94
N MET H 178 -2.51 62.49 14.66
CA MET H 178 -2.92 63.74 14.04
C MET H 178 -1.71 64.52 13.55
N SER H 179 -1.76 64.96 12.30
CA SER H 179 -0.78 65.89 11.78
C SER H 179 -1.28 67.32 11.98
N ASP H 180 -0.56 68.30 11.44
CA ASP H 180 -0.99 69.69 11.51
C ASP H 180 -1.94 70.07 10.39
N VAL H 181 -2.23 69.15 9.47
CA VAL H 181 -3.18 69.40 8.38
C VAL H 181 -4.55 69.02 8.92
N VAL H 182 -5.30 70.02 9.39
CA VAL H 182 -6.62 69.72 9.96
C VAL H 182 -7.64 69.49 8.87
N VAL H 183 -7.40 70.00 7.66
CA VAL H 183 -8.37 69.90 6.59
C VAL H 183 -8.22 68.56 5.90
N GLN H 184 -7.41 67.68 6.48
CA GLN H 184 -7.29 66.33 5.94
C GLN H 184 -8.65 65.65 5.84
N PRO H 185 -9.51 65.70 6.87
CA PRO H 185 -10.88 65.22 6.66
C PRO H 185 -11.59 65.98 5.56
N TYR H 186 -11.36 67.30 5.46
CA TYR H 186 -11.98 68.06 4.38
C TYR H 186 -11.45 67.62 3.03
N ASN H 187 -10.14 67.44 2.91
CA ASN H 187 -9.58 67.10 1.60
C ASN H 187 -10.03 65.72 1.17
N SER H 188 -9.87 64.74 2.05
CA SER H 188 -10.16 63.37 1.66
C SER H 188 -11.63 63.25 1.29
N LEU H 189 -12.49 63.84 2.11
CA LEU H 189 -13.92 63.73 1.86
C LEU H 189 -14.21 64.15 0.43
N LEU H 190 -13.68 65.30 0.01
CA LEU H 190 -13.91 65.72 -1.37
C LEU H 190 -13.38 64.67 -2.35
N THR H 191 -12.15 64.19 -2.11
CA THR H 191 -11.63 63.11 -2.93
C THR H 191 -12.61 61.95 -2.94
N LEU H 192 -13.18 61.66 -1.78
CA LEU H 192 -14.13 60.56 -1.67
C LEU H 192 -15.26 60.73 -2.67
N LYS H 193 -15.78 61.94 -2.80
CA LYS H 193 -16.87 62.15 -3.75
C LYS H 193 -16.43 61.77 -5.16
N ARG H 194 -15.21 62.17 -5.55
CA ARG H 194 -14.68 61.68 -6.80
C ARG H 194 -14.45 60.18 -6.69
N LEU H 195 -13.87 59.76 -5.57
CA LEU H 195 -13.65 58.34 -5.36
C LEU H 195 -15.00 57.62 -5.38
N THR H 196 -16.06 58.31 -4.98
CA THR H 196 -17.40 57.71 -5.06
C THR H 196 -17.81 57.46 -6.49
N GLN H 197 -17.56 58.41 -7.39
CA GLN H 197 -18.11 58.37 -8.73
C GLN H 197 -17.06 58.25 -9.83
N ASN H 198 -15.87 58.79 -9.62
CA ASN H 198 -14.81 58.76 -10.63
C ASN H 198 -13.85 57.58 -10.48
N ALA H 199 -14.02 56.72 -9.47
CA ALA H 199 -13.14 55.59 -9.27
C ALA H 199 -13.94 54.30 -9.35
N ASP H 200 -13.50 53.37 -10.20
CA ASP H 200 -14.14 52.07 -10.31
C ASP H 200 -13.89 51.20 -9.08
N CYS H 201 -12.62 51.10 -8.65
CA CYS H 201 -12.25 50.33 -7.47
C CYS H 201 -11.25 51.13 -6.65
N VAL H 202 -11.42 51.10 -5.34
CA VAL H 202 -10.58 51.84 -4.41
C VAL H 202 -9.83 50.86 -3.52
N VAL H 203 -8.50 50.98 -3.51
CA VAL H 203 -7.65 50.13 -2.67
C VAL H 203 -7.40 50.91 -1.39
N VAL H 204 -7.97 50.43 -0.28
CA VAL H 204 -7.79 51.11 0.99
C VAL H 204 -6.39 50.85 1.52
N LEU H 205 -5.65 51.92 1.82
CA LEU H 205 -4.28 51.85 2.29
C LEU H 205 -4.20 52.82 3.45
N ASP H 206 -4.53 52.35 4.66
CA ASP H 206 -4.59 53.21 5.83
C ASP H 206 -3.28 53.18 6.61
N ASN H 207 -2.74 54.36 6.88
CA ASN H 207 -1.48 54.45 7.60
C ASN H 207 -1.62 54.22 9.10
N THR H 208 -2.84 54.18 9.63
CA THR H 208 -3.01 53.96 11.06
C THR H 208 -2.50 52.57 11.45
N ALA H 209 -3.10 51.52 10.88
CA ALA H 209 -2.66 50.17 11.17
C ALA H 209 -1.28 49.90 10.60
N LEU H 210 -0.88 50.63 9.57
CA LEU H 210 0.49 50.51 9.08
C LEU H 210 1.47 50.92 10.16
N ASN H 211 1.24 52.07 10.80
CA ASN H 211 2.15 52.52 11.85
C ASN H 211 2.01 51.61 13.07
N ARG H 212 0.80 51.15 13.36
CA ARG H 212 0.59 50.29 14.51
C ARG H 212 1.34 48.97 14.35
N ILE H 213 1.53 48.53 13.12
CA ILE H 213 2.25 47.29 12.86
C ILE H 213 3.75 47.54 12.80
N ALA H 214 4.15 48.66 12.19
CA ALA H 214 5.56 49.02 12.17
C ALA H 214 6.11 49.22 13.57
N THR H 215 5.26 49.66 14.50
CA THR H 215 5.74 49.91 15.86
C THR H 215 6.15 48.62 16.54
N ASP H 216 5.35 47.58 16.42
CA ASP H 216 5.58 46.33 17.14
C ASP H 216 6.27 45.28 16.28
N ARG H 217 5.71 44.96 15.12
CA ARG H 217 6.28 43.89 14.31
C ARG H 217 7.70 44.24 13.86
N LEU H 218 7.90 45.48 13.43
CA LEU H 218 9.23 45.95 13.06
C LEU H 218 10.00 46.50 14.26
N HIS H 219 9.32 46.68 15.39
CA HIS H 219 9.97 47.18 16.61
C HIS H 219 10.66 48.51 16.36
N ILE H 220 10.11 49.32 15.45
CA ILE H 220 10.61 50.65 15.18
C ILE H 220 9.52 51.64 15.58
N GLN H 221 9.87 52.57 16.46
CA GLN H 221 8.90 53.52 16.98
C GLN H 221 8.73 54.72 16.08
N ASN H 222 9.48 54.81 14.99
CA ASN H 222 9.37 55.96 14.12
C ASN H 222 8.15 55.82 13.22
N PRO H 223 7.43 56.90 12.96
CA PRO H 223 6.35 56.85 11.96
C PRO H 223 6.88 57.07 10.55
N SER H 224 8.19 56.90 10.36
CA SER H 224 8.82 57.24 9.09
C SER H 224 8.12 56.53 7.94
N PHE H 225 7.94 57.26 6.84
CA PHE H 225 7.31 56.72 5.65
C PHE H 225 8.14 55.62 4.99
N SER H 226 9.42 55.49 5.34
CA SER H 226 10.29 54.57 4.63
C SER H 226 9.81 53.12 4.76
N GLN H 227 9.60 52.66 5.99
CA GLN H 227 9.22 51.27 6.20
C GLN H 227 7.78 51.03 5.74
N ILE H 228 6.91 52.02 5.95
CA ILE H 228 5.55 51.92 5.46
C ILE H 228 5.53 51.71 3.95
N ASN H 229 6.29 52.54 3.23
CA ASN H 229 6.37 52.41 1.79
C ASN H 229 7.01 51.09 1.38
N GLN H 230 8.02 50.64 2.12
CA GLN H 230 8.62 49.34 1.83
C GLN H 230 7.57 48.25 1.87
N LEU H 231 6.81 48.18 2.96
CA LEU H 231 5.80 47.15 3.11
C LEU H 231 4.70 47.31 2.06
N VAL H 232 4.30 48.55 1.77
CA VAL H 232 3.28 48.78 0.75
C VAL H 232 3.74 48.27 -0.61
N SER H 233 4.97 48.58 -0.97
CA SER H 233 5.50 48.10 -2.25
C SER H 233 5.55 46.58 -2.25
N THR H 234 5.98 45.99 -1.14
CA THR H 234 6.02 44.54 -1.04
C THR H 234 4.63 43.97 -1.31
N ILE H 235 3.62 44.50 -0.63
CA ILE H 235 2.28 43.93 -0.73
C ILE H 235 1.71 44.15 -2.12
N MET H 236 2.00 45.31 -2.73
CA MET H 236 1.42 45.56 -4.05
C MET H 236 2.11 44.74 -5.12
N SER H 237 3.40 44.47 -4.95
CA SER H 237 4.06 43.54 -5.85
C SER H 237 3.49 42.15 -5.70
N ALA H 238 3.21 41.75 -4.47
CA ALA H 238 2.53 40.48 -4.28
C ALA H 238 1.18 40.50 -4.98
N SER H 239 0.50 41.66 -4.96
CA SER H 239 -0.79 41.75 -5.62
C SER H 239 -0.65 41.61 -7.12
N THR H 240 0.51 41.97 -7.66
CA THR H 240 0.71 42.01 -9.11
C THR H 240 1.25 40.71 -9.67
N THR H 241 1.45 39.68 -8.83
CA THR H 241 2.09 38.46 -9.32
C THR H 241 1.25 37.77 -10.38
N THR H 242 -0.05 37.63 -10.15
CA THR H 242 -0.87 36.92 -11.12
C THR H 242 -0.89 37.68 -12.44
N LEU H 243 -0.74 39.00 -12.37
CA LEU H 243 -0.60 39.82 -13.56
C LEU H 243 0.72 39.57 -14.27
N ARG H 244 1.78 39.31 -13.50
CA ARG H 244 3.11 39.14 -14.07
C ARG H 244 3.56 37.69 -14.24
N TYR H 245 2.68 36.71 -14.06
CA TYR H 245 3.12 35.33 -14.21
C TYR H 245 2.08 34.53 -14.99
N PRO H 246 2.50 33.45 -15.65
CA PRO H 246 1.57 32.64 -16.44
C PRO H 246 0.50 32.02 -15.56
N GLY H 247 -0.66 31.79 -16.13
CA GLY H 247 -1.73 31.16 -15.37
C GLY H 247 -2.91 30.78 -16.22
N TYR H 248 -4.07 30.70 -15.56
CA TYR H 248 -5.29 30.16 -16.14
C TYR H 248 -6.44 31.13 -15.90
N MET H 249 -6.41 31.80 -14.75
CA MET H 249 -7.38 32.81 -14.38
C MET H 249 -6.60 33.98 -13.82
N ASN H 250 -7.27 35.13 -13.68
CA ASN H 250 -6.68 36.27 -13.00
C ASN H 250 -5.49 36.83 -13.79
N ASN H 251 -5.33 36.38 -15.04
CA ASN H 251 -4.35 36.97 -15.94
C ASN H 251 -4.73 38.37 -16.41
N ASP H 252 -5.93 38.85 -16.11
CA ASP H 252 -6.38 40.17 -16.56
C ASP H 252 -6.84 41.00 -15.37
N LEU H 253 -6.72 42.32 -15.52
CA LEU H 253 -7.15 43.25 -14.48
C LEU H 253 -8.66 43.26 -14.32
N ILE H 254 -9.39 43.14 -15.44
CA ILE H 254 -10.84 43.14 -15.34
C ILE H 254 -11.32 41.92 -14.57
N GLY H 255 -10.66 40.78 -14.75
CA GLY H 255 -11.01 39.67 -13.91
C GLY H 255 -10.44 39.78 -12.53
N LEU H 256 -9.47 40.69 -12.33
CA LEU H 256 -8.93 40.89 -10.99
C LEU H 256 -10.02 41.39 -10.05
N ILE H 257 -10.81 42.35 -10.51
CA ILE H 257 -11.81 43.01 -9.67
C ILE H 257 -13.22 42.59 -10.03
N ALA H 258 -13.41 41.73 -11.03
CA ALA H 258 -14.76 41.28 -11.37
C ALA H 258 -15.37 40.46 -10.23
N SER H 259 -14.59 39.59 -9.62
CA SER H 259 -15.07 38.75 -8.52
C SER H 259 -15.06 39.46 -7.18
N LEU H 260 -14.58 40.70 -7.12
CA LEU H 260 -14.55 41.47 -5.88
C LEU H 260 -15.55 42.61 -5.85
N ILE H 261 -16.21 42.90 -6.97
CA ILE H 261 -17.13 44.02 -7.06
C ILE H 261 -18.47 43.51 -7.56
N PRO H 262 -19.36 43.06 -6.67
CA PRO H 262 -20.70 42.66 -7.13
C PRO H 262 -21.65 43.82 -7.35
N THR H 263 -21.44 44.96 -6.67
CA THR H 263 -22.27 46.14 -6.82
C THR H 263 -21.40 47.32 -7.19
N PRO H 264 -21.73 48.07 -8.25
CA PRO H 264 -20.85 49.13 -8.71
C PRO H 264 -20.69 50.26 -7.70
N ARG H 265 -21.40 50.20 -6.58
CA ARG H 265 -21.30 51.18 -5.52
C ARG H 265 -20.58 50.60 -4.32
N LEU H 266 -20.20 49.33 -4.40
CA LEU H 266 -19.51 48.59 -3.36
C LEU H 266 -18.16 48.20 -3.94
N HIS H 267 -17.19 49.09 -3.83
CA HIS H 267 -15.90 48.91 -4.49
C HIS H 267 -14.71 49.26 -3.62
N PHE H 268 -14.92 49.60 -2.36
CA PHE H 268 -13.83 49.89 -1.44
C PHE H 268 -13.34 48.55 -0.89
N LEU H 269 -12.07 48.22 -1.12
CA LEU H 269 -11.56 46.89 -0.81
C LEU H 269 -10.33 47.00 0.08
N MET H 270 -10.23 46.07 1.03
CA MET H 270 -9.06 45.91 1.88
C MET H 270 -8.26 44.68 1.49
N THR H 271 -7.03 44.62 2.02
CA THR H 271 -6.06 43.60 1.66
C THR H 271 -5.24 43.23 2.89
N GLY H 272 -4.64 42.05 2.82
CA GLY H 272 -3.70 41.60 3.84
C GLY H 272 -2.70 40.65 3.25
N TYR H 273 -1.50 40.63 3.82
CA TYR H 273 -0.44 39.74 3.33
C TYR H 273 0.15 38.97 4.49
N THR H 274 0.43 37.69 4.25
CA THR H 274 1.17 36.85 5.18
C THR H 274 2.18 36.03 4.38
N PRO H 275 3.31 35.66 4.99
CA PRO H 275 3.69 35.96 6.38
C PRO H 275 4.02 37.43 6.59
N LEU H 276 3.80 37.94 7.79
CA LEU H 276 4.10 39.34 8.07
C LEU H 276 5.60 39.56 8.08
N THR H 277 6.00 40.80 7.81
CA THR H 277 7.41 41.18 7.92
C THR H 277 7.77 41.30 9.40
N THR H 278 8.37 40.24 9.95
CA THR H 278 8.70 40.17 11.35
C THR H 278 10.19 40.38 11.51
N ASP H 279 10.57 41.31 12.37
CA ASP H 279 11.98 41.61 12.60
C ASP H 279 12.34 41.41 14.07
N THR H 288 4.41 24.63 6.15
CA THR H 288 3.14 25.28 6.45
C THR H 288 2.05 24.81 5.49
N THR H 289 0.81 25.16 5.80
CA THR H 289 -0.33 24.79 4.98
C THR H 289 -1.24 26.00 4.82
N VAL H 290 -2.27 25.84 3.99
CA VAL H 290 -3.23 26.92 3.80
C VAL H 290 -3.93 27.21 5.11
N LEU H 291 -4.10 26.20 5.96
CA LEU H 291 -4.81 26.40 7.22
C LEU H 291 -4.11 27.47 8.06
N ASP H 292 -2.79 27.37 8.19
CA ASP H 292 -2.04 28.35 8.96
C ASP H 292 -2.12 29.72 8.30
N VAL H 293 -2.02 29.76 6.98
CA VAL H 293 -1.99 31.06 6.30
C VAL H 293 -3.32 31.77 6.50
N MET H 294 -4.43 31.05 6.34
CA MET H 294 -5.73 31.67 6.53
C MET H 294 -5.95 32.04 7.99
N ARG H 295 -5.44 31.24 8.92
CA ARG H 295 -5.58 31.58 10.33
C ARG H 295 -4.83 32.85 10.66
N ARG H 296 -3.65 33.02 10.06
CA ARG H 296 -2.93 34.29 10.19
C ARG H 296 -3.72 35.43 9.57
N LEU H 297 -4.29 35.21 8.39
CA LEU H 297 -4.99 36.29 7.71
C LEU H 297 -6.18 36.76 8.54
N LEU H 298 -7.03 35.84 8.96
CA LEU H 298 -8.23 36.18 9.71
C LEU H 298 -7.90 36.81 11.06
N GLN H 299 -6.72 36.57 11.59
CA GLN H 299 -6.30 37.27 12.80
C GLN H 299 -6.18 38.77 12.56
N PRO H 300 -6.90 39.60 13.34
CA PRO H 300 -6.99 41.03 12.98
C PRO H 300 -5.65 41.73 12.99
N LYS H 301 -4.73 41.30 13.85
CA LYS H 301 -3.43 41.95 13.96
C LYS H 301 -2.68 41.88 12.64
N ASN H 302 -2.87 40.82 11.88
CA ASN H 302 -2.16 40.64 10.62
C ASN H 302 -2.79 41.44 9.48
N VAL H 303 -3.89 42.14 9.71
CA VAL H 303 -4.46 42.99 8.66
C VAL H 303 -3.71 44.32 8.64
N MET H 304 -3.26 44.72 7.45
CA MET H 304 -2.48 45.95 7.31
C MET H 304 -3.31 47.20 7.59
N VAL H 305 -4.59 47.19 7.25
CA VAL H 305 -5.47 48.35 7.38
C VAL H 305 -6.28 48.24 8.66
N SER H 306 -6.50 49.38 9.32
CA SER H 306 -7.44 49.44 10.43
C SER H 306 -8.83 49.08 9.92
N THR H 307 -9.47 48.15 10.61
CA THR H 307 -10.77 47.62 10.23
C THR H 307 -11.89 48.35 10.97
N GLY H 308 -13.10 47.82 10.87
CA GLY H 308 -14.21 48.40 11.60
C GLY H 308 -13.95 48.41 13.10
N ARG H 309 -14.37 49.51 13.74
CA ARG H 309 -14.22 49.70 15.17
C ARG H 309 -15.50 49.40 15.95
N ASP H 310 -16.41 48.63 15.37
CA ASP H 310 -17.68 48.30 16.03
C ASP H 310 -18.09 46.91 15.56
N ARG H 311 -17.76 45.90 16.36
CA ARG H 311 -18.17 44.54 16.09
C ARG H 311 -19.59 44.24 16.58
N GLN H 312 -20.21 45.14 17.35
CA GLN H 312 -21.62 44.96 17.68
C GLN H 312 -22.47 44.96 16.41
N THR H 313 -22.21 45.89 15.50
CA THR H 313 -22.71 45.80 14.13
C THR H 313 -21.90 44.74 13.40
N ASN H 314 -22.47 43.56 13.23
CA ASN H 314 -21.69 42.44 12.72
C ASN H 314 -21.35 42.68 11.26
N HIS H 315 -20.16 43.22 11.03
CA HIS H 315 -19.70 43.46 9.67
C HIS H 315 -19.42 42.13 8.98
N CYS H 316 -19.81 42.04 7.71
CA CYS H 316 -19.70 40.82 6.93
C CYS H 316 -18.74 41.03 5.78
N TYR H 317 -17.83 40.08 5.58
CA TYR H 317 -16.94 40.16 4.43
C TYR H 317 -17.78 39.84 3.21
N ILE H 318 -17.99 40.85 2.35
CA ILE H 318 -18.72 40.64 1.11
C ILE H 318 -17.96 39.71 0.19
N ALA H 319 -16.67 39.95 0.02
CA ALA H 319 -15.86 39.14 -0.88
C ALA H 319 -14.61 38.68 -0.16
N ILE H 320 -14.18 37.45 -0.47
CA ILE H 320 -13.03 36.82 0.15
C ILE H 320 -12.23 36.13 -0.95
N LEU H 321 -11.08 36.68 -1.30
CA LEU H 321 -10.20 36.13 -2.32
C LEU H 321 -8.82 35.94 -1.70
N ASN H 322 -8.10 34.92 -2.15
CA ASN H 322 -6.85 34.54 -1.50
C ASN H 322 -5.87 34.08 -2.57
N ILE H 323 -4.82 34.86 -2.75
CA ILE H 323 -3.74 34.53 -3.68
C ILE H 323 -2.64 33.84 -2.91
N ILE H 324 -2.00 32.84 -3.51
CA ILE H 324 -0.92 32.12 -2.87
C ILE H 324 0.27 32.05 -3.81
N GLN H 325 1.47 32.16 -3.25
CA GLN H 325 2.71 32.17 -4.00
C GLN H 325 3.62 31.07 -3.49
N GLY H 326 4.17 30.28 -4.41
CA GLY H 326 5.12 29.23 -4.06
C GLY H 326 4.58 27.81 -4.08
N GLU H 327 4.95 27.00 -3.08
CA GLU H 327 4.53 25.61 -3.06
C GLU H 327 3.01 25.52 -3.10
N VAL H 328 2.50 24.58 -3.91
CA VAL H 328 1.07 24.38 -4.08
C VAL H 328 0.72 22.91 -3.84
N ASP H 329 -0.26 22.68 -3.00
CA ASP H 329 -0.84 21.36 -2.80
C ASP H 329 -2.35 21.50 -2.75
N PRO H 330 -3.09 20.87 -3.67
CA PRO H 330 -4.54 21.08 -3.69
C PRO H 330 -5.22 20.59 -2.43
N THR H 331 -4.62 19.62 -1.75
CA THR H 331 -5.19 19.10 -0.52
C THR H 331 -5.20 20.17 0.55
N GLN H 332 -4.18 21.03 0.58
CA GLN H 332 -4.15 22.10 1.56
C GLN H 332 -5.38 22.98 1.40
N VAL H 333 -5.71 23.37 0.16
CA VAL H 333 -6.88 24.21 -0.04
C VAL H 333 -8.15 23.44 0.25
N HIS H 334 -8.20 22.16 -0.11
CA HIS H 334 -9.37 21.36 0.17
C HIS H 334 -9.66 21.31 1.67
N LYS H 335 -8.62 21.12 2.48
CA LYS H 335 -8.81 21.11 3.93
C LYS H 335 -9.04 22.50 4.48
N SER H 336 -8.44 23.53 3.88
CA SER H 336 -8.65 24.87 4.39
C SER H 336 -10.09 25.32 4.17
N LEU H 337 -10.71 24.89 3.06
CA LEU H 337 -12.12 25.20 2.85
C LEU H 337 -12.99 24.59 3.95
N GLN H 338 -12.73 23.33 4.28
CA GLN H 338 -13.48 22.71 5.35
C GLN H 338 -13.17 23.34 6.70
N ARG H 339 -11.93 23.80 6.89
CA ARG H 339 -11.61 24.47 8.15
C ARG H 339 -12.33 25.80 8.26
N ILE H 340 -12.42 26.54 7.15
CA ILE H 340 -13.23 27.74 7.11
C ILE H 340 -14.67 27.42 7.50
N ARG H 341 -15.23 26.39 6.86
CA ARG H 341 -16.63 26.06 7.08
C ARG H 341 -16.88 25.64 8.53
N GLU H 342 -15.97 24.86 9.10
CA GLU H 342 -16.16 24.33 10.45
C GLU H 342 -15.95 25.42 11.49
N ARG H 343 -14.89 26.21 11.33
CA ARG H 343 -14.59 27.25 12.29
C ARG H 343 -15.38 28.53 12.03
N LYS H 344 -16.02 28.66 10.87
CA LYS H 344 -16.84 29.82 10.58
C LYS H 344 -16.01 31.10 10.73
N LEU H 345 -14.76 31.04 10.27
CA LEU H 345 -13.86 32.17 10.35
C LEU H 345 -14.25 33.31 9.43
N ALA H 346 -15.15 33.10 8.48
CA ALA H 346 -15.52 34.11 7.49
C ALA H 346 -17.01 34.42 7.54
N ASN H 347 -17.32 35.71 7.43
CA ASN H 347 -18.70 36.17 7.36
C ASN H 347 -19.16 36.16 5.90
N PHE H 348 -20.42 35.83 5.68
CA PHE H 348 -20.99 35.68 4.35
C PHE H 348 -22.23 36.56 4.24
N ILE H 349 -22.33 37.27 3.12
CA ILE H 349 -23.58 38.00 2.85
C ILE H 349 -24.68 36.99 2.52
N PRO H 350 -25.85 37.12 3.12
CA PRO H 350 -26.91 36.14 2.86
C PRO H 350 -27.72 36.47 1.63
N TRP H 351 -27.79 37.76 1.27
CA TRP H 351 -28.54 38.15 0.09
C TRP H 351 -27.79 37.81 -1.19
N GLY H 352 -26.47 37.84 -1.17
CA GLY H 352 -25.69 37.48 -2.32
C GLY H 352 -24.75 36.34 -2.04
N PRO H 353 -23.99 35.92 -3.05
CA PRO H 353 -22.98 34.88 -2.83
C PRO H 353 -21.76 35.50 -2.20
N ALA H 354 -21.13 34.75 -1.30
CA ALA H 354 -19.92 35.19 -0.63
C ALA H 354 -18.91 34.05 -0.50
N SER H 355 -18.87 33.17 -1.49
CA SER H 355 -18.06 31.97 -1.37
C SER H 355 -16.56 32.30 -1.35
N ILE H 356 -15.76 31.25 -1.22
CA ILE H 356 -14.31 31.36 -1.06
C ILE H 356 -13.64 30.93 -2.36
N GLN H 357 -12.89 31.85 -2.98
CA GLN H 357 -12.12 31.56 -4.18
C GLN H 357 -10.65 31.74 -3.85
N VAL H 358 -9.85 30.72 -4.14
CA VAL H 358 -8.41 30.73 -3.86
C VAL H 358 -7.65 30.49 -5.15
N ALA H 359 -6.70 31.38 -5.45
CA ALA H 359 -5.85 31.24 -6.63
C ALA H 359 -4.45 30.74 -6.27
N LEU H 360 -3.90 29.89 -7.13
CA LEU H 360 -2.57 29.31 -6.97
C LEU H 360 -1.60 30.15 -7.78
N SER H 361 -0.49 30.57 -7.15
CA SER H 361 0.50 31.40 -7.84
C SER H 361 1.91 30.93 -7.51
N ARG H 362 2.85 31.45 -8.30
CA ARG H 362 4.25 31.04 -8.28
C ARG H 362 5.10 32.20 -7.75
N LYS H 363 6.11 31.87 -6.94
CA LYS H 363 7.08 32.87 -6.55
C LYS H 363 8.15 33.05 -7.62
N SER H 364 8.88 34.16 -7.51
CA SER H 364 9.96 34.46 -8.44
C SER H 364 11.19 33.60 -8.18
N PRO H 365 11.66 32.82 -9.16
CA PRO H 365 12.88 32.04 -8.95
C PRO H 365 14.16 32.86 -9.07
N TYR H 366 14.07 34.12 -9.49
CA TYR H 366 15.23 34.99 -9.61
C TYR H 366 15.48 35.82 -8.37
N LEU H 367 14.69 35.63 -7.32
CA LEU H 367 14.88 36.31 -6.05
C LEU H 367 14.91 35.31 -4.91
N PRO H 368 15.59 35.63 -3.81
CA PRO H 368 15.66 34.69 -2.68
C PRO H 368 14.32 34.51 -1.99
N SER H 369 13.72 33.34 -2.14
CA SER H 369 12.45 33.07 -1.48
C SER H 369 12.62 32.96 0.02
N ALA H 370 11.66 33.49 0.77
CA ALA H 370 11.65 33.41 2.21
C ALA H 370 10.57 32.50 2.77
N HIS H 371 9.57 32.13 1.96
CA HIS H 371 8.48 31.28 2.40
C HIS H 371 8.09 30.37 1.26
N ARG H 372 7.84 29.10 1.60
CA ARG H 372 7.32 28.18 0.60
C ARG H 372 5.95 28.61 0.10
N VAL H 373 5.10 29.10 0.99
CA VAL H 373 3.79 29.64 0.61
C VAL H 373 3.60 31.01 1.24
N SER H 374 3.33 32.02 0.41
CA SER H 374 2.96 33.35 0.90
C SER H 374 1.56 33.68 0.40
N GLY H 375 0.64 33.92 1.35
CA GLY H 375 -0.78 34.06 1.05
C GLY H 375 -1.29 35.46 1.34
N LEU H 376 -2.00 36.04 0.36
CA LEU H 376 -2.53 37.39 0.53
C LEU H 376 -4.03 37.44 0.31
N MET H 377 -4.70 38.18 1.20
CA MET H 377 -6.15 38.30 1.30
C MET H 377 -6.61 39.52 0.52
N MET H 378 -7.65 39.36 -0.29
CA MET H 378 -8.37 40.45 -0.94
C MET H 378 -9.80 40.37 -0.44
N ALA H 379 -10.18 41.27 0.47
CA ALA H 379 -11.48 41.19 1.14
C ALA H 379 -12.27 42.47 0.94
N ASN H 380 -13.52 42.30 0.54
CA ASN H 380 -14.55 43.32 0.67
C ASN H 380 -15.37 43.03 1.92
N HIS H 381 -15.23 43.89 2.93
CA HIS H 381 -15.85 43.73 4.24
C HIS H 381 -16.52 45.04 4.61
N THR H 382 -17.68 44.94 5.27
CA THR H 382 -18.40 46.14 5.67
C THR H 382 -17.77 46.86 6.85
N SER H 383 -16.74 46.29 7.47
CA SER H 383 -16.16 46.99 8.61
C SER H 383 -15.50 48.28 8.17
N ILE H 384 -15.08 48.37 6.91
CA ILE H 384 -14.35 49.56 6.50
C ILE H 384 -15.29 50.73 6.55
N SER H 385 -16.60 50.45 6.47
CA SER H 385 -17.57 51.53 6.48
C SER H 385 -17.41 52.37 7.74
N SER H 386 -17.13 51.69 8.87
CA SER H 386 -16.88 52.41 10.11
C SER H 386 -15.76 53.41 9.95
N LEU H 387 -14.66 52.99 9.33
CA LEU H 387 -13.56 53.92 9.08
C LEU H 387 -14.06 55.14 8.33
N PHE H 388 -14.97 54.94 7.37
CA PHE H 388 -15.58 56.07 6.69
C PHE H 388 -16.21 57.03 7.68
N GLU H 389 -17.05 56.49 8.57
CA GLU H 389 -17.60 57.30 9.64
C GLU H 389 -16.49 57.88 10.50
N SER H 390 -15.45 57.08 10.77
CA SER H 390 -14.29 57.60 11.47
C SER H 390 -13.77 58.86 10.80
N SER H 391 -13.74 58.86 9.47
CA SER H 391 -13.44 60.09 8.74
C SER H 391 -14.57 61.10 8.87
N CYS H 392 -15.81 60.67 8.61
CA CYS H 392 -16.91 61.63 8.54
C CYS H 392 -17.10 62.37 9.85
N GLN H 393 -17.07 61.65 10.97
CA GLN H 393 -17.15 62.33 12.26
C GLN H 393 -15.99 63.31 12.43
N GLN H 394 -14.78 62.89 12.05
CA GLN H 394 -13.65 63.81 12.09
C GLN H 394 -13.90 65.01 11.20
N TYR H 395 -14.61 64.81 10.09
CA TYR H 395 -15.06 65.94 9.30
C TYR H 395 -16.14 66.74 10.03
N ASP H 396 -17.13 66.04 10.58
CA ASP H 396 -18.30 66.74 11.11
C ASP H 396 -17.90 67.70 12.22
N LYS H 397 -17.13 67.21 13.20
CA LYS H 397 -16.63 68.08 14.26
C LYS H 397 -15.81 69.23 13.69
N LEU H 398 -15.01 68.98 12.67
CA LEU H 398 -14.26 70.07 12.05
C LEU H 398 -15.20 71.02 11.34
N ARG H 399 -16.25 70.48 10.71
CA ARG H 399 -17.25 71.36 10.13
C ARG H 399 -18.03 72.06 11.24
N LYS H 400 -18.25 71.35 12.36
CA LYS H 400 -19.02 71.94 13.45
C LYS H 400 -18.28 73.15 14.03
N ARG H 401 -16.97 73.04 14.17
CA ARG H 401 -16.22 74.11 14.81
C ARG H 401 -16.27 75.40 14.00
N GLU H 402 -16.59 75.31 12.70
CA GLU H 402 -16.60 76.48 11.83
C GLU H 402 -15.26 77.20 11.88
N ALA H 403 -14.19 76.41 11.93
CA ALA H 403 -12.82 76.93 11.96
C ALA H 403 -11.99 76.29 10.86
N PHE H 404 -11.00 77.06 10.38
CA PHE H 404 -10.07 76.68 9.33
C PHE H 404 -10.73 76.46 7.97
N LEU H 405 -12.05 76.67 7.86
CA LEU H 405 -12.65 76.75 6.53
C LEU H 405 -12.12 77.93 5.74
N GLU H 406 -11.54 78.93 6.41
CA GLU H 406 -10.99 80.06 5.69
C GLU H 406 -9.88 79.64 4.74
N GLN H 407 -9.19 78.54 5.05
CA GLN H 407 -8.20 78.00 4.12
C GLN H 407 -8.85 77.61 2.80
N PHE H 408 -10.03 76.97 2.85
CA PHE H 408 -10.80 76.74 1.64
C PHE H 408 -11.51 78.00 1.17
N ARG H 409 -11.63 79.01 2.03
CA ARG H 409 -12.10 80.30 1.58
C ARG H 409 -10.97 81.14 0.98
N LYS H 410 -9.72 80.67 1.09
CA LYS H 410 -8.65 81.27 0.31
C LYS H 410 -8.92 81.09 -1.18
N GLU H 411 -9.39 79.92 -1.58
CA GLU H 411 -9.81 79.68 -2.94
C GLU H 411 -11.28 80.02 -3.06
N ASP H 412 -11.64 80.69 -4.16
CA ASP H 412 -13.04 81.03 -4.36
C ASP H 412 -13.92 79.80 -4.55
N ILE H 413 -13.33 78.67 -4.97
CA ILE H 413 -14.15 77.49 -5.25
C ILE H 413 -14.90 77.05 -4.00
N PHE H 414 -14.24 77.14 -2.84
CA PHE H 414 -14.90 76.87 -1.58
C PHE H 414 -15.22 78.13 -0.79
N LYS H 415 -14.67 79.28 -1.18
CA LYS H 415 -15.11 80.55 -0.61
C LYS H 415 -16.57 80.82 -0.97
N GLU H 416 -16.95 80.54 -2.21
CA GLU H 416 -18.32 80.79 -2.65
C GLU H 416 -19.32 79.93 -1.88
N ASN H 417 -19.01 78.65 -1.68
CA ASN H 417 -19.91 77.76 -0.97
C ASN H 417 -19.14 76.51 -0.58
N PHE H 418 -19.77 75.71 0.29
CA PHE H 418 -19.24 74.42 0.69
C PHE H 418 -20.21 73.31 0.32
N ASP H 419 -21.04 73.54 -0.70
CA ASP H 419 -22.01 72.53 -1.10
C ASP H 419 -21.31 71.26 -1.54
N GLU H 420 -20.08 71.39 -2.04
CA GLU H 420 -19.32 70.21 -2.44
C GLU H 420 -19.02 69.34 -1.22
N LEU H 421 -18.63 69.98 -0.11
CA LEU H 421 -18.39 69.24 1.13
C LEU H 421 -19.68 68.59 1.61
N ASP H 422 -20.80 69.30 1.51
CA ASP H 422 -22.07 68.74 1.93
C ASP H 422 -22.42 67.52 1.10
N ARG H 423 -22.24 67.60 -0.22
CA ARG H 423 -22.52 66.46 -1.08
C ARG H 423 -21.60 65.31 -0.78
N SER H 424 -20.32 65.58 -0.51
CA SER H 424 -19.39 64.53 -0.15
C SER H 424 -19.84 63.83 1.12
N ARG H 425 -20.23 64.59 2.13
CA ARG H 425 -20.70 64.00 3.38
C ARG H 425 -21.97 63.19 3.15
N GLU H 426 -22.88 63.71 2.32
CA GLU H 426 -24.11 62.99 2.01
C GLU H 426 -23.81 61.66 1.35
N VAL H 427 -22.91 61.66 0.37
CA VAL H 427 -22.59 60.43 -0.35
C VAL H 427 -21.88 59.45 0.58
N VAL H 428 -21.02 59.95 1.46
CA VAL H 428 -20.33 59.06 2.39
C VAL H 428 -21.34 58.43 3.36
N GLN H 429 -22.32 59.21 3.81
CA GLN H 429 -23.36 58.65 4.66
C GLN H 429 -24.16 57.61 3.91
N GLU H 430 -24.46 57.88 2.63
CA GLU H 430 -25.16 56.90 1.82
C GLU H 430 -24.35 55.62 1.71
N LEU H 431 -23.04 55.73 1.50
CA LEU H 431 -22.21 54.54 1.39
C LEU H 431 -22.17 53.77 2.70
N ILE H 432 -22.10 54.46 3.82
CA ILE H 432 -22.13 53.79 5.11
C ILE H 432 -23.46 53.06 5.29
N ASP H 433 -24.55 53.71 4.90
CA ASP H 433 -25.87 53.09 4.98
C ASP H 433 -25.95 51.85 4.10
N GLU H 434 -25.40 51.93 2.89
CA GLU H 434 -25.39 50.75 2.02
C GLU H 434 -24.57 49.63 2.64
N TYR H 435 -23.44 49.97 3.23
CA TYR H 435 -22.64 48.97 3.93
C TYR H 435 -23.46 48.29 5.02
N HIS H 436 -24.14 49.07 5.84
CA HIS H 436 -24.91 48.50 6.95
C HIS H 436 -26.07 47.66 6.43
N ALA H 437 -26.71 48.08 5.35
CA ALA H 437 -27.80 47.31 4.78
C ALA H 437 -27.29 46.00 4.19
N ALA H 438 -26.07 46.01 3.68
CA ALA H 438 -25.50 44.79 3.11
C ALA H 438 -25.37 43.71 4.17
N THR H 439 -25.20 44.09 5.43
CA THR H 439 -25.13 43.11 6.51
C THR H 439 -26.43 42.32 6.61
N ARG H 440 -27.56 43.01 6.51
CA ARG H 440 -28.84 42.32 6.58
C ARG H 440 -29.11 41.59 5.27
N PRO H 441 -29.82 40.46 5.32
CA PRO H 441 -30.11 39.68 4.11
C PRO H 441 -31.27 40.28 3.30
N ASP H 442 -31.19 41.58 3.03
CA ASP H 442 -32.21 42.28 2.28
C ASP H 442 -31.60 43.23 1.24
N TYR H 443 -30.28 43.27 1.09
CA TYR H 443 -29.66 44.23 0.19
C TYR H 443 -30.03 44.00 -1.26
N ILE H 444 -30.46 42.80 -1.63
CA ILE H 444 -30.93 42.60 -2.99
C ILE H 444 -32.18 43.44 -3.23
N SER H 445 -32.95 43.70 -2.17
CA SER H 445 -34.15 44.52 -2.31
C SER H 445 -33.82 45.93 -2.77
N TRP H 446 -32.66 46.46 -2.39
CA TRP H 446 -32.21 47.77 -2.84
C TRP H 446 -32.00 47.78 -4.35
N MET I 1 28.22 51.57 -67.52
CA MET I 1 29.65 51.79 -67.19
C MET I 1 29.86 52.02 -65.70
N PRO I 2 31.01 51.57 -65.19
CA PRO I 2 31.19 51.57 -63.74
C PRO I 2 31.05 52.96 -63.15
N ARG I 3 30.48 53.03 -61.95
CA ARG I 3 30.26 54.30 -61.29
C ARG I 3 31.52 54.76 -60.58
N GLU I 4 31.61 56.07 -60.37
CA GLU I 4 32.66 56.65 -59.55
C GLU I 4 32.08 57.81 -58.76
N ILE I 5 32.61 58.02 -57.56
CA ILE I 5 32.16 59.08 -56.66
C ILE I 5 33.35 59.96 -56.29
N ILE I 6 33.16 61.28 -56.41
CA ILE I 6 34.18 62.28 -56.11
C ILE I 6 33.65 63.13 -54.97
N THR I 7 34.47 63.32 -53.94
CA THR I 7 34.07 64.05 -52.75
C THR I 7 34.67 65.45 -52.75
N LEU I 8 33.80 66.46 -52.74
CA LEU I 8 34.22 67.86 -52.66
C LEU I 8 34.41 68.21 -51.21
N GLN I 9 35.68 68.29 -50.77
CA GLN I 9 35.99 68.77 -49.43
C GLN I 9 35.93 70.30 -49.41
N LEU I 10 35.09 70.86 -48.55
CA LEU I 10 35.00 72.31 -48.42
C LEU I 10 34.55 72.66 -47.01
N GLY I 11 34.92 73.86 -46.58
CA GLY I 11 34.71 74.26 -45.20
C GLY I 11 35.62 73.52 -44.24
N GLN I 12 35.94 74.15 -43.11
CA GLN I 12 36.84 73.52 -42.16
C GLN I 12 36.26 72.21 -41.63
N CYS I 13 35.01 72.24 -41.16
CA CYS I 13 34.38 71.03 -40.68
C CYS I 13 34.21 70.02 -41.80
N GLY I 14 33.83 70.48 -42.99
CA GLY I 14 33.69 69.57 -44.11
C GLY I 14 34.99 68.94 -44.52
N ASN I 15 36.07 69.73 -44.56
CA ASN I 15 37.39 69.18 -44.86
C ASN I 15 37.80 68.16 -43.81
N GLN I 16 37.59 68.47 -42.54
CA GLN I 16 37.92 67.54 -41.47
C GLN I 16 37.17 66.23 -41.65
N ILE I 17 35.87 66.32 -41.91
CA ILE I 17 35.06 65.11 -41.99
C ILE I 17 35.43 64.30 -43.22
N GLY I 18 35.72 64.97 -44.33
CA GLY I 18 36.16 64.26 -45.51
C GLY I 18 37.48 63.55 -45.29
N PHE I 19 38.43 64.22 -44.65
CA PHE I 19 39.71 63.58 -44.36
C PHE I 19 39.52 62.37 -43.46
N GLU I 20 38.70 62.50 -42.42
CA GLU I 20 38.50 61.38 -41.52
C GLU I 20 37.79 60.23 -42.21
N PHE I 21 36.81 60.53 -43.07
CA PHE I 21 36.10 59.49 -43.79
C PHE I 21 37.01 58.75 -44.75
N TRP I 22 37.86 59.48 -45.48
CA TRP I 22 38.84 58.83 -46.34
C TRP I 22 39.79 57.97 -45.53
N LYS I 23 40.25 58.47 -44.39
CA LYS I 23 41.16 57.68 -43.56
C LYS I 23 40.48 56.40 -43.09
N GLN I 24 39.22 56.50 -42.69
CA GLN I 24 38.50 55.32 -42.24
C GLN I 24 38.31 54.33 -43.38
N LEU I 25 38.00 54.82 -44.58
CA LEU I 25 37.88 53.95 -45.74
C LEU I 25 39.18 53.23 -46.03
N CYS I 26 40.31 53.95 -45.93
CA CYS I 26 41.60 53.32 -46.18
C CYS I 26 41.91 52.27 -45.13
N ALA I 27 41.61 52.57 -43.87
CA ALA I 27 41.94 51.63 -42.80
C ALA I 27 41.07 50.38 -42.89
N GLU I 28 39.77 50.55 -43.15
CA GLU I 28 38.89 49.39 -43.24
C GLU I 28 39.29 48.47 -44.37
N HIS I 29 39.91 49.01 -45.41
CA HIS I 29 40.36 48.21 -46.54
C HIS I 29 41.82 47.77 -46.39
N GLY I 30 42.47 48.15 -45.29
CA GLY I 30 43.89 47.87 -45.12
C GLY I 30 44.78 48.58 -46.10
N ILE I 31 44.52 49.86 -46.37
CA ILE I 31 45.26 50.64 -47.35
C ILE I 31 46.26 51.52 -46.61
N SER I 32 47.51 51.50 -47.07
CA SER I 32 48.53 52.35 -46.46
C SER I 32 48.20 53.81 -46.74
N PRO I 33 48.51 54.72 -45.81
CA PRO I 33 48.21 56.13 -46.08
C PRO I 33 49.08 56.78 -47.13
N GLU I 34 49.94 55.99 -47.78
CA GLU I 34 50.81 56.51 -48.84
C GLU I 34 50.31 56.10 -50.22
N GLY I 35 49.08 55.63 -50.30
CA GLY I 35 48.53 55.13 -51.55
C GLY I 35 48.90 53.69 -51.82
N ILE I 36 49.40 52.97 -50.81
CA ILE I 36 49.81 51.58 -50.95
C ILE I 36 48.77 50.69 -50.27
N VAL I 37 48.25 49.73 -51.03
CA VAL I 37 47.19 48.84 -50.56
C VAL I 37 47.81 47.49 -50.27
N GLU I 38 47.54 46.95 -49.08
CA GLU I 38 48.04 45.64 -48.69
C GLU I 38 46.89 44.78 -48.20
N GLU I 39 46.89 43.51 -48.62
CA GLU I 39 45.85 42.58 -48.22
C GLU I 39 45.97 42.25 -46.74
N THR I 45 31.38 40.58 -53.32
CA THR I 45 32.70 40.89 -53.87
C THR I 45 33.17 42.26 -53.39
N ASP I 46 34.45 42.37 -53.06
CA ASP I 46 34.97 43.62 -52.54
C ASP I 46 35.27 44.58 -53.69
N ARG I 47 35.04 45.86 -53.42
CA ARG I 47 35.32 46.94 -54.37
C ARG I 47 36.09 48.02 -53.65
N LYS I 48 37.31 48.30 -54.10
CA LYS I 48 38.11 49.37 -53.53
C LYS I 48 38.62 50.30 -54.63
N ASP I 49 37.82 50.47 -55.68
CA ASP I 49 38.20 51.31 -56.80
C ASP I 49 37.06 52.19 -57.29
N VAL I 50 35.86 52.07 -56.72
CA VAL I 50 34.76 52.90 -57.18
C VAL I 50 34.77 54.26 -56.53
N PHE I 51 35.45 54.42 -55.39
CA PHE I 51 35.59 55.70 -54.74
C PHE I 51 37.02 56.21 -54.65
N PHE I 52 38.00 55.32 -54.73
CA PHE I 52 39.38 55.70 -55.03
C PHE I 52 39.59 55.69 -56.54
N TYR I 53 40.82 55.92 -56.97
CA TYR I 53 41.22 55.73 -58.35
C TYR I 53 42.71 55.45 -58.37
N GLN I 54 43.12 54.53 -59.25
CA GLN I 54 44.52 54.15 -59.39
C GLN I 54 45.15 55.06 -60.43
N ALA I 55 46.03 55.96 -59.99
CA ALA I 55 46.69 56.88 -60.90
C ALA I 55 47.84 56.16 -61.60
N ASP I 56 48.65 56.90 -62.35
CA ASP I 56 49.79 56.30 -63.03
C ASP I 56 50.80 55.74 -62.05
N ASP I 57 50.81 56.25 -60.81
CA ASP I 57 51.67 55.73 -59.76
C ASP I 57 51.17 54.40 -59.19
N GLU I 58 50.05 53.88 -59.69
CA GLU I 58 49.50 52.62 -59.20
C GLU I 58 49.22 52.70 -57.70
N HIS I 59 48.60 53.80 -57.28
CA HIS I 59 48.16 53.99 -55.91
C HIS I 59 46.71 54.43 -55.91
N TYR I 60 45.96 53.93 -54.94
CA TYR I 60 44.53 54.20 -54.82
C TYR I 60 44.33 55.57 -54.18
N ILE I 61 44.51 56.62 -54.97
CA ILE I 61 44.35 57.97 -54.43
C ILE I 61 42.85 58.16 -54.33
N PRO I 62 42.32 58.71 -53.24
CA PRO I 62 40.87 58.86 -53.15
C PRO I 62 40.34 59.79 -54.22
N ARG I 63 39.14 59.48 -54.71
CA ARG I 63 38.41 60.37 -55.59
C ARG I 63 37.82 61.47 -54.72
N ALA I 64 38.59 62.55 -54.56
CA ALA I 64 38.18 63.65 -53.69
C ALA I 64 38.81 64.94 -54.17
N VAL I 65 38.17 66.05 -53.83
CA VAL I 65 38.70 67.38 -54.11
C VAL I 65 38.88 68.10 -52.79
N LEU I 66 40.11 68.54 -52.52
CA LEU I 66 40.49 69.17 -51.25
C LEU I 66 40.59 70.68 -51.45
N LEU I 67 39.49 71.38 -51.19
CA LEU I 67 39.43 72.83 -51.35
C LEU I 67 39.02 73.46 -50.02
N ASP I 68 39.58 74.63 -49.73
CA ASP I 68 39.11 75.44 -48.62
C ASP I 68 39.59 76.87 -48.80
N LEU I 69 38.74 77.84 -48.47
CA LEU I 69 39.16 79.23 -48.39
C LEU I 69 39.88 79.57 -47.10
N GLU I 70 39.98 78.61 -46.17
CA GLU I 70 40.79 78.72 -44.95
C GLU I 70 41.73 77.54 -44.93
N PRO I 71 42.92 77.65 -45.55
CA PRO I 71 43.72 76.44 -45.82
C PRO I 71 44.40 75.85 -44.59
N ARG I 72 44.01 76.31 -43.41
CA ARG I 72 44.61 75.78 -42.17
C ARG I 72 44.32 74.29 -42.06
N VAL I 73 43.08 73.88 -42.35
CA VAL I 73 42.75 72.46 -42.38
C VAL I 73 43.53 71.76 -43.49
N ILE I 74 43.79 72.45 -44.60
CA ILE I 74 44.61 71.86 -45.64
C ILE I 74 46.01 71.58 -45.12
N HIS I 75 46.57 72.52 -44.37
CA HIS I 75 47.88 72.29 -43.75
C HIS I 75 47.81 71.12 -42.76
N SER I 76 46.75 71.04 -41.97
CA SER I 76 46.61 69.95 -41.02
C SER I 76 46.57 68.60 -41.73
N ILE I 77 45.87 68.53 -42.86
CA ILE I 77 45.85 67.30 -43.66
C ILE I 77 47.24 67.03 -44.20
N LEU I 78 47.92 68.07 -44.68
CA LEU I 78 49.22 67.87 -45.32
C LEU I 78 50.22 67.32 -44.32
N ASN I 79 50.23 67.86 -43.09
CA ASN I 79 51.18 67.40 -42.10
C ASN I 79 50.91 65.95 -41.68
N SER I 80 49.70 65.47 -41.87
CA SER I 80 49.42 64.08 -41.58
C SER I 80 50.00 63.20 -42.69
N PRO I 81 50.31 61.94 -42.39
CA PRO I 81 50.84 61.05 -43.43
C PRO I 81 49.85 60.74 -44.54
N TYR I 82 48.61 61.23 -44.45
CA TYR I 82 47.59 60.97 -45.46
C TYR I 82 47.67 61.93 -46.64
N ALA I 83 48.58 62.90 -46.61
CA ALA I 83 48.79 63.73 -47.79
C ALA I 83 49.34 62.91 -48.94
N LYS I 84 50.13 61.87 -48.64
CA LYS I 84 50.58 60.94 -49.66
C LYS I 84 49.45 60.10 -50.23
N LEU I 85 48.39 59.86 -49.46
CA LEU I 85 47.25 59.12 -49.99
C LEU I 85 46.61 59.83 -51.18
N TYR I 86 46.43 61.14 -51.08
CA TYR I 86 45.80 61.92 -52.13
C TYR I 86 46.85 62.52 -53.06
N ASN I 87 46.39 62.99 -54.23
CA ASN I 87 47.25 63.79 -55.08
C ASN I 87 47.35 65.23 -54.54
N PRO I 88 48.53 65.83 -54.58
CA PRO I 88 48.63 67.28 -54.32
C PRO I 88 47.85 68.12 -55.31
N GLU I 89 47.66 67.63 -56.54
CA GLU I 89 46.81 68.32 -57.50
C GLU I 89 45.37 68.40 -57.01
N ASN I 90 44.88 67.31 -56.40
CA ASN I 90 43.54 67.34 -55.85
C ASN I 90 43.42 68.41 -54.77
N ILE I 91 44.45 68.52 -53.93
CA ILE I 91 44.47 69.51 -52.86
C ILE I 91 44.79 70.86 -53.52
N TYR I 92 43.78 71.69 -53.71
CA TYR I 92 43.96 73.03 -54.27
C TYR I 92 43.51 74.03 -53.22
N LEU I 93 44.47 74.52 -52.46
CA LEU I 93 44.22 75.53 -51.43
C LEU I 93 44.15 76.92 -52.06
N SER I 94 43.25 77.74 -51.54
CA SER I 94 43.10 79.11 -52.00
C SER I 94 42.83 79.99 -50.79
N GLU I 95 43.63 81.05 -50.64
CA GLU I 95 43.46 82.00 -49.55
C GLU I 95 43.30 83.40 -50.13
N HIS I 96 42.15 84.03 -49.87
CA HIS I 96 41.85 85.35 -50.38
C HIS I 96 42.02 86.43 -49.32
N GLY I 97 42.61 86.08 -48.18
CA GLY I 97 42.79 87.03 -47.09
C GLY I 97 42.28 86.49 -45.78
N GLY I 98 42.01 85.20 -45.71
CA GLY I 98 41.48 84.57 -44.53
C GLY I 98 40.07 84.00 -44.66
N GLY I 99 39.64 83.66 -45.87
CA GLY I 99 38.28 83.18 -46.08
C GLY I 99 37.30 84.30 -46.32
N ALA I 100 36.04 83.91 -46.45
CA ALA I 100 34.96 84.85 -46.72
C ALA I 100 34.62 85.72 -45.52
N GLY I 101 35.12 85.40 -44.33
CA GLY I 101 34.72 86.11 -43.15
C GLY I 101 33.36 85.69 -42.65
N ASN I 102 32.99 84.44 -42.86
CA ASN I 102 31.68 83.93 -42.45
C ASN I 102 30.55 84.71 -43.11
N ASN I 103 30.67 84.92 -44.43
CA ASN I 103 29.62 85.55 -45.20
C ASN I 103 29.30 84.68 -46.41
N TRP I 104 27.99 84.43 -46.64
CA TRP I 104 27.59 83.64 -47.80
C TRP I 104 27.96 84.36 -49.09
N ALA I 105 27.68 85.66 -49.17
CA ALA I 105 27.98 86.41 -50.39
C ALA I 105 29.48 86.46 -50.64
N SER I 106 30.27 86.66 -49.59
CA SER I 106 31.71 86.69 -49.74
C SER I 106 32.25 85.36 -50.22
N GLY I 107 31.75 84.26 -49.65
CA GLY I 107 32.19 82.95 -50.11
C GLY I 107 31.77 82.66 -51.54
N PHE I 108 30.56 83.06 -51.91
CA PHE I 108 30.11 82.91 -53.29
C PHE I 108 31.00 83.68 -54.25
N SER I 109 31.35 84.92 -53.89
CA SER I 109 32.21 85.70 -54.76
C SER I 109 33.61 85.10 -54.83
N GLN I 110 34.16 84.64 -53.71
CA GLN I 110 35.49 84.07 -53.76
C GLN I 110 35.50 82.76 -54.55
N GLY I 111 34.39 82.02 -54.50
CA GLY I 111 34.23 80.85 -55.35
C GLY I 111 34.24 81.22 -56.83
N GLU I 112 33.58 82.32 -57.18
CA GLU I 112 33.63 82.77 -58.56
C GLU I 112 35.02 83.27 -58.93
N LYS I 113 35.76 83.80 -57.97
CA LYS I 113 37.11 84.29 -58.22
C LYS I 113 38.05 83.18 -58.69
N ILE I 114 37.95 82.00 -58.09
CA ILE I 114 38.77 80.87 -58.53
C ILE I 114 37.94 79.86 -59.32
N HIS I 115 36.92 80.36 -60.01
CA HIS I 115 36.02 79.52 -60.79
C HIS I 115 36.78 78.44 -61.56
N GLU I 116 37.70 78.86 -62.43
CA GLU I 116 38.41 77.90 -63.26
C GLU I 116 39.49 77.16 -62.48
N ASP I 117 40.10 77.78 -61.47
CA ASP I 117 41.23 77.14 -60.81
C ASP I 117 40.79 75.85 -60.13
N ILE I 118 39.48 75.68 -59.94
CA ILE I 118 38.91 74.50 -59.35
C ILE I 118 38.08 73.71 -60.36
N PHE I 119 37.40 74.41 -61.28
CA PHE I 119 36.63 73.71 -62.29
C PHE I 119 37.51 72.93 -63.25
N ASP I 120 38.73 73.39 -63.50
CA ASP I 120 39.66 72.60 -64.30
C ASP I 120 39.97 71.27 -63.61
N ILE I 121 40.22 71.30 -62.31
CA ILE I 121 40.49 70.08 -61.57
C ILE I 121 39.26 69.18 -61.58
N ILE I 122 38.08 69.78 -61.39
CA ILE I 122 36.85 69.00 -61.38
C ILE I 122 36.67 68.30 -62.72
N ASP I 123 36.83 69.03 -63.83
CA ASP I 123 36.60 68.41 -65.13
C ASP I 123 37.70 67.39 -65.43
N ARG I 124 38.91 67.64 -64.94
CA ARG I 124 40.00 66.67 -65.08
C ARG I 124 39.61 65.33 -64.48
N GLU I 125 39.16 65.34 -63.23
CA GLU I 125 38.79 64.09 -62.58
C GLU I 125 37.49 63.53 -63.14
N ALA I 126 36.60 64.39 -63.64
CA ALA I 126 35.39 63.91 -64.30
C ALA I 126 35.72 63.14 -65.58
N ASP I 127 36.66 63.67 -66.36
CA ASP I 127 37.06 62.99 -67.60
C ASP I 127 37.91 61.76 -67.31
N GLY I 128 38.65 61.77 -66.20
CA GLY I 128 39.41 60.59 -65.83
C GLY I 128 38.57 59.40 -65.44
N SER I 129 37.30 59.61 -65.12
CA SER I 129 36.38 58.54 -64.75
C SER I 129 35.53 58.13 -65.95
N ASP I 130 35.46 56.83 -66.23
CA ASP I 130 34.65 56.36 -67.34
C ASP I 130 33.18 56.67 -67.12
N SER I 131 32.67 56.42 -65.91
CA SER I 131 31.33 56.83 -65.54
C SER I 131 31.38 57.38 -64.12
N LEU I 132 30.45 58.29 -63.82
CA LEU I 132 30.39 58.95 -62.52
C LEU I 132 29.11 58.59 -61.81
N GLU I 133 29.22 58.17 -60.55
CA GLU I 133 28.05 58.05 -59.70
C GLU I 133 27.40 59.42 -59.49
N GLY I 134 28.20 60.45 -59.38
CA GLY I 134 27.71 61.82 -59.24
C GLY I 134 28.74 62.67 -58.51
N PHE I 135 28.25 63.74 -57.91
CA PHE I 135 29.07 64.66 -57.13
C PHE I 135 28.54 64.77 -55.71
N VAL I 136 29.46 64.96 -54.77
CA VAL I 136 29.13 65.12 -53.35
C VAL I 136 29.85 66.37 -52.85
N LEU I 137 29.10 67.25 -52.19
CA LEU I 137 29.63 68.44 -51.53
C LEU I 137 29.48 68.28 -50.03
N CYS I 138 30.59 68.07 -49.34
CA CYS I 138 30.59 67.86 -47.90
C CYS I 138 31.10 69.14 -47.24
N HIS I 139 30.27 69.76 -46.40
CA HIS I 139 30.67 71.01 -45.76
C HIS I 139 29.71 71.28 -44.60
N SER I 140 29.98 72.37 -43.89
CA SER I 140 29.05 72.93 -42.92
C SER I 140 28.59 74.30 -43.39
N ILE I 141 27.27 74.46 -43.54
CA ILE I 141 26.72 75.72 -44.03
C ILE I 141 26.77 76.83 -43.00
N ALA I 142 27.14 76.52 -41.75
CA ALA I 142 27.24 77.56 -40.72
C ALA I 142 28.30 78.60 -41.08
N GLY I 143 29.48 78.17 -41.54
CA GLY I 143 30.46 79.11 -42.03
C GLY I 143 29.98 79.78 -43.30
N GLY I 144 29.89 81.11 -43.30
CA GLY I 144 29.46 81.81 -44.49
C GLY I 144 30.38 81.55 -45.67
N THR I 145 31.68 81.44 -45.39
CA THR I 145 32.61 80.92 -46.38
C THR I 145 32.10 79.62 -46.99
N GLY I 146 31.84 78.63 -46.14
CA GLY I 146 31.39 77.33 -46.63
C GLY I 146 30.08 77.43 -47.38
N SER I 147 29.11 78.15 -46.82
CA SER I 147 27.79 78.25 -47.45
C SER I 147 27.89 78.90 -48.83
N GLY I 148 28.60 80.02 -48.92
CA GLY I 148 28.74 80.70 -50.20
C GLY I 148 29.49 79.87 -51.22
N LEU I 149 30.58 79.23 -50.80
CA LEU I 149 31.34 78.41 -51.74
C LEU I 149 30.49 77.24 -52.22
N GLY I 150 29.73 76.61 -51.31
CA GLY I 150 28.88 75.52 -51.73
C GLY I 150 27.78 75.96 -52.68
N SER I 151 27.18 77.12 -52.42
CA SER I 151 26.16 77.63 -53.32
C SER I 151 26.73 77.90 -54.71
N TYR I 152 27.90 78.54 -54.76
CA TYR I 152 28.53 78.80 -56.05
C TYR I 152 28.85 77.49 -56.76
N LEU I 153 29.39 76.52 -56.03
CA LEU I 153 29.72 75.24 -56.63
C LEU I 153 28.49 74.54 -57.15
N LEU I 154 27.40 74.55 -56.38
CA LEU I 154 26.16 73.91 -56.82
C LEU I 154 25.65 74.56 -58.10
N GLU I 155 25.63 75.90 -58.13
CA GLU I 155 25.18 76.58 -59.33
C GLU I 155 26.03 76.20 -60.53
N ARG I 156 27.34 76.31 -60.39
CA ARG I 156 28.23 76.06 -61.53
C ARG I 156 28.16 74.62 -61.98
N LEU I 157 27.99 73.68 -61.04
CA LEU I 157 27.94 72.27 -61.40
C LEU I 157 26.63 71.94 -62.09
N ASN I 158 25.52 72.43 -61.55
CA ASN I 158 24.23 72.19 -62.18
C ASN I 158 24.19 72.78 -63.58
N ASP I 159 24.86 73.91 -63.79
CA ASP I 159 24.99 74.42 -65.15
C ASP I 159 25.88 73.50 -65.99
N ARG I 160 27.01 73.08 -65.44
CA ARG I 160 27.97 72.28 -66.21
C ARG I 160 27.49 70.85 -66.37
N TYR I 161 26.92 70.27 -65.31
CA TYR I 161 26.61 68.84 -65.25
C TYR I 161 25.17 68.68 -64.79
N PRO I 162 24.21 68.94 -65.68
CA PRO I 162 22.80 68.75 -65.33
C PRO I 162 22.33 67.31 -65.38
N LYS I 163 23.22 66.36 -65.70
CA LYS I 163 22.89 64.95 -65.80
C LYS I 163 23.52 64.09 -64.72
N LYS I 164 24.41 64.64 -63.90
CA LYS I 164 25.08 63.88 -62.84
C LYS I 164 24.42 64.13 -61.49
N LEU I 165 24.38 63.09 -60.67
CA LEU I 165 23.73 63.17 -59.37
C LEU I 165 24.48 64.12 -58.45
N VAL I 166 23.72 64.89 -57.68
CA VAL I 166 24.26 65.87 -56.74
C VAL I 166 23.78 65.54 -55.34
N GLN I 167 24.71 65.44 -54.40
CA GLN I 167 24.41 65.17 -53.01
C GLN I 167 25.19 66.14 -52.13
N THR I 168 24.60 66.51 -51.00
CA THR I 168 25.20 67.49 -50.10
C THR I 168 25.19 67.00 -48.66
N TYR I 169 26.38 66.76 -48.12
CA TYR I 169 26.54 66.40 -46.71
C TYR I 169 26.73 67.71 -45.95
N SER I 170 25.62 68.35 -45.58
CA SER I 170 25.65 69.65 -44.92
C SER I 170 25.51 69.45 -43.42
N VAL I 171 26.51 69.91 -42.67
CA VAL I 171 26.46 69.95 -41.21
C VAL I 171 25.61 71.13 -40.78
N PHE I 172 24.34 70.88 -40.48
CA PHE I 172 23.41 71.97 -40.17
C PHE I 172 23.56 72.31 -38.70
N PRO I 173 24.00 73.51 -38.34
CA PRO I 173 23.88 73.95 -36.95
C PRO I 173 22.43 74.11 -36.54
N ASN I 174 22.17 73.85 -35.26
CA ASN I 174 20.80 73.89 -34.75
C ASN I 174 20.22 75.30 -34.87
N GLN I 175 19.13 75.40 -35.62
CA GLN I 175 18.47 76.68 -35.88
C GLN I 175 17.62 77.14 -34.69
N ASP I 176 17.47 76.28 -33.68
CA ASP I 176 16.72 76.66 -32.49
C ASP I 176 17.44 77.73 -31.67
N GLU I 177 18.77 77.65 -31.61
CA GLU I 177 19.52 78.59 -30.78
C GLU I 177 20.12 79.69 -31.66
N MET I 178 20.99 80.50 -31.07
CA MET I 178 21.76 81.51 -31.78
C MET I 178 23.15 80.98 -32.07
N SER I 179 23.54 80.99 -33.34
CA SER I 179 24.92 80.72 -33.69
C SER I 179 25.74 82.00 -33.54
N ASP I 180 27.06 81.84 -33.53
CA ASP I 180 27.93 83.01 -33.43
C ASP I 180 27.83 83.91 -34.64
N VAL I 181 27.41 83.37 -35.79
CA VAL I 181 27.26 84.18 -37.00
C VAL I 181 26.04 85.06 -36.85
N VAL I 182 26.23 86.38 -36.96
CA VAL I 182 25.09 87.28 -36.86
C VAL I 182 24.19 87.09 -38.07
N VAL I 183 24.76 86.75 -39.22
CA VAL I 183 24.01 86.48 -40.44
C VAL I 183 23.81 84.97 -40.65
N GLN I 184 23.89 84.19 -39.58
CA GLN I 184 23.72 82.74 -39.71
C GLN I 184 22.40 82.37 -40.36
N PRO I 185 21.26 82.93 -39.93
CA PRO I 185 20.01 82.63 -40.65
C PRO I 185 20.06 83.02 -42.11
N TYR I 186 20.72 84.13 -42.44
CA TYR I 186 20.83 84.55 -43.84
C TYR I 186 21.59 83.51 -44.64
N ASN I 187 22.77 83.11 -44.15
CA ASN I 187 23.56 82.11 -44.87
C ASN I 187 22.78 80.81 -44.99
N SER I 188 22.08 80.43 -43.92
CA SER I 188 21.31 79.20 -43.93
C SER I 188 20.23 79.25 -45.01
N LEU I 189 19.49 80.36 -45.07
CA LEU I 189 18.44 80.48 -46.08
C LEU I 189 19.02 80.47 -47.48
N LEU I 190 20.14 81.16 -47.69
CA LEU I 190 20.75 81.17 -49.00
C LEU I 190 21.16 79.76 -49.43
N THR I 191 21.82 79.04 -48.52
CA THR I 191 22.24 77.68 -48.85
C THR I 191 21.05 76.76 -49.05
N LEU I 192 19.98 76.95 -48.27
CA LEU I 192 18.80 76.12 -48.44
C LEU I 192 18.14 76.36 -49.78
N LYS I 193 18.05 77.63 -50.20
CA LYS I 193 17.52 77.92 -51.53
C LYS I 193 18.37 77.28 -52.60
N ARG I 194 19.69 77.39 -52.47
CA ARG I 194 20.57 76.77 -53.46
C ARG I 194 20.35 75.26 -53.50
N LEU I 195 20.25 74.63 -52.34
CA LEU I 195 20.06 73.19 -52.28
C LEU I 195 18.71 72.79 -52.87
N THR I 196 17.66 73.55 -52.58
CA THR I 196 16.37 73.24 -53.15
C THR I 196 16.43 73.34 -54.67
N GLN I 197 17.14 74.34 -55.18
CA GLN I 197 17.22 74.55 -56.62
C GLN I 197 18.40 73.76 -57.18
N ASN I 198 19.61 74.06 -56.72
CA ASN I 198 20.80 73.43 -57.29
C ASN I 198 20.90 71.96 -56.90
N ALA I 199 20.75 71.65 -55.61
CA ALA I 199 21.01 70.29 -55.14
C ALA I 199 19.82 69.38 -55.38
N ASP I 200 20.07 68.20 -55.96
CA ASP I 200 19.01 67.22 -56.20
C ASP I 200 18.64 66.40 -54.96
N CYS I 201 19.53 66.26 -53.98
CA CYS I 201 19.22 65.50 -52.78
C CYS I 201 20.20 65.87 -51.67
N VAL I 202 19.68 66.19 -50.49
CA VAL I 202 20.50 66.60 -49.34
C VAL I 202 20.13 65.75 -48.14
N VAL I 203 21.13 65.13 -47.52
CA VAL I 203 20.94 64.46 -46.24
C VAL I 203 21.10 65.49 -45.12
N VAL I 204 20.28 65.38 -44.09
CA VAL I 204 20.27 66.32 -42.98
C VAL I 204 21.07 65.78 -41.82
N LEU I 205 21.97 66.61 -41.28
CA LEU I 205 22.81 66.23 -40.14
C LEU I 205 22.84 67.43 -39.19
N ASP I 206 22.02 67.38 -38.15
CA ASP I 206 21.96 68.48 -37.18
C ASP I 206 23.21 68.50 -36.32
N ASN I 207 23.86 69.66 -36.24
CA ASN I 207 25.03 69.78 -35.38
C ASN I 207 24.65 69.59 -33.92
N THR I 208 23.56 70.19 -33.48
CA THR I 208 23.18 70.05 -32.07
C THR I 208 22.76 68.61 -31.77
N ALA I 209 22.05 67.98 -32.72
CA ALA I 209 21.70 66.59 -32.57
C ALA I 209 22.95 65.71 -32.52
N LEU I 210 23.93 66.02 -33.36
CA LEU I 210 25.18 65.27 -33.33
C LEU I 210 25.87 65.45 -31.99
N ASN I 211 25.86 66.67 -31.45
CA ASN I 211 26.46 66.91 -30.16
C ASN I 211 25.79 66.09 -29.08
N ARG I 212 24.46 66.09 -29.06
CA ARG I 212 23.73 65.36 -28.04
C ARG I 212 23.96 63.86 -28.17
N ILE I 213 24.01 63.36 -29.41
CA ILE I 213 24.23 61.93 -29.61
C ILE I 213 25.65 61.55 -29.18
N ALA I 214 26.62 62.41 -29.48
CA ALA I 214 27.99 62.14 -29.03
C ALA I 214 28.07 62.13 -27.52
N THR I 215 27.39 63.07 -26.86
CA THR I 215 27.42 63.09 -25.41
C THR I 215 26.70 61.89 -24.80
N ASP I 216 25.65 61.41 -25.47
CA ASP I 216 24.87 60.29 -24.94
C ASP I 216 25.55 58.94 -25.18
N ARG I 217 25.75 58.57 -26.45
CA ARG I 217 26.21 57.22 -26.75
C ARG I 217 27.59 56.96 -26.16
N LEU I 218 28.48 57.94 -26.23
CA LEU I 218 29.81 57.83 -25.65
C LEU I 218 29.87 58.40 -24.24
N HIS I 219 28.73 58.78 -23.68
CA HIS I 219 28.65 59.28 -22.31
C HIS I 219 29.75 60.30 -22.02
N ILE I 220 30.15 61.06 -23.03
CA ILE I 220 31.13 62.12 -22.85
C ILE I 220 30.41 63.42 -22.58
N GLN I 221 31.07 64.30 -21.82
CA GLN I 221 30.55 65.61 -21.53
C GLN I 221 31.23 66.69 -22.37
N ASN I 222 32.06 66.28 -23.32
CA ASN I 222 32.79 67.22 -24.17
C ASN I 222 32.17 67.22 -25.56
N PRO I 223 31.67 68.36 -26.03
CA PRO I 223 31.18 68.41 -27.41
C PRO I 223 32.34 68.40 -28.39
N SER I 224 33.01 67.26 -28.50
CA SER I 224 34.22 67.17 -29.32
C SER I 224 33.83 67.06 -30.78
N PHE I 225 34.36 67.97 -31.60
CA PHE I 225 34.19 67.85 -33.03
C PHE I 225 34.85 66.59 -33.57
N SER I 226 35.87 66.10 -32.88
CA SER I 226 36.49 64.83 -33.28
C SER I 226 35.49 63.68 -33.22
N GLN I 227 34.70 63.60 -32.16
CA GLN I 227 33.71 62.54 -32.06
C GLN I 227 32.61 62.70 -33.10
N ILE I 228 32.22 63.94 -33.38
CA ILE I 228 31.24 64.19 -34.44
C ILE I 228 31.78 63.71 -35.78
N ASN I 229 33.04 64.04 -36.06
CA ASN I 229 33.64 63.61 -37.32
C ASN I 229 33.74 62.10 -37.39
N GLN I 230 34.06 61.45 -36.28
CA GLN I 230 34.11 59.99 -36.27
C GLN I 230 32.73 59.40 -36.56
N LEU I 231 31.70 59.94 -35.92
CA LEU I 231 30.34 59.50 -36.19
C LEU I 231 29.99 59.63 -37.66
N VAL I 232 30.23 60.82 -38.23
CA VAL I 232 29.83 61.06 -39.61
C VAL I 232 30.65 60.20 -40.56
N SER I 233 31.92 59.97 -40.23
CA SER I 233 32.74 59.10 -41.06
C SER I 233 32.21 57.68 -41.02
N THR I 234 31.77 57.23 -39.84
CA THR I 234 31.16 55.91 -39.75
C THR I 234 29.90 55.84 -40.61
N ILE I 235 29.06 56.88 -40.54
CA ILE I 235 27.84 56.89 -41.35
C ILE I 235 28.19 56.83 -42.83
N MET I 236 29.19 57.59 -43.26
CA MET I 236 29.49 57.64 -44.68
C MET I 236 30.12 56.34 -45.14
N SER I 237 30.97 55.74 -44.30
CA SER I 237 31.53 54.45 -44.65
C SER I 237 30.44 53.39 -44.72
N ALA I 238 29.45 53.49 -43.82
CA ALA I 238 28.32 52.58 -43.93
C ALA I 238 27.60 52.81 -45.23
N SER I 239 27.69 54.03 -45.77
CA SER I 239 26.98 54.31 -47.01
C SER I 239 27.65 53.58 -48.17
N THR I 240 28.97 53.65 -48.24
CA THR I 240 29.72 53.10 -49.36
C THR I 240 29.82 51.58 -49.29
N THR I 241 29.55 51.00 -48.12
CA THR I 241 29.60 49.54 -48.03
C THR I 241 28.60 48.91 -48.99
N THR I 242 27.44 49.54 -49.18
CA THR I 242 26.49 48.99 -50.14
C THR I 242 27.10 48.95 -51.53
N LEU I 243 27.79 50.03 -51.90
CA LEU I 243 28.42 50.07 -53.22
C LEU I 243 29.64 49.16 -53.31
N ARG I 244 30.12 48.63 -52.18
CA ARG I 244 31.21 47.68 -52.25
C ARG I 244 30.71 46.25 -52.52
N TYR I 245 29.72 45.80 -51.76
CA TYR I 245 29.10 44.50 -51.92
C TYR I 245 27.71 44.61 -52.52
N PRO I 246 27.44 44.12 -53.73
CA PRO I 246 26.08 44.26 -54.28
C PRO I 246 25.09 43.38 -53.52
N GLY I 247 25.47 42.13 -53.28
CA GLY I 247 24.60 41.16 -52.65
C GLY I 247 23.52 40.59 -53.55
N TYR I 248 22.47 41.36 -53.79
CA TYR I 248 21.48 40.99 -54.78
C TYR I 248 20.97 42.18 -55.59
N MET I 249 21.35 43.41 -55.26
CA MET I 249 20.76 44.58 -55.88
C MET I 249 21.64 45.77 -55.54
N ASN I 250 21.31 46.92 -56.13
CA ASN I 250 21.86 48.20 -55.73
C ASN I 250 23.39 48.17 -55.79
N ASN I 251 23.90 48.00 -57.00
CA ASN I 251 25.30 48.29 -57.28
C ASN I 251 25.53 49.78 -57.54
N ASP I 252 24.51 50.62 -57.39
CA ASP I 252 24.63 52.04 -57.62
C ASP I 252 23.91 52.79 -56.51
N LEU I 253 24.26 54.06 -56.35
CA LEU I 253 23.51 54.89 -55.42
C LEU I 253 22.23 55.43 -56.03
N ILE I 254 22.05 55.23 -57.33
CA ILE I 254 20.90 55.80 -58.02
C ILE I 254 19.62 55.19 -57.48
N GLY I 255 19.57 53.86 -57.40
CA GLY I 255 18.41 53.18 -56.85
C GLY I 255 18.17 53.50 -55.39
N LEU I 256 19.24 53.72 -54.63
CA LEU I 256 19.06 54.08 -53.23
C LEU I 256 18.36 55.43 -53.10
N ILE I 257 18.85 56.44 -53.82
CA ILE I 257 18.30 57.77 -53.67
C ILE I 257 16.90 57.84 -54.28
N ALA I 258 16.71 57.21 -55.45
CA ALA I 258 15.44 57.33 -56.15
C ALA I 258 14.28 56.78 -55.33
N SER I 259 14.54 55.81 -54.45
CA SER I 259 13.46 55.32 -53.60
C SER I 259 12.99 56.40 -52.65
N LEU I 260 13.87 57.33 -52.29
CA LEU I 260 13.61 58.28 -51.22
C LEU I 260 13.15 59.64 -51.74
N ILE I 261 13.05 59.80 -53.05
CA ILE I 261 12.63 61.07 -53.64
C ILE I 261 11.30 60.87 -54.36
N PRO I 262 10.19 61.41 -53.84
CA PRO I 262 8.96 61.45 -54.62
C PRO I 262 8.76 62.74 -55.39
N THR I 263 9.64 63.70 -55.18
CA THR I 263 9.53 65.03 -55.78
C THR I 263 10.91 65.66 -55.80
N PRO I 264 11.34 66.19 -56.94
CA PRO I 264 12.73 66.66 -57.06
C PRO I 264 13.02 67.90 -56.24
N ARG I 265 12.07 68.31 -55.40
CA ARG I 265 12.31 69.30 -54.36
C ARG I 265 12.15 68.75 -52.96
N LEU I 266 11.34 67.70 -52.78
CA LEU I 266 11.26 66.99 -51.51
C LEU I 266 12.23 65.81 -51.57
N HIS I 267 13.50 66.10 -51.26
CA HIS I 267 14.57 65.11 -51.39
C HIS I 267 15.51 65.16 -50.20
N PHE I 268 15.00 65.48 -49.02
CA PHE I 268 15.79 65.63 -47.81
C PHE I 268 15.51 64.47 -46.87
N LEU I 269 16.54 63.94 -46.22
CA LEU I 269 16.49 62.61 -45.63
C LEU I 269 16.95 62.67 -44.19
N MET I 270 16.22 61.99 -43.32
CA MET I 270 16.68 61.68 -41.97
C MET I 270 17.58 60.45 -41.98
N THR I 271 18.74 60.56 -41.35
CA THR I 271 19.77 59.52 -41.39
C THR I 271 19.92 58.92 -40.01
N GLY I 272 19.84 57.59 -39.96
CA GLY I 272 20.09 56.85 -38.73
C GLY I 272 20.98 55.67 -39.00
N TYR I 273 21.88 55.37 -38.06
CA TYR I 273 22.78 54.24 -38.24
C TYR I 273 22.80 53.39 -36.98
N THR I 274 22.98 52.09 -37.18
CA THR I 274 23.16 51.15 -36.10
C THR I 274 24.15 50.10 -36.60
N PRO I 275 25.16 49.75 -35.79
CA PRO I 275 25.37 50.28 -34.46
C PRO I 275 26.05 51.63 -34.61
N LEU I 276 25.83 52.54 -33.67
CA LEU I 276 26.56 53.79 -33.61
C LEU I 276 27.64 53.68 -32.56
N THR I 277 28.72 54.45 -32.76
CA THR I 277 29.80 54.46 -31.80
C THR I 277 29.28 54.95 -30.46
N THR I 278 29.23 54.05 -29.49
CA THR I 278 28.52 54.27 -28.24
C THR I 278 29.31 53.63 -27.13
N ASP I 279 29.67 54.43 -26.12
CA ASP I 279 30.32 53.95 -24.92
C ASP I 279 29.31 53.66 -23.83
N GLN I 280 28.02 53.71 -24.16
CA GLN I 280 26.95 53.31 -23.26
C GLN I 280 26.40 51.94 -23.62
N SER I 281 26.93 51.31 -24.68
CA SER I 281 26.50 49.98 -25.09
C SER I 281 27.69 49.14 -25.54
N VAL I 282 27.46 47.83 -25.61
CA VAL I 282 28.48 46.88 -26.02
C VAL I 282 28.80 47.07 -27.50
N ALA I 283 30.08 47.10 -27.83
CA ALA I 283 30.54 47.29 -29.20
C ALA I 283 31.00 46.00 -29.86
N SER I 284 31.00 44.88 -29.14
CA SER I 284 31.34 43.59 -29.72
C SER I 284 30.18 43.04 -30.55
N VAL I 285 30.48 42.05 -31.37
CA VAL I 285 29.50 41.46 -32.26
C VAL I 285 28.49 40.64 -31.45
N ARG I 286 27.21 40.94 -31.65
CA ARG I 286 26.11 40.22 -30.99
C ARG I 286 25.05 39.89 -32.03
N LYS I 287 24.30 38.83 -31.78
CA LYS I 287 23.26 38.40 -32.71
C LYS I 287 21.93 39.07 -32.36
N THR I 288 21.37 39.78 -33.33
CA THR I 288 20.05 40.40 -33.24
C THR I 288 19.23 39.98 -34.45
N THR I 289 17.92 39.93 -34.26
CA THR I 289 17.05 39.56 -35.36
C THR I 289 16.82 40.76 -36.27
N VAL I 290 16.13 40.52 -37.38
CA VAL I 290 15.76 41.64 -38.25
C VAL I 290 14.89 42.62 -37.48
N LEU I 291 13.91 42.10 -36.76
CA LEU I 291 13.03 42.98 -36.00
C LEU I 291 13.81 43.79 -34.97
N ASP I 292 14.91 43.23 -34.46
CA ASP I 292 15.71 43.96 -33.50
C ASP I 292 16.28 45.24 -34.11
N VAL I 293 16.68 45.17 -35.38
CA VAL I 293 17.54 46.22 -35.93
C VAL I 293 16.74 47.50 -36.11
N MET I 294 15.64 47.41 -36.86
CA MET I 294 14.86 48.61 -37.13
C MET I 294 14.15 49.10 -35.88
N ARG I 295 13.81 48.18 -34.98
CA ARG I 295 13.27 48.59 -33.68
C ARG I 295 14.28 49.46 -32.95
N ARG I 296 15.52 49.00 -32.85
CA ARG I 296 16.54 49.80 -32.19
C ARG I 296 16.74 51.14 -32.89
N LEU I 297 16.70 51.13 -34.22
CA LEU I 297 16.86 52.38 -34.97
C LEU I 297 15.72 53.36 -34.69
N LEU I 298 14.50 52.85 -34.49
CA LEU I 298 13.34 53.72 -34.31
C LEU I 298 13.48 54.66 -33.13
N GLN I 299 14.29 54.34 -32.14
CA GLN I 299 14.49 55.24 -31.02
C GLN I 299 15.10 56.55 -31.51
N PRO I 300 14.57 57.70 -31.09
CA PRO I 300 15.18 58.97 -31.51
C PRO I 300 16.63 59.12 -31.05
N LYS I 301 17.01 58.44 -29.97
CA LYS I 301 18.40 58.43 -29.55
C LYS I 301 19.29 57.78 -30.61
N ASN I 302 18.72 56.84 -31.36
CA ASN I 302 19.40 56.16 -32.46
C ASN I 302 19.34 56.92 -33.77
N VAL I 303 18.66 58.08 -33.80
CA VAL I 303 18.54 58.89 -34.99
C VAL I 303 19.39 60.13 -34.82
N MET I 304 20.22 60.42 -35.82
CA MET I 304 21.27 61.42 -35.73
C MET I 304 20.78 62.84 -35.97
N VAL I 305 19.46 63.06 -35.92
CA VAL I 305 18.88 64.39 -36.09
C VAL I 305 17.90 64.64 -34.95
N SER I 306 17.85 65.90 -34.50
CA SER I 306 16.98 66.27 -33.38
C SER I 306 15.53 66.39 -33.81
N THR I 307 15.25 66.40 -35.10
CA THR I 307 13.88 66.51 -35.58
C THR I 307 13.12 65.23 -35.24
N GLY I 308 11.87 65.38 -34.83
CA GLY I 308 11.03 64.26 -34.46
C GLY I 308 10.27 63.68 -35.63
N ARG I 309 9.20 62.98 -35.30
CA ARG I 309 8.32 62.35 -36.27
C ARG I 309 6.92 62.89 -36.03
N ASP I 310 6.15 63.06 -37.10
CA ASP I 310 4.80 63.60 -36.98
C ASP I 310 3.80 62.46 -37.07
N ARG I 311 3.07 62.24 -35.97
CA ARG I 311 1.93 61.34 -35.95
C ARG I 311 0.75 62.00 -35.25
N GLN I 312 0.80 63.32 -35.04
CA GLN I 312 -0.30 64.07 -34.50
C GLN I 312 -0.59 65.33 -35.31
N THR I 313 0.20 65.61 -36.34
CA THR I 313 -0.09 66.66 -37.30
C THR I 313 -0.06 66.00 -38.68
N ASN I 314 -0.15 66.76 -39.76
CA ASN I 314 -0.32 66.15 -41.07
C ASN I 314 1.06 66.06 -41.73
N HIS I 315 1.89 65.21 -41.12
CA HIS I 315 3.17 64.82 -41.67
C HIS I 315 3.44 63.37 -41.30
N CYS I 316 3.78 62.55 -42.29
CA CYS I 316 3.87 61.11 -42.13
C CYS I 316 5.13 60.62 -42.82
N TYR I 317 5.64 59.48 -42.35
CA TYR I 317 6.78 58.88 -43.03
C TYR I 317 6.35 58.56 -44.46
N ILE I 318 7.02 59.16 -45.44
CA ILE I 318 6.76 58.81 -46.83
C ILE I 318 7.61 57.64 -47.29
N ALA I 319 8.90 57.64 -46.97
CA ALA I 319 9.77 56.53 -47.32
C ALA I 319 10.59 56.12 -46.12
N ILE I 320 10.66 54.82 -45.87
CA ILE I 320 11.40 54.26 -44.74
C ILE I 320 12.32 53.20 -45.34
N LEU I 321 13.55 53.60 -45.67
CA LEU I 321 14.50 52.68 -46.27
C LEU I 321 15.41 52.11 -45.19
N ASN I 322 15.42 50.79 -45.07
CA ASN I 322 16.24 50.07 -44.10
C ASN I 322 17.27 49.30 -44.89
N ILE I 323 18.54 49.59 -44.65
CA ILE I 323 19.66 48.97 -45.36
C ILE I 323 20.28 47.97 -44.41
N ILE I 324 20.08 46.67 -44.67
CA ILE I 324 20.54 45.62 -43.80
C ILE I 324 21.68 44.91 -44.52
N GLN I 325 22.86 44.92 -43.88
CA GLN I 325 24.10 44.39 -44.43
C GLN I 325 24.58 43.24 -43.56
N GLY I 326 24.60 42.03 -44.12
CA GLY I 326 25.08 40.86 -43.41
C GLY I 326 24.11 39.71 -43.52
N GLU I 327 24.09 38.80 -42.55
CA GLU I 327 23.21 37.65 -42.70
C GLU I 327 21.76 38.10 -42.65
N VAL I 328 20.95 37.53 -43.54
CA VAL I 328 19.54 37.86 -43.67
C VAL I 328 18.72 36.58 -43.74
N ASP I 329 17.54 36.60 -43.14
CA ASP I 329 16.61 35.49 -43.25
C ASP I 329 15.28 36.03 -43.75
N PRO I 330 14.67 35.40 -44.76
CA PRO I 330 13.43 35.96 -45.31
C PRO I 330 12.32 36.05 -44.29
N THR I 331 12.23 35.05 -43.42
CA THR I 331 11.23 35.08 -42.34
C THR I 331 11.47 36.29 -41.46
N GLN I 332 12.73 36.57 -41.13
CA GLN I 332 13.04 37.74 -40.33
C GLN I 332 12.54 39.01 -41.02
N VAL I 333 12.81 39.15 -42.32
CA VAL I 333 12.38 40.35 -43.03
C VAL I 333 10.87 40.46 -43.01
N HIS I 334 10.18 39.35 -43.28
CA HIS I 334 8.72 39.37 -43.33
C HIS I 334 8.13 39.71 -41.97
N LYS I 335 8.63 39.06 -40.92
CA LYS I 335 8.13 39.33 -39.59
C LYS I 335 8.44 40.76 -39.17
N SER I 336 9.59 41.29 -39.58
CA SER I 336 9.90 42.67 -39.24
C SER I 336 8.90 43.61 -39.89
N LEU I 337 8.64 43.41 -41.19
CA LEU I 337 7.65 44.23 -41.88
C LEU I 337 6.29 44.11 -41.18
N GLN I 338 5.88 42.88 -40.90
CA GLN I 338 4.57 42.63 -40.31
C GLN I 338 4.46 43.29 -38.94
N ARG I 339 5.49 43.17 -38.12
CA ARG I 339 5.43 43.70 -36.76
C ARG I 339 5.51 45.22 -36.77
N ILE I 340 6.25 45.79 -37.71
CA ILE I 340 6.32 47.24 -37.80
C ILE I 340 4.97 47.79 -38.21
N ARG I 341 4.35 47.17 -39.22
CA ARG I 341 3.07 47.67 -39.70
C ARG I 341 2.00 47.42 -38.65
N GLU I 342 2.02 46.24 -38.02
CA GLU I 342 1.07 45.90 -36.98
C GLU I 342 1.28 46.76 -35.75
N ARG I 343 2.47 47.33 -35.60
CA ARG I 343 2.80 48.19 -34.48
C ARG I 343 2.63 49.66 -34.84
N LYS I 344 2.18 49.96 -36.06
CA LYS I 344 2.01 51.33 -36.50
C LYS I 344 3.32 52.08 -36.25
N LEU I 345 4.39 51.50 -36.76
CA LEU I 345 5.70 52.13 -36.81
C LEU I 345 5.97 52.84 -38.11
N ALA I 346 5.02 52.87 -39.04
CA ALA I 346 5.20 53.60 -40.29
C ALA I 346 3.90 54.26 -40.69
N ASN I 347 4.04 55.39 -41.38
CA ASN I 347 2.93 56.27 -41.73
C ASN I 347 2.76 56.24 -43.23
N PHE I 348 1.51 56.21 -43.69
CA PHE I 348 1.23 56.43 -45.09
C PHE I 348 1.06 57.91 -45.40
N ILE I 349 1.46 58.28 -46.61
CA ILE I 349 1.20 59.65 -47.05
C ILE I 349 -0.30 59.87 -47.05
N PRO I 350 -0.83 60.94 -46.45
CA PRO I 350 -2.29 61.05 -46.34
C PRO I 350 -2.94 61.49 -47.65
N TRP I 351 -2.49 60.88 -48.75
CA TRP I 351 -3.15 60.96 -50.04
C TRP I 351 -2.97 59.68 -50.84
N GLY I 352 -2.33 58.65 -50.28
CA GLY I 352 -2.11 57.40 -50.96
C GLY I 352 -1.35 56.44 -50.07
N PRO I 353 -1.29 55.16 -50.45
CA PRO I 353 -0.56 54.19 -49.62
C PRO I 353 0.94 54.35 -49.76
N ALA I 354 1.64 54.35 -48.64
CA ALA I 354 3.10 54.37 -48.63
C ALA I 354 3.64 52.96 -48.34
N SER I 355 4.93 52.79 -48.59
CA SER I 355 5.57 51.49 -48.47
C SER I 355 6.89 51.63 -47.72
N ILE I 356 7.35 50.51 -47.17
CA ILE I 356 8.64 50.41 -46.49
C ILE I 356 9.60 49.77 -47.48
N GLN I 357 10.80 50.34 -47.62
CA GLN I 357 11.84 49.78 -48.47
C GLN I 357 12.92 49.12 -47.64
N VAL I 358 13.27 47.88 -47.97
CA VAL I 358 14.32 47.17 -47.25
C VAL I 358 15.33 46.65 -48.25
N ALA I 359 16.61 46.80 -47.91
CA ALA I 359 17.74 46.40 -48.74
C ALA I 359 18.42 45.17 -48.12
N LEU I 360 18.26 44.01 -48.77
CA LEU I 360 18.84 42.75 -48.33
C LEU I 360 20.25 42.63 -48.91
N SER I 361 21.26 42.99 -48.12
CA SER I 361 22.64 43.03 -48.55
C SER I 361 23.52 42.28 -47.54
N ARG I 362 24.78 42.08 -47.93
CA ARG I 362 25.74 41.34 -47.14
C ARG I 362 26.96 42.22 -46.90
N LYS I 363 27.65 41.96 -45.78
CA LYS I 363 28.76 42.79 -45.36
C LYS I 363 30.08 42.29 -45.93
N SER I 364 30.95 43.23 -46.30
CA SER I 364 32.34 42.92 -46.59
C SER I 364 33.11 42.61 -45.30
N PRO I 365 34.04 41.66 -45.33
CA PRO I 365 34.71 41.25 -44.09
C PRO I 365 35.75 42.21 -43.56
N TYR I 366 36.09 43.29 -44.27
CA TYR I 366 37.09 44.23 -43.77
C TYR I 366 36.49 45.32 -42.90
N LEU I 367 35.20 45.58 -43.04
CA LEU I 367 34.50 46.56 -42.22
C LEU I 367 34.41 46.09 -40.78
N PRO I 368 34.87 46.86 -39.80
CA PRO I 368 34.71 46.46 -38.39
C PRO I 368 33.25 46.25 -38.02
N SER I 369 33.00 45.22 -37.21
CA SER I 369 31.66 44.74 -36.89
C SER I 369 31.46 44.76 -35.38
N ALA I 370 30.55 45.60 -34.92
CA ALA I 370 29.90 45.44 -33.63
C ALA I 370 28.61 44.63 -33.71
N HIS I 371 28.11 44.36 -34.91
CA HIS I 371 27.01 43.44 -35.12
C HIS I 371 27.26 42.70 -36.42
N ARG I 372 26.60 41.56 -36.57
CA ARG I 372 26.65 40.82 -37.83
C ARG I 372 25.75 41.44 -38.89
N VAL I 373 24.93 42.42 -38.51
CA VAL I 373 24.07 43.13 -39.44
C VAL I 373 24.24 44.62 -39.22
N SER I 374 24.57 45.35 -40.28
CA SER I 374 24.63 46.80 -40.24
C SER I 374 23.33 47.38 -40.76
N GLY I 375 22.76 48.32 -40.00
CA GLY I 375 21.47 48.91 -40.32
C GLY I 375 21.54 50.39 -40.60
N LEU I 376 21.09 50.79 -41.77
CA LEU I 376 20.98 52.20 -42.12
C LEU I 376 19.51 52.55 -42.28
N MET I 377 19.12 53.73 -41.83
CA MET I 377 17.75 54.19 -41.94
C MET I 377 17.71 55.53 -42.68
N MET I 378 16.97 55.56 -43.78
CA MET I 378 16.67 56.77 -44.52
C MET I 378 15.20 57.05 -44.30
N ALA I 379 14.89 58.09 -43.53
CA ALA I 379 13.52 58.46 -43.21
C ALA I 379 13.13 59.74 -43.94
N ASN I 380 12.43 59.59 -45.06
CA ASN I 380 11.76 60.71 -45.71
C ASN I 380 10.47 61.01 -44.96
N HIS I 381 10.61 61.41 -43.70
CA HIS I 381 9.47 61.66 -42.82
C HIS I 381 9.44 63.15 -42.50
N THR I 382 8.31 63.79 -42.81
CA THR I 382 8.26 65.24 -42.93
C THR I 382 8.15 65.94 -41.59
N SER I 383 8.52 65.28 -40.51
CA SER I 383 8.56 65.91 -39.20
C SER I 383 9.81 66.72 -38.98
N ILE I 384 10.67 66.86 -39.99
CA ILE I 384 11.92 67.58 -39.83
C ILE I 384 11.81 69.04 -40.21
N SER I 385 10.65 69.48 -40.66
CA SER I 385 10.51 70.87 -41.07
C SER I 385 10.64 71.82 -39.88
N SER I 386 10.72 71.30 -38.66
CA SER I 386 10.81 72.15 -37.49
C SER I 386 12.06 72.99 -37.52
N LEU I 387 13.20 72.40 -37.89
CA LEU I 387 14.43 73.18 -37.93
C LEU I 387 14.34 74.24 -39.03
N PHE I 388 13.73 73.87 -40.16
CA PHE I 388 13.55 74.83 -41.24
C PHE I 388 12.63 75.97 -40.81
N GLU I 389 11.55 75.65 -40.10
CA GLU I 389 10.67 76.69 -39.61
C GLU I 389 11.37 77.57 -38.58
N SER I 390 12.19 76.98 -37.71
CA SER I 390 12.95 77.77 -36.75
C SER I 390 13.90 78.72 -37.44
N SER I 391 14.59 78.24 -38.48
CA SER I 391 15.49 79.12 -39.23
C SER I 391 14.73 80.19 -39.97
N CYS I 392 13.56 79.86 -40.52
CA CYS I 392 12.72 80.85 -41.18
C CYS I 392 12.31 81.94 -40.20
N GLN I 393 11.87 81.55 -39.01
CA GLN I 393 11.49 82.55 -38.01
C GLN I 393 12.69 83.37 -37.55
N GLN I 394 13.86 82.74 -37.44
CA GLN I 394 15.06 83.48 -37.06
C GLN I 394 15.42 84.52 -38.11
N TYR I 395 15.27 84.16 -39.39
CA TYR I 395 15.48 85.13 -40.45
C TYR I 395 14.43 86.22 -40.38
N ASP I 396 13.18 85.87 -40.14
CA ASP I 396 12.13 86.88 -40.16
C ASP I 396 12.37 87.88 -39.04
N LYS I 397 12.73 87.38 -37.85
CA LYS I 397 12.98 88.24 -36.70
C LYS I 397 14.19 89.13 -36.94
N LEU I 398 15.23 88.61 -37.60
CA LEU I 398 16.40 89.44 -37.85
C LEU I 398 16.09 90.48 -38.93
N ARG I 399 15.31 90.10 -39.94
CA ARG I 399 14.99 91.07 -40.98
C ARG I 399 14.11 92.16 -40.41
N LYS I 400 13.18 91.80 -39.52
CA LYS I 400 12.37 92.80 -38.84
C LYS I 400 13.26 93.72 -38.02
N ARG I 401 14.26 93.15 -37.33
CA ARG I 401 15.23 93.95 -36.61
C ARG I 401 16.17 94.69 -37.55
N GLU I 402 16.17 94.33 -38.84
CA GLU I 402 17.02 94.97 -39.83
C GLU I 402 18.49 94.90 -39.42
N ALA I 403 18.89 93.74 -38.87
CA ALA I 403 20.23 93.55 -38.36
C ALA I 403 21.03 92.60 -39.24
N PHE I 404 22.34 92.83 -39.29
CA PHE I 404 23.28 91.99 -40.02
C PHE I 404 23.01 92.01 -41.52
N LEU I 405 22.31 93.03 -42.02
CA LEU I 405 22.24 93.25 -43.46
C LEU I 405 23.47 93.97 -44.00
N GLU I 406 24.33 94.50 -43.13
CA GLU I 406 25.55 95.16 -43.60
C GLU I 406 26.54 94.16 -44.18
N GLN I 407 26.51 92.91 -43.72
CA GLN I 407 27.42 91.92 -44.27
C GLN I 407 27.16 91.71 -45.76
N PHE I 408 25.90 91.76 -46.18
CA PHE I 408 25.58 91.67 -47.59
C PHE I 408 25.47 93.03 -48.27
N ARG I 409 25.32 94.10 -47.50
CA ARG I 409 25.30 95.43 -48.10
C ARG I 409 26.70 95.90 -48.48
N LYS I 410 27.74 95.30 -47.89
CA LYS I 410 29.11 95.54 -48.33
C LYS I 410 29.45 94.77 -49.59
N GLU I 411 28.62 93.81 -49.98
CA GLU I 411 28.80 93.04 -51.21
C GLU I 411 27.83 93.58 -52.25
N ASP I 412 28.34 93.82 -53.46
CA ASP I 412 27.49 94.41 -54.49
C ASP I 412 26.33 93.51 -54.88
N ILE I 413 26.41 92.21 -54.60
CA ILE I 413 25.31 91.32 -54.95
C ILE I 413 24.05 91.72 -54.19
N PHE I 414 24.18 92.01 -52.90
CA PHE I 414 23.06 92.48 -52.10
C PHE I 414 23.03 93.99 -51.98
N LYS I 415 24.03 94.70 -52.52
CA LYS I 415 23.97 96.15 -52.53
C LYS I 415 22.83 96.64 -53.40
N GLU I 416 22.58 95.96 -54.51
CA GLU I 416 21.47 96.34 -55.37
C GLU I 416 20.14 96.23 -54.62
N ASN I 417 19.99 95.17 -53.84
CA ASN I 417 18.79 94.96 -53.04
C ASN I 417 19.00 93.73 -52.17
N PHE I 418 18.18 93.63 -51.14
CA PHE I 418 18.04 92.40 -50.37
C PHE I 418 16.89 91.54 -50.87
N ASP I 419 16.39 91.81 -52.09
CA ASP I 419 15.36 90.96 -52.66
C ASP I 419 15.87 89.54 -52.88
N GLU I 420 17.18 89.34 -52.91
CA GLU I 420 17.72 87.99 -52.96
C GLU I 420 17.33 87.22 -51.70
N LEU I 421 17.47 87.87 -50.54
CA LEU I 421 17.06 87.26 -49.28
C LEU I 421 15.55 87.04 -49.26
N ASP I 422 14.78 87.99 -49.78
CA ASP I 422 13.34 87.82 -49.84
C ASP I 422 12.97 86.60 -50.67
N ARG I 423 13.64 86.41 -51.81
CA ARG I 423 13.33 85.27 -52.66
C ARG I 423 13.78 83.97 -52.01
N SER I 424 14.90 83.99 -51.29
CA SER I 424 15.30 82.81 -50.52
C SER I 424 14.26 82.48 -49.47
N ARG I 425 13.77 83.48 -48.75
CA ARG I 425 12.72 83.26 -47.76
C ARG I 425 11.47 82.70 -48.40
N GLU I 426 11.09 83.23 -49.56
CA GLU I 426 9.89 82.73 -50.23
C GLU I 426 10.06 81.29 -50.66
N VAL I 427 11.25 80.94 -51.16
CA VAL I 427 11.51 79.57 -51.58
C VAL I 427 11.45 78.64 -50.37
N VAL I 428 12.04 79.05 -49.25
CA VAL I 428 12.01 78.21 -48.06
C VAL I 428 10.59 78.09 -47.52
N GLN I 429 9.81 79.16 -47.63
CA GLN I 429 8.40 79.09 -47.22
C GLN I 429 7.63 78.11 -48.09
N GLU I 430 7.90 78.13 -49.40
CA GLU I 430 7.26 77.17 -50.28
C GLU I 430 7.68 75.75 -49.93
N LEU I 431 8.95 75.57 -49.55
CA LEU I 431 9.41 74.26 -49.13
C LEU I 431 8.69 73.79 -47.87
N ILE I 432 8.50 74.69 -46.90
CA ILE I 432 7.76 74.32 -45.69
C ILE I 432 6.31 74.03 -46.02
N ASP I 433 5.73 74.79 -46.95
CA ASP I 433 4.38 74.52 -47.40
C ASP I 433 4.27 73.15 -48.04
N GLU I 434 5.26 72.77 -48.84
CA GLU I 434 5.25 71.44 -49.44
C GLU I 434 5.43 70.36 -48.39
N TYR I 435 6.25 70.62 -47.38
CA TYR I 435 6.32 69.72 -46.24
C TYR I 435 4.94 69.48 -45.64
N HIS I 436 4.22 70.56 -45.35
CA HIS I 436 2.93 70.43 -44.69
C HIS I 436 1.89 69.77 -45.61
N ALA I 437 1.89 70.13 -46.89
CA ALA I 437 0.93 69.63 -47.87
C ALA I 437 1.29 68.28 -48.45
N ALA I 438 2.42 67.70 -48.07
CA ALA I 438 2.72 66.34 -48.50
C ALA I 438 1.69 65.35 -47.98
N THR I 439 0.96 65.69 -46.94
CA THR I 439 -0.13 64.86 -46.46
C THR I 439 -1.40 65.00 -47.31
N ARG I 440 -1.34 65.65 -48.47
CA ARG I 440 -2.50 65.84 -49.33
C ARG I 440 -2.23 65.30 -50.72
N PRO I 441 -3.30 65.00 -51.48
CA PRO I 441 -3.12 64.59 -52.88
C PRO I 441 -2.41 65.61 -53.74
N ASP I 442 -2.59 66.91 -53.48
CA ASP I 442 -1.88 67.96 -54.19
C ASP I 442 -0.63 68.38 -53.42
N TYR I 443 0.54 68.18 -54.03
CA TYR I 443 1.79 68.44 -53.33
C TYR I 443 1.92 69.93 -53.05
N ILE I 444 1.54 70.76 -54.00
CA ILE I 444 1.61 72.20 -53.84
C ILE I 444 0.40 72.66 -53.03
N ALA J 11 36.05 -80.63 -36.38
CA ALA J 11 37.19 -80.12 -35.62
C ALA J 11 37.01 -78.63 -35.34
N ALA J 12 36.93 -77.85 -36.42
CA ALA J 12 36.71 -76.41 -36.28
C ALA J 12 35.37 -76.12 -35.64
N ALA J 13 34.33 -76.88 -36.03
CA ALA J 13 33.05 -76.77 -35.36
C ALA J 13 33.19 -77.13 -33.88
N ASN J 14 34.00 -78.14 -33.58
CA ASN J 14 34.26 -78.48 -32.19
C ASN J 14 34.95 -77.34 -31.46
N LEU J 15 35.91 -76.68 -32.11
CA LEU J 15 36.57 -75.54 -31.48
C LEU J 15 35.59 -74.41 -31.20
N ASN J 16 34.73 -74.10 -32.18
CA ASN J 16 33.73 -73.06 -31.96
C ASN J 16 32.78 -73.44 -30.84
N ALA J 17 32.39 -74.71 -30.78
CA ALA J 17 31.51 -75.17 -29.72
C ALA J 17 32.18 -75.02 -28.35
N VAL J 18 33.45 -75.41 -28.25
CA VAL J 18 34.15 -75.27 -26.97
C VAL J 18 34.27 -73.80 -26.59
N ARG J 19 34.49 -72.94 -27.57
CA ARG J 19 34.65 -71.52 -27.28
C ARG J 19 33.34 -70.94 -26.76
N GLU J 20 32.24 -71.20 -27.45
CA GLU J 20 30.95 -70.72 -26.96
C GLU J 20 30.55 -71.40 -25.65
N THR J 21 31.03 -72.61 -25.41
CA THR J 21 30.76 -73.27 -24.14
C THR J 21 31.41 -72.52 -23.00
N MET J 22 32.71 -72.23 -23.15
CA MET J 22 33.39 -71.44 -22.13
C MET J 22 32.76 -70.06 -22.02
N ASP J 23 32.29 -69.50 -23.14
CA ASP J 23 31.64 -68.20 -23.10
C ASP J 23 30.41 -68.26 -22.20
N VAL J 24 29.55 -69.26 -22.42
CA VAL J 24 28.31 -69.35 -21.67
C VAL J 24 28.59 -69.63 -20.19
N LEU J 25 29.57 -70.49 -19.92
CA LEU J 25 29.90 -70.77 -18.54
C LEU J 25 30.47 -69.55 -17.82
N LEU J 26 31.29 -68.76 -18.52
CA LEU J 26 31.76 -67.51 -17.95
C LEU J 26 30.60 -66.56 -17.68
N GLU J 27 29.65 -66.51 -18.61
CA GLU J 27 28.49 -65.63 -18.43
C GLU J 27 27.70 -66.02 -17.19
N ILE J 28 27.42 -67.31 -17.04
CA ILE J 28 26.62 -67.77 -15.90
C ILE J 28 27.39 -67.56 -14.60
N SER J 29 28.71 -67.79 -14.62
CA SER J 29 29.52 -67.58 -13.43
C SER J 29 29.50 -66.12 -13.00
N ARG J 30 29.68 -65.21 -13.97
CA ARG J 30 29.72 -63.78 -13.66
C ARG J 30 28.35 -63.30 -13.18
N ILE J 31 27.29 -63.69 -13.88
CA ILE J 31 25.96 -63.30 -13.42
C ILE J 31 25.64 -63.95 -12.09
N LEU J 32 26.28 -65.07 -11.75
CA LEU J 32 26.05 -65.76 -10.50
C LEU J 32 27.08 -65.39 -9.45
N ASN J 33 27.86 -64.32 -9.68
CA ASN J 33 28.82 -63.80 -8.72
C ASN J 33 29.53 -64.91 -7.95
N THR J 34 29.91 -65.97 -8.66
CA THR J 34 30.57 -67.10 -8.01
C THR J 34 31.98 -66.74 -7.56
N GLY J 35 32.72 -65.98 -8.36
CA GLY J 35 34.05 -65.56 -7.94
C GLY J 35 35.17 -66.41 -8.50
N LEU J 36 35.12 -66.75 -9.79
CA LEU J 36 36.17 -67.51 -10.44
C LEU J 36 36.55 -66.86 -11.77
N ASP J 37 37.71 -67.26 -12.27
CA ASP J 37 38.26 -66.76 -13.53
C ASP J 37 38.26 -67.87 -14.58
N MET J 38 38.81 -67.53 -15.75
CA MET J 38 38.76 -68.44 -16.90
C MET J 38 39.47 -69.75 -16.60
N GLU J 39 40.67 -69.68 -16.02
CA GLU J 39 41.43 -70.90 -15.77
C GLU J 39 40.77 -71.76 -14.70
N THR J 40 40.24 -71.13 -13.65
CA THR J 40 39.56 -71.89 -12.62
C THR J 40 38.35 -72.61 -13.21
N LEU J 41 37.57 -71.90 -14.01
CA LEU J 41 36.40 -72.53 -14.63
C LEU J 41 36.80 -73.64 -15.59
N SER J 42 37.88 -73.43 -16.34
CA SER J 42 38.35 -74.48 -17.25
C SER J 42 38.76 -75.72 -16.48
N ILE J 43 39.50 -75.55 -15.39
CA ILE J 43 39.87 -76.69 -14.56
C ILE J 43 38.62 -77.38 -14.03
N CYS J 44 37.66 -76.60 -13.53
CA CYS J 44 36.46 -77.18 -12.96
C CYS J 44 35.70 -77.99 -14.00
N VAL J 45 35.52 -77.43 -15.19
CA VAL J 45 34.75 -78.14 -16.21
C VAL J 45 35.52 -79.36 -16.70
N ARG J 46 36.84 -79.25 -16.86
CA ARG J 46 37.62 -80.40 -17.30
C ARG J 46 37.56 -81.52 -16.29
N LEU J 47 37.46 -81.19 -15.00
CA LEU J 47 37.31 -82.22 -13.98
C LEU J 47 35.86 -82.62 -13.78
N CYS J 48 34.92 -81.87 -14.36
CA CYS J 48 33.51 -82.16 -14.15
C CYS J 48 33.16 -83.54 -14.69
N GLU J 49 33.56 -83.84 -15.92
CA GLU J 49 33.22 -85.14 -16.51
C GLU J 49 33.97 -86.28 -15.86
N GLN J 50 34.97 -85.99 -15.02
CA GLN J 50 35.75 -87.01 -14.34
C GLN J 50 35.00 -87.66 -13.17
N GLY J 51 33.71 -87.36 -12.99
CA GLY J 51 32.98 -87.98 -11.90
C GLY J 51 33.56 -87.56 -10.57
N ILE J 52 33.44 -86.28 -10.25
CA ILE J 52 34.12 -85.68 -9.09
C ILE J 52 33.09 -85.05 -8.18
N ASN J 53 33.22 -85.30 -6.89
CA ASN J 53 32.24 -84.81 -5.93
C ASN J 53 32.25 -83.30 -5.90
N PRO J 54 31.12 -82.64 -6.15
CA PRO J 54 31.12 -81.18 -6.23
C PRO J 54 31.35 -80.54 -4.88
N GLU J 55 30.63 -81.04 -3.87
CA GLU J 55 30.69 -80.42 -2.55
C GLU J 55 32.08 -80.51 -1.95
N ALA J 56 32.79 -81.62 -2.22
CA ALA J 56 34.18 -81.71 -1.78
C ALA J 56 35.02 -80.64 -2.45
N LEU J 57 34.80 -80.42 -3.75
CA LEU J 57 35.50 -79.34 -4.43
C LEU J 57 35.21 -78.00 -3.78
N SER J 58 33.94 -77.75 -3.46
CA SER J 58 33.58 -76.49 -2.82
C SER J 58 34.26 -76.34 -1.46
N SER J 59 34.31 -77.42 -0.68
CA SER J 59 35.00 -77.38 0.60
C SER J 59 36.47 -77.03 0.41
N VAL J 60 37.11 -77.68 -0.56
CA VAL J 60 38.52 -77.44 -0.82
C VAL J 60 38.74 -75.99 -1.20
N ILE J 61 37.91 -75.48 -2.10
CA ILE J 61 38.11 -74.13 -2.61
C ILE J 61 37.83 -73.10 -1.54
N LYS J 62 36.82 -73.35 -0.70
CA LYS J 62 36.53 -72.42 0.37
C LYS J 62 37.65 -72.39 1.40
N GLU J 63 38.20 -73.56 1.75
CA GLU J 63 39.31 -73.55 2.69
C GLU J 63 40.54 -72.89 2.08
N LEU J 64 40.75 -73.07 0.78
CA LEU J 64 41.83 -72.36 0.10
C LEU J 64 41.64 -70.85 0.20
N ARG J 65 40.41 -70.38 -0.04
CA ARG J 65 40.18 -68.94 -0.05
C ARG J 65 40.26 -68.37 1.36
N LYS J 66 39.90 -69.16 2.37
CA LYS J 66 40.05 -68.68 3.73
C LYS J 66 41.52 -68.64 4.14
N ALA J 67 42.32 -69.58 3.65
CA ALA J 67 43.76 -69.53 3.94
C ALA J 67 44.42 -68.38 3.19
N THR J 68 43.85 -67.98 2.05
CA THR J 68 44.46 -66.93 1.25
C THR J 68 44.58 -65.63 2.06
N GLU J 69 43.48 -65.18 2.65
CA GLU J 69 43.52 -63.97 3.45
C GLU J 69 44.30 -64.17 4.73
N ALA J 70 44.16 -65.35 5.34
CA ALA J 70 44.88 -65.67 6.57
C ALA J 70 46.36 -65.79 6.30
#